data_4X66
#
_entry.id   4X66
#
_cell.length_a   401.322
_cell.length_b   401.322
_cell.length_c   175.648
_cell.angle_alpha   90.00
_cell.angle_beta   90.00
_cell.angle_gamma   90.00
#
_symmetry.space_group_name_H-M   'P 41 21 2'
#
loop_
_entity.id
_entity.type
_entity.pdbx_description
1 polymer '16S rRNA'
2 polymer '30S ribosomal protein S2'
3 polymer '30S ribosomal protein S3'
4 polymer '30S ribosomal protein S4'
5 polymer '30S ribosomal protein S5'
6 polymer '30S ribosomal protein S6'
7 polymer '30S ribosomal protein S7'
8 polymer '30S ribosomal protein S8'
9 polymer '30S ribosomal protein S9'
10 polymer '30S ribosomal protein S10'
11 polymer '30S ribosomal protein S11'
12 polymer '30S ribosomal protein S12'
13 polymer '30S ribosomal protein S13'
14 polymer '30S ribosomal protein S14 type Z'
15 polymer '30S ribosomal protein S15'
16 polymer '30S ribosomal protein S16'
17 polymer '30S ribosomal protein S17'
18 polymer '30S ribosomal protein S18'
19 polymer '30S ribosomal protein S19'
20 polymer '30S ribosomal protein S20'
21 polymer '30S ribosomal protein Thx'
22 polymer "RNA (5'-D(*AP*AP*(MA6)P*UP*UP*U)-3')"
23 polymer "RNA (5'-D(P*GP*AP*CP*UP*(70U)P*UP*UP*(12A)P*AP*(PSU)P*C)-3')"
24 non-polymer PAROMOMYCIN
25 non-polymer 'MAGNESIUM ION'
26 non-polymer 'POTASSIUM ION'
27 non-polymer 'ZINC ION'
28 water water
#
loop_
_entity_poly.entity_id
_entity_poly.type
_entity_poly.pdbx_seq_one_letter_code
_entity_poly.pdbx_strand_id
1 'polyribonucleotide'
;UUUGUUGGAGAGUUUGAUCCUGGCUCAGGGUGAACGCUGGCGGCGUGCCUAAGACAUGCAAGUCGUGCGGGCCGCGGGGU
UUUACUCCGUGGUCAGCGGCGGACGGGUGAGUAACGCGUGGGUGACCUACCCGGAAGAGGGGGACAACCCGGGGAAACUC
GGGCUAAUCCCCCAUGUGGACCCGCCCCUUGGGGUGUGUCCAAAGGGCUUUGCCCGCUUCCGGAUGGGCCCGCGUCCCAU
CAGCUAGUUGGUGGGGUAAUGGCCCACCAAGGCGACGACGGGUAGCCGGUCUGAGAGGAUGGCCGGCCACAGGGGCACUG
AGACACGGGCCCCACUCCUACGGGAGGCAGCAGUUAGGAAUCUUCCGCAAUGGGCGCAAGCCUGACGGAGCGACGCCGCU
UGGAGGAAGAAGCCCUUCGGGGUGUAAACUCCUGAACCCGGGACGAAACCCCCGACGAGGGGACUGACGGUACCGGGGUA
AUAGCGCCGGCCAACUCCG(PSU)GCCAGCAGCC(7MG)CGGUAAUACGGAGGGCGCGAGCGUUACCCGGAUUCACUGGG
CGUAAAGGGCGUGUAGGCGGCCUGGGGCGUCCCAUGUGAAAGACCACGGCUCAACCGUGGGGGAGCGUGGGAUACGCUCA
GGCUAGACGGUGGGAGAGGGUGGUGGAAUUCCCGGAGUAGCGGUGAAAUGCGCAGAUACCGGGAGGAACGCCGAUGGCGA
AGGCAGCCACCUGGUCCACCCGUGACGCUGAGGCGCGAAAGCGUGGGGAGCAAACCGGAUUAGAUACCCGGGUAGUCCAC
GCCCUAAACGAUGCGCGCUAGGUCUCUGGGUCUCCUGGGGGCCGAAGCUAACGCGUUAAGCGCGCCGCCUGGGGAGUACG
GCCGCAAGGCUGAAACUCAAAGGAAUUGACGGGGGCCCGCACAAGCGGUGGAGCAUGUGGUUUAAUUCGAA(M2G)
(5MC)AACGCGAAGAACCUUACCAGGCCUUGACAUGCUAGGGAACCCGGGUGAAAGCCUGGGGUGCCCCGCGAGGGGAGC
CCUAGCACAGGUGCUGCAUGGCCGUCGUCAGCUCGUGCCGUGAGGUGUUGGGUUAAGUCCCGCAACGAGCGCAACCCCCG
CCGUUAGUUGCCAGCGGUUCGGCCGGGCACUCUAACGGGACUGCCCGCGAAAGCGGGAGGAAGGAGGGGACGACGUCUGG
UCAGCAUG(2MG)CCCUUACGGCCUGGGCGACACACGUGCUACAAUGCCCACUACAAAGCGAUGCCACCCGGCAACGGGG
AGCUAAUCGCAAAAAGGUGGGCCCAGUUCGGAUUGGGGUCUGCAACCCGACCCCAUGAAGCCGGAAUCGCUAGUAAUCGC
GGAUCAGCCAUGCCGCGGUGAAUACGUUCCCGGGCCUUGUACACAC(5MC)G(4OC)C(5MC)GU(5MC)ACGCCAUGGG
AGCGGGCUCUACCCGAAGUCGCCGGGAGCCUACGGGCAGGCGCCGAGGGUAGGGCCCGUGACUGGGGCGAAGUCG(UR3)
AACAAGGUAGCUGUACCGG(MA6)(MA6)GGUGCGGCUGGAUCCACUCC(PSU)(PSU)UCU
;
A
2 'polypeptide(L)'
;TVKELLEAGVHFGHERKRWNPKFARYIYAERNGIHIIDLQKTMEELERTFRFIEDLAMRGGTILFVGTKKQAQDIVRMEA
ERAGMPYVNQRWLGGMLTNFKTISQRVHRLEELEALFASPEIEERPKKEQVRLKHELERLQKYLSGFRLLKRLPDAIFVV
DPTKEAIAVREARKLFIPVIALADTDSDPDLVDYIIPGNDDAIRSIQLILSRAVDLIIQARGGVVEPSPSYALVQE
;
B
3 'polypeptide(L)'
;GNKIHPIGFRLGITRDWESRWYAGKKQYRHLLLEDQRIRGLLEKELYSAGLARVDIERAADNVAVTVHVAKPGVVIGRGG
ERIRVLREELAKLTGKNVALNVQEVQNPNLSAPLVAQRVAEQIERRFAVRRAIKQAVQRVMESGAKGAKVIVSGRIGGAE
QARTEWAAQGRVPLHTLRANIDYGFALARTTYGVLGVKAYIFLGEVI
;
C
4 'polypeptide(L)'
;GRYIGPVCRLCRREGVKLYLKGERCYSPKCAMERRPYPPGQHGQKRARRPSDYAVRLREKQKLRRIYGISERQFRNLFEE
ASKKKGVTGSVFLGLLESRLDNVVYRLGFAVSRRQARQLVRHGHITVNGRRVDLPSYRVRPGDEIAVAEKSRNLELIRQN
LEAMKGRKVGPWLSLDVEGMKGKFLRLPDREDLALPVNEQLVIEFYSR
;
D
5 'polypeptide(L)'
;DFEEKMILIRRTARMQAGGRRFRFGALVVVGDRQGRVGLGFGKAPEVPLAVQKAGYYARRNMVEVPLQNGTIPHEIEVEF
GASKIVLKPAAPGTGVIAGAVPRAILELAGVTDILTKELGSRNPINIAYATMEALRQLRTKADVERLRKGE
;
E
6 'polypeptide(L)'
;MRRYEVNIVLNPNLDQSQLALEKEIIQRALENYGARVEKVEELGLRRLAYPIAKDPQGYFLWYQVEMPEDRVNDLARELR
IRDNVRRVMVVKSQEPFLANA
;
F
7 'polypeptide(L)'
;ARRRRAEVRQLQPDLVYGDVLVTAFINKIMRDGKKNLAARIFYDACKIIQEKTGQEPLKVFKQAVENVKPRMEVRSRRVG
GANYQVPMEVSPRRQQSLALRWLVQAANQRPERRAAVRIAHELMDAAEGKGGAVKKKEDVERMAEANRAYAHYRW
;
G
8 'polypeptide(L)'
;MLTDPIADMLTRIRNATRVYKESTDVPASRFKEEILRILAREGFIKGYERVDVDGKPYLRVYLKYGPRRQGPDPRPEQVI
HHIRRISKPGRRVYVGVKEIPRVRRGLGIAILSTSKGVLTDREARKLGVGGELICEVW
;
H
9 'polypeptide(L)'
;EQYYGTGRRKEAVARVFLRPGNGKVTVNGQDFNEYFQGLVRAVAALEPLRAVDALGHFDAYITVRGGGKSGQIDAIKLGI
ARALVQYNPDYRAKLKPLGFLTRDARVVERKKYGKHKARRAPQYSKR
;
I
10 'polypeptide(L)'
;KIRIKLRGFDHKTLDASAQKIVEAARRSGAQVSGPIPLPTRVRRFTVIRGPFKHKDSREHFELRTHNRLVDIINPNRKTI
EQLMTLDLPTGVEIEIKTV
;
J
11 'polypeptide(L)'
;KRQVASGRAYIHASYNNTIVTITDPDGNPITWSSGGVIGYKGSRKGTPYAAQLAALDAAKKAMAYGMQSVDVIVRGTGAG
REQAIRALQASGLQVKSIVDDTPVPHNGCRPKKKFRKAS
;
K
12 'polypeptide(L)'
;PTINQLVRKGREKVRKKSKVPALKGAPFRRGVCTVVRTVTPKKPNSALRKVAKVRLTSGYEVTAYIPGEGHNLQEHSVVL
IRGGRVK(0TD)LPGVRYHIVRGVYDAAGVKDRKKSRSKYGTKKPKEAA
;
L
13 'polypeptide(L)'
;ARIAGVEIPRNKRVDVALTYIYGIGKARAKEALEKTGINPATRVKDLTEAEVVRLREYVENTWKLEGELRAEVAANIKRL
MDIGCYRGLRHRRGLPVRGQRTRTNARTRKGPRKTVAG
;
M
14 'polypeptide(L)' ARKALIEKAKRTPKFKVRAYTRCVRCGRARSVYRFFGLCRICLRELAHKGQLPGVRKASW N
15 'polypeptide(L)'
;PITKEEKQKVIQEFARFPGDTGSTEVQVALLTLRINRLSEHLKVHKKDHHSHRGLLMMVGQRRRLLRYLQREDPERYRAL
IEKLGIRG
;
O
16 'polypeptide(L)'
;MVKIRLARFGSKHNPHYRIVVTDARRKRDGKYIEKIGYYDPRKTTPDWLKVDVERARYWLSVGAQPTDTARRLLRQAGVF
RQEA
;
P
17 'polypeptide(L)'
;PKKVLTGVVVSDKMQKTVTVLVERQFPHPLYGKVIKRSKKYLAHDPEEKYKLGDVVEIIESRPISKRKRFRVLRLVESGR
MDLVEKYLIRRQNYESLSK
;
Q
18 'polypeptide(L)' PSRKAKVKATLGEFDLRDYRNVEVLKRFLSETGKILPRRRTGLSAKEQRILAKTIKRARILGLLPFTEKLVRK R
19 'polypeptide(L)'
;PRSLKKGVFVDDHLLEKVLELNAKGEKRLIKTWSRRSTIVPEMVGHTIAVYNGKQHVPVYITENMVGHKLGEFAPTRTYR
G
;
S
20 'polypeptide(L)'
;RNLSALKRHRQSLKRRLRNKAKKSAIKTLSKKAIQLAQEGKAEEALKIMRKAESLIDKAAKGSTLHKNAAARRKSRLMRK
VRQLLEAAGAPLIGGGLSA
;
T
21 'polypeptide(L)' GKGDRRTRRGKIWRGTYGKYRPRKK U
22 'polyribonucleotide' AA(6MZ)UUU a
23 'polyribonucleotide' GACU(70U)UU(12A)A(PSU)C b
#
loop_
_chem_comp.id
_chem_comp.type
_chem_comp.name
_chem_comp.formula
12A RNA linking 2-METHYLTHIO-N6-(AMINOCARBONYL-L-THREONYL)-ADENOSINE-5'-MONOPHOSPHATE 'C16 H23 N6 O11 P S'
2MG RNA linking 2N-METHYLGUANOSINE-5'-MONOPHOSPHATE 'C11 H16 N5 O8 P'
4OC RNA linking 4N,O2'-METHYLCYTIDINE-5'-MONOPHOSPHATE 'C11 H18 N3 O8 P'
5MC RNA linking 5-METHYLCYTIDINE-5'-MONOPHOSPHATE 'C10 H16 N3 O8 P'
6MZ RNA linking N6-METHYLADENOSINE-5'-MONOPHOSPHATE 'C11 H16 N5 O7 P'
70U RNA linking 5-(O-METHYLACETO)-2-THIO-2-DEOXY-URIDINE-5'-MONOPHOSPHATE 'C12 H17 N2 O10 P S'
7MG RNA linking 7N-METHYL-8-HYDROGUANOSINE-5'-MONOPHOSPHATE 'C11 H18 N5 O8 P'
A RNA linking ADENOSINE-5'-MONOPHOSPHATE 'C10 H14 N5 O7 P'
C RNA linking CYTIDINE-5'-MONOPHOSPHATE 'C9 H14 N3 O8 P'
G RNA linking GUANOSINE-5'-MONOPHOSPHATE 'C10 H14 N5 O8 P'
K non-polymer 'POTASSIUM ION' 'K 1'
M2G RNA linking N2-DIMETHYLGUANOSINE-5'-MONOPHOSPHATE 'C12 H18 N5 O8 P'
MA6 RNA linking 6N-DIMETHYLADENOSINE-5'-MONOPHOSHATE 'C12 H18 N5 O7 P'
MG non-polymer 'MAGNESIUM ION' 'Mg 2'
PAR non-polymer PAROMOMYCIN 'C23 H45 N5 O14'
PSU RNA linking PSEUDOURIDINE-5'-MONOPHOSPHATE 'C9 H13 N2 O9 P'
U RNA linking URIDINE-5'-MONOPHOSPHATE 'C9 H13 N2 O9 P'
UR3 RNA linking 3-METHYLURIDINE-5'-MONOPHOSHATE 'C10 H15 N2 O9 P'
ZN non-polymer 'ZINC ION' 'Zn 2'
#
# COMPACT_ATOMS: atom_id res chain seq x y z
N1 PSU A 500 -25.36 -24.79 20.32
C2 PSU A 500 -24.57 -24.13 19.51
N3 PSU A 500 -23.33 -24.53 19.34
C4 PSU A 500 -22.83 -25.59 19.95
C5 PSU A 500 -23.63 -26.31 20.82
C6 PSU A 500 -24.95 -25.87 20.97
O2 PSU A 500 -24.97 -23.17 18.94
O4 PSU A 500 -21.72 -25.90 19.75
C1' PSU A 500 -23.15 -27.56 21.56
C2' PSU A 500 -21.95 -27.41 22.48
O2' PSU A 500 -21.14 -28.56 22.35
C3' PSU A 500 -22.60 -27.38 23.85
C4' PSU A 500 -23.79 -28.29 23.69
O3' PSU A 500 -21.73 -27.81 24.89
O4' PSU A 500 -24.22 -28.09 22.32
C5' PSU A 500 -24.96 -28.02 24.61
O5' PSU A 500 -25.64 -26.83 24.23
P PSU A 500 -27.15 -26.58 24.66
OP1 PSU A 500 -27.25 -26.84 26.13
OP2 PSU A 500 -27.57 -25.24 24.08
P 7MG A 511 -5.67 -20.07 6.07
OP1 7MG A 511 -5.67 -18.60 6.26
OP2 7MG A 511 -4.80 -20.94 6.88
O5' 7MG A 511 -7.16 -20.60 6.25
C5' 7MG A 511 -8.07 -20.02 7.16
C4' 7MG A 511 -9.42 -20.66 6.98
O4' 7MG A 511 -9.22 -22.06 6.63
C3' 7MG A 511 -10.34 -20.70 8.19
O3' 7MG A 511 -11.09 -19.52 8.35
C2' 7MG A 511 -11.20 -21.92 7.91
O2' 7MG A 511 -12.16 -21.62 6.92
C1' 7MG A 511 -10.16 -22.86 7.31
N9 7MG A 511 -9.47 -23.61 8.36
C8 7MG A 511 -8.28 -23.37 8.89
N7 7MG A 511 -8.03 -24.29 9.83
C5 7MG A 511 -9.13 -25.14 9.88
C6 7MG A 511 -9.48 -26.29 10.64
O6 7MG A 511 -8.73 -26.73 11.49
N1 7MG A 511 -10.69 -26.90 10.42
C2 7MG A 511 -11.52 -26.42 9.50
N2 7MG A 511 -12.78 -27.06 9.28
N3 7MG A 511 -11.22 -25.36 8.78
C4 7MG A 511 -10.01 -24.70 8.96
CM7 7MG A 511 -6.86 -24.36 10.61
P M2G A 944 -8.26 3.82 31.84
OP1 M2G A 944 -8.78 4.70 30.78
OP2 M2G A 944 -6.87 3.34 31.77
O5' M2G A 944 -8.42 4.51 33.26
C5' M2G A 944 -7.29 4.84 34.08
C4' M2G A 944 -6.44 5.95 33.50
O4' M2G A 944 -5.36 5.42 32.69
C3' M2G A 944 -7.09 6.95 32.58
O3' M2G A 944 -7.93 7.86 33.27
C2' M2G A 944 -5.89 7.61 31.90
O2' M2G A 944 -5.36 8.64 32.72
C1' M2G A 944 -4.87 6.46 31.87
N9 M2G A 944 -4.65 5.95 30.50
C8 M2G A 944 -5.13 4.76 29.93
N7 M2G A 944 -4.75 4.60 28.66
C5 M2G A 944 -3.99 5.72 28.39
C6 M2G A 944 -3.35 6.04 27.16
O6 M2G A 944 -3.30 5.44 26.10
N1 M2G A 944 -2.66 7.29 27.24
C2 M2G A 944 -2.62 8.08 28.38
N2 M2G A 944 -1.88 9.27 28.24
N3 M2G A 944 -3.23 7.79 29.54
C4 M2G A 944 -3.91 6.58 29.50
CM1 M2G A 944 -1.41 10.00 29.42
CM2 M2G A 944 -1.55 9.84 26.95
P 5MC A 945 -8.88 8.85 32.43
OP1 5MC A 945 -9.58 9.70 33.40
OP2 5MC A 945 -9.64 8.05 31.45
O5' 5MC A 945 -7.87 9.79 31.63
C5' 5MC A 945 -7.78 11.17 31.93
C4' 5MC A 945 -6.74 11.82 31.07
O4' 5MC A 945 -5.96 10.78 30.45
C3' 5MC A 945 -7.26 12.62 29.89
O3' 5MC A 945 -7.67 13.92 30.25
C2' 5MC A 945 -6.10 12.60 28.91
O2' 5MC A 945 -5.18 13.64 29.21
C1' 5MC A 945 -5.41 11.26 29.24
N1 5MC A 945 -5.62 10.24 28.20
C2 5MC A 945 -5.04 10.40 26.88
O2 5MC A 945 -4.38 11.37 26.59
N3 5MC A 945 -5.26 9.39 25.92
C4 5MC A 945 -5.99 8.32 26.26
N4 5MC A 945 -6.13 7.40 25.24
C5 5MC A 945 -6.57 8.13 27.55
C6 5MC A 945 -6.35 9.12 28.48
CM5 5MC A 945 -7.38 6.89 27.85
P 2MG A 1189 -36.40 -11.60 19.71
OP1 2MG A 1189 -37.19 -12.60 18.96
OP2 2MG A 1189 -37.03 -10.86 20.81
O5' 2MG A 1189 -35.11 -12.34 20.28
C5' 2MG A 1189 -34.32 -13.13 19.42
C4' 2MG A 1189 -33.09 -13.63 20.14
O4' 2MG A 1189 -32.24 -12.49 20.46
C3' 2MG A 1189 -33.35 -14.31 21.47
O3' 2MG A 1189 -33.67 -15.68 21.33
C2' 2MG A 1189 -32.06 -14.06 22.23
O2' 2MG A 1189 -31.06 -14.98 21.82
C1' 2MG A 1189 -31.67 -12.67 21.73
N9 2MG A 1189 -32.15 -11.60 22.62
C8 2MG A 1189 -33.21 -10.68 22.40
N7 2MG A 1189 -33.38 -9.84 23.42
C5 2MG A 1189 -32.40 -10.21 24.35
C6 2MG A 1189 -32.16 -9.63 25.61
O6 2MG A 1189 -32.71 -8.69 26.19
N1 2MG A 1189 -31.10 -10.24 26.32
C2 2MG A 1189 -30.38 -11.32 25.79
N2 2MG A 1189 -29.36 -11.83 26.59
CM2 2MG A 1189 -28.51 -12.95 26.19
N3 2MG A 1189 -30.59 -11.88 24.59
C4 2MG A 1189 -31.63 -11.30 23.87
P 5MC A 1383 5.23 2.00 21.93
OP1 5MC A 1383 4.13 2.88 21.49
OP2 5MC A 1383 6.21 2.51 22.87
O5' 5MC A 1383 4.55 0.70 22.53
C5' 5MC A 1383 5.18 -0.57 22.42
C4' 5MC A 1383 4.37 -1.66 23.07
O4' 5MC A 1383 3.74 -1.12 24.25
C3' 5MC A 1383 3.26 -2.24 22.20
O3' 5MC A 1383 3.11 -3.64 22.49
C2' 5MC A 1383 2.02 -1.51 22.71
O2' 5MC A 1383 0.80 -2.20 22.52
C1' 5MC A 1383 2.35 -1.34 24.18
N1 5MC A 1383 1.67 -0.21 24.84
C2 5MC A 1383 0.51 -0.40 25.69
O2 5MC A 1383 0.04 -1.51 25.88
N3 5MC A 1383 -0.07 0.72 26.29
C4 5MC A 1383 0.46 1.92 26.06
N4 5MC A 1383 -0.19 2.95 26.69
C5 5MC A 1383 1.60 2.15 25.24
C6 5MC A 1383 2.17 1.06 24.66
CM5 5MC A 1383 2.13 3.55 25.05
P 4OC A 1385 3.49 -8.22 17.48
OP1 4OC A 1385 2.50 -9.12 16.88
OP2 4OC A 1385 3.87 -8.38 18.89
O5' 4OC A 1385 4.80 -8.25 16.57
CM2 4OC A 1385 9.86 -8.95 12.47
C5' 4OC A 1385 4.83 -8.94 15.34
C4' 4OC A 1385 6.11 -8.69 14.60
O4' 4OC A 1385 6.73 -7.50 15.11
C3' 4OC A 1385 7.19 -9.74 14.72
C2' 4OC A 1385 8.45 -8.97 14.38
O2' 4OC A 1385 8.56 -8.78 12.99
C1' 4OC A 1385 8.14 -7.61 15.01
N1 4OC A 1385 8.70 -7.50 16.38
C2 4OC A 1385 10.08 -7.17 16.58
O2 4OC A 1385 10.77 -6.96 15.63
N3 4OC A 1385 10.59 -7.10 17.89
C4 4OC A 1385 9.76 -7.34 18.90
N4 4OC A 1385 10.27 -7.27 20.18
C5 4OC A 1385 8.38 -7.68 18.73
C6 4OC A 1385 7.91 -7.75 17.45
CM4 4OC A 1385 11.70 -7.21 20.44
O3' 4OC A 1385 6.98 -10.88 13.91
P 5MC A 1387 12.45 -15.54 15.10
OP1 5MC A 1387 12.46 -16.41 13.93
OP2 5MC A 1387 11.53 -15.82 16.21
O5' 5MC A 1387 13.92 -15.52 15.68
C5' 5MC A 1387 14.99 -15.03 14.90
C4' 5MC A 1387 16.26 -15.00 15.70
O4' 5MC A 1387 16.17 -13.96 16.70
C3' 5MC A 1387 16.55 -16.25 16.51
O3' 5MC A 1387 17.15 -17.27 15.76
C2' 5MC A 1387 17.41 -15.73 17.65
O2' 5MC A 1387 18.76 -15.59 17.21
C1' 5MC A 1387 16.83 -14.34 17.87
N1 5MC A 1387 15.85 -14.30 18.98
C2 5MC A 1387 16.27 -13.97 20.28
O2 5MC A 1387 17.42 -13.72 20.52
N3 5MC A 1387 15.32 -13.93 21.30
C4 5MC A 1387 14.06 -14.21 21.02
N4 5MC A 1387 13.20 -14.15 22.07
C5 5MC A 1387 13.61 -14.54 19.73
C6 5MC A 1387 14.54 -14.57 18.75
CM5 5MC A 1387 12.14 -14.84 19.51
P 5MC A 1390 19.87 -26.21 24.82
OP1 5MC A 1390 20.71 -27.36 25.16
OP2 5MC A 1390 18.84 -26.34 23.78
O5' 5MC A 1390 19.17 -25.74 26.17
C5' 5MC A 1390 19.89 -25.74 27.38
C4' 5MC A 1390 19.08 -25.16 28.50
O4' 5MC A 1390 18.58 -23.86 28.15
C3' 5MC A 1390 17.81 -25.92 28.85
O3' 5MC A 1390 18.03 -27.13 29.54
C2' 5MC A 1390 17.03 -24.87 29.63
O2' 5MC A 1390 17.58 -24.68 30.92
C1' 5MC A 1390 17.34 -23.63 28.79
N1 5MC A 1390 16.30 -23.44 27.75
C2 5MC A 1390 15.05 -22.82 28.13
O2 5MC A 1390 14.86 -22.45 29.25
N3 5MC A 1390 14.07 -22.67 27.17
C4 5MC A 1390 14.30 -23.09 25.93
N4 5MC A 1390 13.27 -22.88 25.07
C5 5MC A 1390 15.51 -23.71 25.53
C6 5MC A 1390 16.49 -23.87 26.48
CM5 5MC A 1390 15.67 -24.16 24.08
P UR3 A 1476 19.05 -7.13 28.25
OP1 UR3 A 1476 20.04 -6.10 28.57
OP2 UR3 A 1476 17.66 -6.96 28.66
O5' UR3 A 1476 19.09 -7.26 26.68
C5' UR3 A 1476 20.13 -7.96 26.01
C4' UR3 A 1476 19.98 -7.85 24.52
O4' UR3 A 1476 19.01 -8.83 24.06
C1' UR3 A 1476 17.92 -8.19 23.41
N1 UR3 A 1476 16.69 -8.78 23.96
C6 UR3 A 1476 16.59 -9.11 25.29
C2 UR3 A 1476 15.61 -9.04 23.09
O2 UR3 A 1476 15.63 -8.78 21.89
N3 UR3 A 1476 14.44 -9.60 23.65
C3U UR3 A 1476 13.35 -9.84 22.73
C4 UR3 A 1476 14.31 -9.93 25.00
O4 UR3 A 1476 13.26 -10.43 25.39
C5 UR3 A 1476 15.45 -9.65 25.80
C2' UR3 A 1476 18.04 -6.69 23.62
O2' UR3 A 1476 17.66 -5.96 22.47
C3' UR3 A 1476 19.50 -6.48 24.07
O3' UR3 A 1476 20.39 -5.86 23.11
C2 MA6 A 1496 21.38 -13.73 25.87
C4 MA6 A 1496 22.69 -15.52 25.87
C5 MA6 A 1496 23.70 -14.82 26.59
P MA6 A 1496 27.36 -19.60 25.77
OP1 MA6 A 1496 28.05 -20.68 25.06
OP2 MA6 A 1496 27.98 -18.27 25.92
O5' MA6 A 1496 25.96 -19.35 25.08
C5' MA6 A 1496 24.93 -20.30 25.17
C4' MA6 A 1496 23.69 -19.79 24.48
O4' MA6 A 1496 22.86 -19.09 25.46
C1' MA6 A 1496 22.45 -17.86 24.94
N9 MA6 A 1496 23.18 -16.79 25.64
N3 MA6 A 1496 21.51 -15.00 25.49
N1 MA6 A 1496 22.23 -12.93 26.56
C6 MA6 A 1496 23.42 -13.47 26.92
N6 MA6 A 1496 24.26 -12.61 27.62
C9 MA6 A 1496 23.84 -11.25 27.88
C10 MA6 A 1496 25.57 -12.98 28.14
N7 MA6 A 1496 24.79 -15.67 26.80
C8 MA6 A 1496 24.45 -16.84 26.24
C2' MA6 A 1496 22.75 -17.85 23.45
O2' MA6 A 1496 21.65 -18.45 22.79
C3' MA6 A 1496 23.98 -18.76 23.41
O3' MA6 A 1496 24.21 -19.38 22.15
C2 MA6 A 1497 21.09 -11.12 23.77
C4 MA6 A 1497 22.05 -12.85 22.72
C5 MA6 A 1497 23.33 -12.45 23.23
P MA6 A 1497 24.72 -18.53 20.89
OP1 MA6 A 1497 25.00 -19.48 19.80
OP2 MA6 A 1497 25.75 -17.59 21.33
O5' MA6 A 1497 23.44 -17.70 20.53
C5' MA6 A 1497 23.41 -16.75 19.50
C4' MA6 A 1497 22.07 -16.07 19.54
O4' MA6 A 1497 21.67 -15.99 20.93
C1' MA6 A 1497 21.20 -14.70 21.22
N9 MA6 A 1497 22.25 -13.98 21.95
N3 MA6 A 1497 20.89 -12.18 22.98
N1 MA6 A 1497 22.23 -10.63 24.33
C6 MA6 A 1497 23.38 -11.31 24.06
N6 MA6 A 1497 24.54 -10.79 24.62
C9 MA6 A 1497 24.62 -9.36 24.94
C10 MA6 A 1497 25.75 -11.56 24.89
N7 MA6 A 1497 24.29 -13.36 22.75
C8 MA6 A 1497 23.63 -14.24 22.01
C2' MA6 A 1497 20.92 -14.04 19.89
O2' MA6 A 1497 19.64 -14.50 19.44
C3' MA6 A 1497 22.02 -14.65 19.03
O3' MA6 A 1497 21.76 -14.57 17.65
N1 PSU A 1518 21.48 6.79 29.28
C2 PSU A 1518 21.26 6.66 30.58
N3 PSU A 1518 22.01 5.85 31.29
C4 PSU A 1518 23.00 5.15 30.76
C5 PSU A 1518 23.26 5.28 29.40
C6 PSU A 1518 22.45 6.13 28.67
O2 PSU A 1518 20.38 7.26 31.10
O4 PSU A 1518 23.66 4.45 31.44
C1' PSU A 1518 24.39 4.49 28.74
C2' PSU A 1518 23.91 3.08 28.40
O2' PSU A 1518 25.00 2.19 28.54
C3' PSU A 1518 23.54 3.24 26.93
C4' PSU A 1518 24.61 4.20 26.42
O3' PSU A 1518 23.50 2.02 26.21
O4' PSU A 1518 24.81 5.11 27.53
C5' PSU A 1518 24.25 4.98 25.18
O5' PSU A 1518 23.31 6.00 25.47
P PSU A 1518 23.00 7.17 24.44
OP1 PSU A 1518 23.03 6.59 23.04
OP2 PSU A 1518 21.79 7.93 24.92
N1 PSU A 1519 19.54 6.05 26.47
C2 PSU A 1519 19.14 7.15 27.06
N3 PSU A 1519 18.63 7.10 28.28
C4 PSU A 1519 18.51 5.95 28.93
C5 PSU A 1519 18.93 4.78 28.32
C6 PSU A 1519 19.46 4.87 27.05
O2 PSU A 1519 19.23 8.20 26.51
O4 PSU A 1519 18.04 5.94 30.02
C1' PSU A 1519 18.80 3.44 29.04
C2' PSU A 1519 17.59 2.64 28.54
O2' PSU A 1519 17.02 1.95 29.64
C3' PSU A 1519 18.24 1.67 27.57
C4' PSU A 1519 19.58 1.38 28.23
O3' PSU A 1519 17.47 0.50 27.33
O4' PSU A 1519 19.95 2.65 28.82
C5' PSU A 1519 20.68 0.90 27.31
O5' PSU A 1519 20.98 1.86 26.30
P PSU A 1519 22.22 1.67 25.31
OP1 PSU A 1519 22.30 0.21 24.92
OP2 PSU A 1519 22.11 2.73 24.25
N THR B 1 0.07 33.11 -50.56
CA THR B 1 0.22 31.91 -51.38
C THR B 1 1.43 32.06 -52.29
N VAL B 2 2.46 32.76 -51.81
CA VAL B 2 3.66 33.00 -52.60
C VAL B 2 4.87 32.32 -51.96
N LYS B 3 5.33 32.88 -50.85
CA LYS B 3 6.48 32.36 -50.11
C LYS B 3 7.74 32.27 -50.98
N GLU B 4 8.26 31.04 -51.12
CA GLU B 4 9.51 30.77 -51.84
C GLU B 4 10.73 31.46 -51.22
N LEU B 5 11.53 32.10 -52.07
CA LEU B 5 12.74 32.77 -51.63
C LEU B 5 12.43 33.97 -50.74
N LEU B 6 11.14 34.30 -50.62
CA LEU B 6 10.71 35.42 -49.80
C LEU B 6 10.67 35.02 -48.34
N GLU B 7 11.01 33.76 -48.07
CA GLU B 7 11.15 33.31 -46.69
C GLU B 7 12.55 33.66 -46.22
N ALA B 8 12.62 34.54 -45.22
CA ALA B 8 13.90 35.01 -44.70
C ALA B 8 13.93 34.85 -43.19
N GLY B 9 14.81 33.96 -42.72
CA GLY B 9 14.94 33.68 -41.30
C GLY B 9 14.40 32.33 -40.88
N VAL B 10 13.67 31.68 -41.79
CA VAL B 10 13.04 30.41 -41.49
C VAL B 10 14.04 29.26 -41.49
N HIS B 11 14.97 29.30 -42.45
CA HIS B 11 15.94 28.21 -42.62
C HIS B 11 16.85 28.05 -41.40
N PHE B 12 16.85 29.04 -40.52
CA PHE B 12 17.58 28.95 -39.26
C PHE B 12 16.91 27.93 -38.34
N GLY B 13 17.66 26.93 -37.90
CA GLY B 13 17.15 25.97 -36.95
C GLY B 13 17.72 26.16 -35.56
N HIS B 14 17.49 25.20 -34.67
CA HIS B 14 18.09 25.24 -33.34
C HIS B 14 19.55 24.80 -33.43
N GLU B 15 20.21 24.63 -32.28
CA GLU B 15 21.64 24.38 -32.25
C GLU B 15 21.99 22.96 -32.69
N ARG B 16 23.27 22.60 -32.59
CA ARG B 16 23.74 21.27 -32.94
C ARG B 16 23.10 20.21 -32.06
N LYS B 17 22.99 20.52 -30.77
CA LYS B 17 22.30 19.64 -29.83
C LYS B 17 20.82 19.97 -29.82
N ARG B 18 20.09 19.40 -28.85
CA ARG B 18 18.68 19.69 -28.64
C ARG B 18 17.77 19.18 -29.77
N TRP B 19 18.36 18.58 -30.80
CA TRP B 19 17.59 18.16 -31.96
C TRP B 19 16.92 16.80 -31.81
N ASN B 20 16.13 16.44 -32.80
CA ASN B 20 15.52 15.12 -32.91
C ASN B 20 15.99 14.44 -34.19
N PRO B 21 16.69 13.31 -34.08
CA PRO B 21 17.23 12.61 -35.24
C PRO B 21 16.19 12.33 -36.32
N LYS B 22 14.93 12.14 -35.90
CA LYS B 22 13.86 11.88 -36.86
C LYS B 22 13.65 13.05 -37.80
N PHE B 23 14.27 14.18 -37.50
CA PHE B 23 14.11 15.38 -38.31
C PHE B 23 15.18 15.45 -39.41
N ALA B 24 16.09 14.48 -39.41
CA ALA B 24 17.24 14.50 -40.32
C ALA B 24 16.91 14.69 -41.80
N ARG B 25 15.78 14.15 -42.23
CA ARG B 25 15.40 14.20 -43.64
C ARG B 25 15.06 15.62 -44.08
N TYR B 26 14.65 16.46 -43.13
CA TYR B 26 14.23 17.82 -43.44
C TYR B 26 15.38 18.80 -43.29
N ILE B 27 16.58 18.28 -43.03
CA ILE B 27 17.75 19.14 -42.85
C ILE B 27 18.60 19.23 -44.12
N TYR B 28 19.05 20.43 -44.44
CA TYR B 28 19.97 20.65 -45.54
C TYR B 28 21.40 20.33 -45.11
N ALA B 29 21.91 21.13 -44.18
CA ALA B 29 23.26 20.95 -43.67
C ALA B 29 23.46 21.67 -42.35
N GLU B 30 24.70 21.67 -41.85
CA GLU B 30 25.03 22.33 -40.61
C GLU B 30 25.98 23.51 -40.84
N ARG B 31 25.48 24.72 -40.65
CA ARG B 31 26.31 25.92 -40.78
C ARG B 31 26.58 26.53 -39.41
N ASN B 32 27.86 26.61 -39.06
CA ASN B 32 28.29 27.25 -37.80
C ASN B 32 27.57 26.71 -36.57
N GLY B 33 27.58 25.39 -36.41
CA GLY B 33 26.99 24.76 -35.24
C GLY B 33 25.48 24.88 -35.15
N ILE B 34 24.84 25.09 -36.30
CA ILE B 34 23.39 25.20 -36.34
C ILE B 34 22.83 24.38 -37.50
N HIS B 35 21.79 23.60 -37.22
CA HIS B 35 21.09 22.87 -38.27
C HIS B 35 20.29 23.84 -39.11
N ILE B 36 20.47 23.78 -40.42
CA ILE B 36 19.73 24.63 -41.33
C ILE B 36 18.73 23.80 -42.13
N ILE B 37 17.47 24.20 -42.05
CA ILE B 37 16.38 23.49 -42.68
C ILE B 37 16.59 23.40 -44.19
N ASP B 38 16.17 22.29 -44.78
CA ASP B 38 16.21 22.14 -46.23
C ASP B 38 15.14 23.05 -46.82
N LEU B 39 15.58 23.93 -47.72
CA LEU B 39 14.71 24.98 -48.24
C LEU B 39 13.64 24.40 -49.16
N GLN B 40 14.03 23.44 -50.00
CA GLN B 40 13.11 22.84 -50.96
C GLN B 40 12.01 22.03 -50.29
N LYS B 41 12.42 21.10 -49.42
CA LYS B 41 11.49 20.21 -48.73
C LYS B 41 10.47 20.99 -47.91
N THR B 42 10.86 22.17 -47.47
CA THR B 42 9.97 23.03 -46.71
C THR B 42 8.71 23.31 -47.52
N MET B 43 8.89 23.86 -48.72
CA MET B 43 7.79 24.14 -49.61
C MET B 43 7.14 22.86 -50.11
N GLU B 44 7.95 21.81 -50.25
CA GLU B 44 7.44 20.51 -50.65
C GLU B 44 6.30 20.10 -49.73
N GLU B 45 6.52 20.25 -48.42
CA GLU B 45 5.50 19.93 -47.44
C GLU B 45 4.45 21.05 -47.35
N LEU B 46 4.86 22.28 -47.67
CA LEU B 46 3.93 23.40 -47.65
C LEU B 46 2.80 23.19 -48.63
N GLU B 47 3.11 22.55 -49.77
CA GLU B 47 2.10 22.24 -50.76
C GLU B 47 0.97 21.41 -50.17
N ARG B 48 1.32 20.21 -49.74
CA ARG B 48 0.38 19.27 -49.16
C ARG B 48 -0.35 19.87 -47.95
N THR B 49 0.42 20.50 -47.07
CA THR B 49 -0.14 21.11 -45.87
C THR B 49 -1.20 22.15 -46.21
N PHE B 50 -0.81 23.16 -46.97
CA PHE B 50 -1.70 24.25 -47.34
C PHE B 50 -2.87 23.77 -48.17
N ARG B 51 -2.67 22.70 -48.93
CA ARG B 51 -3.74 22.08 -49.68
C ARG B 51 -4.78 21.58 -48.69
N PHE B 52 -4.32 20.84 -47.68
CA PHE B 52 -5.21 20.33 -46.65
C PHE B 52 -5.94 21.46 -45.94
N ILE B 53 -5.22 22.55 -45.68
CA ILE B 53 -5.79 23.70 -45.00
C ILE B 53 -6.87 24.33 -45.85
N GLU B 54 -6.64 24.42 -47.15
CA GLU B 54 -7.60 25.01 -48.07
C GLU B 54 -8.88 24.19 -48.11
N ASP B 55 -8.70 22.90 -48.38
CA ASP B 55 -9.81 21.94 -48.37
C ASP B 55 -10.64 22.09 -47.10
N LEU B 56 -10.00 21.85 -45.96
CA LEU B 56 -10.64 21.92 -44.67
C LEU B 56 -11.31 23.28 -44.43
N ALA B 57 -10.74 24.33 -45.01
CA ALA B 57 -11.26 25.68 -44.80
C ALA B 57 -12.57 25.87 -45.55
N MET B 58 -12.57 25.54 -46.84
CA MET B 58 -13.76 25.77 -47.67
C MET B 58 -14.89 24.82 -47.28
N ARG B 59 -14.57 23.78 -46.52
CA ARG B 59 -15.57 22.86 -46.00
C ARG B 59 -16.28 23.45 -44.78
N GLY B 60 -15.66 24.46 -44.18
CA GLY B 60 -16.24 25.15 -43.04
C GLY B 60 -15.73 24.69 -41.69
N GLY B 61 -14.62 23.95 -41.70
CA GLY B 61 -14.06 23.42 -40.47
C GLY B 61 -13.35 24.45 -39.62
N THR B 62 -13.40 24.26 -38.30
CA THR B 62 -12.74 25.19 -37.39
C THR B 62 -11.37 24.66 -36.95
N ILE B 63 -10.39 25.56 -36.88
CA ILE B 63 -9.03 25.19 -36.51
C ILE B 63 -8.64 25.86 -35.20
N LEU B 64 -8.14 25.08 -34.25
CA LEU B 64 -7.70 25.62 -32.97
C LEU B 64 -6.22 25.97 -33.03
N PHE B 65 -5.93 27.26 -32.92
CA PHE B 65 -4.54 27.72 -32.96
C PHE B 65 -3.91 27.69 -31.59
N VAL B 66 -2.70 27.14 -31.49
CA VAL B 66 -2.05 26.93 -30.21
C VAL B 66 -0.57 27.30 -30.20
N GLY B 67 -0.19 28.22 -29.32
CA GLY B 67 1.18 28.27 -28.85
C GLY B 67 1.36 29.13 -27.60
N THR B 68 2.31 28.71 -26.76
CA THR B 68 2.63 29.42 -25.52
C THR B 68 3.96 30.18 -25.61
N LYS B 69 4.65 30.03 -26.74
CA LYS B 69 6.10 30.23 -26.79
C LYS B 69 6.59 31.62 -26.40
N LYS B 70 5.66 32.56 -26.22
CA LYS B 70 5.93 33.93 -25.77
C LYS B 70 6.58 34.74 -26.87
N GLN B 71 7.14 34.05 -27.87
CA GLN B 71 7.55 34.67 -29.12
C GLN B 71 6.33 34.77 -30.02
N ALA B 72 5.51 33.72 -29.98
CA ALA B 72 4.33 33.63 -30.82
C ALA B 72 3.06 34.02 -30.09
N GLN B 73 3.19 34.44 -28.82
CA GLN B 73 2.01 34.76 -28.01
C GLN B 73 1.12 35.84 -28.63
N ASP B 74 1.71 36.97 -28.98
CA ASP B 74 0.94 38.12 -29.45
C ASP B 74 0.47 37.96 -30.89
N ILE B 75 1.09 37.05 -31.62
CA ILE B 75 0.74 36.85 -33.03
C ILE B 75 -0.56 36.07 -33.15
N VAL B 76 -0.57 34.87 -32.60
CA VAL B 76 -1.75 34.01 -32.61
C VAL B 76 -3.01 34.73 -32.16
N ARG B 77 -2.90 35.58 -31.16
CA ARG B 77 -4.08 36.23 -30.57
C ARG B 77 -4.80 37.14 -31.57
N MET B 78 -4.10 37.55 -32.62
CA MET B 78 -4.74 38.28 -33.72
C MET B 78 -5.00 37.34 -34.90
N GLU B 79 -3.95 36.72 -35.42
CA GLU B 79 -4.09 35.81 -36.57
C GLU B 79 -5.24 34.81 -36.44
N ALA B 80 -5.47 34.28 -35.25
CA ALA B 80 -6.60 33.39 -35.03
C ALA B 80 -7.87 34.19 -34.84
N GLU B 81 -7.75 35.40 -34.29
CA GLU B 81 -8.89 36.28 -34.09
C GLU B 81 -9.45 36.68 -35.45
N ARG B 82 -8.57 36.74 -36.45
CA ARG B 82 -9.01 36.88 -37.83
C ARG B 82 -9.74 35.60 -38.23
N ALA B 83 -10.62 35.72 -39.21
CA ALA B 83 -11.59 34.67 -39.54
C ALA B 83 -12.38 34.31 -38.30
N GLY B 84 -12.72 33.03 -38.15
CA GLY B 84 -13.54 32.59 -37.04
C GLY B 84 -12.86 31.71 -36.01
N MET B 85 -11.55 31.56 -36.13
CA MET B 85 -10.86 30.50 -35.39
C MET B 85 -10.61 30.82 -33.93
N PRO B 86 -10.77 29.81 -33.06
CA PRO B 86 -10.40 29.84 -31.64
C PRO B 86 -8.91 29.66 -31.42
N TYR B 87 -8.41 30.08 -30.27
CA TYR B 87 -6.99 29.93 -30.00
C TYR B 87 -6.69 29.69 -28.52
N VAL B 88 -5.52 29.12 -28.26
CA VAL B 88 -5.03 28.98 -26.90
C VAL B 88 -3.70 29.72 -26.79
N ASN B 89 -3.66 30.72 -25.91
CA ASN B 89 -2.55 31.64 -25.87
C ASN B 89 -1.71 31.51 -24.61
N GLN B 90 -2.30 31.80 -23.46
CA GLN B 90 -1.57 31.80 -22.20
C GLN B 90 -0.94 30.46 -21.83
N ARG B 91 -1.76 29.45 -21.55
CA ARG B 91 -1.24 28.11 -21.32
C ARG B 91 -2.28 27.07 -21.68
N TRP B 92 -1.82 25.86 -21.98
CA TRP B 92 -2.72 24.80 -22.42
C TRP B 92 -3.14 23.96 -21.22
N LEU B 93 -4.42 24.04 -20.85
CA LEU B 93 -4.92 23.29 -19.73
C LEU B 93 -5.13 21.86 -20.15
N GLY B 94 -4.62 20.93 -19.35
CA GLY B 94 -4.78 19.53 -19.66
C GLY B 94 -6.24 19.11 -19.69
N GLY B 95 -6.66 18.55 -20.80
CA GLY B 95 -8.03 18.08 -20.94
C GLY B 95 -8.92 18.96 -21.79
N MET B 96 -8.35 20.05 -22.31
CA MET B 96 -9.10 20.97 -23.17
C MET B 96 -9.75 20.22 -24.34
N LEU B 97 -9.15 19.11 -24.74
CA LEU B 97 -9.68 18.29 -25.81
C LEU B 97 -10.37 17.05 -25.24
N THR B 98 -9.63 16.23 -24.50
CA THR B 98 -10.19 14.98 -23.98
C THR B 98 -11.25 15.19 -22.90
N ASN B 99 -11.04 16.19 -22.06
CA ASN B 99 -12.00 16.50 -21.00
C ASN B 99 -12.97 17.60 -21.42
N PHE B 100 -12.97 17.90 -22.71
CA PHE B 100 -13.55 19.12 -23.29
C PHE B 100 -14.90 19.55 -22.72
N LYS B 101 -15.78 18.61 -22.40
CA LYS B 101 -17.04 18.99 -21.77
C LYS B 101 -16.79 19.76 -20.46
N THR B 102 -16.03 19.13 -19.56
CA THR B 102 -15.77 19.69 -18.25
C THR B 102 -15.05 21.03 -18.35
N ILE B 103 -14.21 21.18 -19.36
CA ILE B 103 -13.53 22.44 -19.59
C ILE B 103 -14.55 23.47 -20.07
N SER B 104 -15.50 23.03 -20.88
CA SER B 104 -16.50 23.92 -21.45
C SER B 104 -17.44 24.46 -20.37
N GLN B 105 -17.60 23.69 -19.30
CA GLN B 105 -18.35 24.18 -18.15
C GLN B 105 -17.82 25.54 -17.67
N ARG B 106 -16.51 25.71 -17.80
CA ARG B 106 -15.86 26.97 -17.45
C ARG B 106 -16.23 28.08 -18.43
N VAL B 107 -16.52 27.72 -19.67
CA VAL B 107 -17.00 28.71 -20.63
C VAL B 107 -18.40 29.14 -20.22
N HIS B 108 -19.23 28.17 -19.86
CA HIS B 108 -20.58 28.45 -19.36
C HIS B 108 -20.53 29.44 -18.22
N ARG B 109 -19.71 29.14 -17.22
CA ARG B 109 -19.56 30.05 -16.09
C ARG B 109 -18.99 31.40 -16.51
N LEU B 110 -18.09 31.38 -17.49
CA LEU B 110 -17.51 32.61 -18.01
C LEU B 110 -18.58 33.58 -18.50
N GLU B 111 -19.32 33.17 -19.54
CA GLU B 111 -20.33 34.06 -20.10
C GLU B 111 -21.48 34.28 -19.12
N GLU B 112 -21.59 33.37 -18.14
CA GLU B 112 -22.50 33.58 -17.02
C GLU B 112 -22.12 34.84 -16.24
N LEU B 113 -20.84 34.94 -15.87
CA LEU B 113 -20.36 36.09 -15.13
C LEU B 113 -20.31 37.34 -16.00
N GLU B 114 -20.08 37.16 -17.30
CA GLU B 114 -20.16 38.27 -18.25
C GLU B 114 -21.58 38.84 -18.22
N ALA B 115 -22.55 37.95 -18.07
CA ALA B 115 -23.94 38.35 -17.97
C ALA B 115 -24.23 38.98 -16.61
N LEU B 116 -23.49 38.56 -15.58
CA LEU B 116 -23.69 39.13 -14.25
C LEU B 116 -23.17 40.56 -14.16
N PHE B 117 -22.08 40.84 -14.86
CA PHE B 117 -21.53 42.20 -14.89
C PHE B 117 -22.23 43.03 -15.96
N ALA B 118 -23.10 42.37 -16.72
CA ALA B 118 -24.01 43.05 -17.63
C ALA B 118 -25.21 43.58 -16.84
N SER B 119 -25.93 42.65 -16.21
CA SER B 119 -27.17 42.94 -15.51
C SER B 119 -26.96 43.88 -14.31
N PRO B 120 -28.06 44.30 -13.66
CA PRO B 120 -27.96 45.12 -12.44
C PRO B 120 -27.33 44.43 -11.24
N GLU B 121 -27.15 43.11 -11.31
CA GLU B 121 -26.87 42.31 -10.12
C GLU B 121 -25.42 42.40 -9.64
N ILE B 122 -24.61 43.20 -10.33
CA ILE B 122 -23.23 43.47 -9.90
C ILE B 122 -23.18 43.93 -8.45
N GLU B 123 -24.04 44.90 -8.12
CA GLU B 123 -24.01 45.56 -6.81
C GLU B 123 -24.68 44.74 -5.70
N GLU B 124 -25.60 43.87 -6.08
CA GLU B 124 -26.29 43.03 -5.10
C GLU B 124 -25.29 42.12 -4.39
N ARG B 125 -25.51 41.93 -3.09
CA ARG B 125 -24.62 41.17 -2.20
C ARG B 125 -23.29 41.93 -2.02
N PRO B 126 -22.56 41.66 -0.91
CA PRO B 126 -21.45 42.53 -0.49
C PRO B 126 -20.35 42.76 -1.52
N LYS B 127 -19.59 43.82 -1.32
CA LYS B 127 -18.49 44.21 -2.21
C LYS B 127 -17.47 43.08 -2.34
N LYS B 128 -17.48 42.16 -1.38
CA LYS B 128 -16.67 40.94 -1.42
C LYS B 128 -16.80 40.24 -2.77
N GLU B 129 -18.02 39.80 -3.09
CA GLU B 129 -18.30 39.13 -4.35
C GLU B 129 -17.85 39.97 -5.55
N GLN B 130 -18.01 41.28 -5.45
CA GLN B 130 -17.63 42.18 -6.54
C GLN B 130 -16.11 42.21 -6.70
N VAL B 131 -15.39 41.91 -5.62
CA VAL B 131 -13.93 41.82 -5.66
C VAL B 131 -13.49 40.46 -6.21
N ARG B 132 -14.18 39.39 -5.79
CA ARG B 132 -13.79 38.05 -6.18
C ARG B 132 -14.14 37.75 -7.62
N LEU B 133 -15.44 37.75 -7.91
CA LEU B 133 -15.97 37.41 -9.22
C LEU B 133 -15.32 38.24 -10.33
N LYS B 134 -14.87 39.45 -9.99
CA LYS B 134 -14.15 40.28 -10.95
C LYS B 134 -12.81 39.62 -11.32
N HIS B 135 -12.14 39.05 -10.33
CA HIS B 135 -10.86 38.38 -10.54
C HIS B 135 -11.06 37.03 -11.21
N GLU B 136 -12.14 36.36 -10.86
CA GLU B 136 -12.47 35.08 -11.48
C GLU B 136 -12.73 35.28 -12.97
N LEU B 137 -13.58 36.25 -13.29
CA LEU B 137 -13.84 36.60 -14.67
C LEU B 137 -12.57 37.06 -15.35
N GLU B 138 -11.72 37.76 -14.60
CA GLU B 138 -10.43 38.23 -15.09
C GLU B 138 -9.58 37.08 -15.61
N ARG B 139 -9.34 36.09 -14.76
CA ARG B 139 -8.50 34.96 -15.16
C ARG B 139 -9.19 34.11 -16.21
N LEU B 140 -10.51 34.00 -16.11
CA LEU B 140 -11.28 33.24 -17.08
C LEU B 140 -11.06 33.81 -18.48
N GLN B 141 -11.03 35.14 -18.56
CA GLN B 141 -10.78 35.79 -19.83
C GLN B 141 -9.30 35.78 -20.17
N LYS B 142 -8.45 35.55 -19.17
CA LYS B 142 -7.02 35.46 -19.41
C LYS B 142 -6.70 34.16 -20.14
N TYR B 143 -7.40 33.09 -19.78
CA TYR B 143 -7.13 31.75 -20.31
C TYR B 143 -8.06 31.37 -21.47
N LEU B 144 -9.35 31.36 -21.19
CA LEU B 144 -10.35 30.83 -22.09
C LEU B 144 -10.75 31.81 -23.20
N SER B 145 -10.04 32.93 -23.27
CA SER B 145 -10.29 33.97 -24.27
C SER B 145 -10.52 33.41 -25.67
N GLY B 146 -9.50 32.82 -26.25
CA GLY B 146 -9.64 32.23 -27.57
C GLY B 146 -10.41 30.92 -27.56
N PHE B 147 -10.44 30.25 -26.42
CA PHE B 147 -11.07 28.94 -26.32
C PHE B 147 -12.60 29.03 -26.24
N ARG B 148 -13.12 30.23 -25.99
CA ARG B 148 -14.55 30.41 -25.79
C ARG B 148 -15.35 30.17 -27.06
N LEU B 149 -14.68 30.33 -28.20
CA LEU B 149 -15.34 30.23 -29.50
C LEU B 149 -15.67 28.79 -29.88
N LEU B 150 -15.19 27.83 -29.09
CA LEU B 150 -15.42 26.42 -29.40
C LEU B 150 -16.68 25.90 -28.72
N LYS B 151 -17.71 25.61 -29.52
CA LYS B 151 -18.91 24.99 -29.00
C LYS B 151 -18.83 23.47 -29.15
N ARG B 152 -17.84 23.01 -29.92
CA ARG B 152 -17.68 21.57 -30.17
C ARG B 152 -16.23 21.25 -30.52
N LEU B 153 -15.85 19.98 -30.46
CA LEU B 153 -14.49 19.55 -30.78
C LEU B 153 -14.04 20.05 -32.14
N PRO B 154 -12.79 20.53 -32.22
CA PRO B 154 -12.24 21.09 -33.46
C PRO B 154 -12.00 20.03 -34.52
N ASP B 155 -11.87 20.47 -35.76
CA ASP B 155 -11.67 19.55 -36.87
C ASP B 155 -10.19 19.42 -37.19
N ALA B 156 -9.38 20.20 -36.49
CA ALA B 156 -7.93 20.20 -36.66
C ALA B 156 -7.32 21.15 -35.65
N ILE B 157 -6.01 21.02 -35.42
CA ILE B 157 -5.32 21.96 -34.53
C ILE B 157 -4.09 22.50 -35.22
N PHE B 158 -3.77 23.77 -34.95
CA PHE B 158 -2.56 24.37 -35.48
C PHE B 158 -1.64 24.73 -34.33
N VAL B 159 -0.44 24.17 -34.35
CA VAL B 159 0.47 24.26 -33.22
C VAL B 159 1.77 24.94 -33.63
N VAL B 160 2.20 25.91 -32.81
CA VAL B 160 3.43 26.64 -33.10
C VAL B 160 4.65 25.77 -32.81
N ASP B 161 4.89 25.41 -31.56
CA ASP B 161 5.97 24.48 -31.25
C ASP B 161 5.44 23.17 -30.68
N PRO B 162 5.47 22.09 -31.49
CA PRO B 162 4.88 20.80 -31.11
C PRO B 162 5.61 20.11 -29.96
N THR B 163 6.85 20.52 -29.70
CA THR B 163 7.58 19.98 -28.55
C THR B 163 7.15 20.67 -27.26
N LYS B 164 7.00 21.98 -27.32
CA LYS B 164 6.63 22.75 -26.14
C LYS B 164 5.16 22.52 -25.80
N GLU B 165 4.35 22.42 -26.84
CA GLU B 165 2.90 22.28 -26.70
C GLU B 165 2.46 20.82 -26.71
N ALA B 166 3.44 19.92 -26.62
CA ALA B 166 3.26 18.49 -26.92
C ALA B 166 2.05 17.82 -26.26
N ILE B 167 1.59 18.33 -25.13
CA ILE B 167 0.40 17.77 -24.50
C ILE B 167 -0.81 17.91 -25.42
N ALA B 168 -1.00 19.11 -25.94
CA ALA B 168 -2.07 19.39 -26.90
C ALA B 168 -2.01 18.40 -28.05
N VAL B 169 -0.82 18.23 -28.61
CA VAL B 169 -0.58 17.27 -29.67
C VAL B 169 -1.09 15.90 -29.25
N ARG B 170 -0.64 15.43 -28.09
CA ARG B 170 -1.00 14.11 -27.61
C ARG B 170 -2.51 13.90 -27.51
N GLU B 171 -3.21 14.93 -27.02
CA GLU B 171 -4.66 14.84 -26.94
C GLU B 171 -5.29 14.77 -28.33
N ALA B 172 -4.77 15.59 -29.23
CA ALA B 172 -5.22 15.55 -30.62
C ALA B 172 -5.11 14.14 -31.18
N ARG B 173 -3.93 13.53 -31.07
CA ARG B 173 -3.72 12.16 -31.52
C ARG B 173 -4.75 11.23 -30.87
N LYS B 174 -4.93 11.36 -29.55
CA LYS B 174 -5.85 10.47 -28.83
C LYS B 174 -7.27 10.56 -29.38
N LEU B 175 -7.66 11.76 -29.80
CA LEU B 175 -9.01 11.98 -30.31
C LEU B 175 -9.11 11.88 -31.83
N PHE B 176 -8.01 11.50 -32.47
CA PHE B 176 -7.92 11.38 -33.93
C PHE B 176 -8.08 12.73 -34.62
N ILE B 177 -7.77 13.80 -33.90
CA ILE B 177 -7.83 15.15 -34.45
C ILE B 177 -6.55 15.47 -35.19
N PRO B 178 -6.65 15.71 -36.51
CA PRO B 178 -5.49 16.00 -37.36
C PRO B 178 -4.61 17.14 -36.82
N VAL B 179 -3.30 16.94 -36.90
CA VAL B 179 -2.36 17.89 -36.32
C VAL B 179 -1.56 18.64 -37.37
N ILE B 180 -1.77 19.95 -37.42
CA ILE B 180 -0.93 20.83 -38.21
C ILE B 180 0.05 21.49 -37.26
N ALA B 181 1.31 21.60 -37.64
CA ALA B 181 2.28 22.23 -36.75
C ALA B 181 3.47 22.84 -37.49
N LEU B 182 4.07 23.84 -36.87
CA LEU B 182 5.32 24.41 -37.33
C LEU B 182 6.44 23.68 -36.61
N ALA B 183 7.20 22.87 -37.33
CA ALA B 183 8.17 22.02 -36.66
C ALA B 183 9.59 22.58 -36.75
N ASP B 184 10.30 22.48 -35.64
CA ASP B 184 11.72 22.84 -35.61
C ASP B 184 12.50 21.55 -35.44
N THR B 185 13.82 21.66 -35.33
CA THR B 185 14.65 20.47 -35.30
C THR B 185 14.49 19.68 -34.00
N ASP B 186 13.90 20.31 -32.99
CA ASP B 186 13.76 19.68 -31.68
C ASP B 186 12.47 18.86 -31.57
N SER B 187 11.75 18.73 -32.68
CA SER B 187 10.43 18.12 -32.66
C SER B 187 10.38 16.77 -33.38
N ASP B 188 9.42 15.94 -32.98
CA ASP B 188 9.23 14.63 -33.60
C ASP B 188 8.25 14.74 -34.75
N PRO B 189 8.73 14.51 -35.98
CA PRO B 189 7.93 14.65 -37.19
C PRO B 189 6.77 13.66 -37.25
N ASP B 190 6.94 12.47 -36.67
CA ASP B 190 5.95 11.43 -36.80
C ASP B 190 4.62 11.80 -36.14
N LEU B 191 4.67 12.57 -35.07
CA LEU B 191 3.47 12.97 -34.36
C LEU B 191 2.75 14.12 -35.05
N VAL B 192 3.38 14.67 -36.09
CA VAL B 192 2.78 15.76 -36.83
C VAL B 192 2.21 15.25 -38.13
N ASP B 193 0.89 15.27 -38.24
CA ASP B 193 0.19 14.85 -39.44
C ASP B 193 0.64 15.66 -40.66
N TYR B 194 0.35 16.96 -40.66
CA TYR B 194 0.83 17.84 -41.71
C TYR B 194 1.88 18.79 -41.15
N ILE B 195 3.10 18.70 -41.68
CA ILE B 195 4.25 19.32 -41.06
C ILE B 195 4.66 20.60 -41.77
N ILE B 196 5.11 21.58 -40.99
CA ILE B 196 5.66 22.82 -41.55
C ILE B 196 7.04 23.04 -40.94
N PRO B 197 8.07 22.55 -41.64
CA PRO B 197 9.47 22.51 -41.20
C PRO B 197 10.19 23.86 -41.21
N GLY B 198 10.05 24.65 -40.14
CA GLY B 198 10.73 25.93 -40.05
C GLY B 198 11.05 26.40 -38.64
N ASN B 199 11.62 27.59 -38.52
CA ASN B 199 12.02 28.12 -37.21
C ASN B 199 10.81 28.43 -36.34
N ASP B 200 10.83 27.93 -35.11
CA ASP B 200 9.74 28.19 -34.17
C ASP B 200 10.06 29.35 -33.23
N ASP B 201 11.27 29.89 -33.36
CA ASP B 201 11.75 30.93 -32.45
C ASP B 201 11.49 32.34 -32.97
N ALA B 202 12.15 32.68 -34.08
CA ALA B 202 12.07 34.02 -34.65
C ALA B 202 10.62 34.44 -34.91
N ILE B 203 10.29 35.65 -34.50
CA ILE B 203 8.93 36.18 -34.64
C ILE B 203 8.59 36.33 -36.11
N ARG B 204 9.62 36.54 -36.92
CA ARG B 204 9.45 36.72 -38.36
C ARG B 204 8.85 35.48 -39.01
N SER B 205 9.41 34.32 -38.70
CA SER B 205 8.93 33.05 -39.26
C SER B 205 7.46 32.81 -38.90
N ILE B 206 7.15 32.99 -37.62
CA ILE B 206 5.79 32.78 -37.14
C ILE B 206 4.84 33.75 -37.82
N GLN B 207 5.26 35.01 -37.93
CA GLN B 207 4.45 36.05 -38.56
C GLN B 207 4.14 35.65 -40.00
N LEU B 208 5.18 35.35 -40.76
CA LEU B 208 5.03 34.97 -42.15
C LEU B 208 4.08 33.79 -42.30
N ILE B 209 4.42 32.69 -41.63
CA ILE B 209 3.68 31.44 -41.79
C ILE B 209 2.22 31.56 -41.37
N LEU B 210 1.97 32.08 -40.18
CA LEU B 210 0.61 32.22 -39.68
C LEU B 210 -0.21 33.21 -40.51
N SER B 211 0.41 34.32 -40.89
CA SER B 211 -0.26 35.31 -41.72
C SER B 211 -0.70 34.71 -43.03
N ARG B 212 0.24 34.08 -43.74
CA ARG B 212 -0.08 33.45 -45.02
C ARG B 212 -1.12 32.36 -44.84
N ALA B 213 -1.07 31.67 -43.70
CA ALA B 213 -2.01 30.59 -43.43
C ALA B 213 -3.44 31.10 -43.29
N VAL B 214 -3.63 32.10 -42.43
CA VAL B 214 -4.93 32.70 -42.23
C VAL B 214 -5.43 33.35 -43.52
N ASP B 215 -4.50 33.94 -44.26
CA ASP B 215 -4.82 34.56 -45.54
C ASP B 215 -5.34 33.52 -46.52
N LEU B 216 -4.76 32.33 -46.49
CA LEU B 216 -5.23 31.24 -47.33
C LEU B 216 -6.61 30.80 -46.86
N ILE B 217 -6.81 30.81 -45.55
CA ILE B 217 -8.11 30.42 -44.98
C ILE B 217 -9.21 31.33 -45.50
N ILE B 218 -9.04 32.63 -45.30
CA ILE B 218 -10.06 33.57 -45.74
C ILE B 218 -10.14 33.59 -47.27
N GLN B 219 -9.05 33.24 -47.94
CA GLN B 219 -9.08 33.14 -49.40
C GLN B 219 -9.96 31.96 -49.81
N ALA B 220 -9.98 30.94 -48.95
CA ALA B 220 -10.77 29.74 -49.21
C ALA B 220 -12.23 29.98 -48.89
N ARG B 221 -12.49 30.82 -47.89
CA ARG B 221 -13.87 31.18 -47.57
C ARG B 221 -14.28 32.46 -48.30
N GLY B 222 -13.39 32.99 -49.12
CA GLY B 222 -13.69 34.17 -49.92
C GLY B 222 -13.62 35.47 -49.17
N GLY B 223 -13.56 36.58 -49.91
CA GLY B 223 -13.52 37.91 -49.33
C GLY B 223 -12.16 38.59 -49.34
N VAL B 224 -11.10 37.79 -49.43
CA VAL B 224 -9.72 38.29 -49.55
C VAL B 224 -9.41 39.40 -48.55
N VAL B 225 -9.33 39.04 -47.28
CA VAL B 225 -9.02 39.98 -46.20
C VAL B 225 -7.65 40.63 -46.43
N GLU B 226 -7.53 41.88 -45.99
CA GLU B 226 -6.32 42.67 -46.12
C GLU B 226 -5.15 42.03 -45.37
N PRO B 227 -3.91 42.41 -45.74
CA PRO B 227 -2.72 41.93 -45.01
C PRO B 227 -2.81 42.17 -43.50
N SER B 228 -2.45 41.15 -42.71
CA SER B 228 -2.61 41.18 -41.27
C SER B 228 -1.87 42.32 -40.59
N PRO B 229 -2.47 42.90 -39.55
CA PRO B 229 -1.74 43.89 -38.74
C PRO B 229 -0.93 43.25 -37.64
N SER B 230 -0.16 42.21 -37.97
CA SER B 230 0.76 41.59 -37.02
C SER B 230 2.18 42.08 -37.25
N TYR B 231 2.36 42.88 -38.30
CA TYR B 231 3.69 43.30 -38.70
C TYR B 231 4.26 44.30 -37.71
N ALA B 232 3.37 45.01 -37.03
CA ALA B 232 3.78 46.02 -36.05
C ALA B 232 4.32 45.38 -34.78
N LEU B 233 4.03 44.10 -34.60
CA LEU B 233 4.44 43.39 -33.40
C LEU B 233 5.87 42.88 -33.50
N VAL B 234 6.53 43.18 -34.61
CA VAL B 234 7.94 42.87 -34.77
C VAL B 234 8.73 43.60 -33.67
N GLN B 235 8.35 44.86 -33.42
CA GLN B 235 8.85 45.62 -32.28
C GLN B 235 10.34 45.97 -32.39
N GLU B 236 11.03 45.33 -33.33
N GLY C 1 -20.06 10.95 18.72
CA GLY C 1 -20.33 11.95 19.74
C GLY C 1 -20.13 13.37 19.25
N ASN C 2 -20.94 13.76 18.27
CA ASN C 2 -20.85 15.09 17.67
C ASN C 2 -22.15 15.38 16.94
N LYS C 3 -22.18 16.46 16.16
CA LYS C 3 -23.32 16.74 15.27
C LYS C 3 -24.66 16.93 15.96
N ILE C 4 -24.88 18.10 16.56
CA ILE C 4 -26.18 18.40 17.16
C ILE C 4 -27.30 18.37 16.12
N HIS C 5 -28.51 18.15 16.63
CA HIS C 5 -29.72 18.16 15.82
C HIS C 5 -29.85 19.47 15.04
N PRO C 6 -29.97 19.39 13.71
CA PRO C 6 -30.01 20.58 12.84
C PRO C 6 -31.25 21.43 13.02
N ILE C 7 -32.38 20.80 13.30
CA ILE C 7 -33.62 21.53 13.56
C ILE C 7 -33.45 22.39 14.80
N GLY C 8 -33.13 21.76 15.92
CA GLY C 8 -32.92 22.46 17.17
C GLY C 8 -31.81 23.48 17.09
N PHE C 9 -30.94 23.31 16.11
CA PHE C 9 -29.86 24.26 15.87
C PHE C 9 -30.41 25.49 15.19
N ARG C 10 -31.34 25.27 14.26
CA ARG C 10 -31.86 26.36 13.44
C ARG C 10 -33.17 26.98 13.93
N LEU C 11 -33.66 26.57 15.09
CA LEU C 11 -34.96 27.02 15.59
C LEU C 11 -35.13 28.53 15.57
N GLY C 12 -34.03 29.26 15.72
CA GLY C 12 -34.07 30.70 15.67
C GLY C 12 -34.45 31.25 14.31
N ILE C 13 -33.69 30.86 13.29
CA ILE C 13 -33.89 31.38 11.95
C ILE C 13 -33.95 30.22 10.94
N THR C 14 -34.88 30.34 9.99
CA THR C 14 -35.16 29.34 8.96
C THR C 14 -35.66 28.01 9.54
N ARG C 15 -36.19 28.07 10.76
CA ARG C 15 -36.95 26.97 11.31
C ARG C 15 -37.88 27.54 12.37
N ASP C 16 -39.05 26.94 12.54
CA ASP C 16 -40.01 27.44 13.52
C ASP C 16 -40.54 26.33 14.41
N TRP C 17 -41.04 26.70 15.57
CA TRP C 17 -41.50 25.73 16.57
C TRP C 17 -42.76 25.00 16.10
N GLU C 18 -42.87 23.73 16.48
CA GLU C 18 -44.04 22.95 16.15
C GLU C 18 -45.20 23.35 17.04
N SER C 19 -44.91 23.56 18.32
CA SER C 19 -45.89 24.10 19.25
C SER C 19 -45.59 25.57 19.50
N ARG C 20 -46.42 26.47 18.98
CA ARG C 20 -46.22 27.90 19.23
C ARG C 20 -47.37 28.51 20.02
N TRP C 21 -47.12 28.77 21.31
CA TRP C 21 -48.07 29.44 22.17
C TRP C 21 -47.36 29.97 23.40
N TYR C 22 -48.00 30.89 24.11
CA TYR C 22 -47.48 31.37 25.37
C TYR C 22 -48.19 30.71 26.54
N ALA C 23 -47.47 30.46 27.62
CA ALA C 23 -48.08 29.99 28.85
C ALA C 23 -47.25 30.41 30.05
N GLY C 24 -47.90 30.52 31.20
CA GLY C 24 -47.20 30.86 32.43
C GLY C 24 -46.42 29.68 32.96
N LYS C 25 -45.79 29.87 34.13
CA LYS C 25 -45.00 28.82 34.75
C LYS C 25 -45.89 27.76 35.40
N LYS C 26 -47.12 28.16 35.72
CA LYS C 26 -48.09 27.25 36.32
C LYS C 26 -48.92 26.57 35.24
N GLN C 27 -48.74 27.05 34.02
CA GLN C 27 -49.50 26.62 32.84
C GLN C 27 -48.65 25.66 32.00
N TYR C 28 -47.47 26.15 31.62
CA TYR C 28 -46.60 25.52 30.61
C TYR C 28 -46.53 24.00 30.69
N ARG C 29 -46.03 23.45 31.79
CA ARG C 29 -45.86 22.00 31.90
C ARG C 29 -47.11 21.21 31.50
N HIS C 30 -48.28 21.68 31.93
CA HIS C 30 -49.52 21.00 31.64
C HIS C 30 -49.86 21.03 30.15
N LEU C 31 -49.86 22.24 29.57
CA LEU C 31 -50.17 22.41 28.15
C LEU C 31 -49.20 21.61 27.28
N LEU C 32 -47.95 21.57 27.70
CA LEU C 32 -46.93 20.80 27.00
C LEU C 32 -47.25 19.31 27.06
N LEU C 33 -47.62 18.83 28.25
CA LEU C 33 -48.01 17.44 28.39
C LEU C 33 -49.15 17.13 27.44
N GLU C 34 -50.08 18.06 27.35
CA GLU C 34 -51.23 17.91 26.49
C GLU C 34 -50.79 17.78 25.03
N ASP C 35 -49.95 18.71 24.58
CA ASP C 35 -49.43 18.67 23.21
C ASP C 35 -48.79 17.33 22.92
N GLN C 36 -47.99 16.86 23.87
CA GLN C 36 -47.29 15.60 23.71
C GLN C 36 -48.29 14.46 23.54
N ARG C 37 -49.34 14.48 24.35
CA ARG C 37 -50.36 13.43 24.26
C ARG C 37 -51.07 13.46 22.92
N ILE C 38 -51.36 14.67 22.46
CA ILE C 38 -52.04 14.88 21.20
C ILE C 38 -51.23 14.31 20.05
N ARG C 39 -49.96 14.71 19.97
CA ARG C 39 -49.06 14.19 18.94
C ARG C 39 -48.94 12.68 19.06
N GLY C 40 -48.89 12.20 20.30
CA GLY C 40 -48.74 10.78 20.58
C GLY C 40 -49.87 9.93 20.03
N LEU C 41 -51.11 10.36 20.26
CA LEU C 41 -52.26 9.62 19.75
C LEU C 41 -52.44 9.85 18.27
N LEU C 42 -52.03 11.03 17.80
CA LEU C 42 -52.14 11.38 16.39
C LEU C 42 -51.26 10.50 15.52
N GLU C 43 -50.04 10.26 15.96
CA GLU C 43 -49.09 9.49 15.18
C GLU C 43 -49.33 7.98 15.30
N LYS C 44 -50.04 7.58 16.34
CA LYS C 44 -50.39 6.18 16.53
C LYS C 44 -51.57 5.80 15.64
N GLU C 45 -52.14 6.80 14.99
CA GLU C 45 -53.31 6.64 14.14
C GLU C 45 -52.96 6.96 12.68
N LEU C 46 -52.50 8.19 12.47
CA LEU C 46 -52.39 8.78 11.14
C LEU C 46 -51.15 8.36 10.37
N TYR C 47 -50.36 7.46 10.94
CA TYR C 47 -49.14 6.98 10.30
C TYR C 47 -49.34 6.51 8.86
N SER C 48 -50.44 5.80 8.63
CA SER C 48 -50.76 5.27 7.30
C SER C 48 -50.97 6.36 6.27
N ALA C 49 -51.25 7.57 6.75
CA ALA C 49 -51.39 8.73 5.89
C ALA C 49 -50.05 9.40 5.68
N GLY C 50 -49.05 9.00 6.48
CA GLY C 50 -47.73 9.58 6.37
C GLY C 50 -47.62 11.03 6.81
N LEU C 51 -47.98 11.31 8.06
CA LEU C 51 -47.89 12.68 8.57
C LEU C 51 -46.44 13.12 8.70
N ALA C 52 -46.12 14.24 8.07
CA ALA C 52 -44.77 14.77 8.09
C ALA C 52 -44.55 15.73 9.25
N ARG C 53 -45.64 16.17 9.88
CA ARG C 53 -45.56 17.12 10.99
C ARG C 53 -46.92 17.41 11.60
N VAL C 54 -46.91 17.85 12.86
CA VAL C 54 -48.11 18.26 13.57
C VAL C 54 -47.82 19.57 14.28
N ASP C 55 -48.51 20.64 13.88
CA ASP C 55 -48.33 21.94 14.51
C ASP C 55 -49.45 22.18 15.51
N ILE C 56 -49.14 22.86 16.60
CA ILE C 56 -50.13 23.11 17.62
C ILE C 56 -50.08 24.56 18.07
N GLU C 57 -51.21 25.25 18.00
CA GLU C 57 -51.31 26.63 18.47
C GLU C 57 -52.39 26.73 19.53
N ARG C 58 -52.29 27.73 20.40
CA ARG C 58 -53.29 27.93 21.44
C ARG C 58 -53.52 29.41 21.69
N ALA C 59 -54.76 29.78 22.02
CA ALA C 59 -55.04 31.12 22.50
C ALA C 59 -55.71 31.03 23.88
N ALA C 60 -57.00 30.71 23.90
CA ALA C 60 -57.66 30.33 25.13
C ALA C 60 -58.57 29.13 24.89
N ASP C 61 -58.21 27.99 25.46
CA ASP C 61 -58.99 26.75 25.35
C ASP C 61 -59.36 26.42 23.89
N ASN C 62 -58.52 26.86 22.97
CA ASN C 62 -58.73 26.60 21.56
C ASN C 62 -57.39 26.25 20.93
N VAL C 63 -57.36 25.12 20.23
CA VAL C 63 -56.09 24.56 19.77
C VAL C 63 -56.13 24.28 18.28
N ALA C 64 -55.12 24.79 17.57
CA ALA C 64 -55.01 24.64 16.12
C ALA C 64 -54.98 23.17 15.67
N VAL C 65 -53.93 22.48 16.06
CA VAL C 65 -53.68 21.11 15.62
C VAL C 65 -53.75 21.06 14.10
N THR C 66 -52.78 21.67 13.45
CA THR C 66 -52.67 21.64 12.01
C THR C 66 -51.81 20.45 11.61
N VAL C 67 -52.41 19.46 10.95
CA VAL C 67 -51.73 18.23 10.62
C VAL C 67 -51.26 18.26 9.18
N HIS C 68 -49.96 18.16 8.96
CA HIS C 68 -49.42 18.13 7.61
C HIS C 68 -49.26 16.69 7.13
N VAL C 69 -50.00 16.32 6.10
CA VAL C 69 -50.03 14.95 5.60
C VAL C 69 -49.74 14.93 4.10
N ALA C 70 -49.12 13.87 3.61
CA ALA C 70 -48.88 13.70 2.19
C ALA C 70 -50.15 13.25 1.48
N LYS C 71 -50.97 12.48 2.17
CA LYS C 71 -52.19 11.92 1.59
C LYS C 71 -53.40 12.18 2.48
N PRO C 72 -53.97 13.39 2.39
CA PRO C 72 -55.09 13.82 3.23
C PRO C 72 -56.33 12.94 3.07
N GLY C 73 -56.41 12.23 1.96
CA GLY C 73 -57.53 11.34 1.70
C GLY C 73 -57.73 10.30 2.78
N VAL C 74 -56.65 9.96 3.48
CA VAL C 74 -56.73 8.95 4.53
C VAL C 74 -57.25 9.56 5.82
N VAL C 75 -56.80 10.77 6.15
CA VAL C 75 -57.20 11.41 7.40
C VAL C 75 -58.63 11.92 7.29
N ILE C 76 -59.09 12.17 6.06
CA ILE C 76 -60.45 12.65 5.89
C ILE C 76 -61.42 11.51 6.14
N GLY C 77 -61.19 10.38 5.48
CA GLY C 77 -62.09 9.24 5.58
C GLY C 77 -63.13 9.23 4.48
N ARG C 78 -64.19 8.45 4.64
CA ARG C 78 -65.26 8.45 3.67
C ARG C 78 -66.30 9.50 4.06
N GLY C 79 -66.44 10.53 3.23
CA GLY C 79 -67.36 11.62 3.50
C GLY C 79 -67.01 12.47 4.70
N GLY C 80 -65.85 12.22 5.30
CA GLY C 80 -65.40 13.00 6.44
C GLY C 80 -65.78 12.50 7.82
N GLU C 81 -66.00 11.20 7.95
CA GLU C 81 -66.34 10.61 9.25
C GLU C 81 -65.09 10.40 10.12
N ARG C 82 -63.96 10.12 9.46
CA ARG C 82 -62.71 9.89 10.16
C ARG C 82 -62.32 11.10 10.99
N ILE C 83 -62.39 12.29 10.39
CA ILE C 83 -62.02 13.52 11.07
C ILE C 83 -62.96 13.79 12.24
N ARG C 84 -64.20 13.32 12.13
CA ARG C 84 -65.17 13.45 13.21
C ARG C 84 -64.77 12.58 14.39
N VAL C 85 -64.49 11.30 14.12
CA VAL C 85 -64.06 10.38 15.17
C VAL C 85 -62.80 10.91 15.85
N LEU C 86 -61.89 11.44 15.03
CA LEU C 86 -60.62 11.94 15.55
C LEU C 86 -60.80 13.17 16.41
N ARG C 87 -61.68 14.08 16.00
CA ARG C 87 -61.99 15.24 16.82
C ARG C 87 -62.67 14.80 18.11
N GLU C 88 -63.38 13.69 18.04
CA GLU C 88 -64.07 13.14 19.20
C GLU C 88 -63.06 12.60 20.22
N GLU C 89 -62.06 11.85 19.74
CA GLU C 89 -61.00 11.35 20.62
C GLU C 89 -60.17 12.51 21.15
N LEU C 90 -60.04 13.55 20.33
CA LEU C 90 -59.33 14.76 20.70
C LEU C 90 -60.01 15.44 21.88
N ALA C 91 -61.34 15.55 21.81
CA ALA C 91 -62.10 16.19 22.88
C ALA C 91 -62.22 15.27 24.10
N LYS C 92 -62.13 13.96 23.87
CA LYS C 92 -62.17 13.00 24.96
C LYS C 92 -60.88 13.04 25.79
N LEU C 93 -59.76 13.17 25.10
CA LEU C 93 -58.47 13.23 25.77
C LEU C 93 -58.30 14.57 26.46
N THR C 94 -58.26 15.63 25.66
CA THR C 94 -58.22 16.98 26.20
C THR C 94 -59.60 17.61 26.08
N GLY C 95 -60.17 18.04 27.20
CA GLY C 95 -61.52 18.55 27.21
C GLY C 95 -61.70 19.92 26.58
N LYS C 96 -60.65 20.42 25.95
CA LYS C 96 -60.62 21.78 25.42
C LYS C 96 -61.60 22.00 24.26
N ASN C 97 -62.05 20.90 23.65
CA ASN C 97 -63.02 20.95 22.56
C ASN C 97 -62.58 21.90 21.45
N VAL C 98 -61.56 21.51 20.71
CA VAL C 98 -60.94 22.39 19.74
C VAL C 98 -61.06 21.88 18.33
N ALA C 99 -60.57 22.67 17.39
CA ALA C 99 -60.68 22.34 15.97
C ALA C 99 -59.49 21.52 15.51
N LEU C 100 -59.52 21.17 14.23
CA LEU C 100 -58.46 20.39 13.59
C LEU C 100 -58.38 20.79 12.12
N ASN C 101 -57.18 20.82 11.57
CA ASN C 101 -57.01 21.16 10.16
C ASN C 101 -56.05 20.20 9.47
N VAL C 102 -56.21 20.07 8.16
CA VAL C 102 -55.37 19.18 7.37
C VAL C 102 -54.71 19.95 6.23
N GLN C 103 -53.40 19.85 6.12
CA GLN C 103 -52.64 20.48 5.04
C GLN C 103 -51.91 19.43 4.21
N GLU C 104 -52.18 19.42 2.92
CA GLU C 104 -51.53 18.47 2.02
C GLU C 104 -50.08 18.86 1.82
N VAL C 105 -49.22 17.86 1.66
CA VAL C 105 -47.80 18.11 1.41
C VAL C 105 -47.48 17.77 -0.04
N GLN C 106 -47.00 18.77 -0.78
CA GLN C 106 -46.65 18.58 -2.18
C GLN C 106 -45.29 17.92 -2.30
N ASN C 107 -45.21 16.88 -3.12
CA ASN C 107 -43.98 16.12 -3.30
C ASN C 107 -43.42 15.64 -1.96
N PRO C 108 -44.03 14.59 -1.39
CA PRO C 108 -43.65 14.02 -0.10
C PRO C 108 -42.16 13.67 -0.03
N ASN C 109 -41.54 13.52 -1.19
CA ASN C 109 -40.11 13.24 -1.27
C ASN C 109 -39.24 14.46 -0.97
N LEU C 110 -39.85 15.63 -0.82
CA LEU C 110 -39.11 16.81 -0.38
C LEU C 110 -39.23 17.09 1.12
N SER C 111 -40.00 16.26 1.82
CA SER C 111 -40.09 16.38 3.27
C SER C 111 -39.38 15.22 3.92
N ALA C 112 -38.35 15.52 4.68
CA ALA C 112 -37.45 14.53 5.26
C ALA C 112 -38.14 13.37 6.01
N PRO C 113 -39.09 13.66 6.92
CA PRO C 113 -39.63 12.54 7.70
C PRO C 113 -40.29 11.46 6.84
N LEU C 114 -40.88 11.88 5.73
CA LEU C 114 -41.52 10.94 4.84
C LEU C 114 -40.50 10.10 4.10
N VAL C 115 -39.40 10.74 3.70
CA VAL C 115 -38.31 10.05 3.03
C VAL C 115 -37.77 8.98 3.95
N ALA C 116 -37.41 9.40 5.16
CA ALA C 116 -36.90 8.50 6.17
C ALA C 116 -37.87 7.35 6.42
N GLN C 117 -39.16 7.67 6.49
CA GLN C 117 -40.17 6.64 6.74
C GLN C 117 -40.26 5.66 5.58
N ARG C 118 -40.02 6.15 4.38
CA ARG C 118 -40.04 5.29 3.19
C ARG C 118 -38.87 4.31 3.26
N VAL C 119 -37.68 4.84 3.49
CA VAL C 119 -36.49 4.01 3.63
C VAL C 119 -36.70 2.99 4.73
N ALA C 120 -37.35 3.42 5.80
CA ALA C 120 -37.62 2.56 6.94
C ALA C 120 -38.54 1.40 6.57
N GLU C 121 -39.61 1.71 5.85
CA GLU C 121 -40.54 0.69 5.37
C GLU C 121 -39.82 -0.33 4.52
N GLN C 122 -39.07 0.17 3.53
CA GLN C 122 -38.30 -0.70 2.65
C GLN C 122 -37.42 -1.64 3.45
N ILE C 123 -36.67 -1.08 4.39
CA ILE C 123 -35.77 -1.88 5.23
C ILE C 123 -36.56 -2.91 6.04
N GLU C 124 -37.77 -2.55 6.46
CA GLU C 124 -38.62 -3.48 7.18
C GLU C 124 -39.11 -4.62 6.29
N ARG C 125 -39.14 -4.38 4.98
CA ARG C 125 -39.63 -5.40 4.06
C ARG C 125 -38.48 -6.32 3.59
N ARG C 126 -37.30 -6.11 4.18
CA ARG C 126 -36.07 -6.79 3.78
C ARG C 126 -35.64 -6.40 2.38
N PHE C 127 -35.72 -5.11 2.08
CA PHE C 127 -35.22 -4.55 0.82
C PHE C 127 -33.70 -4.59 0.85
N ALA C 128 -33.06 -4.17 -0.23
CA ALA C 128 -31.62 -4.00 -0.19
C ALA C 128 -31.35 -2.61 0.36
N VAL C 129 -30.71 -2.54 1.52
CA VAL C 129 -30.58 -1.29 2.23
C VAL C 129 -29.79 -0.28 1.43
N ARG C 130 -28.65 -0.69 0.91
CA ARG C 130 -27.80 0.19 0.12
C ARG C 130 -28.57 0.76 -1.07
N ARG C 131 -29.27 -0.11 -1.79
CA ARG C 131 -30.05 0.31 -2.94
C ARG C 131 -31.23 1.18 -2.51
N ALA C 132 -31.78 0.89 -1.33
CA ALA C 132 -32.88 1.69 -0.80
C ALA C 132 -32.44 3.12 -0.56
N ILE C 133 -31.26 3.25 0.05
CA ILE C 133 -30.67 4.54 0.31
C ILE C 133 -30.43 5.26 -1.00
N LYS C 134 -29.67 4.63 -1.88
CA LYS C 134 -29.30 5.23 -3.16
C LYS C 134 -30.55 5.74 -3.89
N GLN C 135 -31.54 4.86 -4.00
CA GLN C 135 -32.78 5.18 -4.70
C GLN C 135 -33.51 6.34 -4.05
N ALA C 136 -33.69 6.28 -2.73
CA ALA C 136 -34.38 7.35 -2.02
C ALA C 136 -33.71 8.69 -2.25
N VAL C 137 -32.39 8.69 -2.15
CA VAL C 137 -31.61 9.88 -2.41
C VAL C 137 -31.93 10.39 -3.79
N GLN C 138 -31.87 9.51 -4.77
CA GLN C 138 -32.09 9.89 -6.15
C GLN C 138 -33.48 10.47 -6.35
N ARG C 139 -34.46 9.90 -5.67
CA ARG C 139 -35.84 10.36 -5.78
C ARG C 139 -35.97 11.77 -5.24
N VAL C 140 -35.32 12.02 -4.11
CA VAL C 140 -35.35 13.33 -3.51
C VAL C 140 -34.67 14.33 -4.43
N MET C 141 -33.48 13.98 -4.91
CA MET C 141 -32.69 14.88 -5.74
C MET C 141 -33.35 15.21 -7.08
N GLU C 142 -34.05 14.23 -7.64
CA GLU C 142 -34.58 14.36 -9.00
C GLU C 142 -35.66 15.43 -9.08
N SER C 143 -36.31 15.70 -7.96
CA SER C 143 -37.29 16.78 -7.90
C SER C 143 -36.83 17.87 -6.95
N GLY C 144 -36.42 19.02 -7.51
CA GLY C 144 -35.87 20.10 -6.70
C GLY C 144 -34.66 19.70 -5.89
N ALA C 145 -34.69 20.02 -4.59
CA ALA C 145 -33.75 19.46 -3.63
C ALA C 145 -32.28 19.69 -3.97
N LYS C 146 -31.80 20.92 -3.74
CA LYS C 146 -30.41 21.26 -4.03
C LYS C 146 -29.39 20.42 -3.24
N GLY C 147 -29.86 19.65 -2.26
CA GLY C 147 -29.01 18.68 -1.59
C GLY C 147 -29.76 17.57 -0.88
N ALA C 148 -29.12 16.41 -0.71
CA ALA C 148 -29.77 15.30 -0.01
C ALA C 148 -28.78 14.32 0.62
N LYS C 149 -29.18 13.75 1.75
CA LYS C 149 -28.37 12.76 2.46
C LYS C 149 -29.28 11.77 3.18
N VAL C 150 -28.88 10.51 3.23
CA VAL C 150 -29.62 9.51 3.99
C VAL C 150 -28.66 8.64 4.76
N ILE C 151 -28.95 8.37 6.02
CA ILE C 151 -28.05 7.55 6.83
C ILE C 151 -28.76 6.37 7.45
N VAL C 152 -28.25 5.17 7.22
CA VAL C 152 -28.80 3.99 7.86
C VAL C 152 -27.78 3.42 8.83
N SER C 153 -28.23 3.15 10.05
CA SER C 153 -27.36 2.69 11.12
C SER C 153 -27.13 1.18 11.09
N GLY C 154 -26.56 0.63 12.16
CA GLY C 154 -26.08 -0.74 12.19
C GLY C 154 -27.04 -1.89 11.96
N ARG C 155 -26.46 -3.08 11.79
CA ARG C 155 -27.18 -4.32 11.43
C ARG C 155 -27.79 -4.23 10.05
N ILE C 156 -27.13 -3.50 9.16
CA ILE C 156 -27.55 -3.41 7.77
C ILE C 156 -27.59 -4.81 7.18
N GLY C 157 -28.72 -5.18 6.59
CA GLY C 157 -28.88 -6.50 6.03
C GLY C 157 -28.96 -7.57 7.10
N GLY C 158 -29.23 -7.15 8.33
CA GLY C 158 -29.36 -8.08 9.43
C GLY C 158 -28.05 -8.73 9.84
N ALA C 159 -26.94 -8.10 9.44
CA ALA C 159 -25.62 -8.62 9.75
C ALA C 159 -25.37 -8.60 11.25
N GLU C 160 -24.42 -9.41 11.70
CA GLU C 160 -24.11 -9.50 13.13
C GLU C 160 -23.28 -8.29 13.58
N GLN C 161 -22.63 -7.64 12.63
CA GLN C 161 -21.79 -6.48 12.91
C GLN C 161 -22.41 -5.19 12.40
N ALA C 162 -22.70 -4.27 13.30
CA ALA C 162 -23.30 -3.00 12.95
C ALA C 162 -22.45 -2.19 11.99
N ARG C 163 -23.10 -1.54 11.02
CA ARG C 163 -22.42 -0.74 10.01
C ARG C 163 -23.15 0.57 9.78
N THR C 164 -22.52 1.48 9.06
CA THR C 164 -23.20 2.71 8.68
C THR C 164 -23.10 2.96 7.18
N GLU C 165 -24.23 2.89 6.48
CA GLU C 165 -24.23 3.07 5.04
C GLU C 165 -24.63 4.49 4.69
N TRP C 166 -23.91 5.06 3.73
CA TRP C 166 -23.85 6.51 3.62
C TRP C 166 -24.65 7.09 2.46
N ALA C 167 -24.10 7.02 1.25
CA ALA C 167 -24.81 7.44 0.04
C ALA C 167 -25.55 8.79 0.13
N ALA C 168 -24.81 9.90 0.06
CA ALA C 168 -25.43 11.21 -0.05
C ALA C 168 -24.93 11.96 -1.28
N GLN C 169 -25.69 12.95 -1.76
CA GLN C 169 -25.21 13.81 -2.85
C GLN C 169 -25.87 15.19 -2.83
N GLY C 170 -25.45 16.05 -3.76
CA GLY C 170 -25.85 17.46 -3.70
C GLY C 170 -25.05 18.19 -2.64
N ARG C 171 -25.68 19.11 -1.92
CA ARG C 171 -25.02 19.82 -0.83
C ARG C 171 -25.80 19.71 0.47
N VAL C 172 -25.15 19.31 1.55
CA VAL C 172 -25.80 19.28 2.86
C VAL C 172 -24.95 20.04 3.86
N PRO C 173 -24.95 21.37 3.78
CA PRO C 173 -24.10 22.21 4.65
C PRO C 173 -24.67 22.39 6.05
N LEU C 174 -24.46 21.42 6.93
CA LEU C 174 -25.01 21.49 8.28
C LEU C 174 -24.52 22.71 9.04
N HIS C 175 -23.25 23.07 8.86
CA HIS C 175 -22.64 24.16 9.62
C HIS C 175 -23.11 25.53 9.17
N THR C 176 -23.86 25.58 8.08
CA THR C 176 -24.45 26.84 7.63
C THR C 176 -25.81 27.03 8.28
N LEU C 177 -25.99 28.16 8.96
CA LEU C 177 -27.21 28.42 9.71
C LEU C 177 -28.42 28.57 8.81
N ARG C 178 -28.24 29.27 7.70
CA ARG C 178 -29.37 29.65 6.86
C ARG C 178 -29.81 28.54 5.92
N ALA C 179 -29.14 27.39 5.99
CA ALA C 179 -29.34 26.31 5.03
C ALA C 179 -30.79 25.90 4.79
N ASN C 180 -31.63 25.96 5.82
CA ASN C 180 -33.00 25.47 5.76
C ASN C 180 -32.99 24.01 5.33
N ILE C 181 -32.51 23.17 6.22
CA ILE C 181 -32.43 21.74 5.97
C ILE C 181 -33.54 21.02 6.69
N ASP C 182 -34.40 20.31 5.97
CA ASP C 182 -35.36 19.47 6.65
C ASP C 182 -34.62 18.23 7.12
N TYR C 183 -34.83 17.87 8.38
CA TYR C 183 -34.23 16.69 8.97
C TYR C 183 -35.35 15.79 9.42
N GLY C 184 -35.14 14.49 9.34
CA GLY C 184 -36.16 13.57 9.81
C GLY C 184 -35.57 12.26 10.26
N PHE C 185 -36.27 11.58 11.15
CA PHE C 185 -35.75 10.35 11.72
C PHE C 185 -36.84 9.30 11.84
N ALA C 186 -36.56 8.12 11.31
CA ALA C 186 -37.49 7.01 11.37
C ALA C 186 -36.79 5.78 11.91
N LEU C 187 -37.53 4.96 12.65
CA LEU C 187 -36.97 3.70 13.09
C LEU C 187 -37.26 2.61 12.08
N ALA C 188 -36.67 1.44 12.31
CA ALA C 188 -37.10 0.23 11.63
C ALA C 188 -37.07 -0.89 12.66
N ARG C 189 -38.24 -1.46 12.95
CA ARG C 189 -38.30 -2.58 13.87
C ARG C 189 -38.27 -3.87 13.06
N THR C 190 -37.17 -4.60 13.17
CA THR C 190 -36.99 -5.84 12.43
C THR C 190 -36.88 -7.00 13.39
N THR C 191 -36.74 -8.20 12.85
CA THR C 191 -36.65 -9.38 13.68
C THR C 191 -35.31 -9.43 14.40
N TYR C 192 -34.29 -8.92 13.74
CA TYR C 192 -32.94 -9.00 14.27
C TYR C 192 -32.58 -7.82 15.17
N GLY C 193 -33.40 -6.79 15.17
CA GLY C 193 -33.11 -5.62 15.97
C GLY C 193 -33.72 -4.33 15.47
N VAL C 194 -33.09 -3.21 15.83
CA VAL C 194 -33.58 -1.90 15.42
C VAL C 194 -32.62 -1.26 14.43
N LEU C 195 -33.17 -0.52 13.48
CA LEU C 195 -32.36 0.21 12.51
C LEU C 195 -32.69 1.70 12.57
N GLY C 196 -31.67 2.54 12.71
CA GLY C 196 -31.91 3.96 12.66
C GLY C 196 -31.94 4.46 11.24
N VAL C 197 -32.80 5.44 10.96
CA VAL C 197 -32.83 6.05 9.64
C VAL C 197 -32.88 7.56 9.75
N LYS C 198 -31.87 8.22 9.21
CA LYS C 198 -31.82 9.67 9.21
C LYS C 198 -31.95 10.21 7.79
N ALA C 199 -32.63 11.34 7.67
CA ALA C 199 -32.86 11.96 6.37
C ALA C 199 -32.59 13.45 6.39
N TYR C 200 -31.63 13.89 5.57
CA TYR C 200 -31.32 15.31 5.39
C TYR C 200 -31.72 15.77 4.01
N ILE C 201 -32.46 16.87 3.93
CA ILE C 201 -32.79 17.46 2.64
C ILE C 201 -32.51 18.95 2.66
N PHE C 202 -31.74 19.41 1.68
CA PHE C 202 -31.33 20.81 1.62
C PHE C 202 -32.01 21.52 0.46
N LEU C 203 -32.75 22.57 0.80
CA LEU C 203 -33.49 23.36 -0.18
C LEU C 203 -33.35 24.85 0.13
N GLY C 204 -33.00 25.64 -0.88
CA GLY C 204 -32.94 27.08 -0.74
C GLY C 204 -31.78 27.55 0.11
N GLU C 205 -31.52 28.85 0.10
CA GLU C 205 -30.42 29.40 0.90
C GLU C 205 -30.87 30.47 1.89
N VAL C 206 -31.16 31.68 1.43
CA VAL C 206 -31.53 32.73 2.38
C VAL C 206 -32.92 32.41 2.94
N ILE C 207 -32.99 32.25 4.26
N GLY D 1 -32.57 -47.61 -12.33
CA GLY D 1 -33.08 -46.49 -11.56
C GLY D 1 -34.08 -45.65 -12.32
N ARG D 2 -33.60 -44.94 -13.34
CA ARG D 2 -34.42 -44.05 -14.18
C ARG D 2 -35.41 -43.21 -13.37
N TYR D 3 -34.88 -42.49 -12.39
CA TYR D 3 -35.70 -41.71 -11.45
C TYR D 3 -36.71 -42.58 -10.70
N ILE D 4 -38.00 -42.44 -11.05
CA ILE D 4 -39.14 -42.87 -10.24
C ILE D 4 -39.25 -42.03 -8.97
N GLY D 5 -39.67 -40.79 -9.16
CA GLY D 5 -39.97 -39.88 -8.07
C GLY D 5 -40.92 -38.81 -8.59
N PRO D 6 -41.19 -37.79 -7.77
CA PRO D 6 -42.01 -36.64 -8.19
C PRO D 6 -41.48 -36.02 -9.49
N VAL D 7 -42.38 -35.67 -10.41
CA VAL D 7 -41.95 -35.14 -11.71
C VAL D 7 -42.10 -33.63 -11.79
N CYS D 8 -43.31 -33.10 -11.63
CA CYS D 8 -43.55 -31.66 -11.83
C CYS D 8 -42.68 -30.79 -10.88
N ARG D 9 -42.05 -31.42 -9.89
CA ARG D 9 -41.03 -30.74 -9.11
C ARG D 9 -39.81 -30.40 -9.97
N LEU D 10 -39.59 -31.18 -11.03
CA LEU D 10 -38.51 -30.90 -11.98
C LEU D 10 -38.95 -29.79 -12.93
N CYS D 11 -40.24 -29.83 -13.31
CA CYS D 11 -40.88 -28.74 -14.04
C CYS D 11 -40.48 -27.46 -13.30
N ARG D 12 -40.62 -27.50 -11.98
CA ARG D 12 -40.35 -26.35 -11.13
C ARG D 12 -38.87 -25.96 -11.03
N ARG D 13 -38.01 -26.92 -10.70
CA ARG D 13 -36.60 -26.61 -10.48
C ARG D 13 -35.93 -26.08 -11.74
N GLU D 14 -36.24 -26.68 -12.89
CA GLU D 14 -35.56 -26.27 -14.11
C GLU D 14 -36.01 -24.90 -14.58
N GLY D 15 -37.14 -24.44 -14.07
CA GLY D 15 -37.60 -23.08 -14.34
C GLY D 15 -38.43 -22.93 -15.60
N VAL D 16 -38.50 -24.01 -16.38
CA VAL D 16 -39.30 -24.03 -17.60
C VAL D 16 -40.32 -25.14 -17.50
N LYS D 17 -41.50 -24.92 -18.06
CA LYS D 17 -42.52 -25.95 -18.09
C LYS D 17 -42.01 -27.17 -18.85
N LEU D 18 -42.05 -28.33 -18.20
CA LEU D 18 -41.72 -29.58 -18.85
C LEU D 18 -42.98 -30.43 -18.91
N TYR D 19 -43.05 -31.31 -19.89
CA TYR D 19 -44.09 -32.30 -19.84
C TYR D 19 -43.43 -33.65 -19.67
N LEU D 20 -43.40 -34.14 -18.43
CA LEU D 20 -43.03 -35.53 -18.18
C LEU D 20 -44.29 -36.31 -17.88
N LYS D 21 -45.39 -35.60 -17.73
CA LYS D 21 -46.65 -36.21 -17.31
C LYS D 21 -47.61 -36.45 -18.47
N GLY D 22 -47.21 -36.11 -19.68
CA GLY D 22 -48.15 -36.15 -20.77
C GLY D 22 -49.21 -35.10 -20.56
N GLU D 23 -50.47 -35.53 -20.43
CA GLU D 23 -51.57 -34.60 -20.18
C GLU D 23 -51.42 -34.03 -18.77
N ARG D 24 -52.34 -33.15 -18.39
CA ARG D 24 -52.32 -32.42 -17.11
C ARG D 24 -51.17 -31.42 -17.00
N CYS D 25 -50.14 -31.59 -17.82
CA CYS D 25 -49.08 -30.60 -17.93
C CYS D 25 -49.58 -29.59 -18.97
N TYR D 26 -50.62 -29.99 -19.71
CA TYR D 26 -51.37 -29.08 -20.57
C TYR D 26 -52.57 -28.48 -19.85
N SER D 27 -52.95 -29.07 -18.72
CA SER D 27 -54.06 -28.57 -17.92
C SER D 27 -53.52 -27.59 -16.89
N PRO D 28 -54.37 -26.69 -16.38
CA PRO D 28 -53.79 -25.81 -15.37
C PRO D 28 -53.75 -26.45 -13.99
N LYS D 29 -53.34 -27.71 -13.93
CA LYS D 29 -52.96 -28.33 -12.68
C LYS D 29 -51.44 -28.53 -12.52
N CYS D 30 -50.66 -28.17 -13.55
CA CYS D 30 -49.26 -28.62 -13.68
C CYS D 30 -48.38 -28.24 -12.49
N ALA D 31 -48.87 -27.28 -11.72
CA ALA D 31 -48.19 -26.69 -10.56
C ALA D 31 -47.01 -25.84 -11.00
N MET D 32 -46.61 -25.99 -12.26
CA MET D 32 -45.68 -25.08 -12.87
C MET D 32 -46.50 -23.89 -13.32
N GLU D 33 -47.79 -24.12 -13.44
CA GLU D 33 -48.74 -23.07 -13.77
C GLU D 33 -49.00 -22.22 -12.54
N ARG D 34 -49.28 -22.88 -11.41
CA ARG D 34 -49.63 -22.16 -10.19
C ARG D 34 -48.47 -21.90 -9.22
N ARG D 35 -47.33 -22.53 -9.45
CA ARG D 35 -46.15 -22.30 -8.60
C ARG D 35 -44.84 -22.36 -9.39
N PRO D 36 -44.55 -21.33 -10.18
CA PRO D 36 -43.40 -21.37 -11.09
C PRO D 36 -42.05 -21.46 -10.38
N TYR D 37 -42.02 -21.16 -9.08
CA TYR D 37 -40.75 -21.13 -8.34
C TYR D 37 -40.24 -22.53 -7.96
N PRO D 38 -38.92 -22.68 -7.80
CA PRO D 38 -38.27 -23.94 -7.42
C PRO D 38 -38.83 -24.56 -6.14
N PRO D 39 -38.74 -25.90 -6.01
CA PRO D 39 -39.27 -26.60 -4.85
C PRO D 39 -38.45 -26.34 -3.61
N GLY D 40 -38.99 -26.64 -2.44
CA GLY D 40 -38.24 -26.54 -1.20
C GLY D 40 -38.55 -25.34 -0.34
N GLN D 41 -38.07 -25.39 0.90
CA GLN D 41 -38.31 -24.33 1.89
C GLN D 41 -37.84 -22.98 1.39
N HIS D 42 -36.71 -22.96 0.70
CA HIS D 42 -36.09 -21.71 0.27
C HIS D 42 -36.47 -21.35 -1.16
N GLY D 43 -37.36 -22.13 -1.75
CA GLY D 43 -37.77 -21.91 -3.13
C GLY D 43 -38.22 -20.51 -3.48
N GLN D 44 -38.99 -19.87 -2.60
CA GLN D 44 -39.55 -18.58 -2.91
C GLN D 44 -38.56 -17.45 -2.72
N LYS D 45 -37.47 -17.72 -2.03
CA LYS D 45 -36.47 -16.69 -1.72
C LYS D 45 -35.72 -16.22 -2.97
N ARG D 46 -35.13 -15.03 -2.88
CA ARG D 46 -34.44 -14.43 -4.02
C ARG D 46 -33.22 -15.26 -4.42
N ALA D 47 -33.16 -15.64 -5.70
CA ALA D 47 -32.05 -16.44 -6.19
C ALA D 47 -30.83 -15.57 -6.50
N ARG D 48 -29.67 -16.01 -6.04
CA ARG D 48 -28.42 -15.31 -6.32
C ARG D 48 -27.92 -15.65 -7.72
N ARG D 49 -27.13 -14.75 -8.30
CA ARG D 49 -26.61 -14.94 -9.65
C ARG D 49 -25.77 -16.21 -9.72
N PRO D 50 -26.21 -17.18 -10.53
CA PRO D 50 -25.58 -18.48 -10.66
C PRO D 50 -24.26 -18.44 -11.44
N SER D 51 -23.33 -19.30 -11.05
CA SER D 51 -22.04 -19.41 -11.73
C SER D 51 -22.23 -20.04 -13.09
N ASP D 52 -21.26 -19.87 -13.98
CA ASP D 52 -21.31 -20.49 -15.30
C ASP D 52 -21.53 -21.99 -15.19
N TYR D 53 -20.84 -22.60 -14.24
CA TYR D 53 -21.00 -24.02 -13.99
C TYR D 53 -22.46 -24.33 -13.74
N ALA D 54 -23.08 -23.57 -12.84
CA ALA D 54 -24.47 -23.77 -12.50
C ALA D 54 -25.33 -23.80 -13.76
N VAL D 55 -25.14 -22.79 -14.60
CA VAL D 55 -25.94 -22.65 -15.81
C VAL D 55 -25.81 -23.87 -16.70
N ARG D 56 -24.58 -24.31 -16.93
CA ARG D 56 -24.36 -25.46 -17.79
C ARG D 56 -24.96 -26.73 -17.20
N LEU D 57 -24.64 -26.98 -15.93
CA LEU D 57 -25.17 -28.12 -15.19
C LEU D 57 -26.68 -28.18 -15.32
N ARG D 58 -27.32 -27.07 -15.02
CA ARG D 58 -28.78 -27.00 -15.03
C ARG D 58 -29.32 -27.27 -16.43
N GLU D 59 -28.70 -26.69 -17.45
CA GLU D 59 -29.19 -26.87 -18.81
C GLU D 59 -29.12 -28.34 -19.22
N LYS D 60 -27.98 -28.96 -18.95
CA LYS D 60 -27.82 -30.38 -19.24
C LYS D 60 -28.81 -31.22 -18.45
N GLN D 61 -29.11 -30.83 -17.22
CA GLN D 61 -30.06 -31.57 -16.42
C GLN D 61 -31.47 -31.42 -16.97
N LYS D 62 -31.74 -30.29 -17.62
CA LYS D 62 -33.02 -30.09 -18.28
C LYS D 62 -33.12 -31.05 -19.44
N LEU D 63 -32.10 -31.03 -20.29
CA LEU D 63 -32.07 -31.88 -21.47
C LEU D 63 -32.10 -33.36 -21.11
N ARG D 64 -31.55 -33.71 -19.96
CA ARG D 64 -31.51 -35.10 -19.54
C ARG D 64 -32.85 -35.52 -18.94
N ARG D 65 -33.39 -34.67 -18.06
CA ARG D 65 -34.61 -35.02 -17.35
C ARG D 65 -35.79 -35.03 -18.30
N ILE D 66 -35.66 -34.33 -19.43
CA ILE D 66 -36.70 -34.39 -20.45
C ILE D 66 -36.92 -35.82 -20.91
N TYR D 67 -35.85 -36.49 -21.29
CA TYR D 67 -35.94 -37.82 -21.87
C TYR D 67 -35.97 -38.91 -20.81
N GLY D 68 -35.87 -38.51 -19.55
CA GLY D 68 -35.88 -39.45 -18.45
C GLY D 68 -34.83 -40.54 -18.58
N ILE D 69 -33.60 -40.13 -18.84
CA ILE D 69 -32.52 -41.07 -19.09
C ILE D 69 -31.48 -40.98 -17.98
N SER D 70 -30.91 -42.11 -17.60
CA SER D 70 -29.91 -42.13 -16.55
C SER D 70 -28.64 -41.45 -17.03
N GLU D 71 -27.93 -40.81 -16.10
CA GLU D 71 -26.70 -40.10 -16.42
C GLU D 71 -25.70 -41.00 -17.14
N ARG D 72 -25.66 -42.27 -16.77
CA ARG D 72 -24.75 -43.22 -17.39
C ARG D 72 -25.02 -43.29 -18.89
N GLN D 73 -26.25 -43.62 -19.25
CA GLN D 73 -26.63 -43.71 -20.65
C GLN D 73 -26.45 -42.39 -21.37
N PHE D 74 -26.77 -41.30 -20.67
CA PHE D 74 -26.69 -39.97 -21.26
C PHE D 74 -25.25 -39.66 -21.66
N ARG D 75 -24.34 -39.79 -20.70
CA ARG D 75 -22.92 -39.58 -20.93
C ARG D 75 -22.43 -40.46 -22.07
N ASN D 76 -22.77 -41.75 -22.01
CA ASN D 76 -22.36 -42.68 -23.05
C ASN D 76 -22.80 -42.20 -24.43
N LEU D 77 -24.06 -41.83 -24.55
CA LEU D 77 -24.61 -41.31 -25.79
C LEU D 77 -23.86 -40.08 -26.27
N PHE D 78 -23.56 -39.19 -25.33
CA PHE D 78 -22.88 -37.95 -25.69
C PHE D 78 -21.49 -38.22 -26.23
N GLU D 79 -20.78 -39.15 -25.60
CA GLU D 79 -19.43 -39.47 -26.04
C GLU D 79 -19.47 -40.18 -27.38
N GLU D 80 -20.53 -40.95 -27.59
CA GLU D 80 -20.74 -41.59 -28.88
C GLU D 80 -20.92 -40.54 -29.96
N ALA D 81 -21.69 -39.51 -29.64
CA ALA D 81 -21.92 -38.42 -30.58
C ALA D 81 -20.63 -37.65 -30.84
N SER D 82 -19.85 -37.42 -29.79
CA SER D 82 -18.60 -36.69 -29.91
C SER D 82 -17.62 -37.43 -30.80
N LYS D 83 -17.57 -38.75 -30.68
CA LYS D 83 -16.70 -39.56 -31.52
C LYS D 83 -17.06 -39.42 -33.00
N LYS D 84 -18.35 -39.37 -33.29
CA LYS D 84 -18.84 -39.35 -34.68
C LYS D 84 -18.50 -38.07 -35.41
N LYS D 85 -18.49 -38.14 -36.74
CA LYS D 85 -18.33 -36.96 -37.57
C LYS D 85 -19.65 -36.21 -37.66
N GLY D 86 -19.57 -34.90 -37.88
CA GLY D 86 -20.75 -34.06 -37.88
C GLY D 86 -20.84 -33.23 -36.61
N VAL D 87 -21.71 -32.24 -36.62
CA VAL D 87 -21.85 -31.36 -35.48
C VAL D 87 -22.33 -32.13 -34.26
N THR D 88 -21.60 -32.03 -33.16
CA THR D 88 -21.86 -32.82 -31.97
C THR D 88 -23.26 -32.62 -31.39
N GLY D 89 -23.68 -31.37 -31.20
CA GLY D 89 -24.96 -31.10 -30.58
C GLY D 89 -26.15 -31.71 -31.29
N SER D 90 -26.28 -31.39 -32.57
CA SER D 90 -27.39 -31.86 -33.37
C SER D 90 -27.43 -33.39 -33.40
N VAL D 91 -26.26 -34.00 -33.55
CA VAL D 91 -26.17 -35.45 -33.60
C VAL D 91 -26.60 -36.03 -32.27
N PHE D 92 -26.22 -35.37 -31.18
CA PHE D 92 -26.63 -35.80 -29.85
C PHE D 92 -28.14 -35.83 -29.76
N LEU D 93 -28.78 -34.74 -30.16
CA LEU D 93 -30.24 -34.67 -30.11
C LEU D 93 -30.88 -35.71 -31.00
N GLY D 94 -30.24 -35.97 -32.14
CA GLY D 94 -30.72 -37.00 -33.05
C GLY D 94 -30.68 -38.36 -32.42
N LEU D 95 -29.60 -38.64 -31.71
CA LEU D 95 -29.41 -39.92 -31.06
C LEU D 95 -30.39 -40.10 -29.92
N LEU D 96 -30.67 -39.03 -29.19
CA LEU D 96 -31.70 -39.09 -28.17
C LEU D 96 -33.06 -39.39 -28.76
N GLU D 97 -33.36 -38.72 -29.87
CA GLU D 97 -34.70 -38.81 -30.47
C GLU D 97 -34.92 -40.14 -31.18
N SER D 98 -33.87 -40.95 -31.27
CA SER D 98 -33.96 -42.24 -31.93
C SER D 98 -34.36 -43.36 -30.96
N ARG D 99 -34.34 -43.06 -29.66
CA ARG D 99 -34.72 -44.05 -28.65
C ARG D 99 -36.13 -44.55 -28.88
N LEU D 100 -36.33 -45.86 -28.79
CA LEU D 100 -37.63 -46.45 -29.08
C LEU D 100 -38.71 -45.90 -28.19
N ASP D 101 -38.38 -45.61 -26.94
CA ASP D 101 -39.38 -45.07 -26.04
C ASP D 101 -39.81 -43.69 -26.53
N ASN D 102 -38.84 -42.80 -26.76
CA ASN D 102 -39.15 -41.45 -27.22
C ASN D 102 -39.86 -41.46 -28.56
N VAL D 103 -39.55 -42.44 -29.41
CA VAL D 103 -40.22 -42.54 -30.70
C VAL D 103 -41.67 -42.91 -30.48
N VAL D 104 -41.88 -43.90 -29.63
CA VAL D 104 -43.23 -44.33 -29.26
C VAL D 104 -44.04 -43.13 -28.77
N TYR D 105 -43.40 -42.28 -27.99
CA TYR D 105 -44.05 -41.05 -27.52
C TYR D 105 -44.36 -40.12 -28.69
N ARG D 106 -43.36 -39.92 -29.54
CA ARG D 106 -43.47 -38.99 -30.66
C ARG D 106 -44.59 -39.40 -31.59
N LEU D 107 -44.80 -40.70 -31.77
CA LEU D 107 -45.87 -41.19 -32.63
C LEU D 107 -47.22 -41.16 -31.90
N GLY D 108 -47.17 -40.89 -30.60
CA GLY D 108 -48.38 -40.70 -29.84
C GLY D 108 -49.12 -41.95 -29.41
N PHE D 109 -48.43 -43.09 -29.37
CA PHE D 109 -49.04 -44.30 -28.83
C PHE D 109 -49.21 -44.12 -27.33
N ALA D 110 -48.38 -43.26 -26.76
CA ALA D 110 -48.47 -42.95 -25.34
C ALA D 110 -48.41 -41.44 -25.14
N VAL D 111 -49.01 -40.97 -24.04
CA VAL D 111 -49.10 -39.55 -23.80
C VAL D 111 -47.80 -38.99 -23.24
N SER D 112 -47.03 -39.83 -22.56
CA SER D 112 -45.78 -39.39 -21.94
C SER D 112 -44.65 -40.37 -22.21
N ARG D 113 -43.42 -39.87 -22.19
CA ARG D 113 -42.26 -40.70 -22.47
C ARG D 113 -42.15 -41.86 -21.50
N ARG D 114 -42.53 -41.62 -20.25
CA ARG D 114 -42.47 -42.66 -19.23
C ARG D 114 -43.49 -43.75 -19.52
N GLN D 115 -44.71 -43.32 -19.86
CA GLN D 115 -45.75 -44.26 -20.24
C GLN D 115 -45.31 -45.05 -21.47
N ALA D 116 -44.61 -44.36 -22.36
CA ALA D 116 -44.05 -45.01 -23.53
C ALA D 116 -43.07 -46.09 -23.10
N ARG D 117 -42.24 -45.77 -22.11
CA ARG D 117 -41.25 -46.71 -21.60
C ARG D 117 -41.93 -47.97 -21.07
N GLN D 118 -42.99 -47.78 -20.30
CA GLN D 118 -43.72 -48.94 -19.78
C GLN D 118 -44.32 -49.74 -20.93
N LEU D 119 -44.79 -49.03 -21.96
CA LEU D 119 -45.38 -49.69 -23.11
C LEU D 119 -44.38 -50.53 -23.88
N VAL D 120 -43.13 -50.09 -23.88
CA VAL D 120 -42.10 -50.84 -24.58
C VAL D 120 -41.65 -52.03 -23.75
N ARG D 121 -41.42 -51.81 -22.46
CA ARG D 121 -40.91 -52.84 -21.56
C ARG D 121 -41.87 -54.01 -21.44
N HIS D 122 -43.16 -53.74 -21.64
CA HIS D 122 -44.17 -54.76 -21.48
C HIS D 122 -44.51 -55.42 -22.82
N GLY D 123 -43.80 -55.02 -23.86
CA GLY D 123 -43.87 -55.71 -25.13
C GLY D 123 -45.07 -55.35 -25.98
N HIS D 124 -45.63 -54.18 -25.75
CA HIS D 124 -46.78 -53.73 -26.50
C HIS D 124 -46.36 -53.14 -27.84
N ILE D 125 -45.06 -53.07 -28.07
CA ILE D 125 -44.54 -52.43 -29.27
C ILE D 125 -43.77 -53.40 -30.15
N THR D 126 -43.92 -53.24 -31.46
CA THR D 126 -43.18 -54.05 -32.43
C THR D 126 -42.37 -53.16 -33.35
N VAL D 127 -41.21 -53.65 -33.76
CA VAL D 127 -40.40 -52.96 -34.75
C VAL D 127 -40.18 -53.87 -35.94
N ASN D 128 -40.75 -53.48 -37.08
CA ASN D 128 -40.70 -54.28 -38.30
C ASN D 128 -41.35 -55.65 -38.10
N GLY D 129 -42.23 -55.73 -37.11
CA GLY D 129 -42.97 -56.97 -36.88
C GLY D 129 -42.50 -57.82 -35.72
N ARG D 130 -41.24 -57.65 -35.30
CA ARG D 130 -40.73 -58.39 -34.15
C ARG D 130 -40.88 -57.56 -32.88
N ARG D 131 -41.26 -58.22 -31.79
CA ARG D 131 -41.45 -57.54 -30.52
C ARG D 131 -40.12 -57.05 -29.95
N VAL D 132 -40.10 -55.82 -29.46
CA VAL D 132 -38.90 -55.25 -28.84
C VAL D 132 -39.25 -54.62 -27.50
N ASP D 133 -38.71 -55.16 -26.41
CA ASP D 133 -39.08 -54.65 -25.09
C ASP D 133 -38.08 -53.64 -24.52
N LEU D 134 -37.07 -53.26 -25.30
CA LEU D 134 -36.03 -52.36 -24.82
C LEU D 134 -36.30 -50.89 -25.14
N PRO D 135 -36.50 -50.07 -24.11
CA PRO D 135 -36.84 -48.65 -24.30
C PRO D 135 -35.69 -47.88 -24.90
N SER D 136 -34.48 -48.41 -24.74
CA SER D 136 -33.27 -47.74 -25.20
C SER D 136 -32.88 -48.22 -26.60
N TYR D 137 -33.73 -49.02 -27.22
CA TYR D 137 -33.47 -49.51 -28.58
C TYR D 137 -33.29 -48.34 -29.53
N ARG D 138 -32.43 -48.52 -30.53
CA ARG D 138 -32.17 -47.45 -31.49
C ARG D 138 -32.93 -47.66 -32.79
N VAL D 139 -33.86 -46.76 -33.07
CA VAL D 139 -34.62 -46.81 -34.30
C VAL D 139 -33.76 -46.26 -35.42
N ARG D 140 -33.81 -46.91 -36.57
CA ARG D 140 -33.05 -46.47 -37.73
C ARG D 140 -34.02 -45.99 -38.78
N PRO D 141 -33.58 -45.11 -39.67
CA PRO D 141 -34.46 -44.66 -40.75
C PRO D 141 -34.96 -45.81 -41.60
N GLY D 142 -36.28 -45.87 -41.79
CA GLY D 142 -36.90 -46.93 -42.56
C GLY D 142 -37.67 -47.95 -41.74
N ASP D 143 -37.51 -47.90 -40.43
CA ASP D 143 -38.16 -48.88 -39.56
C ASP D 143 -39.62 -48.54 -39.32
N GLU D 144 -40.45 -49.57 -39.24
CA GLU D 144 -41.86 -49.39 -38.97
C GLU D 144 -42.19 -49.79 -37.53
N ILE D 145 -42.50 -48.79 -36.71
CA ILE D 145 -42.88 -49.01 -35.33
C ILE D 145 -44.37 -49.17 -35.24
N ALA D 146 -44.82 -50.35 -34.84
CA ALA D 146 -46.24 -50.62 -34.73
C ALA D 146 -46.62 -51.05 -33.31
N VAL D 147 -47.92 -51.24 -33.10
CA VAL D 147 -48.44 -51.72 -31.83
C VAL D 147 -48.73 -53.21 -31.96
N ALA D 148 -48.50 -53.96 -30.90
CA ALA D 148 -48.73 -55.39 -30.90
C ALA D 148 -50.18 -55.71 -31.23
N GLU D 149 -50.40 -56.62 -32.18
CA GLU D 149 -51.74 -57.01 -32.59
C GLU D 149 -52.54 -57.46 -31.38
N LYS D 150 -51.88 -58.16 -30.47
CA LYS D 150 -52.53 -58.66 -29.27
C LYS D 150 -52.88 -57.51 -28.34
N SER D 151 -52.12 -56.42 -28.43
CA SER D 151 -52.33 -55.29 -27.55
C SER D 151 -53.26 -54.22 -28.13
N ARG D 152 -53.63 -54.36 -29.39
CA ARG D 152 -54.41 -53.32 -30.06
C ARG D 152 -55.79 -53.10 -29.44
N ASN D 153 -56.24 -54.06 -28.64
CA ASN D 153 -57.57 -53.99 -28.06
C ASN D 153 -57.56 -53.40 -26.65
N LEU D 154 -56.38 -53.06 -26.15
CA LEU D 154 -56.25 -52.50 -24.81
C LEU D 154 -56.82 -51.08 -24.75
N GLU D 155 -57.36 -50.73 -23.60
CA GLU D 155 -58.09 -49.48 -23.44
C GLU D 155 -57.18 -48.26 -23.62
N LEU D 156 -55.98 -48.33 -23.08
CA LEU D 156 -55.04 -47.22 -23.12
C LEU D 156 -54.65 -46.85 -24.56
N ILE D 157 -54.42 -47.87 -25.37
CA ILE D 157 -54.03 -47.66 -26.75
C ILE D 157 -55.21 -47.12 -27.56
N ARG D 158 -56.40 -47.63 -27.25
CA ARG D 158 -57.62 -47.13 -27.84
C ARG D 158 -57.76 -45.63 -27.60
N GLN D 159 -57.70 -45.23 -26.33
CA GLN D 159 -57.80 -43.82 -25.96
C GLN D 159 -56.74 -43.00 -26.68
N ASN D 160 -55.49 -43.39 -26.53
CA ASN D 160 -54.37 -42.63 -27.05
C ASN D 160 -54.47 -42.43 -28.56
N LEU D 161 -54.81 -43.47 -29.28
CA LEU D 161 -54.87 -43.36 -30.73
C LEU D 161 -56.16 -42.72 -31.21
N GLU D 162 -57.18 -42.71 -30.36
CA GLU D 162 -58.43 -42.04 -30.69
C GLU D 162 -58.23 -40.53 -30.65
N ALA D 163 -57.33 -40.09 -29.79
CA ALA D 163 -57.00 -38.68 -29.67
C ALA D 163 -56.03 -38.27 -30.77
N MET D 164 -55.43 -39.26 -31.42
CA MET D 164 -54.46 -39.00 -32.47
C MET D 164 -55.11 -38.78 -33.81
N LYS D 165 -56.43 -38.91 -33.85
CA LYS D 165 -57.16 -38.61 -35.07
C LYS D 165 -57.15 -37.10 -35.27
N GLY D 166 -56.66 -36.67 -36.42
CA GLY D 166 -56.58 -35.26 -36.72
C GLY D 166 -55.28 -34.59 -36.30
N ARG D 167 -54.55 -35.22 -35.38
CA ARG D 167 -53.29 -34.65 -34.90
C ARG D 167 -52.15 -34.91 -35.87
N LYS D 168 -51.21 -33.96 -35.91
CA LYS D 168 -50.10 -34.03 -36.84
C LYS D 168 -48.85 -34.52 -36.13
N VAL D 169 -48.01 -35.26 -36.84
CA VAL D 169 -46.79 -35.81 -36.26
C VAL D 169 -45.59 -35.17 -36.93
N GLY D 170 -44.45 -35.16 -36.24
CA GLY D 170 -43.24 -34.51 -36.71
C GLY D 170 -42.82 -34.90 -38.10
N PRO D 171 -42.20 -33.96 -38.83
CA PRO D 171 -41.78 -34.12 -40.22
C PRO D 171 -41.01 -35.40 -40.50
N TRP D 172 -40.27 -35.88 -39.51
CA TRP D 172 -39.45 -37.08 -39.69
C TRP D 172 -40.21 -38.34 -39.36
N LEU D 173 -41.49 -38.20 -39.04
CA LEU D 173 -42.32 -39.35 -38.68
C LEU D 173 -43.58 -39.44 -39.53
N SER D 174 -43.94 -40.66 -39.91
CA SER D 174 -45.21 -40.89 -40.58
C SER D 174 -46.11 -41.72 -39.67
N LEU D 175 -47.42 -41.53 -39.79
CA LEU D 175 -48.35 -42.25 -38.93
C LEU D 175 -49.56 -42.79 -39.67
N ASP D 176 -49.75 -44.11 -39.57
CA ASP D 176 -50.98 -44.75 -40.01
C ASP D 176 -51.80 -45.09 -38.77
N VAL D 177 -52.90 -44.37 -38.59
CA VAL D 177 -53.66 -44.44 -37.35
C VAL D 177 -54.52 -45.69 -37.29
N GLU D 178 -55.13 -46.05 -38.41
CA GLU D 178 -56.02 -47.21 -38.44
C GLU D 178 -55.27 -48.48 -38.08
N GLY D 179 -54.14 -48.71 -38.74
CA GLY D 179 -53.33 -49.88 -38.48
C GLY D 179 -52.52 -49.77 -37.20
N MET D 180 -52.58 -48.60 -36.57
CA MET D 180 -51.85 -48.33 -35.34
C MET D 180 -50.34 -48.52 -35.55
N LYS D 181 -49.84 -48.05 -36.67
CA LYS D 181 -48.43 -48.18 -37.00
C LYS D 181 -47.87 -46.83 -37.44
N GLY D 182 -46.55 -46.72 -37.54
CA GLY D 182 -45.94 -45.50 -38.03
C GLY D 182 -44.48 -45.69 -38.41
N LYS D 183 -43.97 -44.86 -39.31
CA LYS D 183 -42.61 -45.04 -39.77
C LYS D 183 -41.67 -43.95 -39.29
N PHE D 184 -40.41 -44.34 -39.10
CA PHE D 184 -39.33 -43.40 -38.79
C PHE D 184 -38.63 -43.06 -40.10
N LEU D 185 -38.85 -41.83 -40.58
CA LEU D 185 -38.40 -41.45 -41.91
C LEU D 185 -36.92 -41.11 -41.95
N ARG D 186 -36.49 -40.26 -41.04
CA ARG D 186 -35.10 -39.80 -41.01
C ARG D 186 -34.70 -39.33 -39.62
N LEU D 187 -33.43 -38.98 -39.46
CA LEU D 187 -32.99 -38.37 -38.21
C LEU D 187 -33.42 -36.90 -38.23
N PRO D 188 -34.00 -36.43 -37.12
CA PRO D 188 -34.54 -35.07 -37.04
C PRO D 188 -33.46 -33.99 -37.08
N ASP D 189 -33.72 -32.93 -37.84
CA ASP D 189 -32.87 -31.74 -37.85
C ASP D 189 -33.03 -31.00 -36.54
N ARG D 190 -32.01 -30.22 -36.17
CA ARG D 190 -32.08 -29.39 -34.98
C ARG D 190 -33.29 -28.47 -35.05
N GLU D 191 -33.52 -27.91 -36.23
CA GLU D 191 -34.67 -27.04 -36.46
C GLU D 191 -35.97 -27.72 -36.08
N ASP D 192 -36.07 -29.02 -36.35
CA ASP D 192 -37.30 -29.76 -36.08
C ASP D 192 -37.66 -29.78 -34.61
N LEU D 193 -36.65 -29.91 -33.76
CA LEU D 193 -36.88 -30.05 -32.32
C LEU D 193 -37.28 -28.74 -31.65
N ALA D 194 -38.27 -28.80 -30.77
CA ALA D 194 -38.80 -27.64 -30.08
C ALA D 194 -38.18 -27.43 -28.70
N LEU D 195 -37.20 -28.26 -28.38
CA LEU D 195 -36.59 -28.30 -27.04
C LEU D 195 -36.17 -26.95 -26.49
N PRO D 196 -36.55 -26.67 -25.23
CA PRO D 196 -36.16 -25.46 -24.52
C PRO D 196 -34.74 -25.58 -24.00
N VAL D 197 -33.82 -25.95 -24.86
CA VAL D 197 -32.48 -26.34 -24.44
C VAL D 197 -31.42 -25.81 -25.39
N ASN D 198 -30.38 -25.21 -24.83
CA ASN D 198 -29.21 -24.80 -25.59
C ASN D 198 -28.21 -25.94 -25.51
N GLU D 199 -27.99 -26.64 -26.61
CA GLU D 199 -27.14 -27.82 -26.59
C GLU D 199 -25.68 -27.45 -26.35
N GLN D 200 -25.25 -26.34 -26.92
CA GLN D 200 -23.85 -25.91 -26.81
C GLN D 200 -23.45 -25.72 -25.36
N LEU D 201 -24.41 -25.46 -24.50
CA LEU D 201 -24.14 -25.34 -23.07
C LEU D 201 -23.87 -26.72 -22.48
N VAL D 202 -24.50 -27.74 -23.05
CA VAL D 202 -24.28 -29.10 -22.58
C VAL D 202 -22.90 -29.54 -23.02
N ILE D 203 -22.60 -29.29 -24.29
CA ILE D 203 -21.28 -29.59 -24.84
C ILE D 203 -20.22 -28.89 -24.01
N GLU D 204 -20.51 -27.65 -23.61
CA GLU D 204 -19.63 -26.89 -22.73
C GLU D 204 -19.52 -27.57 -21.37
N PHE D 205 -20.60 -28.19 -20.92
CA PHE D 205 -20.58 -28.83 -19.61
C PHE D 205 -19.68 -30.05 -19.59
N TYR D 206 -19.70 -30.84 -20.66
CA TYR D 206 -18.83 -32.01 -20.71
C TYR D 206 -17.44 -31.64 -21.21
N SER D 207 -17.30 -30.40 -21.68
CA SER D 207 -16.01 -29.88 -22.10
C SER D 207 -15.07 -29.69 -20.92
N ARG D 208 -15.64 -29.46 -19.74
CA ARG D 208 -14.88 -29.23 -18.52
C ARG D 208 -13.94 -30.40 -18.23
N ASP E 1 -29.09 -3.96 -28.24
CA ASP E 1 -28.05 -3.53 -29.17
C ASP E 1 -26.69 -4.10 -28.79
N PHE E 2 -26.27 -3.83 -27.55
CA PHE E 2 -24.96 -4.26 -27.06
C PHE E 2 -25.09 -5.18 -25.86
N GLU E 3 -24.68 -6.44 -26.03
CA GLU E 3 -24.72 -7.38 -24.93
C GLU E 3 -23.55 -7.10 -24.01
N GLU E 4 -23.76 -7.25 -22.71
CA GLU E 4 -22.75 -6.85 -21.73
C GLU E 4 -22.64 -7.84 -20.58
N LYS E 5 -21.43 -8.32 -20.31
CA LYS E 5 -21.19 -9.25 -19.21
C LYS E 5 -19.87 -8.98 -18.50
N MET E 6 -19.90 -9.00 -17.16
CA MET E 6 -18.71 -8.70 -16.37
C MET E 6 -17.87 -9.94 -16.11
N ILE E 7 -16.55 -9.76 -16.09
CA ILE E 7 -15.60 -10.85 -15.87
C ILE E 7 -15.43 -11.13 -14.39
N LEU E 8 -14.73 -10.23 -13.71
CA LEU E 8 -14.52 -10.35 -12.28
C LEU E 8 -14.71 -9.01 -11.60
N ILE E 9 -15.26 -9.04 -10.39
CA ILE E 9 -15.38 -7.85 -9.59
C ILE E 9 -14.56 -8.11 -8.35
N ARG E 10 -13.85 -7.10 -7.86
CA ARG E 10 -13.03 -7.28 -6.67
C ARG E 10 -13.00 -6.04 -5.78
N ARG E 11 -12.67 -6.24 -4.51
CA ARG E 11 -12.53 -5.15 -3.56
C ARG E 11 -11.09 -4.96 -3.13
N THR E 12 -10.49 -3.85 -3.52
CA THR E 12 -9.15 -3.54 -3.08
C THR E 12 -9.20 -2.60 -1.88
N ALA E 13 -8.04 -2.32 -1.28
CA ALA E 13 -8.01 -1.47 -0.10
C ALA E 13 -6.72 -0.66 0.00
N ARG E 14 -6.84 0.60 0.41
CA ARG E 14 -5.69 1.41 0.74
C ARG E 14 -5.65 1.53 2.25
N MET E 15 -4.68 2.26 2.78
CA MET E 15 -4.60 2.45 4.21
C MET E 15 -4.61 3.91 4.59
N GLN E 16 -5.45 4.25 5.54
CA GLN E 16 -5.44 5.58 6.11
C GLN E 16 -5.39 5.37 7.61
N ALA E 17 -4.93 6.38 8.35
CA ALA E 17 -4.83 6.23 9.79
C ALA E 17 -6.19 5.82 10.34
N GLY E 18 -6.17 4.86 11.25
CA GLY E 18 -7.41 4.40 11.85
C GLY E 18 -8.11 3.30 11.09
N GLY E 19 -7.78 3.11 9.82
CA GLY E 19 -8.40 2.01 9.10
C GLY E 19 -8.02 1.78 7.65
N ARG E 20 -8.42 0.62 7.15
CA ARG E 20 -8.29 0.32 5.73
C ARG E 20 -9.47 0.93 4.99
N ARG E 21 -9.26 1.39 3.77
CA ARG E 21 -10.33 2.04 3.02
C ARG E 21 -10.50 1.41 1.64
N PHE E 22 -11.67 0.82 1.43
CA PHE E 22 -11.93 -0.01 0.27
C PHE E 22 -12.28 0.77 -0.98
N ARG E 23 -11.93 0.20 -2.13
CA ARG E 23 -12.33 0.72 -3.43
C ARG E 23 -12.59 -0.48 -4.34
N PHE E 24 -13.68 -0.49 -5.09
CA PHE E 24 -14.04 -1.65 -5.90
C PHE E 24 -13.64 -1.54 -7.37
N GLY E 25 -12.95 -2.55 -7.87
CA GLY E 25 -12.73 -2.68 -9.31
C GLY E 25 -13.68 -3.64 -10.00
N ALA E 26 -13.94 -3.42 -11.30
CA ALA E 26 -14.78 -4.31 -12.08
C ALA E 26 -14.34 -4.44 -13.54
N LEU E 27 -14.34 -5.67 -14.04
CA LEU E 27 -13.97 -5.95 -15.43
C LEU E 27 -15.21 -6.28 -16.25
N VAL E 28 -15.40 -5.56 -17.35
CA VAL E 28 -16.62 -5.73 -18.12
C VAL E 28 -16.32 -5.89 -19.60
N VAL E 29 -16.97 -6.87 -20.21
CA VAL E 29 -16.88 -7.11 -21.64
C VAL E 29 -18.20 -6.74 -22.29
N VAL E 30 -18.12 -6.09 -23.45
CA VAL E 30 -19.32 -5.73 -24.19
C VAL E 30 -19.15 -6.08 -25.66
N GLY E 31 -20.20 -6.64 -26.27
CA GLY E 31 -20.14 -7.04 -27.65
C GLY E 31 -21.50 -7.32 -28.27
N ASP E 32 -21.57 -7.25 -29.59
CA ASP E 32 -22.81 -7.48 -30.31
C ASP E 32 -22.93 -8.88 -30.88
N ARG E 33 -21.86 -9.66 -30.71
CA ARG E 33 -21.69 -10.97 -31.34
C ARG E 33 -21.74 -10.87 -32.86
N GLN E 34 -21.52 -9.67 -33.38
CA GLN E 34 -21.40 -9.48 -34.82
C GLN E 34 -19.94 -9.37 -35.23
N GLY E 35 -19.03 -9.52 -34.27
CA GLY E 35 -17.63 -9.36 -34.54
C GLY E 35 -17.00 -8.07 -34.01
N ARG E 36 -17.75 -7.34 -33.20
CA ARG E 36 -17.20 -6.18 -32.50
C ARG E 36 -17.20 -6.44 -31.00
N VAL E 37 -16.03 -6.29 -30.37
CA VAL E 37 -15.98 -6.45 -28.92
C VAL E 37 -15.38 -5.26 -28.25
N GLY E 38 -15.34 -5.31 -26.93
CA GLY E 38 -14.71 -4.29 -26.13
C GLY E 38 -14.57 -4.72 -24.69
N LEU E 39 -13.59 -4.16 -24.02
CA LEU E 39 -13.20 -4.60 -22.70
C LEU E 39 -12.83 -3.39 -21.87
N GLY E 40 -13.29 -3.33 -20.63
CA GLY E 40 -12.96 -2.20 -19.80
C GLY E 40 -12.92 -2.46 -18.31
N PHE E 41 -12.11 -1.66 -17.63
CA PHE E 41 -11.87 -1.84 -16.21
C PHE E 41 -12.27 -0.58 -15.47
N GLY E 42 -13.36 -0.65 -14.72
CA GLY E 42 -13.81 0.48 -13.93
C GLY E 42 -13.39 0.42 -12.48
N LYS E 43 -13.22 1.59 -11.86
CA LYS E 43 -12.86 1.63 -10.46
C LYS E 43 -13.68 2.68 -9.74
N ALA E 44 -14.47 2.25 -8.75
CA ALA E 44 -15.36 3.17 -8.05
C ALA E 44 -15.54 2.75 -6.60
N PRO E 45 -15.91 3.71 -5.73
CA PRO E 45 -16.18 3.45 -4.32
C PRO E 45 -17.19 2.34 -4.04
N GLU E 46 -18.22 2.20 -4.87
CA GLU E 46 -19.20 1.13 -4.67
C GLU E 46 -19.31 0.27 -5.92
N VAL E 47 -19.84 -0.95 -5.76
CA VAL E 47 -19.86 -1.93 -6.83
C VAL E 47 -20.63 -1.47 -8.07
N PRO E 48 -21.90 -1.06 -7.93
CA PRO E 48 -22.66 -0.77 -9.15
C PRO E 48 -22.05 0.35 -10.00
N LEU E 49 -21.63 1.43 -9.36
CA LEU E 49 -21.02 2.55 -10.07
C LEU E 49 -19.79 2.08 -10.83
N ALA E 50 -19.09 1.12 -10.24
CA ALA E 50 -17.90 0.56 -10.85
C ALA E 50 -18.26 -0.26 -12.08
N VAL E 51 -19.30 -1.08 -11.96
CA VAL E 51 -19.76 -1.89 -13.06
C VAL E 51 -20.12 -1.01 -14.24
N GLN E 52 -20.98 -0.03 -13.96
CA GLN E 52 -21.44 0.93 -14.95
C GLN E 52 -20.26 1.61 -15.64
N LYS E 53 -19.37 2.18 -14.83
CA LYS E 53 -18.21 2.91 -15.34
C LYS E 53 -17.39 2.01 -16.26
N ALA E 54 -17.22 0.76 -15.84
CA ALA E 54 -16.48 -0.21 -16.62
C ALA E 54 -17.16 -0.43 -17.95
N GLY E 55 -18.49 -0.50 -17.95
CA GLY E 55 -19.24 -0.62 -19.17
C GLY E 55 -18.90 0.52 -20.10
N TYR E 56 -18.95 1.73 -19.58
CA TYR E 56 -18.63 2.92 -20.35
C TYR E 56 -17.25 2.81 -21.01
N TYR E 57 -16.24 2.54 -20.20
CA TYR E 57 -14.88 2.43 -20.72
C TYR E 57 -14.79 1.35 -21.78
N ALA E 58 -15.54 0.26 -21.57
CA ALA E 58 -15.50 -0.88 -22.47
C ALA E 58 -16.06 -0.50 -23.83
N ARG E 59 -17.15 0.27 -23.83
CA ARG E 59 -17.73 0.75 -25.08
C ARG E 59 -16.81 1.75 -25.74
N ARG E 60 -15.95 2.38 -24.94
CA ARG E 60 -15.00 3.33 -25.50
C ARG E 60 -13.84 2.62 -26.21
N ASN E 61 -13.44 1.45 -25.70
CA ASN E 61 -12.36 0.67 -26.31
C ASN E 61 -12.88 -0.52 -27.10
N MET E 62 -12.79 -0.45 -28.43
CA MET E 62 -13.43 -1.45 -29.29
C MET E 62 -12.46 -2.14 -30.23
N VAL E 63 -12.75 -3.41 -30.50
CA VAL E 63 -11.91 -4.23 -31.37
C VAL E 63 -12.76 -4.89 -32.44
N GLU E 64 -12.33 -4.76 -33.68
CA GLU E 64 -13.02 -5.35 -34.82
C GLU E 64 -12.47 -6.73 -35.12
N VAL E 65 -13.29 -7.76 -34.94
CA VAL E 65 -12.83 -9.15 -35.05
C VAL E 65 -13.25 -9.79 -36.36
N PRO E 66 -12.28 -10.02 -37.25
CA PRO E 66 -12.56 -10.57 -38.58
C PRO E 66 -12.88 -12.05 -38.54
N LEU E 67 -14.12 -12.39 -38.22
CA LEU E 67 -14.55 -13.78 -38.15
C LEU E 67 -14.58 -14.46 -39.51
N GLN E 68 -14.31 -15.77 -39.52
CA GLN E 68 -14.53 -16.60 -40.70
C GLN E 68 -15.32 -17.83 -40.31
N ASN E 69 -16.57 -17.93 -40.76
CA ASN E 69 -17.46 -19.02 -40.40
C ASN E 69 -17.47 -19.28 -38.90
N GLY E 70 -17.62 -18.22 -38.11
CA GLY E 70 -17.75 -18.36 -36.67
C GLY E 70 -16.46 -18.63 -35.91
N THR E 71 -15.33 -18.68 -36.61
CA THR E 71 -14.06 -18.88 -35.93
C THR E 71 -13.02 -17.86 -36.37
N ILE E 72 -11.81 -18.03 -35.86
CA ILE E 72 -10.73 -17.08 -36.07
C ILE E 72 -9.98 -17.44 -37.34
N PRO E 73 -9.45 -16.43 -38.05
CA PRO E 73 -8.73 -16.65 -39.31
C PRO E 73 -7.41 -17.41 -39.17
N HIS E 74 -6.65 -17.18 -38.10
CA HIS E 74 -5.37 -17.85 -37.90
C HIS E 74 -4.94 -17.86 -36.44
N GLU E 75 -4.05 -18.76 -36.07
CA GLU E 75 -3.60 -18.87 -34.68
C GLU E 75 -2.71 -17.72 -34.23
N ILE E 76 -2.98 -17.16 -33.05
CA ILE E 76 -2.10 -16.16 -32.48
C ILE E 76 -1.63 -16.55 -31.09
N GLU E 77 -0.47 -16.00 -30.74
CA GLU E 77 0.15 -16.23 -29.45
C GLU E 77 0.52 -14.86 -28.92
N VAL E 78 -0.07 -14.46 -27.81
CA VAL E 78 0.17 -13.11 -27.31
C VAL E 78 0.76 -13.13 -25.91
N GLU E 79 1.83 -12.36 -25.71
CA GLU E 79 2.37 -12.15 -24.39
C GLU E 79 2.01 -10.76 -23.91
N PHE E 80 1.16 -10.70 -22.89
CA PHE E 80 0.89 -9.46 -22.17
C PHE E 80 1.42 -9.60 -20.74
N GLY E 81 2.48 -8.87 -20.44
CA GLY E 81 3.14 -9.04 -19.16
C GLY E 81 3.61 -10.47 -19.06
N ALA E 82 3.30 -11.14 -17.96
CA ALA E 82 3.71 -12.52 -17.80
C ALA E 82 2.59 -13.45 -18.22
N SER E 83 1.48 -12.88 -18.68
CA SER E 83 0.33 -13.67 -19.09
C SER E 83 0.35 -13.95 -20.58
N LYS E 84 0.32 -15.22 -20.94
CA LYS E 84 0.37 -15.61 -22.35
C LYS E 84 -0.97 -16.20 -22.73
N ILE E 85 -1.41 -15.91 -23.94
CA ILE E 85 -2.67 -16.46 -24.41
C ILE E 85 -2.45 -17.07 -25.77
N VAL E 86 -3.03 -18.24 -25.99
CA VAL E 86 -2.90 -18.93 -27.26
C VAL E 86 -4.26 -19.18 -27.86
N LEU E 87 -4.56 -18.52 -28.97
CA LEU E 87 -5.81 -18.72 -29.67
C LEU E 87 -5.57 -19.49 -30.95
N LYS E 88 -6.39 -20.50 -31.19
CA LYS E 88 -6.26 -21.37 -32.35
C LYS E 88 -7.64 -21.59 -32.96
N PRO E 89 -7.74 -21.58 -34.30
CA PRO E 89 -9.02 -21.74 -35.01
C PRO E 89 -9.54 -23.17 -34.99
N ALA E 90 -10.82 -23.37 -35.24
CA ALA E 90 -11.41 -24.71 -35.20
C ALA E 90 -12.55 -24.91 -36.19
N ALA E 91 -12.89 -26.17 -36.45
CA ALA E 91 -14.02 -26.49 -37.32
C ALA E 91 -15.32 -26.39 -36.52
N PRO E 92 -16.43 -26.03 -37.19
CA PRO E 92 -17.73 -25.88 -36.53
C PRO E 92 -18.17 -27.12 -35.76
N GLY E 93 -18.87 -26.90 -34.65
CA GLY E 93 -19.34 -27.99 -33.81
C GLY E 93 -18.45 -28.21 -32.60
N THR E 94 -17.32 -27.51 -32.59
CA THR E 94 -16.36 -27.63 -31.51
C THR E 94 -16.81 -26.88 -30.27
N GLY E 95 -17.31 -25.67 -30.48
CA GLY E 95 -17.69 -24.81 -29.38
C GLY E 95 -16.51 -24.01 -28.89
N VAL E 96 -16.75 -23.02 -28.04
CA VAL E 96 -15.66 -22.25 -27.46
C VAL E 96 -15.03 -23.05 -26.35
N ILE E 97 -13.75 -23.37 -26.51
CA ILE E 97 -13.06 -24.04 -25.43
C ILE E 97 -12.02 -23.08 -24.86
N ALA E 98 -12.32 -22.53 -23.69
CA ALA E 98 -11.47 -21.53 -23.06
C ALA E 98 -11.80 -21.37 -21.60
N GLY E 99 -11.00 -20.56 -20.92
CA GLY E 99 -11.24 -20.27 -19.52
C GLY E 99 -12.34 -19.25 -19.46
N ALA E 100 -12.85 -18.97 -18.27
CA ALA E 100 -13.99 -18.07 -18.11
C ALA E 100 -13.77 -16.75 -18.83
N VAL E 101 -12.61 -16.17 -18.62
CA VAL E 101 -12.31 -14.85 -19.15
C VAL E 101 -12.28 -14.81 -20.69
N PRO E 102 -11.38 -15.58 -21.32
CA PRO E 102 -11.40 -15.46 -22.78
C PRO E 102 -12.64 -16.10 -23.39
N ARG E 103 -13.29 -17.00 -22.66
CA ARG E 103 -14.60 -17.47 -23.11
C ARG E 103 -15.49 -16.27 -23.29
N ALA E 104 -15.75 -15.55 -22.21
CA ALA E 104 -16.65 -14.41 -22.25
C ALA E 104 -16.28 -13.42 -23.36
N ILE E 105 -15.00 -13.04 -23.42
CA ILE E 105 -14.59 -12.08 -24.43
C ILE E 105 -14.85 -12.60 -25.85
N LEU E 106 -14.52 -13.84 -26.10
CA LEU E 106 -14.72 -14.42 -27.43
C LEU E 106 -16.19 -14.58 -27.77
N GLU E 107 -16.96 -15.09 -26.82
CA GLU E 107 -18.38 -15.34 -27.00
C GLU E 107 -19.12 -14.06 -27.31
N LEU E 108 -18.71 -12.96 -26.70
CA LEU E 108 -19.37 -11.70 -27.01
C LEU E 108 -18.86 -11.14 -28.34
N ALA E 109 -17.76 -11.68 -28.83
CA ALA E 109 -17.22 -11.28 -30.12
C ALA E 109 -17.85 -12.10 -31.22
N GLY E 110 -18.80 -12.95 -30.86
CA GLY E 110 -19.45 -13.80 -31.83
C GLY E 110 -18.55 -14.88 -32.35
N VAL E 111 -17.94 -15.63 -31.43
CA VAL E 111 -17.19 -16.81 -31.83
C VAL E 111 -17.96 -18.06 -31.40
N THR E 112 -18.07 -19.01 -32.32
CA THR E 112 -18.76 -20.27 -32.05
C THR E 112 -17.77 -21.35 -31.64
N ASP E 113 -16.82 -21.66 -32.52
CA ASP E 113 -15.84 -22.71 -32.24
C ASP E 113 -14.41 -22.18 -32.27
N ILE E 114 -13.68 -22.34 -31.16
CA ILE E 114 -12.30 -21.89 -31.05
C ILE E 114 -11.60 -22.70 -29.96
N LEU E 115 -10.26 -22.75 -30.03
CA LEU E 115 -9.46 -23.51 -29.07
C LEU E 115 -8.41 -22.63 -28.42
N THR E 116 -8.46 -22.48 -27.10
CA THR E 116 -7.53 -21.57 -26.43
C THR E 116 -6.70 -22.26 -25.36
N LYS E 117 -5.61 -21.61 -24.97
CA LYS E 117 -4.84 -22.04 -23.81
C LYS E 117 -4.25 -20.84 -23.09
N GLU E 118 -4.30 -20.85 -21.77
CA GLU E 118 -3.72 -19.79 -20.98
C GLU E 118 -2.39 -20.23 -20.37
N LEU E 119 -1.33 -19.48 -20.64
CA LEU E 119 -0.02 -19.86 -20.17
C LEU E 119 0.58 -18.75 -19.31
N GLY E 120 1.61 -19.09 -18.55
CA GLY E 120 2.23 -18.12 -17.66
C GLY E 120 1.32 -17.70 -16.52
N SER E 121 1.10 -16.40 -16.40
CA SER E 121 0.23 -15.90 -15.36
C SER E 121 -1.23 -16.04 -15.77
N ARG E 122 -2.03 -16.64 -14.91
CA ARG E 122 -3.44 -16.86 -15.21
C ARG E 122 -4.31 -15.69 -14.77
N ASN E 123 -3.67 -14.63 -14.28
CA ASN E 123 -4.38 -13.48 -13.74
C ASN E 123 -5.42 -12.93 -14.70
N PRO E 124 -6.68 -12.84 -14.25
CA PRO E 124 -7.82 -12.43 -15.07
C PRO E 124 -7.61 -11.12 -15.81
N ILE E 125 -7.14 -10.07 -15.14
CA ILE E 125 -7.00 -8.78 -15.80
C ILE E 125 -6.09 -8.92 -17.00
N ASN E 126 -4.90 -9.43 -16.77
CA ASN E 126 -3.90 -9.50 -17.82
C ASN E 126 -4.27 -10.49 -18.91
N ILE E 127 -5.05 -11.51 -18.56
CA ILE E 127 -5.51 -12.46 -19.56
C ILE E 127 -6.52 -11.78 -20.47
N ALA E 128 -7.44 -11.02 -19.89
CA ALA E 128 -8.42 -10.29 -20.66
C ALA E 128 -7.70 -9.36 -21.61
N TYR E 129 -6.73 -8.63 -21.09
CA TYR E 129 -5.96 -7.71 -21.93
C TYR E 129 -5.22 -8.44 -23.06
N ALA E 130 -4.62 -9.57 -22.72
CA ALA E 130 -3.88 -10.36 -23.69
C ALA E 130 -4.79 -10.83 -24.82
N THR E 131 -5.98 -11.29 -24.45
CA THR E 131 -6.96 -11.76 -25.42
C THR E 131 -7.39 -10.65 -26.33
N MET E 132 -7.65 -9.49 -25.73
CA MET E 132 -7.98 -8.30 -26.50
C MET E 132 -6.90 -8.02 -27.53
N GLU E 133 -5.65 -7.95 -27.10
CA GLU E 133 -4.57 -7.65 -28.03
C GLU E 133 -4.45 -8.75 -29.09
N ALA E 134 -4.81 -9.96 -28.71
CA ALA E 134 -4.75 -11.09 -29.64
C ALA E 134 -5.73 -10.87 -30.77
N LEU E 135 -6.97 -10.59 -30.41
CA LEU E 135 -7.99 -10.32 -31.42
C LEU E 135 -7.61 -9.11 -32.25
N ARG E 136 -7.08 -8.10 -31.58
CA ARG E 136 -6.65 -6.87 -32.23
C ARG E 136 -5.51 -7.13 -33.22
N GLN E 137 -4.81 -8.25 -33.06
CA GLN E 137 -3.69 -8.58 -33.94
C GLN E 137 -4.06 -9.48 -35.12
N LEU E 138 -5.32 -9.90 -35.18
CA LEU E 138 -5.77 -10.76 -36.26
C LEU E 138 -5.74 -10.06 -37.62
N ARG E 139 -5.34 -10.79 -38.64
CA ARG E 139 -5.33 -10.30 -40.00
C ARG E 139 -6.02 -11.31 -40.91
N THR E 140 -6.49 -10.85 -42.06
CA THR E 140 -7.18 -11.72 -43.01
C THR E 140 -6.39 -11.76 -44.31
N LYS E 141 -6.64 -12.78 -45.12
CA LYS E 141 -6.01 -12.91 -46.43
C LYS E 141 -6.15 -11.60 -47.19
N ALA E 142 -7.33 -11.00 -47.08
CA ALA E 142 -7.61 -9.69 -47.64
C ALA E 142 -6.62 -8.65 -47.12
N ASP E 143 -6.52 -8.54 -45.81
CA ASP E 143 -5.63 -7.56 -45.18
C ASP E 143 -4.19 -7.79 -45.61
N VAL E 144 -3.80 -9.06 -45.60
CA VAL E 144 -2.44 -9.44 -45.92
C VAL E 144 -2.07 -9.00 -47.33
N GLU E 145 -2.87 -9.40 -48.31
CA GLU E 145 -2.57 -9.03 -49.69
C GLU E 145 -2.73 -7.52 -49.87
N ARG E 146 -3.53 -6.89 -49.01
CA ARG E 146 -3.69 -5.45 -49.05
C ARG E 146 -2.37 -4.80 -48.67
N LEU E 147 -1.64 -5.45 -47.77
CA LEU E 147 -0.34 -4.92 -47.33
C LEU E 147 0.77 -5.23 -48.32
N ARG E 148 0.66 -6.34 -49.04
CA ARG E 148 1.77 -6.81 -49.86
C ARG E 148 1.74 -6.34 -51.32
N LYS E 149 0.80 -5.46 -51.66
CA LYS E 149 0.69 -4.95 -53.02
C LYS E 149 1.98 -4.31 -53.52
N GLY E 150 2.32 -3.15 -52.97
CA GLY E 150 3.54 -2.44 -53.35
C GLY E 150 3.65 -2.06 -54.81
N GLU E 151 2.63 -1.37 -55.32
N MET F 1 72.91 -0.28 -24.77
CA MET F 1 73.45 1.07 -24.75
C MET F 1 72.34 2.11 -24.73
N ARG F 2 72.11 2.71 -23.57
CA ARG F 2 71.06 3.71 -23.44
C ARG F 2 71.62 5.03 -22.94
N ARG F 3 70.85 6.09 -23.13
CA ARG F 3 71.26 7.43 -22.77
C ARG F 3 70.65 7.84 -21.42
N TYR F 4 71.52 8.08 -20.44
CA TYR F 4 71.07 8.43 -19.10
C TYR F 4 71.51 9.82 -18.67
N GLU F 5 71.11 10.18 -17.47
CA GLU F 5 71.50 11.42 -16.81
C GLU F 5 71.86 11.11 -15.35
N VAL F 6 73.06 11.49 -14.95
CA VAL F 6 73.56 11.22 -13.62
C VAL F 6 73.57 12.50 -12.81
N ASN F 7 72.74 12.54 -11.78
CA ASN F 7 72.73 13.64 -10.83
C ASN F 7 73.53 13.26 -9.60
N ILE F 8 74.50 14.08 -9.25
CA ILE F 8 75.33 13.83 -8.07
C ILE F 8 75.38 15.05 -7.18
N VAL F 9 75.02 14.88 -5.91
CA VAL F 9 75.08 15.98 -4.97
C VAL F 9 76.07 15.66 -3.87
N LEU F 10 77.10 16.48 -3.72
CA LEU F 10 78.12 16.24 -2.72
C LEU F 10 78.40 17.46 -1.82
N ASN F 11 79.28 17.24 -0.86
CA ASN F 11 79.58 18.19 0.21
C ASN F 11 80.05 19.54 -0.30
N PRO F 12 79.29 20.59 0.00
CA PRO F 12 79.59 21.97 -0.41
C PRO F 12 80.84 22.57 0.27
N ASN F 13 81.30 21.96 1.35
CA ASN F 13 82.40 22.51 2.14
C ASN F 13 83.79 22.12 1.63
N LEU F 14 83.82 21.37 0.54
CA LEU F 14 85.08 20.85 0.02
C LEU F 14 85.98 21.94 -0.56
N ASP F 15 87.27 21.87 -0.24
CA ASP F 15 88.27 22.70 -0.91
C ASP F 15 88.53 22.15 -2.30
N GLN F 16 89.09 22.97 -3.18
CA GLN F 16 89.28 22.64 -4.59
C GLN F 16 90.02 21.31 -4.79
N SER F 17 90.89 20.96 -3.85
CA SER F 17 91.70 19.76 -3.98
C SER F 17 90.84 18.51 -3.78
N GLN F 18 90.26 18.38 -2.60
CA GLN F 18 89.36 17.26 -2.28
C GLN F 18 88.25 17.12 -3.32
N LEU F 19 87.69 18.25 -3.73
CA LEU F 19 86.67 18.27 -4.76
C LEU F 19 87.21 17.66 -6.06
N ALA F 20 88.40 18.11 -6.46
CA ALA F 20 89.03 17.59 -7.67
C ALA F 20 89.22 16.08 -7.56
N LEU F 21 89.59 15.61 -6.37
CA LEU F 21 89.75 14.19 -6.15
C LEU F 21 88.44 13.46 -6.32
N GLU F 22 87.36 14.05 -5.81
CA GLU F 22 86.04 13.44 -5.91
C GLU F 22 85.61 13.30 -7.38
N LYS F 23 85.72 14.40 -8.13
CA LYS F 23 85.38 14.36 -9.54
C LYS F 23 86.28 13.37 -10.28
N GLU F 24 87.52 13.26 -9.84
CA GLU F 24 88.46 12.29 -10.38
C GLU F 24 87.93 10.87 -10.19
N ILE F 25 87.39 10.59 -9.00
CA ILE F 25 86.87 9.26 -8.70
C ILE F 25 85.61 9.02 -9.52
N ILE F 26 84.82 10.06 -9.71
CA ILE F 26 83.61 9.95 -10.51
C ILE F 26 83.95 9.57 -11.95
N GLN F 27 84.84 10.36 -12.56
CA GLN F 27 85.29 10.07 -13.92
C GLN F 27 85.86 8.66 -14.01
N ARG F 28 86.70 8.30 -13.04
CA ARG F 28 87.34 7.00 -13.01
C ARG F 28 86.30 5.88 -13.02
N ALA F 29 85.38 5.92 -12.07
CA ALA F 29 84.34 4.89 -11.98
C ALA F 29 83.50 4.87 -13.24
N LEU F 30 83.24 6.03 -13.82
CA LEU F 30 82.46 6.12 -15.06
C LEU F 30 83.15 5.38 -16.20
N GLU F 31 84.46 5.58 -16.32
CA GLU F 31 85.23 4.87 -17.32
C GLU F 31 85.20 3.38 -17.03
N ASN F 32 85.25 3.03 -15.75
CA ASN F 32 85.27 1.62 -15.34
C ASN F 32 84.02 0.88 -15.81
N TYR F 33 82.88 1.56 -15.75
CA TYR F 33 81.63 0.95 -16.17
C TYR F 33 81.28 1.28 -17.60
N GLY F 34 82.21 1.96 -18.28
CA GLY F 34 82.09 2.21 -19.71
C GLY F 34 80.96 3.14 -20.11
N ALA F 35 80.95 4.32 -19.54
CA ALA F 35 79.93 5.31 -19.86
C ALA F 35 80.53 6.48 -20.62
N ARG F 36 80.16 6.60 -21.89
CA ARG F 36 80.60 7.73 -22.70
C ARG F 36 79.89 8.99 -22.25
N VAL F 37 80.63 10.07 -22.06
CA VAL F 37 80.05 11.32 -21.59
C VAL F 37 79.72 12.25 -22.74
N GLU F 38 78.43 12.50 -22.96
CA GLU F 38 77.99 13.35 -24.06
C GLU F 38 78.16 14.82 -23.73
N LYS F 39 77.78 15.21 -22.52
CA LYS F 39 78.03 16.56 -22.05
C LYS F 39 77.99 16.61 -20.52
N VAL F 40 78.26 17.79 -19.96
CA VAL F 40 78.37 17.94 -18.51
C VAL F 40 77.98 19.36 -18.12
N GLU F 41 77.38 19.49 -16.94
CA GLU F 41 77.06 20.80 -16.37
C GLU F 41 77.43 20.83 -14.89
N GLU F 42 78.28 21.77 -14.51
CA GLU F 42 78.64 21.93 -13.11
C GLU F 42 77.88 23.13 -12.55
N LEU F 43 76.90 22.86 -11.69
CA LEU F 43 76.01 23.91 -11.19
C LEU F 43 76.51 24.53 -9.89
N GLY F 44 77.52 23.90 -9.29
CA GLY F 44 78.10 24.41 -8.06
C GLY F 44 77.22 24.30 -6.83
N LEU F 45 77.49 25.15 -5.85
CA LEU F 45 76.72 25.13 -4.60
C LEU F 45 75.38 25.80 -4.80
N ARG F 46 74.35 25.23 -4.18
CA ARG F 46 72.99 25.74 -4.24
C ARG F 46 72.27 25.47 -2.93
N ARG F 47 71.25 26.29 -2.67
CA ARG F 47 70.51 26.23 -1.41
C ARG F 47 69.47 25.13 -1.46
N LEU F 48 69.58 24.17 -0.55
CA LEU F 48 68.62 23.07 -0.48
C LEU F 48 67.33 23.53 0.19
N ALA F 49 66.23 22.84 -0.14
CA ALA F 49 64.95 23.16 0.45
C ALA F 49 64.80 22.53 1.82
N TYR F 50 65.61 21.51 2.08
CA TYR F 50 65.64 20.86 3.39
C TYR F 50 67.05 20.41 3.67
N PRO F 51 67.43 20.38 4.96
CA PRO F 51 68.81 20.01 5.29
C PRO F 51 69.19 18.59 4.86
N ILE F 52 70.31 18.47 4.15
CA ILE F 52 70.84 17.16 3.80
C ILE F 52 72.18 16.99 4.49
N ALA F 53 72.31 15.89 5.23
CA ALA F 53 73.51 15.63 6.03
C ALA F 53 73.84 16.83 6.91
N LYS F 54 72.80 17.37 7.56
CA LYS F 54 72.91 18.48 8.51
C LYS F 54 73.32 19.80 7.86
N ASP F 55 73.63 19.77 6.56
CA ASP F 55 74.14 20.94 5.86
C ASP F 55 73.08 21.55 4.94
N PRO F 56 72.79 22.85 5.12
CA PRO F 56 71.73 23.59 4.42
C PRO F 56 71.95 23.80 2.92
N GLN F 57 73.16 23.57 2.43
CA GLN F 57 73.43 23.72 1.01
C GLN F 57 74.04 22.46 0.41
N GLY F 58 74.27 22.46 -0.90
CA GLY F 58 74.86 21.31 -1.57
C GLY F 58 75.49 21.59 -2.92
N TYR F 59 76.44 20.77 -3.31
CA TYR F 59 77.18 21.01 -4.55
C TYR F 59 76.72 20.04 -5.62
N PHE F 60 76.28 20.57 -6.76
CA PHE F 60 75.61 19.77 -7.78
C PHE F 60 76.45 19.46 -9.02
N LEU F 61 76.34 18.22 -9.50
CA LEU F 61 76.97 17.78 -10.72
C LEU F 61 75.95 17.05 -11.58
N TRP F 62 76.05 17.25 -12.89
CA TRP F 62 75.10 16.67 -13.83
C TRP F 62 75.81 16.12 -15.05
N TYR F 63 75.61 14.85 -15.35
CA TYR F 63 76.30 14.21 -16.46
C TYR F 63 75.35 13.51 -17.43
N GLN F 64 75.31 13.94 -18.68
CA GLN F 64 74.49 13.23 -19.66
C GLN F 64 75.33 12.17 -20.35
N VAL F 65 75.00 10.90 -20.10
CA VAL F 65 75.88 9.83 -20.56
C VAL F 65 75.20 8.83 -21.47
N GLU F 66 75.99 7.89 -21.97
CA GLU F 66 75.49 6.73 -22.69
C GLU F 66 76.25 5.52 -22.19
N MET F 67 75.52 4.54 -21.65
CA MET F 67 76.16 3.38 -21.08
C MET F 67 75.31 2.13 -21.25
N PRO F 68 75.94 0.94 -21.19
CA PRO F 68 75.16 -0.29 -21.21
C PRO F 68 74.22 -0.35 -20.02
N GLU F 69 72.96 -0.70 -20.27
CA GLU F 69 71.92 -0.65 -19.25
C GLU F 69 72.20 -1.61 -18.11
N ASP F 70 72.66 -2.81 -18.46
CA ASP F 70 72.79 -3.89 -17.49
C ASP F 70 73.61 -3.52 -16.27
N ARG F 71 74.58 -2.63 -16.44
CA ARG F 71 75.43 -2.24 -15.32
C ARG F 71 75.05 -0.92 -14.63
N VAL F 72 74.04 -0.23 -15.14
CA VAL F 72 73.67 1.10 -14.61
C VAL F 72 73.45 1.05 -13.10
N ASN F 73 72.58 0.14 -12.66
CA ASN F 73 72.33 -0.05 -11.24
C ASN F 73 73.65 -0.30 -10.53
N ASP F 74 74.41 -1.25 -11.06
CA ASP F 74 75.68 -1.65 -10.46
C ASP F 74 76.62 -0.46 -10.37
N LEU F 75 76.44 0.51 -11.25
CA LEU F 75 77.27 1.71 -11.23
C LEU F 75 76.90 2.58 -10.02
N ALA F 76 75.60 2.82 -9.84
CA ALA F 76 75.12 3.72 -8.80
C ALA F 76 75.74 3.39 -7.46
N ARG F 77 75.79 2.09 -7.18
CA ARG F 77 76.39 1.57 -5.97
C ARG F 77 77.72 2.26 -5.69
N GLU F 78 78.65 2.09 -6.63
CA GLU F 78 79.98 2.71 -6.52
C GLU F 78 79.90 4.19 -6.19
N LEU F 79 79.08 4.93 -6.93
CA LEU F 79 78.99 6.37 -6.73
C LEU F 79 78.50 6.75 -5.34
N ARG F 80 77.78 5.85 -4.70
CA ARG F 80 77.22 6.13 -3.39
C ARG F 80 78.21 5.82 -2.27
N ILE F 81 79.36 5.27 -2.63
CA ILE F 81 80.31 4.83 -1.62
C ILE F 81 80.94 6.01 -0.89
N ARG F 82 81.33 7.03 -1.65
CA ARG F 82 82.01 8.19 -1.08
C ARG F 82 81.16 8.90 -0.04
N ASP F 83 81.74 9.10 1.15
CA ASP F 83 81.04 9.78 2.23
C ASP F 83 80.74 11.21 1.85
N ASN F 84 81.57 11.78 0.99
CA ASN F 84 81.37 13.14 0.54
C ASN F 84 80.20 13.24 -0.43
N VAL F 85 79.76 12.12 -0.98
CA VAL F 85 78.67 12.15 -1.94
C VAL F 85 77.37 11.78 -1.22
N ARG F 86 76.52 12.78 -1.03
CA ARG F 86 75.30 12.59 -0.25
C ARG F 86 74.06 12.26 -1.09
N ARG F 87 74.13 12.44 -2.40
CA ARG F 87 73.00 12.06 -3.27
C ARG F 87 73.45 11.54 -4.63
N VAL F 88 72.79 10.49 -5.08
CA VAL F 88 72.99 9.96 -6.42
C VAL F 88 71.64 9.62 -7.04
N MET F 89 71.31 10.23 -8.17
CA MET F 89 70.08 9.87 -8.87
C MET F 89 70.30 9.72 -10.36
N VAL F 90 70.04 8.52 -10.87
CA VAL F 90 70.25 8.24 -12.28
C VAL F 90 68.91 8.11 -12.99
N VAL F 91 68.75 8.81 -14.10
CA VAL F 91 67.48 8.85 -14.81
C VAL F 91 67.66 8.48 -16.28
N LYS F 92 66.77 7.67 -16.83
CA LYS F 92 66.76 7.49 -18.28
C LYS F 92 66.40 8.82 -18.92
N SER F 93 67.18 9.24 -19.90
CA SER F 93 66.96 10.53 -20.55
C SER F 93 65.63 10.54 -21.30
N GLN F 94 64.99 11.69 -21.37
CA GLN F 94 63.69 11.81 -22.02
C GLN F 94 63.60 13.07 -22.87
N GLU F 95 62.93 12.96 -24.03
CA GLU F 95 62.68 14.13 -24.85
C GLU F 95 61.77 15.09 -24.09
N PRO F 96 62.18 16.35 -24.00
CA PRO F 96 61.44 17.38 -23.24
C PRO F 96 59.99 17.53 -23.70
N PHE F 97 59.08 17.57 -22.75
CA PHE F 97 57.65 17.74 -23.03
C PHE F 97 57.25 19.17 -22.66
N LEU F 98 57.00 19.99 -23.67
CA LEU F 98 56.75 21.41 -23.44
C LEU F 98 55.30 21.70 -23.14
N ALA F 99 55.05 22.66 -22.26
CA ALA F 99 53.69 23.08 -21.96
C ALA F 99 53.50 24.54 -22.35
N ASN F 100 52.25 24.91 -22.63
CA ASN F 100 51.91 26.29 -22.99
C ASN F 100 52.69 26.74 -24.21
N ALA F 101 52.66 25.93 -25.28
CA ALA F 101 53.41 26.23 -26.50
C ALA F 101 52.48 26.66 -27.63
N ALA G 1 5.29 31.77 23.70
CA ALA G 1 5.25 32.57 22.48
C ALA G 1 6.04 31.90 21.36
N ARG G 2 5.45 30.89 20.74
CA ARG G 2 6.13 30.19 19.65
C ARG G 2 6.08 30.99 18.36
N ARG G 3 4.94 31.64 18.11
CA ARG G 3 4.76 32.36 16.86
C ARG G 3 5.32 33.80 16.94
N ARG G 4 4.64 34.65 17.71
CA ARG G 4 5.00 36.07 17.76
C ARG G 4 6.21 36.35 18.64
N ARG G 5 6.59 37.62 18.73
CA ARG G 5 7.72 38.03 19.57
C ARG G 5 7.23 38.53 20.93
N ALA G 6 5.93 38.52 21.13
CA ALA G 6 5.33 38.87 22.42
C ALA G 6 5.73 40.26 22.89
N GLU G 7 5.16 41.29 22.26
CA GLU G 7 5.45 42.67 22.61
C GLU G 7 5.19 42.96 24.09
N VAL G 8 6.00 43.84 24.66
CA VAL G 8 5.94 44.16 26.08
C VAL G 8 4.72 44.99 26.44
N ARG G 9 4.05 44.61 27.51
CA ARG G 9 2.95 45.41 28.02
C ARG G 9 3.44 46.77 28.47
N GLN G 10 2.78 47.83 28.02
CA GLN G 10 3.13 49.17 28.47
C GLN G 10 2.25 49.55 29.66
N LEU G 11 2.90 50.08 30.68
CA LEU G 11 2.22 50.37 31.94
C LEU G 11 1.88 51.85 32.08
N GLN G 12 0.75 52.15 32.70
CA GLN G 12 0.36 53.53 32.97
C GLN G 12 1.35 54.15 33.95
N PRO G 13 1.63 55.45 33.78
CA PRO G 13 2.61 56.15 34.63
C PRO G 13 2.16 56.26 36.07
N ASP G 14 3.09 56.58 36.96
CA ASP G 14 2.77 56.79 38.36
C ASP G 14 1.87 58.02 38.52
N LEU G 15 0.90 57.92 39.42
CA LEU G 15 -0.03 59.02 39.66
C LEU G 15 0.64 60.14 40.42
N VAL G 16 1.83 59.88 40.96
CA VAL G 16 2.54 60.85 41.77
C VAL G 16 3.82 61.31 41.09
N TYR G 17 4.80 60.43 41.03
CA TYR G 17 6.11 60.78 40.47
C TYR G 17 6.13 60.61 38.95
N GLY G 18 5.01 60.14 38.39
CA GLY G 18 4.88 60.02 36.95
C GLY G 18 5.91 59.13 36.29
N ASP G 19 6.24 58.02 36.94
CA ASP G 19 7.24 57.09 36.42
C ASP G 19 6.65 55.68 36.30
N VAL G 20 6.94 55.02 35.19
CA VAL G 20 6.39 53.69 34.93
C VAL G 20 7.08 52.65 35.82
N LEU G 21 8.33 52.91 36.16
CA LEU G 21 9.10 52.01 37.01
C LEU G 21 8.42 51.90 38.37
N VAL G 22 8.00 53.05 38.88
CA VAL G 22 7.23 53.11 40.10
C VAL G 22 6.02 52.19 40.01
N THR G 23 5.26 52.31 38.91
CA THR G 23 4.07 51.50 38.71
C THR G 23 4.40 50.02 38.76
N ALA G 24 5.46 49.64 38.06
CA ALA G 24 5.90 48.25 38.04
C ALA G 24 6.18 47.74 39.46
N PHE G 25 6.80 48.60 40.27
CA PHE G 25 7.08 48.22 41.64
C PHE G 25 5.78 48.09 42.44
N ILE G 26 4.85 49.00 42.18
CA ILE G 26 3.54 48.97 42.81
C ILE G 26 2.90 47.62 42.55
N ASN G 27 2.97 47.18 41.30
CA ASN G 27 2.38 45.91 40.89
C ASN G 27 3.06 44.72 41.54
N LYS G 28 4.38 44.74 41.60
CA LYS G 28 5.09 43.63 42.23
C LYS G 28 4.72 43.54 43.71
N ILE G 29 4.44 44.69 44.32
CA ILE G 29 3.99 44.69 45.71
C ILE G 29 2.58 44.13 45.81
N MET G 30 1.77 44.37 44.78
CA MET G 30 0.36 44.02 44.80
C MET G 30 0.11 42.54 45.05
N ARG G 31 -0.95 42.27 45.81
CA ARG G 31 -1.25 40.92 46.28
C ARG G 31 -2.75 40.70 46.20
N ASP G 32 -3.18 39.61 45.56
CA ASP G 32 -4.60 39.31 45.38
C ASP G 32 -5.32 40.43 44.62
N GLY G 33 -4.56 41.18 43.83
CA GLY G 33 -5.14 42.25 43.05
C GLY G 33 -5.66 43.42 43.86
N LYS G 34 -5.06 43.65 45.03
CA LYS G 34 -5.39 44.87 45.76
C LYS G 34 -4.38 45.95 45.39
N LYS G 35 -4.83 46.90 44.59
CA LYS G 35 -3.95 47.96 44.12
C LYS G 35 -3.85 49.03 45.18
N ASN G 36 -4.98 49.33 45.80
CA ASN G 36 -5.08 50.39 46.78
C ASN G 36 -4.11 50.15 47.91
N LEU G 37 -4.18 48.95 48.48
CA LEU G 37 -3.30 48.56 49.56
C LEU G 37 -1.82 48.67 49.14
N ALA G 38 -1.54 48.33 47.89
CA ALA G 38 -0.16 48.39 47.40
C ALA G 38 0.34 49.83 47.35
N ALA G 39 -0.43 50.70 46.71
CA ALA G 39 -0.08 52.11 46.61
C ALA G 39 0.10 52.73 47.99
N ARG G 40 -0.83 52.42 48.88
CA ARG G 40 -0.74 52.80 50.28
C ARG G 40 0.65 52.44 50.81
N ILE G 41 0.97 51.15 50.73
CA ILE G 41 2.27 50.67 51.20
C ILE G 41 3.43 51.48 50.63
N PHE G 42 3.50 51.58 49.31
CA PHE G 42 4.65 52.21 48.67
C PHE G 42 4.79 53.69 49.02
N TYR G 43 3.67 54.40 49.05
CA TYR G 43 3.70 55.83 49.28
C TYR G 43 4.00 56.13 50.75
N ASP G 44 3.45 55.32 51.65
CA ASP G 44 3.81 55.44 53.05
C ASP G 44 5.31 55.19 53.19
N ALA G 45 5.81 54.24 52.42
CA ALA G 45 7.23 53.92 52.42
C ALA G 45 8.06 55.09 51.91
N CYS G 46 7.51 55.85 50.96
CA CYS G 46 8.17 57.04 50.44
C CYS G 46 8.17 58.15 51.48
N LYS G 47 7.12 58.17 52.29
CA LYS G 47 7.06 59.09 53.41
C LYS G 47 8.17 58.73 54.39
N ILE G 48 8.45 57.43 54.51
CA ILE G 48 9.48 56.96 55.41
C ILE G 48 10.88 57.18 54.83
N ILE G 49 10.99 57.25 53.51
CA ILE G 49 12.29 57.49 52.89
C ILE G 49 12.78 58.88 53.27
N GLN G 50 11.86 59.83 53.39
CA GLN G 50 12.22 61.12 53.94
C GLN G 50 12.07 61.09 55.45
N GLU G 51 12.51 62.17 56.10
CA GLU G 51 12.66 62.27 57.55
C GLU G 51 13.53 61.11 58.07
N LYS G 52 14.25 60.51 57.13
CA LYS G 52 15.30 59.54 57.40
C LYS G 52 16.45 59.96 56.51
N THR G 53 16.22 59.90 55.21
CA THR G 53 17.10 60.48 54.22
C THR G 53 16.57 61.85 53.82
N GLY G 54 17.46 62.84 53.76
CA GLY G 54 17.06 64.18 53.35
C GLY G 54 16.74 64.27 51.88
N GLN G 55 17.17 63.28 51.10
CA GLN G 55 17.00 63.29 49.66
C GLN G 55 15.56 63.00 49.27
N GLU G 56 15.29 63.05 47.96
CA GLU G 56 13.95 62.78 47.45
C GLU G 56 13.83 61.31 47.11
N PRO G 57 12.79 60.65 47.65
CA PRO G 57 12.59 59.21 47.60
C PRO G 57 12.71 58.61 46.19
N LEU G 58 12.32 59.36 45.17
CA LEU G 58 12.40 58.87 43.81
C LEU G 58 13.82 58.49 43.45
N LYS G 59 14.75 59.39 43.74
CA LYS G 59 16.16 59.17 43.46
C LYS G 59 16.66 57.91 44.16
N VAL G 60 16.31 57.78 45.43
CA VAL G 60 16.67 56.62 46.23
C VAL G 60 16.19 55.34 45.58
N PHE G 61 14.91 55.35 45.20
CA PHE G 61 14.25 54.21 44.57
C PHE G 61 14.98 53.78 43.30
N LYS G 62 15.10 54.72 42.36
CA LYS G 62 15.74 54.43 41.09
C LYS G 62 17.17 53.93 41.27
N GLN G 63 17.91 54.53 42.20
CA GLN G 63 19.31 54.16 42.38
C GLN G 63 19.44 52.79 43.04
N ALA G 64 18.54 52.45 43.93
CA ALA G 64 18.55 51.14 44.53
C ALA G 64 18.28 50.10 43.46
N VAL G 65 17.23 50.34 42.68
CA VAL G 65 16.88 49.47 41.56
C VAL G 65 18.08 49.25 40.67
N GLU G 66 18.78 50.33 40.35
CA GLU G 66 19.98 50.25 39.53
C GLU G 66 21.07 49.43 40.22
N ASN G 67 21.12 49.48 41.55
CA ASN G 67 22.13 48.73 42.29
C ASN G 67 21.84 47.24 42.29
N VAL G 68 20.57 46.88 42.17
CA VAL G 68 20.20 45.47 42.21
C VAL G 68 20.37 44.77 40.85
N LYS G 69 20.42 45.53 39.76
CA LYS G 69 20.42 44.96 38.41
C LYS G 69 21.64 44.10 38.11
N PRO G 70 21.42 42.78 37.92
CA PRO G 70 22.48 41.84 37.54
C PRO G 70 22.96 41.99 36.10
N ARG G 71 24.26 42.00 35.88
CA ARG G 71 24.83 42.08 34.53
C ARG G 71 24.91 40.70 33.88
N MET G 72 24.98 39.65 34.68
CA MET G 72 25.15 38.29 34.17
C MET G 72 24.37 37.29 35.01
N GLU G 73 23.83 36.28 34.37
CA GLU G 73 23.15 35.22 35.10
C GLU G 73 23.47 33.87 34.50
N VAL G 74 23.10 32.81 35.21
CA VAL G 74 23.38 31.46 34.77
C VAL G 74 22.10 30.68 34.46
N ARG G 75 22.02 30.14 33.26
CA ARG G 75 20.90 29.30 32.83
C ARG G 75 21.37 27.88 32.57
N SER G 76 20.53 26.90 32.88
CA SER G 76 20.88 25.50 32.67
C SER G 76 20.71 25.10 31.21
N ARG G 77 21.61 24.25 30.73
CA ARG G 77 21.51 23.74 29.37
C ARG G 77 21.90 22.26 29.32
N ARG G 78 21.09 21.45 28.64
CA ARG G 78 21.37 20.03 28.53
C ARG G 78 22.32 19.79 27.38
N VAL G 79 23.52 19.30 27.69
CA VAL G 79 24.55 19.11 26.68
C VAL G 79 25.31 17.80 26.90
N GLY G 80 25.41 16.98 25.86
CA GLY G 80 26.17 15.75 25.90
C GLY G 80 25.68 14.76 26.93
N GLY G 81 24.42 14.87 27.33
CA GLY G 81 23.84 13.96 28.29
C GLY G 81 23.73 14.52 29.70
N ALA G 82 24.46 15.60 29.95
CA ALA G 82 24.46 16.21 31.28
C ALA G 82 23.83 17.59 31.26
N ASN G 83 23.73 18.20 32.44
CA ASN G 83 23.11 19.51 32.58
C ASN G 83 24.11 20.52 33.14
N TYR G 84 24.43 21.52 32.34
CA TYR G 84 25.46 22.48 32.71
C TYR G 84 24.90 23.83 33.10
N GLN G 85 25.60 24.49 34.01
CA GLN G 85 25.25 25.85 34.41
C GLN G 85 26.02 26.83 33.55
N VAL G 86 25.30 27.52 32.66
CA VAL G 86 25.94 28.33 31.64
C VAL G 86 25.73 29.82 31.88
N PRO G 87 26.82 30.57 31.99
CA PRO G 87 26.77 32.02 32.19
C PRO G 87 26.40 32.75 30.93
N MET G 88 25.78 33.92 31.06
CA MET G 88 25.49 34.77 29.92
C MET G 88 24.86 36.09 30.36
N GLU G 89 24.81 37.03 29.42
CA GLU G 89 24.35 38.37 29.69
C GLU G 89 22.87 38.39 29.96
N VAL G 90 22.41 39.45 30.62
CA VAL G 90 21.02 39.58 30.99
C VAL G 90 20.39 40.74 30.24
N SER G 91 19.34 40.45 29.47
CA SER G 91 18.60 41.48 28.75
C SER G 91 18.09 42.53 29.72
N PRO G 92 18.07 43.80 29.30
CA PRO G 92 17.70 44.93 30.15
C PRO G 92 16.35 44.76 30.85
N ARG G 93 15.35 44.29 30.10
CA ARG G 93 14.03 44.07 30.68
C ARG G 93 14.12 43.04 31.81
N ARG G 94 14.85 41.95 31.57
CA ARG G 94 15.00 40.93 32.58
C ARG G 94 15.71 41.51 33.82
N GLN G 95 16.67 42.40 33.59
CA GLN G 95 17.34 43.09 34.68
C GLN G 95 16.31 43.81 35.53
N GLN G 96 15.41 44.53 34.86
CA GLN G 96 14.38 45.28 35.57
C GLN G 96 13.48 44.36 36.40
N SER G 97 12.99 43.31 35.76
CA SER G 97 12.08 42.37 36.41
C SER G 97 12.71 41.76 37.64
N LEU G 98 13.93 41.26 37.47
CA LEU G 98 14.66 40.63 38.56
C LEU G 98 14.91 41.61 39.69
N ALA G 99 15.31 42.83 39.35
CA ALA G 99 15.61 43.85 40.34
C ALA G 99 14.39 44.14 41.21
N LEU G 100 13.27 44.46 40.57
CA LEU G 100 12.06 44.78 41.32
C LEU G 100 11.61 43.58 42.16
N ARG G 101 11.50 42.42 41.54
CA ARG G 101 11.02 41.23 42.24
C ARG G 101 11.87 40.93 43.47
N TRP G 102 13.18 40.93 43.28
CA TRP G 102 14.11 40.69 44.37
C TRP G 102 13.92 41.72 45.47
N LEU G 103 13.78 42.98 45.09
CA LEU G 103 13.56 44.04 46.07
C LEU G 103 12.36 43.73 46.94
N VAL G 104 11.26 43.34 46.32
CA VAL G 104 10.05 43.06 47.10
C VAL G 104 10.23 41.83 47.98
N GLN G 105 10.82 40.78 47.44
CA GLN G 105 11.03 39.56 48.21
C GLN G 105 11.87 39.82 49.46
N ALA G 106 13.04 40.42 49.25
CA ALA G 106 13.94 40.76 50.35
C ALA G 106 13.26 41.69 51.34
N ALA G 107 12.45 42.62 50.83
CA ALA G 107 11.74 43.54 51.70
C ALA G 107 10.79 42.78 52.61
N ASN G 108 10.11 41.77 52.07
CA ASN G 108 9.16 41.02 52.87
C ASN G 108 9.84 39.93 53.69
N GLN G 109 11.14 39.77 53.51
CA GLN G 109 11.92 38.90 54.40
C GLN G 109 12.31 39.63 55.68
N ARG G 110 12.29 40.96 55.62
CA ARG G 110 12.78 41.82 56.70
C ARG G 110 12.01 41.64 58.01
N PRO G 111 12.70 41.88 59.16
CA PRO G 111 12.13 41.73 60.50
C PRO G 111 11.08 42.78 60.86
N GLU G 112 11.05 43.88 60.12
CA GLU G 112 10.20 45.02 60.49
C GLU G 112 8.73 44.63 60.56
N ARG G 113 8.00 45.27 61.47
CA ARG G 113 6.63 44.91 61.79
C ARG G 113 5.69 45.04 60.60
N ARG G 114 5.62 46.22 60.01
CA ARG G 114 4.63 46.47 58.96
C ARG G 114 5.27 46.84 57.63
N ALA G 115 4.49 46.67 56.56
CA ALA G 115 4.95 46.73 55.18
C ALA G 115 5.81 47.95 54.83
N ALA G 116 5.20 49.13 54.93
CA ALA G 116 5.85 50.37 54.49
C ALA G 116 7.26 50.51 55.03
N VAL G 117 7.45 50.16 56.31
CA VAL G 117 8.76 50.20 56.94
C VAL G 117 9.71 49.25 56.24
N ARG G 118 9.21 48.06 55.92
CA ARG G 118 10.02 47.05 55.27
C ARG G 118 10.50 47.54 53.93
N ILE G 119 9.55 47.95 53.07
CA ILE G 119 9.89 48.42 51.74
C ILE G 119 10.86 49.57 51.83
N ALA G 120 10.57 50.54 52.70
CA ALA G 120 11.41 51.71 52.85
C ALA G 120 12.84 51.32 53.20
N HIS G 121 12.99 50.55 54.27
CA HIS G 121 14.31 50.17 54.76
C HIS G 121 15.09 49.37 53.73
N GLU G 122 14.42 48.43 53.06
CA GLU G 122 15.07 47.65 52.02
C GLU G 122 15.54 48.54 50.89
N LEU G 123 14.65 49.43 50.45
CA LEU G 123 14.99 50.40 49.43
C LEU G 123 16.25 51.17 49.80
N MET G 124 16.28 51.71 51.01
CA MET G 124 17.41 52.49 51.50
C MET G 124 18.71 51.68 51.49
N ASP G 125 18.65 50.50 52.08
CA ASP G 125 19.82 49.64 52.17
C ASP G 125 20.38 49.32 50.79
N ALA G 126 19.48 49.02 49.86
CA ALA G 126 19.89 48.72 48.49
C ALA G 126 20.51 49.96 47.86
N ALA G 127 19.94 51.12 48.19
CA ALA G 127 20.43 52.38 47.65
C ALA G 127 21.86 52.62 48.07
N GLU G 128 22.17 52.34 49.33
CA GLU G 128 23.55 52.50 49.78
C GLU G 128 24.36 51.22 49.60
N GLY G 129 23.74 50.22 48.99
CA GLY G 129 24.49 49.05 48.54
C GLY G 129 24.57 47.85 49.47
N LYS G 130 23.62 47.73 50.39
CA LYS G 130 23.58 46.56 51.27
C LYS G 130 22.17 46.00 51.29
N GLY G 131 22.00 44.83 51.89
CA GLY G 131 20.68 44.24 52.01
C GLY G 131 20.44 43.03 51.11
N GLY G 132 19.45 42.23 51.48
CA GLY G 132 19.19 40.95 50.84
C GLY G 132 19.13 40.92 49.34
N ALA G 133 18.57 41.96 48.74
CA ALA G 133 18.46 42.02 47.29
C ALA G 133 19.85 42.07 46.65
N VAL G 134 20.69 42.94 47.17
CA VAL G 134 22.04 43.07 46.65
C VAL G 134 22.79 41.77 46.89
N LYS G 135 22.42 41.06 47.94
CA LYS G 135 23.01 39.76 48.21
C LYS G 135 22.60 38.78 47.13
N LYS G 136 21.37 38.91 46.65
CA LYS G 136 20.89 38.07 45.56
C LYS G 136 21.68 38.37 44.29
N LYS G 137 21.78 39.65 43.94
CA LYS G 137 22.56 40.05 42.77
C LYS G 137 23.97 39.50 42.83
N GLU G 138 24.61 39.70 43.98
CA GLU G 138 25.98 39.24 44.17
C GLU G 138 26.08 37.73 44.03
N ASP G 139 25.08 37.02 44.55
CA ASP G 139 25.07 35.56 44.51
C ASP G 139 24.93 35.05 43.07
N VAL G 140 24.11 35.75 42.30
CA VAL G 140 23.90 35.38 40.91
C VAL G 140 25.16 35.64 40.10
N GLU G 141 25.68 36.85 40.21
CA GLU G 141 26.89 37.22 39.49
C GLU G 141 28.09 36.39 39.96
N ARG G 142 27.95 35.76 41.13
CA ARG G 142 28.96 34.82 41.61
C ARG G 142 28.77 33.46 40.95
N MET G 143 27.52 33.02 40.84
CA MET G 143 27.23 31.73 40.20
C MET G 143 27.74 31.76 38.77
N ALA G 144 27.25 32.73 37.99
CA ALA G 144 27.85 33.02 36.71
C ALA G 144 29.27 33.50 36.99
N GLU G 145 30.16 33.30 36.04
CA GLU G 145 31.56 33.74 36.13
C GLU G 145 32.37 32.85 37.08
N ALA G 146 31.72 32.06 37.93
CA ALA G 146 32.41 30.95 38.58
C ALA G 146 32.35 29.78 37.62
N ASN G 147 31.40 29.87 36.70
CA ASN G 147 31.19 28.87 35.66
C ASN G 147 31.85 29.25 34.33
N ARG G 148 32.71 30.28 34.34
CA ARG G 148 33.23 30.90 33.11
C ARG G 148 33.68 29.90 32.06
N ALA G 149 34.17 28.75 32.50
CA ALA G 149 34.63 27.71 31.59
C ALA G 149 33.52 27.26 30.62
N TYR G 150 32.27 27.51 30.96
CA TYR G 150 31.18 27.06 30.12
C TYR G 150 30.65 28.14 29.19
N ALA G 151 31.32 29.30 29.19
CA ALA G 151 30.82 30.46 28.45
C ALA G 151 30.74 30.25 26.93
N HIS G 152 31.31 29.16 26.44
CA HIS G 152 31.27 28.89 25.00
C HIS G 152 30.02 28.13 24.60
N TYR G 153 29.18 27.84 25.59
CA TYR G 153 27.89 27.19 25.37
C TYR G 153 26.79 28.22 25.14
N ARG G 154 27.21 29.47 24.98
CA ARG G 154 26.37 30.67 25.13
C ARG G 154 24.96 30.56 24.54
N TRP G 155 24.85 30.44 23.21
CA TRP G 155 23.57 30.32 22.51
C TRP G 155 22.69 31.56 22.67
N MET H 1 33.62 -14.13 -35.82
CA MET H 1 32.87 -14.33 -37.05
C MET H 1 31.40 -14.59 -36.76
N LEU H 2 30.58 -14.50 -37.80
CA LEU H 2 29.17 -14.86 -37.68
C LEU H 2 29.05 -16.37 -37.59
N THR H 3 28.28 -16.85 -36.63
CA THR H 3 28.04 -18.28 -36.50
C THR H 3 26.94 -18.76 -37.45
N ASP H 4 25.88 -17.94 -37.61
CA ASP H 4 24.82 -18.26 -38.56
C ASP H 4 24.46 -17.05 -39.41
N PRO H 5 25.09 -16.92 -40.58
CA PRO H 5 24.91 -15.80 -41.50
C PRO H 5 23.45 -15.56 -41.89
N ILE H 6 22.69 -16.63 -42.10
CA ILE H 6 21.30 -16.48 -42.51
C ILE H 6 20.49 -15.87 -41.38
N ALA H 7 20.67 -16.41 -40.17
CA ALA H 7 19.99 -15.88 -39.01
C ALA H 7 20.37 -14.43 -38.83
N ASP H 8 21.62 -14.12 -39.13
CA ASP H 8 22.11 -12.77 -39.02
C ASP H 8 21.40 -11.85 -39.99
N MET H 9 21.13 -12.36 -41.19
CA MET H 9 20.42 -11.57 -42.21
C MET H 9 18.98 -11.33 -41.79
N LEU H 10 18.30 -12.40 -41.41
CA LEU H 10 16.91 -12.28 -40.98
C LEU H 10 16.80 -11.32 -39.82
N THR H 11 17.82 -11.33 -38.96
CA THR H 11 17.84 -10.43 -37.83
C THR H 11 18.05 -8.99 -38.28
N ARG H 12 19.04 -8.77 -39.13
CA ARG H 12 19.28 -7.44 -39.67
C ARG H 12 17.99 -6.86 -40.22
N ILE H 13 17.25 -7.70 -40.94
CA ILE H 13 15.97 -7.29 -41.50
C ILE H 13 14.99 -6.95 -40.38
N ARG H 14 14.92 -7.80 -39.35
CA ARG H 14 13.98 -7.54 -38.27
C ARG H 14 14.26 -6.21 -37.56
N ASN H 15 15.49 -6.07 -37.08
CA ASN H 15 15.92 -4.87 -36.38
C ASN H 15 15.75 -3.63 -37.23
N ALA H 16 16.04 -3.75 -38.53
CA ALA H 16 15.92 -2.60 -39.41
C ALA H 16 14.47 -2.21 -39.62
N THR H 17 13.58 -3.20 -39.73
CA THR H 17 12.17 -2.88 -39.92
C THR H 17 11.55 -2.27 -38.67
N ARG H 18 11.92 -2.76 -37.49
CA ARG H 18 11.31 -2.29 -36.25
C ARG H 18 11.51 -0.79 -36.05
N VAL H 19 12.59 -0.26 -36.60
CA VAL H 19 12.89 1.16 -36.52
C VAL H 19 12.46 1.88 -37.80
N TYR H 20 11.84 1.15 -38.71
CA TYR H 20 11.37 1.68 -39.99
C TYR H 20 12.50 2.26 -40.83
N LYS H 21 13.54 1.47 -41.03
CA LYS H 21 14.64 1.88 -41.89
C LYS H 21 14.19 1.90 -43.35
N GLU H 22 14.87 2.68 -44.17
CA GLU H 22 14.59 2.72 -45.60
C GLU H 22 15.12 1.47 -46.27
N SER H 23 16.33 1.09 -45.93
CA SER H 23 16.93 -0.13 -46.44
C SER H 23 17.96 -0.66 -45.45
N THR H 24 18.53 -1.82 -45.76
CA THR H 24 19.57 -2.39 -44.90
C THR H 24 20.51 -3.28 -45.69
N ASP H 25 21.79 -3.29 -45.34
CA ASP H 25 22.76 -4.12 -46.03
C ASP H 25 23.05 -5.39 -45.25
N VAL H 26 23.28 -6.49 -45.96
CA VAL H 26 23.71 -7.73 -45.35
C VAL H 26 24.83 -8.31 -46.19
N PRO H 27 25.87 -8.86 -45.55
CA PRO H 27 27.00 -9.42 -46.28
C PRO H 27 26.54 -10.43 -47.32
N ALA H 28 27.07 -10.31 -48.53
CA ALA H 28 26.52 -11.03 -49.67
C ALA H 28 26.90 -12.50 -49.71
N SER H 29 25.92 -13.34 -49.98
CA SER H 29 26.17 -14.74 -50.32
C SER H 29 25.05 -15.22 -51.22
N ARG H 30 25.38 -16.13 -52.13
CA ARG H 30 24.40 -16.62 -53.09
C ARG H 30 23.17 -17.18 -52.40
N PHE H 31 23.38 -17.84 -51.27
CA PHE H 31 22.29 -18.43 -50.52
C PHE H 31 21.34 -17.33 -50.03
N LYS H 32 21.89 -16.32 -49.38
CA LYS H 32 21.10 -15.22 -48.88
C LYS H 32 20.33 -14.57 -50.02
N GLU H 33 20.97 -14.51 -51.17
CA GLU H 33 20.39 -13.91 -52.37
C GLU H 33 19.18 -14.72 -52.82
N GLU H 34 19.33 -16.04 -52.81
CA GLU H 34 18.28 -16.93 -53.25
C GLU H 34 17.13 -16.95 -52.24
N ILE H 35 17.42 -16.54 -51.01
CA ILE H 35 16.36 -16.36 -50.03
C ILE H 35 15.61 -15.07 -50.33
N LEU H 36 16.37 -14.00 -50.55
CA LEU H 36 15.80 -12.69 -50.81
C LEU H 36 14.94 -12.65 -52.07
N ARG H 37 15.28 -13.46 -53.07
CA ARG H 37 14.43 -13.58 -54.24
C ARG H 37 13.03 -13.97 -53.80
N ILE H 38 12.96 -15.00 -52.96
CA ILE H 38 11.70 -15.50 -52.46
C ILE H 38 11.01 -14.42 -51.65
N LEU H 39 11.76 -13.74 -50.79
CA LEU H 39 11.19 -12.67 -49.99
C LEU H 39 10.52 -11.61 -50.86
N ALA H 40 11.15 -11.31 -51.99
CA ALA H 40 10.64 -10.31 -52.91
C ALA H 40 9.38 -10.82 -53.60
N ARG H 41 9.47 -12.01 -54.17
CA ARG H 41 8.35 -12.64 -54.87
C ARG H 41 7.12 -12.68 -53.99
N GLU H 42 7.32 -13.00 -52.72
CA GLU H 42 6.20 -13.10 -51.79
C GLU H 42 5.75 -11.73 -51.33
N GLY H 43 6.58 -10.72 -51.58
CA GLY H 43 6.19 -9.35 -51.30
C GLY H 43 6.42 -8.85 -49.89
N PHE H 44 7.44 -9.38 -49.22
CA PHE H 44 7.79 -8.90 -47.88
C PHE H 44 8.81 -7.78 -47.95
N ILE H 45 9.40 -7.58 -49.13
CA ILE H 45 10.33 -6.49 -49.34
C ILE H 45 10.00 -5.82 -50.67
N LYS H 46 10.40 -4.56 -50.83
CA LYS H 46 10.25 -3.90 -52.12
C LYS H 46 11.14 -4.62 -53.13
N GLY H 47 12.26 -5.11 -52.65
CA GLY H 47 13.20 -5.84 -53.47
C GLY H 47 14.60 -5.73 -52.93
N TYR H 48 15.55 -6.41 -53.56
CA TYR H 48 16.93 -6.37 -53.13
C TYR H 48 17.81 -6.04 -54.31
N GLU H 49 19.03 -5.58 -54.05
CA GLU H 49 20.00 -5.42 -55.12
C GLU H 49 21.41 -5.49 -54.59
N ARG H 50 22.39 -5.77 -55.45
CA ARG H 50 23.76 -5.91 -55.02
C ARG H 50 24.48 -4.58 -55.01
N VAL H 51 25.25 -4.32 -53.95
CA VAL H 51 26.09 -3.12 -53.92
C VAL H 51 27.47 -3.47 -53.41
N ASP H 52 28.33 -2.47 -53.37
CA ASP H 52 29.68 -2.64 -52.86
C ASP H 52 29.97 -1.62 -51.77
N VAL H 53 30.23 -2.10 -50.56
CA VAL H 53 30.61 -1.20 -49.48
C VAL H 53 32.07 -1.45 -49.16
N ASP H 54 32.84 -0.36 -49.09
CA ASP H 54 34.29 -0.44 -49.11
C ASP H 54 34.69 -1.18 -50.37
N GLY H 55 35.39 -2.31 -50.21
CA GLY H 55 35.75 -3.14 -51.34
C GLY H 55 34.99 -4.46 -51.38
N LYS H 56 33.96 -4.58 -50.54
CA LYS H 56 33.33 -5.88 -50.32
C LYS H 56 31.85 -5.90 -50.70
N PRO H 57 31.38 -7.05 -51.22
CA PRO H 57 30.03 -7.20 -51.77
C PRO H 57 28.95 -7.27 -50.71
N TYR H 58 27.81 -6.64 -50.99
CA TYR H 58 26.72 -6.60 -50.02
C TYR H 58 25.40 -6.67 -50.74
N LEU H 59 24.36 -6.97 -49.98
CA LEU H 59 23.01 -6.96 -50.49
C LEU H 59 22.19 -5.90 -49.79
N ARG H 60 21.63 -4.98 -50.57
CA ARG H 60 20.69 -4.01 -50.04
C ARG H 60 19.29 -4.56 -50.11
N VAL H 61 18.69 -4.70 -48.95
CA VAL H 61 17.30 -5.07 -48.82
C VAL H 61 16.50 -3.79 -48.65
N TYR H 62 15.61 -3.54 -49.60
CA TYR H 62 14.73 -2.39 -49.51
C TYR H 62 13.45 -2.84 -48.83
N LEU H 63 13.23 -2.38 -47.60
CA LEU H 63 12.11 -2.87 -46.83
C LEU H 63 10.81 -2.26 -47.30
N LYS H 64 9.72 -2.72 -46.70
CA LYS H 64 8.39 -2.33 -47.12
C LYS H 64 7.49 -2.26 -45.89
N TYR H 65 6.69 -1.21 -45.79
CA TYR H 65 5.81 -1.06 -44.64
C TYR H 65 4.41 -0.66 -45.06
N GLY H 66 3.53 -0.55 -44.09
CA GLY H 66 2.15 -0.20 -44.37
C GLY H 66 1.96 1.29 -44.55
N PRO H 67 0.69 1.73 -44.59
CA PRO H 67 0.37 3.15 -44.61
C PRO H 67 0.46 3.75 -43.22
N ARG H 68 0.68 5.06 -43.13
CA ARG H 68 0.68 5.74 -41.84
C ARG H 68 -0.69 5.55 -41.19
N ARG H 69 -0.74 5.49 -39.87
CA ARG H 69 -1.99 5.18 -39.19
C ARG H 69 -2.55 6.39 -38.44
N GLN H 70 -3.72 6.20 -37.82
CA GLN H 70 -4.36 7.28 -37.10
C GLN H 70 -4.16 7.12 -35.61
N GLY H 71 -4.66 8.08 -34.83
CA GLY H 71 -4.56 8.04 -33.39
C GLY H 71 -3.13 8.20 -32.86
N PRO H 72 -2.89 7.72 -31.64
CA PRO H 72 -1.53 7.69 -31.09
C PRO H 72 -0.68 6.67 -31.83
N ASP H 73 0.63 6.86 -31.83
CA ASP H 73 1.54 5.95 -32.54
C ASP H 73 1.14 5.76 -34.01
N PRO H 74 1.40 6.78 -34.83
CA PRO H 74 1.10 6.77 -36.26
C PRO H 74 1.89 5.73 -37.03
N ARG H 75 2.93 5.20 -36.41
CA ARG H 75 3.86 4.30 -37.08
C ARG H 75 3.13 3.18 -37.78
N PRO H 76 3.36 3.04 -39.09
CA PRO H 76 2.64 2.16 -39.98
C PRO H 76 2.74 0.71 -39.57
N GLU H 77 1.77 -0.10 -39.99
CA GLU H 77 1.82 -1.53 -39.72
C GLU H 77 2.96 -2.16 -40.50
N GLN H 78 3.67 -3.07 -39.84
CA GLN H 78 4.78 -3.77 -40.48
C GLN H 78 4.27 -4.74 -41.51
N VAL H 79 4.98 -4.84 -42.63
CA VAL H 79 4.67 -5.86 -43.62
C VAL H 79 5.23 -7.17 -43.13
N ILE H 80 6.41 -7.10 -42.51
CA ILE H 80 6.96 -8.29 -41.88
C ILE H 80 6.70 -8.18 -40.38
N HIS H 81 5.71 -8.94 -39.90
CA HIS H 81 5.39 -8.90 -38.49
C HIS H 81 6.37 -9.78 -37.77
N HIS H 82 6.60 -10.94 -38.36
CA HIS H 82 7.34 -12.01 -37.73
C HIS H 82 8.26 -12.70 -38.72
N ILE H 83 9.55 -12.72 -38.44
CA ILE H 83 10.47 -13.49 -39.27
C ILE H 83 11.44 -14.22 -38.35
N ARG H 84 11.40 -15.54 -38.37
CA ARG H 84 12.14 -16.32 -37.38
C ARG H 84 12.87 -17.52 -37.97
N ARG H 85 14.09 -17.71 -37.51
CA ARG H 85 14.92 -18.82 -37.96
C ARG H 85 14.53 -20.11 -37.28
N ILE H 86 14.47 -21.20 -38.05
CA ILE H 86 14.05 -22.49 -37.53
C ILE H 86 15.23 -23.45 -37.42
N SER H 87 15.72 -23.93 -38.56
CA SER H 87 16.89 -24.80 -38.52
C SER H 87 18.12 -23.97 -38.27
N LYS H 88 18.82 -24.25 -37.18
CA LYS H 88 20.00 -23.48 -36.81
C LYS H 88 21.22 -24.39 -36.76
N PRO H 89 22.42 -23.81 -36.82
CA PRO H 89 23.59 -24.64 -36.54
C PRO H 89 23.47 -25.24 -35.16
N GLY H 90 23.74 -26.52 -35.02
CA GLY H 90 23.69 -27.15 -33.70
C GLY H 90 22.37 -27.80 -33.38
N ARG H 91 21.28 -27.33 -33.98
CA ARG H 91 20.12 -28.19 -34.18
C ARG H 91 19.50 -27.94 -35.54
N ARG H 92 19.54 -28.94 -36.40
CA ARG H 92 19.09 -28.75 -37.77
C ARG H 92 17.76 -29.45 -37.99
N VAL H 93 16.86 -28.76 -38.68
CA VAL H 93 15.50 -29.23 -38.84
C VAL H 93 15.24 -29.60 -40.28
N TYR H 94 14.99 -30.89 -40.52
CA TYR H 94 14.64 -31.39 -41.84
C TYR H 94 13.22 -31.91 -41.83
N VAL H 95 12.44 -31.60 -42.86
CA VAL H 95 11.09 -32.15 -42.94
C VAL H 95 10.84 -32.83 -44.28
N GLY H 96 10.08 -33.91 -44.25
CA GLY H 96 9.65 -34.59 -45.45
C GLY H 96 8.50 -33.82 -46.07
N VAL H 97 8.03 -34.25 -47.23
CA VAL H 97 7.02 -33.50 -47.98
C VAL H 97 5.71 -33.43 -47.21
N LYS H 98 5.40 -34.48 -46.46
CA LYS H 98 4.16 -34.52 -45.71
C LYS H 98 4.30 -33.81 -44.37
N GLU H 99 5.55 -33.53 -44.00
CA GLU H 99 5.84 -32.89 -42.72
C GLU H 99 6.05 -31.38 -42.84
N ILE H 100 5.89 -30.84 -44.04
CA ILE H 100 6.02 -29.39 -44.27
C ILE H 100 4.92 -28.65 -43.52
N PRO H 101 5.27 -27.58 -42.80
CA PRO H 101 4.25 -26.88 -42.02
C PRO H 101 3.39 -25.95 -42.86
N ARG H 102 2.39 -25.36 -42.22
CA ARG H 102 1.53 -24.38 -42.87
C ARG H 102 1.49 -23.15 -41.98
N VAL H 103 2.06 -22.05 -42.47
CA VAL H 103 2.29 -20.89 -41.64
C VAL H 103 1.06 -19.99 -41.60
N ARG H 104 0.53 -19.80 -40.39
CA ARG H 104 -0.64 -18.96 -40.16
C ARG H 104 -1.76 -19.31 -41.11
N ARG H 105 -2.05 -20.61 -41.21
CA ARG H 105 -3.09 -21.13 -42.09
C ARG H 105 -2.98 -20.52 -43.48
N GLY H 106 -1.77 -20.45 -44.01
CA GLY H 106 -1.56 -20.03 -45.38
C GLY H 106 -1.13 -18.59 -45.56
N LEU H 107 -1.39 -17.76 -44.55
CA LEU H 107 -1.14 -16.34 -44.70
C LEU H 107 0.35 -16.02 -44.77
N GLY H 108 1.15 -16.75 -44.01
CA GLY H 108 2.59 -16.60 -44.07
C GLY H 108 3.25 -17.69 -44.88
N ILE H 109 4.57 -17.63 -44.99
CA ILE H 109 5.30 -18.67 -45.72
C ILE H 109 6.36 -19.30 -44.84
N ALA H 110 6.84 -20.46 -45.26
CA ALA H 110 8.04 -21.05 -44.68
C ALA H 110 8.98 -21.36 -45.82
N ILE H 111 10.26 -21.10 -45.63
CA ILE H 111 11.22 -21.25 -46.72
C ILE H 111 12.02 -22.52 -46.54
N LEU H 112 11.80 -23.49 -47.40
CA LEU H 112 12.54 -24.74 -47.38
C LEU H 112 13.70 -24.69 -48.33
N SER H 113 14.81 -25.29 -47.94
CA SER H 113 15.91 -25.53 -48.85
C SER H 113 15.86 -26.98 -49.28
N THR H 114 15.58 -27.22 -50.56
CA THR H 114 15.44 -28.58 -51.08
C THR H 114 16.43 -28.84 -52.20
N SER H 115 16.44 -30.07 -52.71
CA SER H 115 17.37 -30.44 -53.76
C SER H 115 16.90 -29.92 -55.10
N LYS H 116 15.65 -29.51 -55.15
CA LYS H 116 15.11 -28.84 -56.32
C LYS H 116 15.25 -27.33 -56.14
N GLY H 117 15.95 -26.95 -55.08
CA GLY H 117 16.26 -25.56 -54.80
C GLY H 117 15.50 -24.98 -53.62
N VAL H 118 15.70 -23.69 -53.37
CA VAL H 118 15.05 -23.01 -52.27
C VAL H 118 13.63 -22.64 -52.68
N LEU H 119 12.65 -23.14 -51.94
CA LEU H 119 11.24 -22.91 -52.29
C LEU H 119 10.44 -22.47 -51.08
N THR H 120 9.22 -22.01 -51.31
CA THR H 120 8.28 -21.72 -50.23
C THR H 120 7.63 -23.02 -49.80
N ASP H 121 6.66 -22.95 -48.88
CA ASP H 121 5.98 -24.17 -48.44
C ASP H 121 5.05 -24.68 -49.53
N ARG H 122 4.28 -23.78 -50.12
CA ARG H 122 3.36 -24.16 -51.18
C ARG H 122 4.16 -24.68 -52.39
N GLU H 123 5.22 -23.99 -52.75
CA GLU H 123 6.02 -24.34 -53.92
C GLU H 123 6.60 -25.74 -53.78
N ALA H 124 7.14 -26.02 -52.61
CA ALA H 124 7.74 -27.33 -52.36
C ALA H 124 6.68 -28.40 -52.31
N ARG H 125 5.55 -28.09 -51.70
CA ARG H 125 4.46 -29.05 -51.60
C ARG H 125 3.98 -29.40 -53.00
N LYS H 126 4.06 -28.43 -53.89
CA LYS H 126 3.64 -28.58 -55.29
C LYS H 126 4.64 -29.42 -56.07
N LEU H 127 5.92 -29.09 -55.95
CA LEU H 127 6.98 -29.86 -56.58
C LEU H 127 7.11 -31.24 -55.95
N GLY H 128 6.61 -31.39 -54.73
CA GLY H 128 6.64 -32.65 -54.03
C GLY H 128 7.97 -33.03 -53.42
N VAL H 129 8.67 -32.08 -52.83
CA VAL H 129 9.93 -32.36 -52.15
C VAL H 129 10.04 -31.58 -50.85
N GLY H 130 10.64 -32.23 -49.84
CA GLY H 130 10.93 -31.57 -48.59
C GLY H 130 12.40 -31.23 -48.51
N GLY H 131 12.86 -30.82 -47.34
CA GLY H 131 14.24 -30.43 -47.17
C GLY H 131 14.47 -29.75 -45.84
N GLU H 132 15.52 -28.94 -45.76
CA GLU H 132 15.82 -28.24 -44.52
C GLU H 132 14.82 -27.11 -44.35
N LEU H 133 14.35 -26.89 -43.13
CA LEU H 133 13.39 -25.83 -42.89
C LEU H 133 14.14 -24.59 -42.43
N ILE H 134 14.25 -23.59 -43.30
CA ILE H 134 15.13 -22.46 -43.03
C ILE H 134 14.53 -21.44 -42.07
N CYS H 135 13.30 -21.05 -42.33
CA CYS H 135 12.67 -20.02 -41.50
C CYS H 135 11.18 -19.93 -41.72
N GLU H 136 10.52 -19.09 -40.96
CA GLU H 136 9.12 -18.82 -41.18
C GLU H 136 8.90 -17.32 -41.14
N VAL H 137 8.01 -16.85 -42.01
CA VAL H 137 7.76 -15.41 -42.17
C VAL H 137 6.26 -15.18 -42.27
N TRP H 138 5.74 -14.23 -41.52
CA TRP H 138 4.33 -13.88 -41.66
C TRP H 138 3.98 -12.51 -41.10
N GLU I 1 -22.53 77.60 27.84
CA GLU I 1 -23.17 77.58 29.15
C GLU I 1 -23.02 76.20 29.80
N GLN I 2 -23.14 75.15 28.98
CA GLN I 2 -23.04 73.78 29.47
C GLN I 2 -22.48 72.86 28.39
N TYR I 3 -21.65 71.91 28.78
CA TYR I 3 -21.10 70.96 27.81
C TYR I 3 -21.12 69.53 28.35
N TYR I 4 -21.78 68.64 27.63
CA TYR I 4 -22.06 67.30 28.15
C TYR I 4 -21.22 66.20 27.52
N GLY I 5 -20.92 65.18 28.31
CA GLY I 5 -20.28 63.97 27.80
C GLY I 5 -20.71 62.77 28.62
N THR I 6 -20.56 61.58 28.07
CA THR I 6 -21.02 60.39 28.79
C THR I 6 -19.89 59.50 29.27
N GLY I 7 -19.36 58.67 28.37
CA GLY I 7 -18.29 57.76 28.73
C GLY I 7 -18.82 56.55 29.48
N ARG I 8 -18.16 55.41 29.32
CA ARG I 8 -18.54 54.19 29.98
C ARG I 8 -17.31 53.32 30.17
N ARG I 9 -17.23 52.64 31.31
CA ARG I 9 -16.19 51.64 31.50
C ARG I 9 -16.73 50.46 32.31
N LYS I 10 -16.58 49.27 31.77
CA LYS I 10 -16.81 48.04 32.52
C LYS I 10 -18.16 48.05 33.24
N GLU I 11 -19.24 48.25 32.49
CA GLU I 11 -20.59 48.26 33.04
C GLU I 11 -20.78 49.38 34.07
N ALA I 12 -20.27 50.57 33.75
CA ALA I 12 -20.46 51.74 34.59
C ALA I 12 -20.69 53.00 33.76
N VAL I 13 -21.73 53.76 34.10
CA VAL I 13 -22.03 54.99 33.38
C VAL I 13 -21.93 56.20 34.29
N ALA I 14 -21.39 57.28 33.74
CA ALA I 14 -21.33 58.54 34.47
C ALA I 14 -21.66 59.71 33.55
N ARG I 15 -22.67 60.49 33.92
CA ARG I 15 -22.99 61.70 33.16
C ARG I 15 -22.06 62.81 33.59
N VAL I 16 -21.42 63.45 32.61
CA VAL I 16 -20.51 64.55 32.90
C VAL I 16 -21.06 65.86 32.35
N PHE I 17 -21.37 66.78 33.26
CA PHE I 17 -21.83 68.11 32.90
C PHE I 17 -20.76 69.14 33.22
N LEU I 18 -20.21 69.77 32.19
CA LEU I 18 -19.21 70.82 32.36
C LEU I 18 -19.85 72.19 32.36
N ARG I 19 -19.84 72.84 33.52
CA ARG I 19 -20.38 74.19 33.65
C ARG I 19 -19.28 75.16 34.11
N PRO I 20 -18.88 76.10 33.24
CA PRO I 20 -17.75 77.00 33.52
C PRO I 20 -17.84 77.65 34.89
N GLY I 21 -16.74 77.68 35.63
CA GLY I 21 -16.77 78.15 37.00
C GLY I 21 -15.52 77.94 37.83
N ASN I 22 -15.70 77.86 39.14
CA ASN I 22 -14.60 77.83 40.10
C ASN I 22 -13.66 76.63 39.97
N GLY I 23 -14.17 75.49 39.50
CA GLY I 23 -13.35 74.29 39.38
C GLY I 23 -13.61 73.21 40.42
N LYS I 24 -14.68 73.37 41.20
CA LYS I 24 -15.06 72.35 42.17
C LYS I 24 -15.96 71.30 41.52
N VAL I 25 -15.66 70.03 41.79
CA VAL I 25 -16.35 68.93 41.13
C VAL I 25 -17.29 68.22 42.10
N THR I 26 -18.49 67.88 41.62
CA THR I 26 -19.45 67.17 42.45
C THR I 26 -19.87 65.85 41.81
N VAL I 27 -20.02 64.84 42.64
CA VAL I 27 -20.44 63.52 42.18
C VAL I 27 -21.56 62.99 43.08
N ASN I 28 -22.73 62.74 42.48
CA ASN I 28 -23.89 62.23 43.19
C ASN I 28 -24.27 63.10 44.38
N GLY I 29 -23.97 64.39 44.27
CA GLY I 29 -24.28 65.33 45.33
C GLY I 29 -23.18 65.39 46.37
N GLN I 30 -22.40 64.33 46.44
CA GLN I 30 -21.25 64.27 47.34
C GLN I 30 -20.05 64.97 46.71
N ASP I 31 -19.15 65.45 47.54
CA ASP I 31 -17.92 66.07 47.07
C ASP I 31 -17.08 65.01 46.36
N PHE I 32 -16.22 65.45 45.45
CA PHE I 32 -15.40 64.55 44.64
C PHE I 32 -14.53 63.66 45.51
N ASN I 33 -13.97 64.23 46.58
CA ASN I 33 -13.06 63.50 47.44
C ASN I 33 -13.80 62.83 48.59
N GLU I 34 -15.10 63.08 48.68
CA GLU I 34 -15.93 62.41 49.68
C GLU I 34 -16.27 61.01 49.16
N TYR I 35 -16.45 60.92 47.85
CA TYR I 35 -16.74 59.67 47.17
C TYR I 35 -15.48 58.81 47.06
N PHE I 36 -14.42 59.45 46.58
CA PHE I 36 -13.08 58.89 46.39
C PHE I 36 -12.22 59.19 47.61
N GLN I 37 -10.89 59.22 47.43
CA GLN I 37 -9.99 59.58 48.54
C GLN I 37 -9.98 58.52 49.62
N GLY I 38 -9.07 57.58 49.45
CA GLY I 38 -9.19 56.23 49.96
C GLY I 38 -9.23 55.41 48.70
N LEU I 39 -9.28 56.11 47.58
CA LEU I 39 -9.01 55.52 46.29
C LEU I 39 -7.86 56.30 45.63
N VAL I 40 -6.74 55.62 45.42
CA VAL I 40 -5.54 56.29 44.93
C VAL I 40 -5.67 56.75 43.48
N ARG I 41 -6.29 55.92 42.65
CA ARG I 41 -6.40 56.22 41.22
C ARG I 41 -7.30 57.41 40.92
N ALA I 42 -8.01 57.89 41.94
CA ALA I 42 -9.08 58.86 41.76
C ALA I 42 -8.69 60.05 40.88
N VAL I 43 -7.57 60.66 41.21
CA VAL I 43 -7.15 61.90 40.56
C VAL I 43 -7.02 61.71 39.05
N ALA I 44 -6.75 60.49 38.61
CA ALA I 44 -6.57 60.20 37.19
C ALA I 44 -7.81 60.58 36.39
N ALA I 45 -8.97 60.52 37.04
CA ALA I 45 -10.23 60.84 36.37
C ALA I 45 -10.22 62.26 35.81
N LEU I 46 -9.43 63.13 36.44
CA LEU I 46 -9.42 64.53 36.08
C LEU I 46 -8.33 64.84 35.07
N GLU I 47 -7.63 63.80 34.62
CA GLU I 47 -6.55 63.96 33.64
C GLU I 47 -6.89 64.78 32.39
N PRO I 48 -8.11 64.63 31.83
CA PRO I 48 -8.40 65.41 30.63
C PRO I 48 -8.22 66.91 30.79
N LEU I 49 -8.69 67.46 31.91
CA LEU I 49 -8.54 68.89 32.17
C LEU I 49 -7.07 69.27 32.16
N ARG I 50 -6.28 68.53 32.95
CA ARG I 50 -4.84 68.76 33.03
C ARG I 50 -4.16 68.59 31.68
N ALA I 51 -4.83 67.94 30.74
CA ALA I 51 -4.28 67.76 29.41
C ALA I 51 -4.42 69.04 28.59
N VAL I 52 -5.56 69.72 28.73
CA VAL I 52 -5.77 70.97 28.02
C VAL I 52 -5.47 72.16 28.92
N ASP I 53 -5.01 71.86 30.13
CA ASP I 53 -4.77 72.87 31.17
C ASP I 53 -6.06 73.61 31.47
N ALA I 54 -7.14 72.86 31.66
CA ALA I 54 -8.44 73.44 31.99
C ALA I 54 -8.50 73.75 33.48
N LEU I 55 -8.61 72.70 34.29
CA LEU I 55 -8.60 72.84 35.74
C LEU I 55 -9.68 73.81 36.22
N GLY I 56 -9.25 74.93 36.78
CA GLY I 56 -10.15 75.91 37.36
C GLY I 56 -11.01 76.69 36.39
N HIS I 57 -11.00 76.28 35.12
CA HIS I 57 -11.90 76.85 34.12
C HIS I 57 -13.31 76.32 34.32
N PHE I 58 -13.47 75.00 34.18
CA PHE I 58 -14.77 74.37 34.28
C PHE I 58 -15.08 73.85 35.67
N ASP I 59 -16.34 73.94 36.06
CA ASP I 59 -16.85 73.13 37.16
C ASP I 59 -17.52 71.91 36.57
N ALA I 60 -17.90 70.97 37.42
CA ALA I 60 -18.44 69.70 36.94
C ALA I 60 -19.54 69.13 37.84
N TYR I 61 -20.64 68.75 37.22
CA TYR I 61 -21.69 68.02 37.90
C TYR I 61 -21.77 66.63 37.29
N ILE I 62 -21.53 65.61 38.10
CA ILE I 62 -21.37 64.25 37.60
C ILE I 62 -22.34 63.28 38.27
N THR I 63 -23.03 62.49 37.46
CA THR I 63 -23.95 61.48 37.99
C THR I 63 -23.48 60.07 37.66
N VAL I 64 -23.03 59.34 38.67
CA VAL I 64 -22.41 58.04 38.41
C VAL I 64 -23.19 56.87 38.99
N ARG I 65 -23.42 55.87 38.16
CA ARG I 65 -24.04 54.62 38.60
C ARG I 65 -23.60 53.45 37.73
N GLY I 66 -23.51 52.27 38.33
CA GLY I 66 -23.03 51.10 37.64
C GLY I 66 -21.58 50.77 37.97
N GLY I 67 -21.23 49.49 37.91
CA GLY I 67 -19.89 49.02 38.19
C GLY I 67 -19.31 49.30 39.56
N GLY I 68 -17.98 49.25 39.66
CA GLY I 68 -17.30 49.63 40.88
C GLY I 68 -16.65 50.99 40.74
N LYS I 69 -16.15 51.53 41.84
CA LYS I 69 -15.72 52.91 41.86
C LYS I 69 -14.56 53.20 40.92
N SER I 70 -13.73 52.19 40.65
CA SER I 70 -12.60 52.40 39.74
C SER I 70 -13.10 52.58 38.31
N GLY I 71 -13.99 51.69 37.89
CA GLY I 71 -14.63 51.83 36.60
C GLY I 71 -15.37 53.14 36.50
N GLN I 72 -15.95 53.56 37.62
CA GLN I 72 -16.62 54.85 37.70
C GLN I 72 -15.61 55.96 37.42
N ILE I 73 -14.40 55.79 37.95
CA ILE I 73 -13.34 56.77 37.73
C ILE I 73 -13.02 56.87 36.26
N ASP I 74 -12.85 55.72 35.62
CA ASP I 74 -12.52 55.70 34.20
C ASP I 74 -13.63 56.32 33.34
N ALA I 75 -14.87 55.95 33.63
CA ALA I 75 -16.01 56.45 32.87
C ALA I 75 -16.14 57.96 33.05
N ILE I 76 -15.80 58.42 34.24
CA ILE I 76 -15.76 59.85 34.50
C ILE I 76 -14.72 60.48 33.58
N LYS I 77 -13.56 59.85 33.49
CA LYS I 77 -12.50 60.36 32.62
C LYS I 77 -12.99 60.49 31.18
N LEU I 78 -13.66 59.46 30.69
CA LEU I 78 -14.14 59.49 29.31
C LEU I 78 -15.17 60.59 29.14
N GLY I 79 -16.10 60.69 30.08
CA GLY I 79 -17.14 61.70 30.01
C GLY I 79 -16.60 63.11 29.97
N ILE I 80 -15.63 63.37 30.83
CA ILE I 80 -14.94 64.65 30.84
C ILE I 80 -14.30 64.88 29.48
N ALA I 81 -13.70 63.83 28.92
CA ALA I 81 -13.06 63.94 27.61
C ALA I 81 -14.07 64.33 26.52
N ARG I 82 -15.24 63.71 26.56
CA ARG I 82 -16.29 63.94 25.59
C ARG I 82 -16.86 65.35 25.69
N ALA I 83 -17.24 65.76 26.90
CA ALA I 83 -17.76 67.10 27.12
C ALA I 83 -16.72 68.12 26.66
N LEU I 84 -15.48 67.91 27.06
CA LEU I 84 -14.39 68.80 26.70
C LEU I 84 -14.20 68.88 25.20
N VAL I 85 -14.50 67.77 24.50
CA VAL I 85 -14.42 67.75 23.05
C VAL I 85 -15.55 68.56 22.46
N GLN I 86 -16.74 68.42 23.04
CA GLN I 86 -17.91 69.15 22.58
C GLN I 86 -17.72 70.65 22.74
N TYR I 87 -17.01 71.04 23.80
CA TYR I 87 -16.65 72.43 24.00
C TYR I 87 -15.87 72.97 22.81
N ASN I 88 -14.62 72.52 22.68
CA ASN I 88 -13.79 72.88 21.54
C ASN I 88 -13.42 71.64 20.73
N PRO I 89 -13.86 71.56 19.47
CA PRO I 89 -13.46 70.45 18.61
C PRO I 89 -11.95 70.41 18.39
N ASP I 90 -11.31 71.59 18.38
CA ASP I 90 -9.87 71.69 18.19
C ASP I 90 -9.11 70.88 19.25
N TYR I 91 -9.77 70.60 20.36
CA TYR I 91 -9.15 69.85 21.46
C TYR I 91 -8.93 68.38 21.13
N ARG I 92 -9.68 67.86 20.14
CA ARG I 92 -9.59 66.44 19.81
C ARG I 92 -8.16 66.04 19.46
N ALA I 93 -7.54 66.81 18.57
CA ALA I 93 -6.17 66.54 18.13
C ALA I 93 -5.21 66.57 19.30
N LYS I 94 -5.57 67.27 20.37
CA LYS I 94 -4.76 67.30 21.57
C LYS I 94 -5.01 66.05 22.41
N LEU I 95 -6.26 65.67 22.53
CA LEU I 95 -6.65 64.57 23.41
C LEU I 95 -6.48 63.18 22.80
N LYS I 96 -6.42 63.12 21.47
CA LYS I 96 -6.38 61.82 20.80
C LYS I 96 -5.11 61.01 21.05
N PRO I 97 -3.91 61.62 20.95
CA PRO I 97 -2.71 60.81 21.24
C PRO I 97 -2.67 60.23 22.65
N LEU I 98 -3.36 60.87 23.59
CA LEU I 98 -3.47 60.35 24.95
C LEU I 98 -4.56 59.29 25.01
N GLY I 99 -5.37 59.23 23.98
CA GLY I 99 -6.41 58.22 23.86
C GLY I 99 -7.45 58.26 24.95
N PHE I 100 -7.71 59.47 25.46
CA PHE I 100 -8.70 59.62 26.51
C PHE I 100 -10.10 59.39 25.97
N LEU I 101 -10.31 59.73 24.71
CA LEU I 101 -11.62 59.60 24.10
C LEU I 101 -11.85 58.16 23.65
N THR I 102 -10.84 57.32 23.83
CA THR I 102 -10.94 55.91 23.50
C THR I 102 -11.70 55.15 24.59
N ARG I 103 -12.77 54.47 24.19
CA ARG I 103 -13.54 53.66 25.12
C ARG I 103 -12.81 52.36 25.40
N ASP I 104 -12.83 51.91 26.65
CA ASP I 104 -12.13 50.69 27.00
C ASP I 104 -13.07 49.50 26.93
N ALA I 105 -12.86 48.64 25.96
CA ALA I 105 -13.84 47.62 25.61
C ALA I 105 -13.77 46.40 26.50
N ARG I 106 -12.81 46.39 27.43
CA ARG I 106 -12.56 45.20 28.24
C ARG I 106 -13.70 44.96 29.22
N VAL I 107 -14.26 43.75 29.17
CA VAL I 107 -15.38 43.36 30.04
C VAL I 107 -15.09 42.00 30.65
N VAL I 108 -15.69 41.73 31.81
CA VAL I 108 -15.58 40.42 32.45
C VAL I 108 -15.97 39.33 31.48
N GLU I 109 -15.14 38.29 31.39
CA GLU I 109 -15.36 37.22 30.45
C GLU I 109 -16.27 36.14 31.03
N ARG I 110 -17.23 35.72 30.23
CA ARG I 110 -18.23 34.73 30.61
C ARG I 110 -17.63 33.44 31.14
N LYS I 111 -18.17 32.93 32.24
CA LYS I 111 -17.76 31.64 32.76
C LYS I 111 -18.26 30.53 31.84
N LYS I 112 -17.42 29.52 31.62
CA LYS I 112 -17.75 28.47 30.66
C LYS I 112 -17.79 27.10 31.30
N TYR I 113 -18.65 26.23 30.78
CA TYR I 113 -18.88 24.91 31.35
C TYR I 113 -17.62 24.05 31.30
N GLY I 114 -17.40 23.29 32.36
CA GLY I 114 -16.28 22.38 32.44
C GLY I 114 -15.05 23.03 33.02
N LYS I 115 -14.99 24.36 32.92
CA LYS I 115 -13.90 25.10 33.53
C LYS I 115 -14.30 25.45 34.96
N HIS I 116 -13.42 26.14 35.68
CA HIS I 116 -13.78 26.63 36.99
C HIS I 116 -14.32 28.04 36.85
N LYS I 117 -13.46 29.01 36.59
CA LYS I 117 -13.97 30.28 36.10
C LYS I 117 -13.43 30.64 34.72
N ALA I 118 -14.24 30.40 33.69
CA ALA I 118 -14.08 30.98 32.36
C ALA I 118 -12.80 30.62 31.62
N ARG I 119 -11.75 30.29 32.35
CA ARG I 119 -10.49 29.84 31.78
C ARG I 119 -9.94 28.70 32.61
N ARG I 120 -9.73 28.99 33.88
CA ARG I 120 -9.02 28.12 34.81
C ARG I 120 -9.60 26.73 34.79
N ALA I 121 -8.75 25.76 34.51
CA ALA I 121 -9.15 24.38 34.32
C ALA I 121 -9.08 23.61 35.62
N PRO I 122 -9.99 22.65 35.81
CA PRO I 122 -9.87 21.79 36.98
C PRO I 122 -8.62 20.93 36.88
N GLN I 123 -7.83 20.87 37.96
CA GLN I 123 -6.56 20.17 37.91
C GLN I 123 -6.80 18.68 37.82
N TYR I 124 -5.80 17.94 37.33
CA TYR I 124 -5.91 16.49 37.26
C TYR I 124 -4.60 15.80 37.62
N SER I 125 -4.69 14.49 37.81
CA SER I 125 -3.59 13.69 38.34
C SER I 125 -3.02 12.76 37.27
N LYS I 126 -3.89 11.91 36.75
CA LYS I 126 -3.58 10.84 35.79
C LYS I 126 -2.95 9.67 36.54
N ARG I 127 -2.56 9.92 37.79
CA ARG I 127 -2.06 8.91 38.69
C ARG I 127 -1.91 9.50 40.09
N LYS J 1 -56.43 56.18 30.29
CA LYS J 1 -55.93 55.49 31.48
C LYS J 1 -56.34 54.02 31.49
N ILE J 2 -55.83 53.26 30.53
CA ILE J 2 -56.09 51.82 30.47
C ILE J 2 -54.78 51.05 30.37
N ARG J 3 -54.49 50.24 31.39
CA ARG J 3 -53.21 49.53 31.45
C ARG J 3 -53.20 48.31 30.53
N ILE J 4 -52.09 48.13 29.81
CA ILE J 4 -51.93 46.98 28.93
C ILE J 4 -50.55 46.34 29.12
N LYS J 5 -50.52 45.02 29.25
CA LYS J 5 -49.25 44.30 29.26
C LYS J 5 -49.28 43.18 28.24
N LEU J 6 -48.47 43.31 27.20
CA LEU J 6 -48.36 42.28 26.17
C LEU J 6 -47.17 41.39 26.46
N ARG J 7 -47.38 40.09 26.54
CA ARG J 7 -46.27 39.18 26.78
C ARG J 7 -46.24 38.03 25.78
N GLY J 8 -45.05 37.71 25.29
CA GLY J 8 -44.87 36.67 24.30
C GLY J 8 -43.43 36.22 24.16
N PHE J 9 -43.23 35.05 23.55
CA PHE J 9 -41.90 34.50 23.41
C PHE J 9 -41.20 34.99 22.14
N ASP J 10 -41.95 35.62 21.25
CA ASP J 10 -41.38 36.13 20.00
C ASP J 10 -41.37 37.66 20.00
N HIS J 11 -40.19 38.23 19.75
CA HIS J 11 -40.04 39.68 19.76
C HIS J 11 -40.66 40.31 18.50
N LYS J 12 -41.13 39.46 17.60
CA LYS J 12 -41.84 39.89 16.40
C LYS J 12 -43.34 39.96 16.66
N THR J 13 -43.91 38.81 16.99
CA THR J 13 -45.35 38.67 17.24
C THR J 13 -45.87 39.67 18.26
N LEU J 14 -45.02 40.09 19.18
CA LEU J 14 -45.40 41.12 20.14
C LEU J 14 -45.42 42.48 19.47
N ASP J 15 -44.26 42.91 19.00
CA ASP J 15 -44.08 44.23 18.40
C ASP J 15 -45.11 44.54 17.32
N ALA J 16 -45.33 43.59 16.42
CA ALA J 16 -46.28 43.77 15.32
C ALA J 16 -47.69 44.02 15.85
N SER J 17 -48.14 43.14 16.74
CA SER J 17 -49.46 43.25 17.32
C SER J 17 -49.64 44.56 18.08
N ALA J 18 -48.58 44.98 18.77
CA ALA J 18 -48.60 46.24 19.49
C ALA J 18 -48.80 47.41 18.53
N GLN J 19 -48.07 47.38 17.41
CA GLN J 19 -48.20 48.42 16.40
C GLN J 19 -49.61 48.43 15.79
N LYS J 20 -50.21 47.26 15.67
CA LYS J 20 -51.59 47.18 15.17
C LYS J 20 -52.53 47.83 16.18
N ILE J 21 -52.30 47.59 17.46
CA ILE J 21 -53.10 48.21 18.52
C ILE J 21 -52.97 49.73 18.46
N VAL J 22 -51.75 50.20 18.22
CA VAL J 22 -51.50 51.63 18.12
C VAL J 22 -52.23 52.25 16.94
N GLU J 23 -52.06 51.67 15.75
CA GLU J 23 -52.71 52.20 14.55
C GLU J 23 -54.23 52.16 14.68
N ALA J 24 -54.74 51.15 15.36
CA ALA J 24 -56.17 51.02 15.59
C ALA J 24 -56.66 52.10 16.54
N ALA J 25 -55.86 52.41 17.56
CA ALA J 25 -56.27 53.36 18.59
C ALA J 25 -56.03 54.82 18.19
N ARG J 26 -55.20 55.03 17.17
CA ARG J 26 -54.85 56.39 16.74
C ARG J 26 -56.02 57.10 16.08
N ARG J 27 -56.61 56.46 15.08
CA ARG J 27 -57.71 57.05 14.33
C ARG J 27 -58.93 57.25 15.20
N SER J 28 -59.17 56.28 16.10
CA SER J 28 -60.36 56.24 16.91
C SER J 28 -60.17 56.86 18.30
N GLY J 29 -58.99 57.43 18.55
CA GLY J 29 -58.64 57.84 19.89
C GLY J 29 -57.49 58.82 20.04
N ALA J 30 -56.96 58.91 21.25
CA ALA J 30 -55.98 59.94 21.62
C ALA J 30 -54.59 59.67 21.04
N GLN J 31 -53.61 60.44 21.52
CA GLN J 31 -52.26 60.46 20.93
C GLN J 31 -51.51 59.13 21.00
N VAL J 32 -52.00 58.17 21.80
CA VAL J 32 -51.40 56.83 21.85
C VAL J 32 -49.93 56.89 22.27
N SER J 33 -49.69 57.06 23.57
CA SER J 33 -48.33 57.21 24.12
C SER J 33 -47.34 56.16 23.60
N GLY J 34 -47.83 55.00 23.20
CA GLY J 34 -47.00 54.06 22.47
C GLY J 34 -46.29 53.04 23.32
N PRO J 35 -45.76 51.98 22.69
CA PRO J 35 -45.13 50.84 23.35
C PRO J 35 -43.84 51.19 24.10
N ILE J 36 -43.77 50.80 25.36
CA ILE J 36 -42.55 50.93 26.15
C ILE J 36 -42.01 49.53 26.36
N PRO J 37 -40.76 49.29 25.95
CA PRO J 37 -40.15 47.96 25.86
C PRO J 37 -40.23 47.07 27.10
N LEU J 38 -39.88 47.58 28.28
CA LEU J 38 -39.81 46.76 29.51
C LEU J 38 -38.70 45.72 29.39
N PRO J 39 -38.14 45.28 30.53
CA PRO J 39 -37.06 44.29 30.46
C PRO J 39 -37.57 42.88 30.19
N THR J 40 -36.71 42.05 29.61
CA THR J 40 -37.03 40.67 29.30
C THR J 40 -36.76 39.76 30.50
N ARG J 41 -37.60 38.76 30.71
CA ARG J 41 -37.34 37.77 31.76
C ARG J 41 -36.77 36.50 31.16
N VAL J 42 -35.49 36.24 31.42
CA VAL J 42 -34.80 35.10 30.83
C VAL J 42 -34.71 33.95 31.82
N ARG J 43 -35.16 32.77 31.39
CA ARG J 43 -35.03 31.59 32.25
C ARG J 43 -34.14 30.55 31.57
N ARG J 44 -33.01 30.24 32.21
CA ARG J 44 -32.04 29.31 31.62
C ARG J 44 -32.15 27.92 32.21
N PHE J 45 -31.92 26.92 31.37
CA PHE J 45 -31.90 25.53 31.78
C PHE J 45 -30.59 24.90 31.32
N THR J 46 -29.76 24.49 32.27
CA THR J 46 -28.50 23.85 31.91
C THR J 46 -28.63 22.35 32.05
N VAL J 47 -28.26 21.64 31.00
CA VAL J 47 -28.46 20.21 30.93
C VAL J 47 -27.26 19.55 30.30
N ILE J 48 -26.77 18.48 30.92
CA ILE J 48 -25.69 17.67 30.38
C ILE J 48 -26.08 17.09 29.03
N ARG J 49 -25.16 17.07 28.07
CA ARG J 49 -25.47 16.60 26.73
C ARG J 49 -25.85 15.13 26.69
N GLY J 50 -24.98 14.29 27.23
CA GLY J 50 -25.21 12.86 27.17
C GLY J 50 -26.15 12.31 28.22
N PRO J 51 -26.66 11.10 27.99
CA PRO J 51 -27.45 10.32 28.94
C PRO J 51 -26.63 9.74 30.09
N PHE J 52 -25.31 9.67 29.93
CA PHE J 52 -24.45 9.06 30.94
C PHE J 52 -23.14 9.79 31.12
N LYS J 53 -22.82 10.09 32.38
CA LYS J 53 -21.60 10.79 32.79
C LYS J 53 -21.29 11.99 31.88
N HIS J 54 -20.02 12.15 31.51
CA HIS J 54 -19.59 13.23 30.65
C HIS J 54 -20.08 14.58 31.15
N LYS J 55 -19.64 14.95 32.35
CA LYS J 55 -20.21 16.11 33.02
C LYS J 55 -19.79 17.42 32.38
N ASP J 56 -18.78 17.38 31.52
CA ASP J 56 -18.18 18.58 30.95
C ASP J 56 -18.82 19.05 29.64
N SER J 57 -19.93 18.43 29.26
CA SER J 57 -20.58 18.70 27.97
C SER J 57 -21.56 19.88 27.99
N ARG J 58 -22.62 19.75 28.79
CA ARG J 58 -23.65 20.80 28.94
C ARG J 58 -24.42 21.17 27.67
N GLU J 59 -24.26 22.39 27.14
CA GLU J 59 -25.21 23.02 26.19
C GLU J 59 -26.56 23.35 26.83
N HIS J 60 -26.60 24.46 27.56
CA HIS J 60 -27.85 24.99 28.11
C HIS J 60 -28.76 25.71 27.09
N PHE J 61 -30.04 25.81 27.44
CA PHE J 61 -31.06 26.50 26.63
C PHE J 61 -31.66 27.68 27.39
N GLU J 62 -32.23 28.63 26.66
CA GLU J 62 -32.88 29.78 27.28
C GLU J 62 -34.34 29.94 26.83
N LEU J 63 -35.17 30.44 27.74
CA LEU J 63 -36.56 30.74 27.46
C LEU J 63 -36.88 32.17 27.88
N ARG J 64 -37.16 33.03 26.90
CA ARG J 64 -37.24 34.46 27.17
C ARG J 64 -38.64 35.03 27.06
N THR J 65 -39.04 35.82 28.06
CA THR J 65 -40.32 36.51 28.02
C THR J 65 -40.13 38.00 27.76
N HIS J 66 -40.48 38.43 26.55
CA HIS J 66 -40.45 39.84 26.18
C HIS J 66 -41.72 40.52 26.67
N ASN J 67 -41.68 41.83 26.87
CA ASN J 67 -42.88 42.55 27.32
C ASN J 67 -43.15 43.81 26.51
N ARG J 68 -44.38 44.32 26.60
CA ARG J 68 -44.76 45.56 25.92
C ARG J 68 -45.70 46.39 26.81
N LEU J 69 -45.96 47.63 26.41
CA LEU J 69 -46.64 48.58 27.30
C LEU J 69 -47.98 49.14 26.80
N VAL J 70 -48.00 49.78 25.64
CA VAL J 70 -49.20 50.48 25.15
C VAL J 70 -49.58 51.63 26.10
N ASP J 71 -50.68 51.48 26.84
CA ASP J 71 -51.22 52.55 27.70
C ASP J 71 -51.69 53.79 26.96
N ILE J 72 -52.85 53.68 26.30
CA ILE J 72 -53.51 54.81 25.68
C ILE J 72 -54.24 55.70 26.70
N ILE J 73 -53.92 56.98 26.68
CA ILE J 73 -54.64 57.99 27.47
C ILE J 73 -55.96 58.30 26.76
N ASN J 74 -56.92 58.86 27.51
CA ASN J 74 -58.25 59.19 27.00
C ASN J 74 -58.98 57.97 26.44
N PRO J 75 -59.43 57.07 27.33
CA PRO J 75 -60.10 55.84 26.92
C PRO J 75 -61.44 56.10 26.23
N ASN J 76 -61.38 56.67 25.03
CA ASN J 76 -62.58 56.94 24.25
C ASN J 76 -63.34 55.66 23.94
N ARG J 77 -64.67 55.76 23.96
CA ARG J 77 -65.52 54.61 23.67
C ARG J 77 -65.50 54.30 22.18
N LYS J 78 -65.21 55.32 21.37
CA LYS J 78 -65.12 55.16 19.92
C LYS J 78 -63.85 54.39 19.56
N THR J 79 -62.92 54.32 20.50
CA THR J 79 -61.65 53.63 20.29
C THR J 79 -61.80 52.12 20.37
N ILE J 80 -62.66 51.67 21.28
CA ILE J 80 -62.90 50.25 21.51
C ILE J 80 -63.58 49.62 20.28
N GLU J 81 -63.93 50.46 19.30
CA GLU J 81 -64.51 49.97 18.05
C GLU J 81 -63.45 49.23 17.24
N GLN J 82 -62.42 49.94 16.80
CA GLN J 82 -61.28 49.31 16.16
C GLN J 82 -60.60 48.35 17.14
N LEU J 83 -60.65 48.69 18.43
CA LEU J 83 -60.16 47.85 19.51
C LEU J 83 -61.20 46.79 19.84
N MET J 84 -61.07 46.20 21.03
CA MET J 84 -61.69 44.92 21.39
C MET J 84 -61.03 43.87 20.53
N THR J 85 -61.79 42.99 19.88
CA THR J 85 -61.12 41.90 19.19
C THR J 85 -61.03 42.07 17.67
N LEU J 86 -59.86 42.45 17.20
CA LEU J 86 -59.36 42.14 15.87
C LEU J 86 -57.88 41.84 16.04
N ASP J 87 -57.45 40.59 15.79
CA ASP J 87 -56.02 40.31 15.90
C ASP J 87 -55.52 39.15 15.04
N LEU J 88 -54.34 39.35 14.47
CA LEU J 88 -53.52 38.26 13.93
C LEU J 88 -52.85 37.35 14.98
N PRO J 89 -52.12 37.93 15.96
CA PRO J 89 -51.17 37.13 16.76
C PRO J 89 -51.77 35.97 17.55
N THR J 90 -51.04 34.86 17.59
CA THR J 90 -51.45 33.65 18.30
C THR J 90 -50.73 33.52 19.63
N GLY J 91 -49.41 33.43 19.57
CA GLY J 91 -48.59 33.20 20.75
C GLY J 91 -48.36 34.44 21.61
N VAL J 92 -49.19 35.46 21.41
CA VAL J 92 -49.16 36.65 22.24
C VAL J 92 -50.30 36.61 23.26
N GLU J 93 -49.98 36.91 24.51
CA GLU J 93 -51.01 37.00 25.55
C GLU J 93 -51.16 38.45 26.00
N ILE J 94 -52.41 38.86 26.21
CA ILE J 94 -52.75 40.24 26.52
C ILE J 94 -53.28 40.37 27.95
N GLU J 95 -52.82 41.40 28.64
CA GLU J 95 -53.33 41.73 29.96
C GLU J 95 -53.86 43.16 29.96
N ILE J 96 -55.01 43.36 30.61
CA ILE J 96 -55.66 44.66 30.60
C ILE J 96 -56.18 45.05 31.98
N LYS J 97 -55.89 46.28 32.39
CA LYS J 97 -56.47 46.85 33.60
C LYS J 97 -56.99 48.26 33.33
N THR J 98 -57.58 48.89 34.34
CA THR J 98 -58.11 50.24 34.19
C THR J 98 -57.19 51.25 34.85
N VAL J 99 -57.56 52.53 34.77
N LYS K 1 66.96 32.53 36.01
CA LYS K 1 67.52 33.83 35.74
C LYS K 1 68.38 33.80 34.48
N ARG K 2 67.83 34.32 33.39
CA ARG K 2 68.50 34.34 32.09
C ARG K 2 68.49 35.74 31.50
N GLN K 3 67.29 36.32 31.39
CA GLN K 3 67.02 37.53 30.62
C GLN K 3 67.23 37.29 29.13
N VAL K 4 66.30 36.52 28.57
CA VAL K 4 66.25 36.22 27.15
C VAL K 4 65.71 37.41 26.36
N ALA K 5 64.46 37.78 26.67
CA ALA K 5 63.78 38.98 26.16
C ALA K 5 63.18 38.81 24.77
N SER K 6 63.56 37.75 24.07
CA SER K 6 62.93 37.38 22.81
C SER K 6 62.87 35.86 22.74
N GLY K 7 61.73 35.30 22.33
CA GLY K 7 61.59 33.86 22.37
C GLY K 7 60.49 33.24 21.53
N ARG K 8 60.25 31.95 21.74
CA ARG K 8 59.27 31.20 21.00
C ARG K 8 58.11 30.79 21.91
N ALA K 9 56.90 30.75 21.35
CA ALA K 9 55.74 30.28 22.11
C ALA K 9 55.09 29.09 21.42
N TYR K 10 55.16 27.94 22.08
CA TYR K 10 54.60 26.71 21.54
C TYR K 10 53.25 26.42 22.16
N ILE K 11 52.21 26.38 21.33
CA ILE K 11 50.89 26.01 21.79
C ILE K 11 50.55 24.60 21.34
N HIS K 12 50.42 23.69 22.30
CA HIS K 12 50.03 22.32 22.01
C HIS K 12 48.59 22.12 22.43
N ALA K 13 47.68 22.00 21.47
CA ALA K 13 46.26 21.93 21.78
C ALA K 13 45.62 20.64 21.30
N SER K 14 44.78 20.06 22.13
CA SER K 14 44.02 18.88 21.77
C SER K 14 42.62 19.01 22.36
N TYR K 15 41.71 18.12 21.94
CA TYR K 15 40.34 18.16 22.44
C TYR K 15 40.30 17.94 23.95
N ASN K 16 41.40 17.40 24.48
CA ASN K 16 41.51 17.08 25.88
C ASN K 16 42.12 18.19 26.72
N ASN K 17 43.33 18.61 26.39
CA ASN K 17 44.00 19.66 27.15
C ASN K 17 44.77 20.61 26.26
N THR K 18 44.90 21.86 26.72
CA THR K 18 45.76 22.84 26.06
C THR K 18 46.98 23.11 26.93
N ILE K 19 48.16 23.14 26.31
CA ILE K 19 49.38 23.33 27.07
C ILE K 19 50.38 24.20 26.33
N VAL K 20 50.89 25.22 27.01
CA VAL K 20 51.77 26.21 26.41
C VAL K 20 53.18 26.14 26.97
N THR K 21 54.17 26.12 26.09
CA THR K 21 55.58 26.13 26.49
C THR K 21 56.32 27.30 25.86
N ILE K 22 56.93 28.14 26.68
CA ILE K 22 57.67 29.27 26.16
C ILE K 22 59.15 28.97 26.22
N THR K 23 59.88 29.25 25.14
CA THR K 23 61.29 28.86 25.03
C THR K 23 62.16 30.01 24.56
N ASP K 24 63.48 29.83 24.65
CA ASP K 24 64.41 30.78 24.05
C ASP K 24 64.46 30.53 22.53
N PRO K 25 65.16 31.38 21.77
CA PRO K 25 65.20 31.15 20.33
C PRO K 25 65.91 29.87 19.90
N ASP K 26 66.68 29.25 20.80
CA ASP K 26 67.35 27.99 20.51
C ASP K 26 66.36 26.83 20.64
N GLY K 27 65.20 27.11 21.21
CA GLY K 27 64.19 26.09 21.39
C GLY K 27 64.11 25.52 22.79
N ASN K 28 65.17 25.74 23.58
CA ASN K 28 65.19 25.34 24.99
C ASN K 28 64.16 26.13 25.78
N PRO K 29 63.32 25.44 26.56
CA PRO K 29 62.23 26.10 27.28
C PRO K 29 62.66 26.86 28.52
N ILE K 30 61.86 27.85 28.88
CA ILE K 30 62.05 28.64 30.09
C ILE K 30 61.02 28.22 31.12
N THR K 31 59.77 28.56 30.84
CA THR K 31 58.66 28.19 31.70
C THR K 31 57.58 27.54 30.86
N TRP K 32 56.54 27.05 31.52
CA TRP K 32 55.42 26.43 30.81
C TRP K 32 54.20 26.43 31.69
N SER K 33 53.04 26.26 31.07
CA SER K 33 51.79 26.14 31.82
C SER K 33 50.83 25.23 31.08
N SER K 34 49.65 25.06 31.64
CA SER K 34 48.62 24.20 31.07
C SER K 34 47.38 24.28 31.92
N GLY K 35 46.32 23.64 31.45
CA GLY K 35 45.07 23.63 32.19
C GLY K 35 45.18 22.88 33.50
N GLY K 36 46.23 22.08 33.63
CA GLY K 36 46.47 21.33 34.85
C GLY K 36 47.23 22.15 35.87
N VAL K 37 48.04 23.09 35.38
CA VAL K 37 48.80 23.96 36.26
C VAL K 37 47.84 24.84 37.02
N ILE K 38 46.85 25.36 36.31
CA ILE K 38 45.72 26.02 36.95
C ILE K 38 44.87 24.93 37.62
N GLY K 39 44.02 25.33 38.54
CA GLY K 39 43.26 24.39 39.36
C GLY K 39 42.40 23.37 38.64
N TYR K 40 42.16 23.57 37.36
CA TYR K 40 41.33 22.67 36.57
C TYR K 40 41.97 21.29 36.50
N LYS K 41 41.13 20.26 36.57
CA LYS K 41 41.61 18.90 36.79
C LYS K 41 41.11 17.97 35.70
N GLY K 42 39.79 17.87 35.58
CA GLY K 42 39.15 16.97 34.65
C GLY K 42 39.02 17.55 33.25
N SER K 43 37.92 17.22 32.59
CA SER K 43 37.63 17.67 31.23
C SER K 43 37.75 19.17 31.01
N ARG K 44 37.62 19.96 32.06
CA ARG K 44 37.65 21.41 31.96
C ARG K 44 38.96 21.93 31.37
N LYS K 45 39.97 21.08 31.27
CA LYS K 45 41.24 21.48 30.68
C LYS K 45 41.12 21.70 29.18
N GLY K 46 40.14 21.04 28.56
CA GLY K 46 39.94 21.14 27.12
C GLY K 46 39.13 22.34 26.72
N THR K 47 38.99 23.27 27.64
CA THR K 47 38.17 24.44 27.48
C THR K 47 38.93 25.57 26.83
N PRO K 48 38.23 26.45 26.10
CA PRO K 48 38.84 27.73 25.72
C PRO K 48 39.34 28.52 26.92
N TYR K 49 38.53 28.60 27.97
CA TYR K 49 38.91 29.39 29.14
C TYR K 49 40.16 28.83 29.81
N ALA K 50 40.20 27.51 29.93
CA ALA K 50 41.38 26.85 30.47
C ALA K 50 42.60 27.25 29.67
N ALA K 51 42.43 27.28 28.35
CA ALA K 51 43.53 27.62 27.47
C ALA K 51 43.98 29.05 27.73
N GLN K 52 43.02 29.95 27.87
CA GLN K 52 43.30 31.36 28.11
C GLN K 52 44.15 31.49 29.37
N LEU K 53 43.64 30.93 30.46
CA LEU K 53 44.35 30.93 31.73
C LEU K 53 45.76 30.37 31.59
N ALA K 54 45.90 29.31 30.81
CA ALA K 54 47.18 28.66 30.63
C ALA K 54 48.18 29.57 29.95
N ALA K 55 47.79 30.12 28.80
CA ALA K 55 48.69 30.97 28.04
C ALA K 55 49.05 32.22 28.83
N LEU K 56 48.08 32.72 29.60
CA LEU K 56 48.32 33.93 30.38
C LEU K 56 49.26 33.65 31.54
N ASP K 57 49.14 32.48 32.15
CA ASP K 57 50.00 32.12 33.25
C ASP K 57 51.41 31.92 32.73
N ALA K 58 51.53 31.29 31.57
CA ALA K 58 52.84 31.07 30.96
C ALA K 58 53.49 32.40 30.61
N ALA K 59 52.67 33.31 30.10
CA ALA K 59 53.14 34.66 29.77
C ALA K 59 53.67 35.33 31.03
N LYS K 60 52.84 35.38 32.07
CA LYS K 60 53.23 36.04 33.33
C LYS K 60 54.50 35.43 33.90
N LYS K 61 54.61 34.12 33.83
CA LYS K 61 55.83 33.44 34.29
C LYS K 61 57.02 33.88 33.46
N ALA K 62 56.78 34.15 32.18
CA ALA K 62 57.87 34.48 31.26
C ALA K 62 58.22 35.96 31.26
N MET K 63 57.37 36.76 31.90
CA MET K 63 57.65 38.18 32.05
C MET K 63 58.71 38.34 33.13
N ALA K 64 58.73 37.37 34.05
CA ALA K 64 59.66 37.37 35.16
C ALA K 64 61.08 37.06 34.69
N TYR K 65 61.20 36.48 33.51
CA TYR K 65 62.50 36.31 32.89
C TYR K 65 62.78 37.52 32.02
N GLY K 66 61.87 38.48 32.06
CA GLY K 66 62.03 39.72 31.33
C GLY K 66 61.99 39.52 29.82
N MET K 67 60.91 38.92 29.33
CA MET K 67 60.77 38.69 27.91
C MET K 67 59.69 39.59 27.33
N GLN K 68 59.83 39.93 26.05
CA GLN K 68 58.95 40.91 25.42
C GLN K 68 58.32 40.40 24.13
N SER K 69 59.14 40.07 23.13
CA SER K 69 58.63 39.59 21.85
C SER K 69 58.72 38.08 21.71
N VAL K 70 57.64 37.46 21.23
CA VAL K 70 57.61 36.01 21.01
C VAL K 70 57.14 35.64 19.62
N ASP K 71 57.58 34.47 19.16
CA ASP K 71 57.02 33.85 17.96
C ASP K 71 56.10 32.74 18.42
N VAL K 72 54.87 32.72 17.91
CA VAL K 72 53.92 31.69 18.33
C VAL K 72 53.93 30.52 17.36
N ILE K 73 53.94 29.32 17.92
CA ILE K 73 53.91 28.10 17.13
C ILE K 73 52.72 27.24 17.53
N VAL K 74 51.84 26.96 16.58
CA VAL K 74 50.59 26.28 16.87
C VAL K 74 50.64 24.82 16.44
N ARG K 75 50.31 23.91 17.37
CA ARG K 75 50.28 22.50 17.03
C ARG K 75 49.02 21.84 17.54
N GLY K 76 48.40 21.01 16.70
CA GLY K 76 47.21 20.29 17.07
C GLY K 76 45.93 21.01 16.71
N THR K 77 44.89 20.24 16.42
CA THR K 77 43.58 20.80 16.21
C THR K 77 42.76 20.54 17.44
N GLY K 78 42.43 21.60 18.17
CA GLY K 78 41.67 21.44 19.38
C GLY K 78 40.96 22.70 19.83
N ALA K 79 40.01 22.55 20.73
CA ALA K 79 39.34 23.69 21.32
C ALA K 79 40.37 24.52 22.07
N GLY K 80 40.14 25.82 22.14
CA GLY K 80 41.04 26.69 22.86
C GLY K 80 42.40 26.84 22.21
N ARG K 81 42.46 26.64 20.90
CA ARG K 81 43.67 26.92 20.17
C ARG K 81 43.72 28.42 19.89
N GLU K 82 42.76 28.89 19.11
CA GLU K 82 42.67 30.29 18.77
C GLU K 82 42.49 31.18 19.99
N GLN K 83 41.97 30.61 21.08
CA GLN K 83 41.75 31.39 22.29
C GLN K 83 43.06 31.58 23.05
N ALA K 84 43.92 30.58 23.01
CA ALA K 84 45.25 30.72 23.59
C ALA K 84 46.05 31.69 22.75
N ILE K 85 45.88 31.60 21.44
CA ILE K 85 46.43 32.59 20.53
C ILE K 85 46.04 33.98 20.98
N ARG K 86 44.74 34.25 21.01
CA ARG K 86 44.24 35.57 21.39
C ARG K 86 44.70 35.98 22.78
N ALA K 87 44.88 35.00 23.66
CA ALA K 87 45.36 35.26 25.02
C ALA K 87 46.77 35.84 24.96
N LEU K 88 47.65 35.16 24.26
CA LEU K 88 49.01 35.66 24.09
C LEU K 88 49.05 36.95 23.29
N GLN K 89 48.05 37.15 22.44
CA GLN K 89 48.07 38.22 21.44
C GLN K 89 48.25 39.55 22.14
N ALA K 90 47.36 39.89 23.06
CA ALA K 90 47.76 40.84 24.08
C ALA K 90 47.72 40.18 25.45
N SER K 91 48.87 39.71 25.90
CA SER K 91 49.13 39.45 27.30
C SER K 91 50.02 40.58 27.76
N GLY K 92 50.35 41.45 26.82
CA GLY K 92 51.44 42.39 27.00
C GLY K 92 52.65 41.91 26.23
N LEU K 93 52.69 40.62 25.94
CA LEU K 93 53.73 40.08 25.08
C LEU K 93 53.48 40.47 23.64
N GLN K 94 54.53 40.94 22.97
CA GLN K 94 54.40 41.26 21.55
C GLN K 94 54.47 39.97 20.75
N VAL K 95 53.44 39.71 19.96
CA VAL K 95 53.42 38.51 19.14
C VAL K 95 53.98 38.84 17.77
N LYS K 96 55.15 38.31 17.48
CA LYS K 96 55.85 38.62 16.24
C LYS K 96 55.25 37.89 15.05
N SER K 97 54.68 36.72 15.29
CA SER K 97 54.13 35.89 14.22
C SER K 97 53.45 34.64 14.76
N ILE K 98 52.62 34.02 13.92
CA ILE K 98 51.94 32.78 14.29
C ILE K 98 52.17 31.76 13.18
N VAL K 99 52.53 30.53 13.55
CA VAL K 99 52.78 29.49 12.57
C VAL K 99 52.22 28.14 13.01
N ASP K 100 51.50 27.48 12.12
CA ASP K 100 50.96 26.16 12.45
C ASP K 100 51.92 25.07 11.99
N ASP K 101 52.53 24.40 12.97
CA ASP K 101 53.49 23.33 12.71
C ASP K 101 52.90 21.92 12.83
N THR K 102 51.59 21.80 13.02
CA THR K 102 50.99 20.52 13.41
C THR K 102 51.45 19.35 12.55
N PRO K 103 52.05 18.33 13.20
CA PRO K 103 52.61 17.19 12.47
C PRO K 103 51.56 16.37 11.76
N VAL K 104 51.74 16.20 10.47
CA VAL K 104 50.88 15.35 9.67
C VAL K 104 51.73 14.26 9.07
N PRO K 105 51.45 13.00 9.40
CA PRO K 105 52.23 11.94 8.78
C PRO K 105 51.95 11.84 7.29
N HIS K 106 52.87 11.21 6.59
CA HIS K 106 52.76 10.88 5.18
C HIS K 106 52.11 9.51 5.08
N ASN K 107 51.42 9.15 6.16
CA ASN K 107 50.83 7.85 6.47
C ASN K 107 51.84 6.75 6.73
N GLY K 108 52.59 6.92 7.81
CA GLY K 108 53.44 5.87 8.33
C GLY K 108 52.77 4.82 9.20
N CYS K 109 51.99 5.27 10.17
CA CYS K 109 51.54 4.38 11.25
C CYS K 109 50.03 4.21 11.29
N ARG K 110 49.59 2.98 11.54
CA ARG K 110 48.17 2.70 11.65
C ARG K 110 47.62 3.33 12.92
N PRO K 111 46.63 4.22 12.77
CA PRO K 111 46.02 4.92 13.89
C PRO K 111 45.27 3.99 14.83
N LYS K 112 44.95 4.47 16.03
CA LYS K 112 44.10 3.74 16.96
C LYS K 112 42.73 3.57 16.33
N LYS K 113 41.98 2.56 16.79
CA LYS K 113 40.63 2.33 16.30
C LYS K 113 39.79 3.59 16.36
N LYS K 114 40.05 4.42 17.36
CA LYS K 114 39.32 5.67 17.56
C LYS K 114 39.45 6.59 16.35
N PHE K 115 40.65 6.66 15.80
CA PHE K 115 40.95 7.59 14.72
C PHE K 115 40.88 6.97 13.34
N ARG K 116 40.44 5.72 13.25
CA ARG K 116 40.46 5.02 11.97
C ARG K 116 39.28 5.34 11.04
N LYS K 117 39.13 4.51 10.02
CA LYS K 117 38.42 4.81 8.78
C LYS K 117 39.24 5.87 8.04
N ALA K 118 40.55 5.77 8.23
CA ALA K 118 41.55 6.61 7.59
C ALA K 118 42.91 5.90 7.68
N SER K 119 43.98 6.57 7.24
CA SER K 119 45.32 5.97 7.29
C SER K 119 46.40 7.03 7.52
N PRO L 1 19.13 -24.39 -21.56
CA PRO L 1 20.42 -25.01 -21.87
C PRO L 1 20.56 -25.31 -23.34
N THR L 2 21.76 -25.21 -23.89
CA THR L 2 21.96 -25.47 -25.32
C THR L 2 21.54 -26.89 -25.65
N ILE L 3 21.11 -27.11 -26.89
CA ILE L 3 20.64 -28.42 -27.30
C ILE L 3 21.71 -29.47 -27.02
N ASN L 4 22.97 -29.10 -27.24
CA ASN L 4 24.07 -30.01 -27.01
C ASN L 4 24.11 -30.44 -25.54
N GLN L 5 23.75 -29.53 -24.64
CA GLN L 5 23.71 -29.87 -23.22
C GLN L 5 22.64 -30.90 -22.95
N LEU L 6 21.52 -30.78 -23.64
CA LEU L 6 20.43 -31.72 -23.48
C LEU L 6 20.83 -33.07 -24.04
N VAL L 7 21.65 -33.06 -25.08
CA VAL L 7 22.17 -34.31 -25.61
C VAL L 7 23.09 -34.93 -24.57
N ARG L 8 23.97 -34.12 -24.00
CA ARG L 8 24.96 -34.61 -23.05
C ARG L 8 24.37 -34.98 -21.70
N LYS L 9 23.64 -34.07 -21.08
CA LYS L 9 23.07 -34.32 -19.75
C LYS L 9 21.66 -34.87 -19.87
N GLY L 10 20.77 -34.09 -20.46
CA GLY L 10 19.39 -34.50 -20.62
C GLY L 10 18.55 -34.08 -19.44
N ARG L 11 17.24 -33.97 -19.64
CA ARG L 11 16.35 -33.61 -18.56
C ARG L 11 16.26 -34.74 -17.52
N GLU L 12 15.89 -34.37 -16.30
CA GLU L 12 15.79 -35.32 -15.20
C GLU L 12 14.34 -35.49 -14.77
N LYS L 13 13.85 -36.73 -14.78
CA LYS L 13 12.46 -37.02 -14.43
C LYS L 13 12.30 -37.06 -12.93
N VAL L 14 11.33 -36.32 -12.40
CA VAL L 14 11.17 -36.22 -10.95
C VAL L 14 10.35 -37.39 -10.40
N ARG L 15 10.79 -37.93 -9.26
CA ARG L 15 10.06 -39.01 -8.61
C ARG L 15 9.27 -38.46 -7.43
N LYS L 16 8.10 -39.03 -7.19
CA LYS L 16 7.27 -38.59 -6.07
C LYS L 16 7.47 -39.49 -4.86
N LYS L 17 7.71 -38.87 -3.72
CA LYS L 17 7.81 -39.60 -2.46
C LYS L 17 6.42 -39.82 -1.91
N SER L 18 6.13 -41.04 -1.48
CA SER L 18 4.80 -41.35 -0.96
C SER L 18 4.57 -40.67 0.37
N LYS L 19 3.33 -40.31 0.65
CA LYS L 19 2.97 -39.73 1.93
C LYS L 19 2.46 -40.78 2.89
N VAL L 20 2.43 -42.03 2.42
CA VAL L 20 1.87 -43.12 3.19
C VAL L 20 2.71 -44.38 3.06
N PRO L 21 3.76 -44.51 3.89
CA PRO L 21 4.36 -45.84 4.01
C PRO L 21 3.50 -46.83 4.82
N ALA L 22 2.37 -47.19 4.22
CA ALA L 22 1.61 -48.36 4.60
C ALA L 22 2.17 -49.49 3.75
N LEU L 23 3.19 -49.12 2.99
CA LEU L 23 3.94 -49.97 2.07
C LEU L 23 3.08 -50.75 1.10
N LYS L 24 3.61 -51.88 0.66
CA LYS L 24 2.95 -52.89 -0.18
C LYS L 24 2.01 -52.28 -1.23
N GLY L 25 2.29 -51.04 -1.64
CA GLY L 25 1.34 -50.26 -2.41
C GLY L 25 -0.03 -50.26 -1.77
N ALA L 26 -0.09 -50.47 -0.46
CA ALA L 26 -1.30 -50.96 0.19
C ALA L 26 -2.27 -49.86 0.56
N PRO L 27 -3.56 -50.11 0.29
CA PRO L 27 -4.70 -49.24 0.65
C PRO L 27 -5.01 -49.22 2.15
N PHE L 28 -4.86 -50.36 2.83
CA PHE L 28 -5.08 -50.45 4.27
C PHE L 28 -4.05 -51.34 4.93
N ARG L 29 -3.82 -51.16 6.22
CA ARG L 29 -2.93 -52.08 6.92
C ARG L 29 -3.40 -52.35 8.35
N ARG L 30 -3.41 -53.63 8.73
CA ARG L 30 -3.83 -54.04 10.07
C ARG L 30 -2.72 -53.83 11.07
N GLY L 31 -3.09 -53.38 12.26
CA GLY L 31 -2.12 -53.19 13.32
C GLY L 31 -2.74 -53.34 14.69
N VAL L 32 -1.90 -53.38 15.72
CA VAL L 32 -2.38 -53.50 17.08
C VAL L 32 -1.94 -52.30 17.88
N CYS L 33 -2.86 -51.71 18.64
CA CYS L 33 -2.54 -50.50 19.40
C CYS L 33 -1.47 -50.73 20.45
N THR L 34 -0.76 -49.67 20.81
CA THR L 34 0.23 -49.72 21.86
C THR L 34 -0.24 -48.81 22.98
N VAL L 35 -0.34 -47.52 22.67
CA VAL L 35 -0.91 -46.57 23.59
C VAL L 35 -2.12 -45.92 22.92
N VAL L 36 -3.07 -45.47 23.73
CA VAL L 36 -4.13 -44.61 23.24
C VAL L 36 -4.03 -43.30 24.01
N ARG L 37 -3.65 -42.24 23.31
CA ARG L 37 -3.37 -40.98 23.94
C ARG L 37 -4.25 -39.84 23.45
N THR L 38 -4.03 -38.70 24.08
CA THR L 38 -4.66 -37.46 23.72
C THR L 38 -3.57 -36.50 23.30
N VAL L 39 -3.77 -35.82 22.17
CA VAL L 39 -2.77 -34.88 21.71
C VAL L 39 -3.37 -33.50 21.59
N THR L 40 -2.55 -32.48 21.80
CA THR L 40 -2.95 -31.10 21.58
C THR L 40 -2.63 -30.66 20.17
N PRO L 41 -3.58 -30.02 19.49
CA PRO L 41 -3.47 -29.54 18.12
C PRO L 41 -2.59 -28.31 18.00
N LYS L 42 -2.16 -27.96 16.78
CA LYS L 42 -1.28 -26.83 16.58
C LYS L 42 -2.02 -25.49 16.61
N LYS L 43 -1.27 -24.42 16.35
CA LYS L 43 -1.58 -23.06 16.81
C LYS L 43 -3.02 -22.58 16.68
N PRO L 44 -3.59 -22.62 15.46
CA PRO L 44 -4.88 -21.93 15.33
C PRO L 44 -6.02 -22.58 16.11
N ASN L 45 -5.85 -23.83 16.56
CA ASN L 45 -6.92 -24.51 17.29
C ASN L 45 -6.54 -25.00 18.68
N SER L 46 -7.55 -25.48 19.40
CA SER L 46 -7.37 -26.13 20.68
C SER L 46 -8.42 -27.22 20.87
N ALA L 47 -7.99 -28.39 21.33
CA ALA L 47 -8.88 -29.50 21.62
C ALA L 47 -8.10 -30.60 22.31
N LEU L 48 -8.78 -31.71 22.57
CA LEU L 48 -8.07 -32.93 22.91
C LEU L 48 -8.36 -33.95 21.81
N ARG L 49 -7.36 -34.23 20.98
CA ARG L 49 -7.55 -35.18 19.88
C ARG L 49 -7.23 -36.59 20.34
N LYS L 50 -7.97 -37.57 19.83
CA LYS L 50 -7.76 -38.96 20.19
C LYS L 50 -6.83 -39.62 19.18
N VAL L 51 -5.67 -40.06 19.63
CA VAL L 51 -4.68 -40.65 18.73
C VAL L 51 -4.23 -41.98 19.32
N ALA L 52 -3.80 -42.91 18.48
CA ALA L 52 -3.33 -44.20 18.96
C ALA L 52 -2.06 -44.62 18.24
N LYS L 53 -1.03 -45.00 18.98
CA LYS L 53 0.19 -45.47 18.36
C LYS L 53 0.00 -46.92 17.98
N VAL L 54 0.09 -47.20 16.69
CA VAL L 54 -0.25 -48.53 16.17
C VAL L 54 0.98 -49.28 15.70
N ARG L 55 1.07 -50.53 16.10
CA ARG L 55 2.13 -51.42 15.68
C ARG L 55 1.64 -52.17 14.47
N LEU L 56 2.19 -51.87 13.30
CA LEU L 56 1.72 -52.44 12.05
C LEU L 56 2.25 -53.83 11.79
N THR L 57 1.52 -54.58 10.98
CA THR L 57 2.02 -55.82 10.42
C THR L 57 3.01 -55.47 9.31
N SER L 58 2.93 -54.22 8.88
CA SER L 58 3.81 -53.67 7.86
C SER L 58 5.27 -53.68 8.32
N GLY L 59 5.49 -53.65 9.63
CA GLY L 59 6.83 -53.56 10.20
C GLY L 59 7.13 -52.16 10.70
N TYR L 60 6.10 -51.33 10.72
CA TYR L 60 6.21 -49.94 11.18
C TYR L 60 5.40 -49.78 12.46
N GLU L 61 5.75 -48.76 13.25
CA GLU L 61 4.88 -48.35 14.35
C GLU L 61 4.60 -46.86 14.21
N VAL L 62 3.35 -46.51 13.92
CA VAL L 62 3.01 -45.13 13.61
C VAL L 62 1.73 -44.70 14.29
N THR L 63 1.66 -43.42 14.64
CA THR L 63 0.48 -42.86 15.28
C THR L 63 -0.64 -42.73 14.27
N ALA L 64 -1.88 -42.82 14.74
CA ALA L 64 -3.02 -42.71 13.84
C ALA L 64 -4.24 -42.12 14.54
N TYR L 65 -5.06 -41.39 13.79
CA TYR L 65 -6.19 -40.67 14.35
C TYR L 65 -7.39 -41.57 14.59
N ILE L 66 -8.22 -41.22 15.57
CA ILE L 66 -9.41 -41.99 15.91
C ILE L 66 -10.64 -41.12 15.81
N PRO L 67 -11.25 -41.06 14.61
CA PRO L 67 -12.37 -40.15 14.31
C PRO L 67 -13.63 -40.47 15.09
N GLY L 68 -14.69 -39.71 14.84
CA GLY L 68 -15.97 -39.97 15.44
C GLY L 68 -16.17 -39.27 16.78
N GLU L 69 -17.36 -39.47 17.34
CA GLU L 69 -17.73 -38.82 18.59
C GLU L 69 -16.92 -39.44 19.72
N GLY L 70 -17.09 -40.73 19.93
CA GLY L 70 -16.30 -41.42 20.92
C GLY L 70 -15.96 -42.83 20.50
N HIS L 71 -14.96 -43.41 21.16
CA HIS L 71 -14.46 -44.72 20.78
C HIS L 71 -14.32 -45.68 21.95
N ASN L 72 -13.97 -46.91 21.64
CA ASN L 72 -13.39 -47.80 22.64
C ASN L 72 -12.13 -48.40 22.05
N LEU L 73 -10.98 -47.96 22.53
CA LEU L 73 -9.73 -48.56 22.09
C LEU L 73 -8.81 -48.75 23.28
N GLN L 74 -8.49 -49.99 23.56
CA GLN L 74 -7.64 -50.31 24.69
C GLN L 74 -6.22 -50.50 24.21
N GLU L 75 -5.37 -50.94 25.12
CA GLU L 75 -3.98 -51.17 24.79
C GLU L 75 -3.85 -52.20 23.68
N HIS L 76 -4.50 -53.35 23.84
CA HIS L 76 -4.34 -54.47 22.92
C HIS L 76 -5.34 -54.49 21.75
N SER L 77 -6.14 -53.44 21.62
CA SER L 77 -7.14 -53.35 20.56
C SER L 77 -6.55 -53.51 19.15
N VAL L 78 -7.11 -54.42 18.37
CA VAL L 78 -6.68 -54.65 17.00
C VAL L 78 -7.49 -53.79 16.05
N VAL L 79 -6.80 -53.07 15.17
CA VAL L 79 -7.49 -52.09 14.35
C VAL L 79 -6.92 -52.08 12.93
N LEU L 80 -7.70 -51.55 11.99
CA LEU L 80 -7.25 -51.41 10.60
C LEU L 80 -7.05 -49.93 10.26
N ILE L 81 -5.88 -49.58 9.74
CA ILE L 81 -5.62 -48.17 9.45
C ILE L 81 -5.59 -47.90 7.97
N ARG L 82 -6.03 -46.69 7.63
CA ARG L 82 -6.10 -46.20 6.25
C ARG L 82 -5.31 -44.93 6.16
N GLY L 83 -4.99 -44.53 4.94
CA GLY L 83 -4.28 -43.29 4.72
C GLY L 83 -5.16 -42.07 4.98
N GLY L 84 -4.55 -40.91 4.81
CA GLY L 84 -5.21 -39.64 5.07
C GLY L 84 -4.80 -39.10 6.42
N ARG L 85 -4.63 -37.79 6.51
CA ARG L 85 -3.97 -37.21 7.67
C ARG L 85 -4.86 -36.23 8.39
N VAL L 86 -4.33 -35.73 9.50
CA VAL L 86 -4.97 -34.68 10.28
C VAL L 86 -4.08 -33.45 10.18
N LYS L 87 -4.55 -32.44 9.46
CA LYS L 87 -3.69 -31.30 9.16
C LYS L 87 -3.16 -30.61 10.41
N 0TD L 88 -4.01 -30.52 11.42
CA 0TD L 88 -3.79 -29.54 12.47
C 0TD L 88 -3.15 -30.34 13.61
O 0TD L 88 -3.13 -29.91 14.77
CSB 0TD L 88 -4.50 -26.45 12.76
SB 0TD L 88 -5.16 -27.62 13.95
CB 0TD L 88 -5.19 -29.06 12.85
CG 0TD L 88 -5.88 -30.15 13.65
OD2 0TD L 88 -6.31 -29.86 14.78
OD1 0TD L 88 -5.97 -31.28 13.12
N LEU L 89 -2.61 -31.51 13.27
CA LEU L 89 -2.10 -32.46 14.24
C LEU L 89 -0.82 -33.11 13.74
N PRO L 90 0.31 -32.43 13.91
CA PRO L 90 1.60 -32.86 13.35
C PRO L 90 1.98 -34.27 13.72
N GLY L 91 2.40 -35.05 12.73
CA GLY L 91 2.87 -36.40 12.98
C GLY L 91 1.85 -37.49 12.74
N VAL L 92 0.60 -37.11 12.55
CA VAL L 92 -0.43 -38.12 12.32
C VAL L 92 -0.78 -38.17 10.86
N ARG L 93 -0.30 -39.20 10.17
CA ARG L 93 -0.54 -39.35 8.74
C ARG L 93 -1.62 -40.36 8.36
N TYR L 94 -2.19 -41.05 9.35
CA TYR L 94 -3.14 -42.12 9.03
C TYR L 94 -4.39 -42.11 9.90
N HIS L 95 -5.50 -42.60 9.34
CA HIS L 95 -6.75 -42.72 10.07
C HIS L 95 -7.05 -44.15 10.47
N ILE L 96 -7.68 -44.32 11.63
CA ILE L 96 -8.28 -45.59 11.98
C ILE L 96 -9.62 -45.69 11.26
N VAL L 97 -9.93 -46.87 10.72
CA VAL L 97 -11.23 -47.09 10.10
C VAL L 97 -12.22 -47.60 11.15
N ARG L 98 -13.24 -46.82 11.43
CA ARG L 98 -14.18 -47.21 12.47
C ARG L 98 -15.18 -48.19 11.89
N GLY L 99 -15.51 -49.22 12.67
CA GLY L 99 -16.44 -50.23 12.25
C GLY L 99 -15.75 -51.53 11.84
N VAL L 100 -14.44 -51.57 12.03
CA VAL L 100 -13.67 -52.75 11.67
C VAL L 100 -12.89 -53.28 12.86
N TYR L 101 -12.89 -54.60 13.00
CA TYR L 101 -12.15 -55.31 14.05
C TYR L 101 -12.61 -54.91 15.45
N ASP L 102 -11.66 -54.45 16.27
CA ASP L 102 -11.97 -54.13 17.65
C ASP L 102 -12.40 -52.67 17.80
N ALA L 103 -12.50 -51.98 16.67
CA ALA L 103 -12.94 -50.59 16.67
C ALA L 103 -14.43 -50.49 16.39
N ALA L 104 -15.18 -50.05 17.39
CA ALA L 104 -16.64 -49.95 17.27
C ALA L 104 -17.03 -48.88 16.28
N GLY L 105 -18.24 -48.99 15.76
CA GLY L 105 -18.80 -47.94 14.92
C GLY L 105 -19.28 -46.81 15.80
N VAL L 106 -19.38 -45.61 15.26
CA VAL L 106 -19.85 -44.48 16.04
C VAL L 106 -21.34 -44.65 16.27
N LYS L 107 -21.77 -44.52 17.51
CA LYS L 107 -23.15 -44.81 17.86
C LYS L 107 -24.00 -43.54 17.80
N ASP L 108 -25.25 -43.70 17.39
CA ASP L 108 -26.20 -42.59 17.24
C ASP L 108 -25.74 -41.65 16.14
N ARG L 109 -25.21 -42.21 15.07
CA ARG L 109 -24.80 -41.43 13.92
C ARG L 109 -25.83 -41.57 12.82
N LYS L 110 -26.60 -40.51 12.59
CA LYS L 110 -27.64 -40.58 11.58
C LYS L 110 -27.32 -39.90 10.24
N LYS L 111 -26.18 -39.23 10.10
CA LYS L 111 -25.96 -38.45 8.88
C LYS L 111 -25.00 -39.10 7.90
N SER L 112 -23.69 -39.03 8.14
CA SER L 112 -22.79 -39.76 7.26
C SER L 112 -22.32 -40.99 8.00
N ARG L 113 -22.94 -42.13 7.70
CA ARG L 113 -22.66 -43.34 8.45
C ARG L 113 -21.48 -44.11 7.92
N SER L 114 -21.42 -44.25 6.61
CA SER L 114 -20.49 -45.17 5.99
C SER L 114 -19.05 -44.79 6.25
N LYS L 115 -18.82 -43.53 6.60
CA LYS L 115 -17.48 -43.09 6.93
C LYS L 115 -17.11 -43.46 8.38
N TYR L 116 -18.05 -43.31 9.30
CA TYR L 116 -17.78 -43.63 10.70
C TYR L 116 -18.25 -45.04 11.05
N GLY L 117 -18.70 -45.78 10.05
CA GLY L 117 -18.98 -47.20 10.18
C GLY L 117 -20.17 -47.56 11.03
N THR L 118 -21.31 -46.93 10.77
CA THR L 118 -22.51 -47.20 11.55
C THR L 118 -23.63 -47.73 10.66
N LYS L 119 -24.08 -48.94 10.94
CA LYS L 119 -25.12 -49.56 10.12
C LYS L 119 -26.42 -48.78 10.22
N LYS L 120 -27.24 -48.89 9.19
CA LYS L 120 -28.52 -48.18 9.12
C LYS L 120 -29.43 -48.52 10.29
N PRO L 121 -30.01 -47.49 10.93
CA PRO L 121 -31.04 -47.69 11.96
C PRO L 121 -32.28 -48.34 11.36
N LYS L 122 -32.88 -49.27 12.11
CA LYS L 122 -33.93 -50.13 11.58
C LYS L 122 -35.28 -49.42 11.45
N GLU L 123 -36.29 -50.23 11.14
CA GLU L 123 -37.72 -49.86 11.09
C GLU L 123 -38.02 -48.55 10.36
N ALA L 124 -38.98 -47.79 10.88
CA ALA L 124 -39.42 -46.56 10.24
C ALA L 124 -40.02 -45.60 11.25
N ALA L 125 -39.85 -44.30 11.00
N ALA M 1 -4.86 39.07 88.80
CA ALA M 1 -4.56 38.26 89.98
C ALA M 1 -5.22 36.90 89.89
N ARG M 2 -5.50 36.30 91.04
CA ARG M 2 -6.01 34.94 91.11
C ARG M 2 -7.53 34.94 91.06
N ILE M 3 -8.09 34.40 89.99
CA ILE M 3 -9.54 34.42 89.78
C ILE M 3 -10.06 33.02 89.52
N ALA M 4 -11.10 32.65 90.27
CA ALA M 4 -11.88 31.45 90.00
C ALA M 4 -11.02 30.22 89.76
N GLY M 5 -10.36 29.74 90.80
CA GLY M 5 -9.46 28.62 90.65
C GLY M 5 -8.03 29.09 90.54
N VAL M 6 -7.13 28.14 90.28
CA VAL M 6 -5.70 28.37 90.44
C VAL M 6 -5.07 29.10 89.27
N GLU M 7 -5.87 29.45 88.27
CA GLU M 7 -5.32 30.09 87.08
C GLU M 7 -5.24 31.61 87.21
N ILE M 8 -4.06 32.15 86.99
CA ILE M 8 -3.83 33.60 87.03
C ILE M 8 -3.43 34.14 85.67
N PRO M 9 -4.32 34.92 85.03
CA PRO M 9 -3.97 35.67 83.83
C PRO M 9 -3.19 36.93 84.19
N ARG M 10 -2.33 37.42 83.31
CA ARG M 10 -1.53 38.60 83.66
C ARG M 10 -1.13 39.45 82.46
N ASN M 11 -1.06 40.76 82.69
CA ASN M 11 -0.50 41.73 81.73
C ASN M 11 -1.08 41.64 80.32
N LYS M 12 -2.39 41.85 80.21
CA LYS M 12 -3.10 42.00 78.95
C LYS M 12 -4.57 42.21 79.27
N ARG M 13 -5.35 42.62 78.27
CA ARG M 13 -6.73 43.06 78.48
C ARG M 13 -7.56 42.04 79.24
N VAL M 14 -8.38 42.53 80.17
CA VAL M 14 -9.06 41.71 81.17
C VAL M 14 -9.99 40.66 80.55
N ASP M 15 -10.67 40.99 79.46
CA ASP M 15 -11.49 40.01 78.77
C ASP M 15 -10.62 38.88 78.22
N VAL M 16 -9.68 39.28 77.38
CA VAL M 16 -8.73 38.37 76.77
C VAL M 16 -8.03 37.55 77.85
N ALA M 17 -7.77 38.16 78.99
CA ALA M 17 -7.13 37.48 80.09
C ALA M 17 -8.06 36.46 80.74
N LEU M 18 -9.31 36.85 80.90
CA LEU M 18 -10.32 35.98 81.48
C LEU M 18 -10.58 34.78 80.60
N THR M 19 -10.18 34.87 79.33
CA THR M 19 -10.30 33.74 78.43
C THR M 19 -9.56 32.51 78.96
N TYR M 20 -8.39 32.74 79.56
CA TYR M 20 -7.57 31.65 80.06
C TYR M 20 -8.24 30.90 81.20
N ILE M 21 -9.33 31.45 81.72
CA ILE M 21 -10.16 30.74 82.67
C ILE M 21 -10.83 29.62 81.89
N TYR M 22 -10.81 28.41 82.43
CA TYR M 22 -11.24 27.24 81.69
C TYR M 22 -12.66 27.34 81.15
N GLY M 23 -13.62 27.61 82.02
CA GLY M 23 -15.00 27.61 81.59
C GLY M 23 -15.47 28.93 80.98
N ILE M 24 -14.51 29.77 80.57
CA ILE M 24 -14.86 31.10 80.12
C ILE M 24 -14.31 31.40 78.73
N GLY M 25 -15.20 31.64 77.79
CA GLY M 25 -14.84 32.08 76.46
C GLY M 25 -14.95 33.59 76.33
N LYS M 26 -15.03 34.08 75.10
CA LYS M 26 -15.05 35.53 74.87
C LYS M 26 -16.37 36.11 75.34
N ALA M 27 -17.45 35.38 75.10
CA ALA M 27 -18.80 35.82 75.45
C ALA M 27 -18.94 36.05 76.94
N ARG M 28 -18.70 35.00 77.72
CA ARG M 28 -18.86 35.06 79.16
C ARG M 28 -17.88 36.05 79.78
N ALA M 29 -16.79 36.32 79.07
CA ALA M 29 -15.85 37.34 79.50
C ALA M 29 -16.49 38.71 79.36
N LYS M 30 -17.01 39.00 78.18
CA LYS M 30 -17.66 40.27 77.94
C LYS M 30 -18.81 40.49 78.93
N GLU M 31 -19.57 39.43 79.19
CA GLU M 31 -20.68 39.51 80.14
C GLU M 31 -20.19 39.81 81.55
N ALA M 32 -19.21 39.04 82.01
CA ALA M 32 -18.69 39.21 83.37
C ALA M 32 -18.11 40.61 83.56
N LEU M 33 -17.38 41.11 82.58
CA LEU M 33 -16.84 42.45 82.66
C LEU M 33 -17.94 43.48 82.60
N GLU M 34 -19.03 43.13 81.95
CA GLU M 34 -20.15 44.06 81.78
C GLU M 34 -20.93 44.25 83.07
N LYS M 35 -21.33 43.15 83.71
CA LYS M 35 -22.13 43.24 84.93
C LYS M 35 -21.30 43.62 86.13
N THR M 36 -19.98 43.55 85.99
CA THR M 36 -19.08 43.95 87.07
C THR M 36 -18.61 45.39 86.85
N GLY M 37 -19.04 45.97 85.73
CA GLY M 37 -18.73 47.35 85.41
C GLY M 37 -17.26 47.68 85.33
N ILE M 38 -16.48 46.81 84.71
CA ILE M 38 -15.05 47.03 84.57
C ILE M 38 -14.71 47.32 83.12
N ASN M 39 -13.83 48.26 82.88
CA ASN M 39 -13.35 48.52 81.53
C ASN M 39 -12.51 47.33 81.08
N PRO M 40 -12.86 46.74 79.92
CA PRO M 40 -12.12 45.62 79.35
C PRO M 40 -10.72 45.99 78.85
N ALA M 41 -10.46 47.29 78.67
CA ALA M 41 -9.22 47.74 78.07
C ALA M 41 -8.03 47.70 79.04
N THR M 42 -8.29 47.96 80.31
CA THR M 42 -7.23 48.01 81.30
C THR M 42 -6.51 46.67 81.39
N ARG M 43 -5.21 46.71 81.61
CA ARG M 43 -4.44 45.48 81.82
C ARG M 43 -4.76 44.89 83.18
N VAL M 44 -4.47 43.60 83.37
CA VAL M 44 -4.74 42.94 84.63
C VAL M 44 -3.95 43.56 85.77
N LYS M 45 -2.70 43.94 85.49
CA LYS M 45 -1.84 44.53 86.50
C LYS M 45 -2.35 45.90 86.92
N ASP M 46 -3.24 46.47 86.13
CA ASP M 46 -3.85 47.77 86.41
C ASP M 46 -5.18 47.64 87.13
N LEU M 47 -5.58 46.42 87.46
CA LEU M 47 -6.85 46.19 88.14
C LEU M 47 -6.78 46.57 89.61
N THR M 48 -7.83 47.24 90.06
CA THR M 48 -8.00 47.55 91.48
C THR M 48 -8.30 46.28 92.25
N GLU M 49 -7.75 46.15 93.46
CA GLU M 49 -8.01 44.99 94.30
C GLU M 49 -9.51 44.91 94.56
N ALA M 50 -10.17 46.06 94.61
CA ALA M 50 -11.62 46.10 94.71
C ALA M 50 -12.25 45.51 93.47
N GLU M 51 -11.75 45.93 92.31
CA GLU M 51 -12.21 45.42 91.03
C GLU M 51 -12.03 43.91 90.92
N VAL M 52 -10.84 43.44 91.25
CA VAL M 52 -10.52 42.02 91.23
C VAL M 52 -11.45 41.25 92.16
N VAL M 53 -11.66 41.80 93.36
CA VAL M 53 -12.55 41.19 94.33
C VAL M 53 -13.95 41.06 93.76
N ARG M 54 -14.36 42.07 93.00
CA ARG M 54 -15.68 42.09 92.37
C ARG M 54 -15.79 41.00 91.30
N LEU M 55 -14.79 40.97 90.41
CA LEU M 55 -14.72 40.00 89.32
C LEU M 55 -14.77 38.57 89.86
N ARG M 56 -13.93 38.32 90.85
CA ARG M 56 -13.88 37.04 91.53
C ARG M 56 -15.26 36.72 92.10
N GLU M 57 -15.83 37.69 92.83
CA GLU M 57 -17.13 37.51 93.45
C GLU M 57 -18.16 37.01 92.44
N TYR M 58 -18.31 37.73 91.33
CA TYR M 58 -19.22 37.29 90.28
C TYR M 58 -18.85 35.92 89.72
N VAL M 59 -17.73 35.87 89.04
CA VAL M 59 -17.33 34.72 88.23
C VAL M 59 -17.27 33.41 89.03
N GLU M 60 -16.75 33.47 90.27
CA GLU M 60 -16.61 32.27 91.10
C GLU M 60 -17.89 31.45 91.11
N ASN M 61 -18.96 31.98 91.70
CA ASN M 61 -20.24 31.35 91.47
C ASN M 61 -21.19 32.25 90.70
N THR M 62 -21.25 32.00 89.40
CA THR M 62 -22.39 32.34 88.55
C THR M 62 -22.59 31.12 87.66
N TRP M 63 -21.57 30.81 86.86
CA TRP M 63 -21.52 29.57 86.10
C TRP M 63 -20.46 28.63 86.66
N LYS M 64 -20.69 27.33 86.43
CA LYS M 64 -19.76 26.28 86.83
C LYS M 64 -18.48 26.33 85.99
N LEU M 65 -17.32 26.35 86.65
CA LEU M 65 -16.05 26.51 85.96
C LEU M 65 -15.00 25.46 86.33
N GLU M 66 -13.95 25.40 85.50
CA GLU M 66 -12.77 24.54 85.73
C GLU M 66 -13.06 23.09 86.11
N GLY M 67 -12.39 22.62 87.16
CA GLY M 67 -12.47 21.23 87.59
C GLY M 67 -13.88 20.71 87.73
N GLU M 68 -14.77 21.56 88.21
CA GLU M 68 -16.19 21.24 88.27
C GLU M 68 -16.72 20.92 86.87
N LEU M 69 -16.45 21.81 85.93
CA LEU M 69 -16.87 21.63 84.55
C LEU M 69 -16.36 20.31 83.99
N ARG M 70 -15.05 20.10 84.10
CA ARG M 70 -14.41 18.89 83.58
C ARG M 70 -15.04 17.64 84.18
N ALA M 71 -15.26 17.68 85.50
CA ALA M 71 -15.87 16.56 86.20
C ALA M 71 -17.26 16.29 85.63
N GLU M 72 -18.00 17.35 85.35
CA GLU M 72 -19.36 17.21 84.86
C GLU M 72 -19.38 16.61 83.46
N VAL M 73 -18.48 17.08 82.61
CA VAL M 73 -18.34 16.54 81.26
C VAL M 73 -18.03 15.04 81.34
N ALA M 74 -17.02 14.71 82.13
CA ALA M 74 -16.63 13.32 82.32
C ALA M 74 -17.80 12.48 82.79
N ALA M 75 -18.59 13.01 83.70
CA ALA M 75 -19.75 12.29 84.22
C ALA M 75 -20.80 12.10 83.13
N ASN M 76 -20.90 13.09 82.24
CA ASN M 76 -21.85 13.01 81.13
C ASN M 76 -21.47 11.88 80.19
N ILE M 77 -20.20 11.87 79.78
CA ILE M 77 -19.72 10.85 78.86
C ILE M 77 -19.83 9.48 79.49
N LYS M 78 -19.33 9.35 80.72
CA LYS M 78 -19.44 8.11 81.47
C LYS M 78 -20.89 7.62 81.56
N ARG M 79 -21.82 8.56 81.69
CA ARG M 79 -23.24 8.20 81.71
C ARG M 79 -23.64 7.64 80.35
N LEU M 80 -23.25 8.33 79.29
CA LEU M 80 -23.55 7.90 77.94
C LEU M 80 -23.05 6.48 77.67
N MET M 81 -21.89 6.16 78.23
CA MET M 81 -21.29 4.84 78.00
C MET M 81 -21.94 3.76 78.86
N ASP M 82 -22.21 4.09 80.12
CA ASP M 82 -22.74 3.11 81.05
C ASP M 82 -24.13 2.65 80.67
N ILE M 83 -24.86 3.47 79.95
CA ILE M 83 -26.21 3.12 79.54
C ILE M 83 -26.19 2.33 78.23
N GLY M 84 -24.99 2.10 77.69
CA GLY M 84 -24.84 1.33 76.48
C GLY M 84 -25.43 2.00 75.25
N CYS M 85 -25.55 3.32 75.32
CA CYS M 85 -26.07 4.11 74.22
C CYS M 85 -25.14 4.07 73.03
N TYR M 86 -25.65 4.41 71.86
CA TYR M 86 -24.85 4.43 70.63
C TYR M 86 -23.71 5.44 70.75
N ARG M 87 -24.03 6.64 71.22
CA ARG M 87 -23.01 7.65 71.47
C ARG M 87 -22.00 7.08 72.46
N GLY M 88 -22.48 6.24 73.37
CA GLY M 88 -21.62 5.57 74.32
C GLY M 88 -20.58 4.70 73.64
N LEU M 89 -21.02 3.94 72.64
CA LEU M 89 -20.10 3.12 71.89
C LEU M 89 -19.14 4.01 71.11
N ARG M 90 -19.68 5.02 70.45
CA ARG M 90 -18.85 5.91 69.63
C ARG M 90 -17.77 6.59 70.47
N HIS M 91 -18.04 6.77 71.75
CA HIS M 91 -17.02 7.27 72.67
C HIS M 91 -16.07 6.14 73.05
N ARG M 92 -16.63 4.94 73.20
CA ARG M 92 -15.88 3.78 73.65
C ARG M 92 -14.77 3.40 72.67
N ARG M 93 -15.09 3.39 71.39
CA ARG M 93 -14.12 3.01 70.36
C ARG M 93 -13.35 4.23 69.87
N GLY M 94 -13.78 5.41 70.30
CA GLY M 94 -13.13 6.65 69.91
C GLY M 94 -13.36 7.06 68.46
N LEU M 95 -14.62 7.11 68.06
CA LEU M 95 -15.00 7.51 66.71
C LEU M 95 -15.92 8.73 66.78
N PRO M 96 -16.08 9.46 65.66
CA PRO M 96 -16.96 10.63 65.68
C PRO M 96 -18.37 10.33 66.15
N VAL M 97 -18.84 11.10 67.12
CA VAL M 97 -20.14 10.87 67.74
C VAL M 97 -21.25 11.66 67.07
N ARG M 98 -20.89 12.62 66.25
CA ARG M 98 -21.86 13.57 65.70
C ARG M 98 -22.34 13.13 64.33
N GLY M 99 -21.95 11.93 63.93
CA GLY M 99 -22.41 11.37 62.67
C GLY M 99 -21.70 11.90 61.45
N GLN M 100 -20.37 11.89 61.50
CA GLN M 100 -19.58 12.26 60.35
C GLN M 100 -18.98 11.01 59.73
N ARG M 101 -18.76 11.04 58.43
CA ARG M 101 -18.18 9.92 57.71
C ARG M 101 -16.79 9.54 58.23
N THR M 102 -16.60 8.26 58.52
CA THR M 102 -15.32 7.78 58.99
C THR M 102 -14.47 7.11 57.91
N ARG M 103 -15.00 7.01 56.69
CA ARG M 103 -14.29 6.32 55.60
C ARG M 103 -12.99 7.02 55.27
N THR M 104 -13.04 8.34 55.26
CA THR M 104 -11.85 9.17 55.12
C THR M 104 -11.93 10.23 56.19
N ASN M 105 -10.85 10.98 56.37
CA ASN M 105 -10.79 11.99 57.41
C ASN M 105 -11.11 11.36 58.76
N ALA M 106 -11.88 12.08 59.57
CA ALA M 106 -12.14 11.70 60.95
C ALA M 106 -10.83 11.39 61.66
N ARG M 107 -9.81 12.17 61.37
CA ARG M 107 -8.48 11.89 61.89
C ARG M 107 -8.33 12.36 63.32
N THR M 108 -8.83 13.55 63.59
CA THR M 108 -8.60 14.18 64.89
C THR M 108 -9.24 13.37 66.01
N ARG M 109 -10.27 12.62 65.68
CA ARG M 109 -10.87 11.70 66.62
C ARG M 109 -10.09 10.37 66.69
N LYS M 110 -9.63 9.91 65.53
CA LYS M 110 -8.91 8.65 65.42
C LYS M 110 -7.41 8.81 65.71
N GLY M 111 -7.00 10.04 66.01
CA GLY M 111 -5.62 10.32 66.32
C GLY M 111 -4.69 10.12 65.14
N PRO M 112 -3.42 9.76 65.41
CA PRO M 112 -2.42 9.58 64.36
C PRO M 112 -2.80 8.51 63.37
N ARG M 113 -2.15 8.52 62.21
CA ARG M 113 -2.54 7.65 61.09
C ARG M 113 -1.74 6.36 61.08
N LYS M 114 -2.40 5.23 61.34
CA LYS M 114 -1.72 3.95 61.45
C LYS M 114 -1.88 3.14 60.16
N THR M 115 -0.81 3.05 59.39
CA THR M 115 -0.87 2.47 58.05
C THR M 115 -0.66 0.96 58.06
N VAL M 116 -1.38 0.25 57.21
CA VAL M 116 -1.18 -1.18 57.04
C VAL M 116 -1.12 -1.54 55.55
N ALA M 117 -0.91 -2.82 55.27
CA ALA M 117 -0.78 -3.30 53.89
C ALA M 117 -2.09 -3.17 53.13
N GLY M 118 -2.00 -3.17 51.80
CA GLY M 118 -3.17 -3.05 50.95
C GLY M 118 -2.91 -3.48 49.52
N ALA N 1 -36.73 3.48 34.69
CA ALA N 1 -38.16 3.68 34.90
C ALA N 1 -38.91 2.36 34.95
N ARG N 2 -39.12 1.84 36.16
CA ARG N 2 -39.88 0.61 36.34
C ARG N 2 -41.38 0.91 36.37
N LYS N 3 -42.16 0.11 35.64
CA LYS N 3 -43.59 0.38 35.45
C LYS N 3 -44.36 0.45 36.75
N ALA N 4 -43.96 -0.36 37.73
CA ALA N 4 -44.61 -0.35 39.03
C ALA N 4 -44.37 0.99 39.74
N LEU N 5 -43.16 1.52 39.58
CA LEU N 5 -42.78 2.76 40.25
C LEU N 5 -43.56 3.96 39.72
N ILE N 6 -44.16 3.81 38.54
CA ILE N 6 -44.98 4.87 37.96
C ILE N 6 -46.28 4.98 38.73
N GLU N 7 -46.49 4.09 39.70
CA GLU N 7 -47.57 4.25 40.67
C GLU N 7 -47.33 5.48 41.53
N LYS N 8 -46.16 6.11 41.33
CA LYS N 8 -45.80 7.35 41.99
C LYS N 8 -46.95 8.34 41.97
N ALA N 9 -47.55 8.53 40.80
CA ALA N 9 -48.66 9.46 40.72
C ALA N 9 -49.77 8.84 41.53
N LYS N 10 -50.17 9.53 42.57
CA LYS N 10 -51.11 8.98 43.54
C LYS N 10 -51.88 10.12 44.20
N ARG N 11 -53.17 9.89 44.45
CA ARG N 11 -53.97 10.84 45.20
C ARG N 11 -53.84 10.51 46.68
N THR N 12 -53.25 9.35 46.96
CA THR N 12 -52.99 8.92 48.32
C THR N 12 -51.54 8.48 48.52
N PRO N 13 -50.60 9.44 48.48
CA PRO N 13 -49.20 9.13 48.77
C PRO N 13 -48.99 8.74 50.24
N LYS N 14 -50.00 9.00 51.06
CA LYS N 14 -50.07 8.68 52.50
C LYS N 14 -49.28 9.68 53.35
N PHE N 15 -48.40 10.44 52.71
CA PHE N 15 -47.68 11.54 53.36
C PHE N 15 -47.31 12.58 52.31
N LYS N 16 -47.30 13.84 52.69
CA LYS N 16 -46.93 14.89 51.75
C LYS N 16 -45.47 14.73 51.31
N VAL N 17 -44.62 14.33 52.25
CA VAL N 17 -43.19 14.25 51.98
C VAL N 17 -42.84 13.11 51.04
N ARG N 18 -43.55 11.99 51.18
CA ARG N 18 -43.28 10.84 50.33
C ARG N 18 -43.55 11.14 48.87
N ALA N 19 -44.29 12.21 48.61
CA ALA N 19 -44.60 12.59 47.24
C ALA N 19 -43.36 13.14 46.56
N TYR N 20 -43.00 12.54 45.43
CA TYR N 20 -41.84 12.99 44.68
C TYR N 20 -42.18 13.13 43.21
N THR N 21 -41.29 13.76 42.46
CA THR N 21 -41.53 14.05 41.06
C THR N 21 -40.82 13.05 40.15
N ARG N 22 -41.47 12.70 39.06
CA ARG N 22 -40.81 11.93 38.01
C ARG N 22 -40.97 12.61 36.65
N CYS N 23 -40.30 12.06 35.65
CA CYS N 23 -40.41 12.59 34.30
C CYS N 23 -41.71 12.06 33.73
N VAL N 24 -42.51 12.95 33.14
CA VAL N 24 -43.78 12.55 32.60
C VAL N 24 -43.58 11.66 31.37
N ARG N 25 -42.52 11.94 30.61
CA ARG N 25 -42.28 11.26 29.35
C ARG N 25 -41.57 9.92 29.53
N CYS N 26 -40.32 9.97 29.98
CA CYS N 26 -39.48 8.77 30.06
C CYS N 26 -39.56 8.05 31.40
N GLY N 27 -40.19 8.68 32.38
CA GLY N 27 -40.34 8.07 33.69
C GLY N 27 -39.10 8.14 34.56
N ARG N 28 -38.21 9.08 34.24
CA ARG N 28 -36.99 9.28 35.01
C ARG N 28 -37.31 9.72 36.44
N ALA N 29 -36.38 9.48 37.34
CA ALA N 29 -36.51 9.95 38.72
C ALA N 29 -35.62 11.17 38.96
N ARG N 30 -34.31 10.98 38.80
CA ARG N 30 -33.35 12.05 39.02
C ARG N 30 -33.32 13.06 37.87
N SER N 31 -32.89 14.28 38.19
CA SER N 31 -32.77 15.36 37.21
C SER N 31 -34.07 15.67 36.48
N VAL N 32 -35.14 15.84 37.23
CA VAL N 32 -36.43 16.17 36.64
C VAL N 32 -36.72 17.65 36.83
N TYR N 33 -36.68 18.41 35.75
CA TYR N 33 -36.97 19.83 35.81
C TYR N 33 -38.45 20.03 36.10
N ARG N 34 -38.74 20.94 37.04
CA ARG N 34 -40.11 21.15 37.51
C ARG N 34 -40.94 21.93 36.51
N PHE N 35 -40.31 22.93 35.90
CA PHE N 35 -40.97 23.81 34.94
C PHE N 35 -41.58 23.05 33.78
N PHE N 36 -40.80 22.17 33.17
CA PHE N 36 -41.29 21.39 32.03
C PHE N 36 -41.90 20.06 32.46
N GLY N 37 -41.74 19.70 33.72
CA GLY N 37 -42.22 18.41 34.20
C GLY N 37 -41.49 17.24 33.58
N LEU N 38 -40.49 17.54 32.76
CA LEU N 38 -39.70 16.51 32.08
C LEU N 38 -38.39 16.27 32.80
N CYS N 39 -37.59 15.33 32.29
CA CYS N 39 -36.24 15.15 32.76
C CYS N 39 -35.31 15.97 31.89
N ARG N 40 -34.00 15.83 32.08
CA ARG N 40 -33.05 16.64 31.34
C ARG N 40 -32.82 16.10 29.93
N ILE N 41 -32.93 14.79 29.79
CA ILE N 41 -32.68 14.11 28.53
C ILE N 41 -33.84 14.42 27.60
N CYS N 42 -35.03 14.03 28.03
CA CYS N 42 -36.25 14.39 27.34
C CYS N 42 -36.28 15.88 27.03
N LEU N 43 -35.82 16.70 27.97
CA LEU N 43 -35.75 18.14 27.75
C LEU N 43 -34.93 18.44 26.52
N ARG N 44 -33.72 17.89 26.43
CA ARG N 44 -32.86 18.22 25.29
C ARG N 44 -33.39 17.67 23.98
N GLU N 45 -33.91 16.44 24.00
CA GLU N 45 -34.51 15.83 22.83
C GLU N 45 -35.64 16.69 22.27
N LEU N 46 -36.69 16.87 23.08
CA LEU N 46 -37.84 17.68 22.68
C LEU N 46 -37.45 19.10 22.32
N ALA N 47 -36.46 19.65 23.01
CA ALA N 47 -36.00 20.99 22.71
C ALA N 47 -35.43 21.04 21.31
N HIS N 48 -34.73 19.98 20.94
CA HIS N 48 -34.13 19.90 19.62
C HIS N 48 -35.19 19.66 18.55
N LYS N 49 -36.26 18.95 18.91
CA LYS N 49 -37.34 18.68 17.96
C LYS N 49 -38.20 19.93 17.72
N GLY N 50 -38.08 20.89 18.62
CA GLY N 50 -38.84 22.13 18.51
C GLY N 50 -40.23 22.07 19.11
N GLN N 51 -40.44 21.13 20.04
CA GLN N 51 -41.75 20.94 20.63
C GLN N 51 -41.92 21.72 21.93
N LEU N 52 -40.90 22.51 22.29
CA LEU N 52 -41.02 23.41 23.43
C LEU N 52 -41.06 24.86 22.95
N PRO N 53 -42.24 25.50 23.01
CA PRO N 53 -42.38 26.87 22.53
C PRO N 53 -41.43 27.84 23.21
N GLY N 54 -40.79 28.70 22.41
CA GLY N 54 -39.94 29.75 22.94
C GLY N 54 -38.54 29.31 23.34
N VAL N 55 -38.36 28.01 23.48
CA VAL N 55 -37.08 27.46 23.94
C VAL N 55 -36.06 27.47 22.80
N ARG N 56 -34.94 28.14 23.05
CA ARG N 56 -33.94 28.35 22.02
C ARG N 56 -32.57 27.95 22.55
N LYS N 57 -31.59 27.85 21.65
CA LYS N 57 -30.22 27.61 22.09
C LYS N 57 -29.61 28.91 22.60
N ALA N 58 -28.99 28.84 23.78
CA ALA N 58 -28.49 30.04 24.46
C ALA N 58 -27.00 30.26 24.23
N SER N 59 -26.65 31.46 23.75
CA SER N 59 -25.26 31.82 23.53
C SER N 59 -25.03 33.28 23.87
N TRP N 60 -23.93 33.57 24.56
CA TRP N 60 -23.63 34.94 24.99
C TRP N 60 -22.21 35.07 25.56
N PRO O 1 65.55 -6.36 -23.56
CA PRO O 1 64.37 -6.48 -24.42
C PRO O 1 64.70 -7.17 -25.73
N ILE O 2 63.89 -6.94 -26.75
CA ILE O 2 64.17 -7.47 -28.09
C ILE O 2 64.32 -6.32 -29.07
N THR O 3 65.55 -6.10 -29.52
CA THR O 3 65.88 -4.99 -30.41
C THR O 3 65.49 -5.29 -31.86
N LYS O 4 65.31 -4.22 -32.63
CA LYS O 4 64.86 -4.33 -34.01
C LYS O 4 65.76 -5.25 -34.85
N GLU O 5 67.07 -5.13 -34.65
CA GLU O 5 68.03 -5.90 -35.46
C GLU O 5 67.85 -7.40 -35.32
N GLU O 6 67.61 -7.85 -34.08
CA GLU O 6 67.38 -9.27 -33.83
C GLU O 6 66.13 -9.73 -34.56
N LYS O 7 65.08 -8.91 -34.45
CA LYS O 7 63.80 -9.22 -35.07
C LYS O 7 63.94 -9.33 -36.58
N GLN O 8 64.65 -8.39 -37.19
CA GLN O 8 64.87 -8.41 -38.63
C GLN O 8 65.73 -9.61 -39.01
N LYS O 9 66.62 -9.99 -38.11
CA LYS O 9 67.47 -11.15 -38.33
C LYS O 9 66.64 -12.41 -38.46
N VAL O 10 65.75 -12.64 -37.49
CA VAL O 10 64.96 -13.87 -37.50
C VAL O 10 63.90 -13.82 -38.60
N ILE O 11 63.35 -12.64 -38.86
CA ILE O 11 62.37 -12.49 -39.93
C ILE O 11 63.00 -12.82 -41.27
N GLN O 12 64.11 -12.16 -41.60
CA GLN O 12 64.80 -12.42 -42.85
C GLN O 12 65.30 -13.86 -42.90
N GLU O 13 65.51 -14.45 -41.72
CA GLU O 13 65.95 -15.83 -41.64
C GLU O 13 64.87 -16.81 -42.08
N PHE O 14 63.68 -16.68 -41.52
CA PHE O 14 62.62 -17.65 -41.75
C PHE O 14 61.68 -17.33 -42.92
N ALA O 15 61.79 -16.12 -43.46
CA ALA O 15 60.85 -15.67 -44.47
C ALA O 15 60.81 -16.61 -45.67
N ARG O 16 59.60 -16.96 -46.10
CA ARG O 16 59.41 -17.88 -47.22
C ARG O 16 60.00 -17.30 -48.51
N PHE O 17 59.98 -15.98 -48.60
CA PHE O 17 60.58 -15.30 -49.74
C PHE O 17 60.98 -13.89 -49.31
N PRO O 18 61.67 -13.13 -50.19
CA PRO O 18 62.00 -11.76 -49.76
C PRO O 18 60.75 -10.88 -49.63
N GLY O 19 60.67 -10.15 -48.53
CA GLY O 19 59.55 -9.26 -48.29
C GLY O 19 58.41 -9.87 -47.52
N ASP O 20 58.56 -11.12 -47.11
CA ASP O 20 57.49 -11.80 -46.40
C ASP O 20 57.66 -11.66 -44.89
N THR O 21 56.80 -10.83 -44.28
CA THR O 21 56.79 -10.70 -42.82
C THR O 21 55.73 -11.54 -42.11
N GLY O 22 54.77 -12.08 -42.86
CA GLY O 22 53.60 -12.66 -42.22
C GLY O 22 53.36 -14.17 -42.27
N SER O 23 54.32 -14.91 -42.77
CA SER O 23 54.11 -16.34 -42.99
C SER O 23 54.02 -17.09 -41.66
N THR O 24 53.36 -18.23 -41.69
CA THR O 24 53.20 -19.07 -40.51
C THR O 24 54.55 -19.42 -39.91
N GLU O 25 55.51 -19.70 -40.77
CA GLU O 25 56.88 -19.99 -40.32
C GLU O 25 57.44 -18.80 -39.56
N VAL O 26 57.27 -17.60 -40.12
CA VAL O 26 57.80 -16.38 -39.50
C VAL O 26 57.18 -16.21 -38.13
N GLN O 27 55.86 -16.33 -38.06
CA GLN O 27 55.14 -16.16 -36.82
C GLN O 27 55.65 -17.13 -35.76
N VAL O 28 55.66 -18.42 -36.08
CA VAL O 28 56.11 -19.44 -35.16
C VAL O 28 57.53 -19.14 -34.68
N ALA O 29 58.35 -18.63 -35.60
CA ALA O 29 59.72 -18.26 -35.25
C ALA O 29 59.75 -17.16 -34.20
N LEU O 30 59.09 -16.05 -34.50
CA LEU O 30 59.02 -14.92 -33.59
C LEU O 30 58.52 -15.34 -32.21
N LEU O 31 57.43 -16.11 -32.20
CA LEU O 31 56.86 -16.60 -30.97
C LEU O 31 57.85 -17.47 -30.20
N THR O 32 58.64 -18.25 -30.92
CA THR O 32 59.61 -19.11 -30.26
C THR O 32 60.71 -18.27 -29.61
N LEU O 33 61.11 -17.21 -30.30
CA LEU O 33 62.08 -16.28 -29.76
C LEU O 33 61.58 -15.69 -28.44
N ARG O 34 60.40 -15.08 -28.51
CA ARG O 34 59.78 -14.47 -27.34
C ARG O 34 59.61 -15.46 -26.20
N ILE O 35 59.16 -16.66 -26.52
CA ILE O 35 58.95 -17.69 -25.51
C ILE O 35 60.26 -18.04 -24.82
N ASN O 36 61.30 -18.30 -25.58
CA ASN O 36 62.58 -18.67 -24.99
C ASN O 36 63.12 -17.56 -24.09
N ARG O 37 63.02 -16.32 -24.56
CA ARG O 37 63.44 -15.17 -23.76
C ARG O 37 62.67 -15.09 -22.44
N LEU O 38 61.35 -15.29 -22.52
CA LEU O 38 60.50 -15.23 -21.33
C LEU O 38 60.81 -16.34 -20.34
N SER O 39 61.05 -17.56 -20.84
CA SER O 39 61.37 -18.68 -19.96
C SER O 39 62.68 -18.41 -19.25
N GLU O 40 63.65 -17.88 -19.99
CA GLU O 40 64.91 -17.52 -19.38
C GLU O 40 64.72 -16.43 -18.34
N HIS O 41 63.68 -15.62 -18.54
CA HIS O 41 63.32 -14.60 -17.55
C HIS O 41 62.64 -15.20 -16.32
N LEU O 42 61.96 -16.33 -16.51
CA LEU O 42 61.21 -16.96 -15.43
C LEU O 42 61.98 -18.06 -14.72
N LYS O 43 63.22 -18.31 -15.13
CA LYS O 43 64.08 -19.15 -14.31
C LYS O 43 64.42 -18.37 -13.05
N VAL O 44 64.82 -17.11 -13.23
CA VAL O 44 64.86 -16.17 -12.12
C VAL O 44 63.44 -15.64 -12.01
N HIS O 45 63.15 -14.81 -11.03
CA HIS O 45 61.84 -14.16 -10.93
C HIS O 45 60.66 -15.13 -11.08
N LYS O 46 60.72 -16.28 -10.44
CA LYS O 46 59.70 -17.30 -10.68
C LYS O 46 58.44 -16.97 -9.90
N LYS O 47 58.49 -15.88 -9.15
CA LYS O 47 57.35 -15.40 -8.39
C LYS O 47 56.52 -14.43 -9.21
N ASP O 48 56.94 -14.14 -10.43
CA ASP O 48 56.17 -13.24 -11.28
C ASP O 48 55.24 -14.06 -12.15
N HIS O 49 53.97 -14.08 -11.76
CA HIS O 49 52.96 -14.89 -12.43
C HIS O 49 52.31 -14.20 -13.62
N HIS O 50 52.04 -12.91 -13.46
CA HIS O 50 51.33 -12.15 -14.48
C HIS O 50 52.00 -12.28 -15.83
N SER O 51 53.32 -12.41 -15.83
CA SER O 51 54.06 -12.65 -17.06
C SER O 51 53.85 -14.09 -17.51
N HIS O 52 53.83 -15.02 -16.55
CA HIS O 52 53.66 -16.43 -16.86
C HIS O 52 52.36 -16.67 -17.61
N ARG O 53 51.36 -15.85 -17.32
CA ARG O 53 50.13 -15.92 -18.10
C ARG O 53 50.45 -15.65 -19.56
N GLY O 54 51.21 -14.58 -19.79
CA GLY O 54 51.65 -14.24 -21.13
C GLY O 54 52.36 -15.41 -21.79
N LEU O 55 53.19 -16.09 -21.02
CA LEU O 55 53.92 -17.24 -21.53
C LEU O 55 52.95 -18.32 -21.98
N LEU O 56 51.92 -18.56 -21.18
CA LEU O 56 50.90 -19.54 -21.53
C LEU O 56 50.19 -19.17 -22.83
N MET O 57 49.85 -17.89 -22.96
CA MET O 57 49.15 -17.43 -24.15
C MET O 57 50.01 -17.57 -25.40
N MET O 58 51.28 -17.22 -25.30
CA MET O 58 52.19 -17.35 -26.43
C MET O 58 52.33 -18.82 -26.81
N VAL O 59 52.61 -19.67 -25.83
CA VAL O 59 52.74 -21.10 -26.08
C VAL O 59 51.52 -21.61 -26.83
N GLY O 60 50.35 -21.19 -26.36
CA GLY O 60 49.10 -21.57 -27.03
C GLY O 60 49.02 -21.15 -28.48
N GLN O 61 49.33 -19.89 -28.74
CA GLN O 61 49.31 -19.39 -30.12
C GLN O 61 50.28 -20.16 -31.01
N ARG O 62 51.46 -20.44 -30.49
CA ARG O 62 52.45 -21.20 -31.24
C ARG O 62 51.92 -22.58 -31.57
N ARG O 63 51.35 -23.25 -30.57
CA ARG O 63 50.82 -24.60 -30.77
C ARG O 63 49.71 -24.60 -31.82
N ARG O 64 48.91 -23.54 -31.85
CA ARG O 64 47.84 -23.48 -32.83
C ARG O 64 48.37 -23.26 -34.24
N LEU O 65 49.31 -22.34 -34.39
CA LEU O 65 49.91 -22.09 -35.71
C LEU O 65 50.57 -23.36 -36.24
N LEU O 66 51.37 -23.99 -35.37
CA LEU O 66 52.04 -25.23 -35.72
C LEU O 66 51.04 -26.30 -36.11
N ARG O 67 49.91 -26.33 -35.42
CA ARG O 67 48.86 -27.27 -35.76
C ARG O 67 48.38 -27.01 -37.18
N TYR O 68 48.15 -25.73 -37.51
CA TYR O 68 47.71 -25.35 -38.85
C TYR O 68 48.69 -25.84 -39.90
N LEU O 69 49.98 -25.60 -39.66
CA LEU O 69 51.01 -26.04 -40.57
C LEU O 69 50.97 -27.55 -40.75
N GLN O 70 50.92 -28.26 -39.63
CA GLN O 70 50.82 -29.71 -39.61
C GLN O 70 49.68 -30.21 -40.49
N ARG O 71 48.58 -29.47 -40.49
CA ARG O 71 47.44 -29.83 -41.32
C ARG O 71 47.73 -29.57 -42.80
N GLU O 72 48.19 -28.36 -43.12
CA GLU O 72 48.35 -27.97 -44.51
C GLU O 72 49.51 -28.65 -45.25
N ASP O 73 50.71 -28.52 -44.71
CA ASP O 73 51.91 -28.99 -45.40
C ASP O 73 52.91 -29.62 -44.45
N PRO O 74 52.73 -30.91 -44.11
CA PRO O 74 53.55 -31.63 -43.14
C PRO O 74 55.05 -31.50 -43.38
N GLU O 75 55.45 -31.30 -44.63
CA GLU O 75 56.84 -31.08 -44.95
C GLU O 75 57.36 -29.81 -44.29
N ARG O 76 56.71 -28.68 -44.59
CA ARG O 76 57.11 -27.40 -44.03
C ARG O 76 57.06 -27.44 -42.51
N TYR O 77 56.11 -28.23 -41.98
CA TYR O 77 55.96 -28.43 -40.55
C TYR O 77 57.20 -29.07 -39.95
N ARG O 78 57.59 -30.22 -40.49
CA ARG O 78 58.75 -30.92 -39.99
C ARG O 78 60.01 -30.07 -40.16
N ALA O 79 60.07 -29.32 -41.26
CA ALA O 79 61.20 -28.44 -41.53
C ALA O 79 61.32 -27.38 -40.44
N LEU O 80 60.21 -26.69 -40.19
CA LEU O 80 60.14 -25.65 -39.16
C LEU O 80 60.56 -26.20 -37.81
N ILE O 81 60.02 -27.35 -37.44
CA ILE O 81 60.36 -27.97 -36.17
C ILE O 81 61.85 -28.26 -36.08
N GLU O 82 62.40 -28.82 -37.15
CA GLU O 82 63.82 -29.17 -37.18
C GLU O 82 64.70 -27.95 -36.98
N LYS O 83 64.45 -26.90 -37.75
CA LYS O 83 65.26 -25.68 -37.67
C LYS O 83 65.10 -25.00 -36.32
N LEU O 84 63.89 -25.02 -35.77
CA LEU O 84 63.63 -24.41 -34.47
C LEU O 84 64.05 -25.29 -33.30
N GLY O 85 63.81 -26.59 -33.42
CA GLY O 85 64.06 -27.51 -32.32
C GLY O 85 62.99 -27.49 -31.24
N ILE O 86 61.72 -27.57 -31.64
CA ILE O 86 60.61 -27.61 -30.70
C ILE O 86 60.21 -29.06 -30.43
N ARG O 87 59.11 -29.23 -29.68
CA ARG O 87 58.51 -30.53 -29.35
C ARG O 87 59.38 -31.38 -28.43
N GLY O 88 60.56 -30.89 -28.10
CA GLY O 88 61.46 -31.59 -27.20
C GLY O 88 62.43 -32.50 -27.90
N MET P 1 3.69 -82.08 -38.17
CA MET P 1 3.32 -81.70 -39.53
C MET P 1 2.37 -80.50 -39.50
N VAL P 2 2.27 -79.82 -40.63
CA VAL P 2 1.40 -78.67 -40.76
C VAL P 2 -0.01 -79.14 -41.08
N LYS P 3 -1.00 -78.55 -40.42
CA LYS P 3 -2.38 -79.00 -40.59
C LYS P 3 -3.37 -77.88 -40.92
N ILE P 4 -4.46 -78.26 -41.55
CA ILE P 4 -5.56 -77.35 -41.83
C ILE P 4 -6.68 -77.65 -40.87
N ARG P 5 -7.01 -76.70 -40.01
CA ARG P 5 -7.99 -76.95 -38.97
C ARG P 5 -8.70 -75.70 -38.55
N LEU P 6 -9.64 -75.85 -37.63
CA LEU P 6 -10.45 -74.74 -37.16
C LEU P 6 -9.89 -74.13 -35.88
N ALA P 7 -9.92 -72.81 -35.79
CA ALA P 7 -9.54 -72.13 -34.56
C ALA P 7 -10.76 -71.40 -34.00
N ARG P 8 -10.97 -71.47 -32.69
CA ARG P 8 -12.18 -70.88 -32.10
C ARG P 8 -11.97 -69.42 -31.73
N PHE P 9 -12.91 -68.58 -32.15
CA PHE P 9 -12.77 -67.13 -32.05
C PHE P 9 -13.95 -66.42 -31.39
N GLY P 10 -15.16 -66.59 -31.91
CA GLY P 10 -16.30 -65.91 -31.34
C GLY P 10 -16.51 -66.18 -29.85
N SER P 11 -17.36 -65.37 -29.22
CA SER P 11 -17.53 -65.41 -27.77
C SER P 11 -18.25 -66.66 -27.26
N LYS P 12 -18.45 -66.72 -25.94
CA LYS P 12 -19.10 -67.85 -25.30
C LYS P 12 -20.50 -68.07 -25.86
N HIS P 13 -20.83 -69.33 -26.11
CA HIS P 13 -22.13 -69.72 -26.65
C HIS P 13 -22.33 -69.20 -28.07
N ASN P 14 -21.36 -68.45 -28.57
CA ASN P 14 -21.42 -67.88 -29.91
C ASN P 14 -20.14 -68.24 -30.68
N PRO P 15 -19.98 -69.51 -31.00
CA PRO P 15 -18.72 -69.95 -31.63
C PRO P 15 -18.59 -69.45 -33.05
N HIS P 16 -17.39 -69.03 -33.43
CA HIS P 16 -17.05 -68.79 -34.83
C HIS P 16 -15.67 -69.35 -35.07
N TYR P 17 -15.53 -70.12 -36.13
CA TYR P 17 -14.26 -70.78 -36.38
C TYR P 17 -13.52 -70.14 -37.55
N ARG P 18 -12.21 -70.11 -37.46
CA ARG P 18 -11.39 -69.66 -38.56
C ARG P 18 -10.68 -70.86 -39.15
N ILE P 19 -10.96 -71.14 -40.42
CA ILE P 19 -10.29 -72.23 -41.11
C ILE P 19 -8.90 -71.75 -41.44
N VAL P 20 -7.94 -72.51 -40.95
CA VAL P 20 -6.61 -72.01 -40.63
C VAL P 20 -5.53 -73.03 -40.94
N VAL P 21 -4.37 -72.55 -41.38
CA VAL P 21 -3.23 -73.43 -41.60
C VAL P 21 -2.19 -73.17 -40.53
N THR P 22 -1.88 -74.20 -39.74
CA THR P 22 -0.90 -74.03 -38.67
C THR P 22 -0.27 -75.36 -38.26
N ASP P 23 0.91 -75.29 -37.65
CA ASP P 23 1.61 -76.49 -37.19
C ASP P 23 0.79 -77.21 -36.14
N ALA P 24 0.80 -78.54 -36.20
CA ALA P 24 -0.04 -79.37 -35.32
C ALA P 24 0.22 -79.06 -33.85
N ARG P 25 1.47 -78.80 -33.53
CA ARG P 25 1.91 -78.64 -32.14
C ARG P 25 1.44 -77.35 -31.50
N ARG P 26 1.26 -76.30 -32.27
CA ARG P 26 0.87 -75.02 -31.69
C ARG P 26 -0.53 -75.13 -31.11
N LYS P 27 -0.81 -74.33 -30.08
CA LYS P 27 -2.10 -74.38 -29.41
C LYS P 27 -3.17 -73.98 -30.41
N ARG P 28 -4.42 -74.38 -30.19
CA ARG P 28 -5.42 -74.26 -31.26
C ARG P 28 -5.78 -72.81 -31.56
N ASP P 29 -5.69 -71.94 -30.56
CA ASP P 29 -5.96 -70.53 -30.75
C ASP P 29 -4.68 -69.70 -30.98
N GLY P 30 -3.54 -70.38 -31.09
CA GLY P 30 -2.26 -69.73 -31.27
C GLY P 30 -1.98 -69.18 -32.66
N LYS P 31 -0.71 -68.94 -32.97
CA LYS P 31 -0.36 -68.25 -34.21
C LYS P 31 -0.40 -69.16 -35.43
N TYR P 32 -1.34 -68.90 -36.33
CA TYR P 32 -1.43 -69.65 -37.56
C TYR P 32 -0.57 -69.11 -38.69
N ILE P 33 -0.24 -69.99 -39.63
CA ILE P 33 0.54 -69.63 -40.81
C ILE P 33 -0.28 -68.78 -41.76
N GLU P 34 -1.58 -68.97 -41.77
CA GLU P 34 -2.46 -68.29 -42.72
C GLU P 34 -3.92 -68.61 -42.46
N LYS P 35 -4.81 -67.75 -42.94
CA LYS P 35 -6.24 -67.99 -42.76
C LYS P 35 -6.88 -68.22 -44.12
N ILE P 36 -7.29 -69.46 -44.38
CA ILE P 36 -7.83 -69.80 -45.68
C ILE P 36 -9.34 -69.77 -45.66
N GLY P 37 -9.95 -69.46 -44.52
CA GLY P 37 -11.40 -69.30 -44.52
C GLY P 37 -12.07 -69.10 -43.18
N TYR P 38 -13.40 -69.17 -43.15
CA TYR P 38 -14.11 -69.10 -41.88
C TYR P 38 -15.45 -69.82 -41.93
N TYR P 39 -15.89 -70.25 -40.74
CA TYR P 39 -17.05 -71.11 -40.60
C TYR P 39 -17.89 -70.74 -39.41
N ASP P 40 -19.19 -70.53 -39.64
CA ASP P 40 -20.13 -70.24 -38.56
C ASP P 40 -21.12 -71.40 -38.45
N PRO P 41 -20.97 -72.20 -37.39
CA PRO P 41 -21.71 -73.46 -37.27
C PRO P 41 -23.19 -73.26 -37.05
N ARG P 42 -23.57 -72.09 -36.58
CA ARG P 42 -24.96 -71.85 -36.22
C ARG P 42 -25.72 -71.23 -37.39
N LYS P 43 -25.02 -70.99 -38.48
CA LYS P 43 -25.60 -70.46 -39.71
C LYS P 43 -26.47 -69.24 -39.44
N THR P 44 -25.89 -68.24 -38.79
CA THR P 44 -26.61 -67.03 -38.45
C THR P 44 -26.81 -66.11 -39.65
N THR P 45 -25.85 -66.13 -40.59
CA THR P 45 -25.86 -65.23 -41.74
C THR P 45 -25.98 -65.99 -43.05
N PRO P 46 -26.46 -65.32 -44.12
CA PRO P 46 -26.49 -65.91 -45.46
C PRO P 46 -25.17 -66.54 -45.88
N ASP P 47 -24.05 -65.96 -45.45
CA ASP P 47 -22.77 -66.62 -45.65
C ASP P 47 -22.19 -67.03 -44.32
N TRP P 48 -22.30 -68.32 -43.99
CA TRP P 48 -21.71 -68.89 -42.79
C TRP P 48 -20.45 -69.68 -43.07
N LEU P 49 -20.13 -69.88 -44.34
CA LEU P 49 -18.93 -70.62 -44.70
C LEU P 49 -18.24 -70.01 -45.92
N LYS P 50 -16.97 -69.66 -45.77
CA LYS P 50 -16.20 -69.19 -46.90
C LYS P 50 -14.84 -69.85 -46.88
N VAL P 51 -14.34 -70.19 -48.06
CA VAL P 51 -13.08 -70.89 -48.19
C VAL P 51 -12.31 -70.32 -49.37
N ASP P 52 -11.00 -70.15 -49.22
CA ASP P 52 -10.19 -69.72 -50.33
C ASP P 52 -9.69 -70.98 -51.02
N VAL P 53 -10.21 -71.22 -52.21
CA VAL P 53 -10.04 -72.50 -52.87
C VAL P 53 -8.60 -72.71 -53.34
N GLU P 54 -8.07 -71.75 -54.11
CA GLU P 54 -6.74 -71.89 -54.67
C GLU P 54 -5.69 -72.06 -53.58
N ARG P 55 -5.95 -71.45 -52.43
CA ARG P 55 -5.03 -71.50 -51.30
C ARG P 55 -5.10 -72.83 -50.56
N ALA P 56 -6.31 -73.31 -50.30
CA ALA P 56 -6.51 -74.62 -49.72
C ALA P 56 -5.83 -75.66 -50.60
N ARG P 57 -6.03 -75.53 -51.90
CA ARG P 57 -5.41 -76.44 -52.85
C ARG P 57 -3.90 -76.34 -52.76
N TYR P 58 -3.40 -75.13 -52.59
CA TYR P 58 -1.96 -74.97 -52.45
C TYR P 58 -1.43 -75.73 -51.26
N TRP P 59 -1.97 -75.45 -50.08
CA TRP P 59 -1.46 -76.04 -48.87
C TRP P 59 -1.60 -77.55 -48.92
N LEU P 60 -2.68 -78.02 -49.53
CA LEU P 60 -2.86 -79.46 -49.68
C LEU P 60 -1.81 -80.03 -50.61
N SER P 61 -1.34 -79.23 -51.57
CA SER P 61 -0.32 -79.72 -52.50
C SER P 61 1.03 -79.90 -51.84
N VAL P 62 1.35 -79.06 -50.88
CA VAL P 62 2.64 -79.15 -50.19
C VAL P 62 2.53 -79.99 -48.94
N GLY P 63 1.35 -80.59 -48.73
CA GLY P 63 1.23 -81.62 -47.71
C GLY P 63 0.57 -81.35 -46.38
N ALA P 64 -0.15 -80.24 -46.26
CA ALA P 64 -0.93 -79.99 -45.04
C ALA P 64 -2.02 -81.05 -44.89
N GLN P 65 -2.37 -81.38 -43.66
CA GLN P 65 -3.38 -82.40 -43.39
C GLN P 65 -4.59 -81.84 -42.65
N PRO P 66 -5.76 -81.87 -43.29
CA PRO P 66 -6.97 -81.32 -42.69
C PRO P 66 -7.58 -82.22 -41.64
N THR P 67 -8.17 -81.63 -40.61
CA THR P 67 -8.95 -82.40 -39.65
C THR P 67 -10.19 -82.87 -40.35
N ASP P 68 -10.79 -83.94 -39.85
CA ASP P 68 -11.98 -84.51 -40.47
C ASP P 68 -13.06 -83.47 -40.70
N THR P 69 -13.28 -82.61 -39.71
CA THR P 69 -14.29 -81.55 -39.82
C THR P 69 -13.90 -80.52 -40.87
N ALA P 70 -12.65 -80.09 -40.83
CA ALA P 70 -12.15 -79.11 -41.77
C ALA P 70 -12.19 -79.68 -43.18
N ARG P 71 -11.92 -80.98 -43.29
CA ARG P 71 -12.03 -81.63 -44.58
C ARG P 71 -13.46 -81.58 -45.05
N ARG P 72 -14.41 -81.81 -44.13
CA ARG P 72 -15.82 -81.71 -44.48
C ARG P 72 -16.15 -80.33 -45.04
N LEU P 73 -15.73 -79.30 -44.32
CA LEU P 73 -16.03 -77.93 -44.72
C LEU P 73 -15.41 -77.58 -46.05
N LEU P 74 -14.15 -77.97 -46.25
CA LEU P 74 -13.50 -77.77 -47.53
C LEU P 74 -14.28 -78.45 -48.64
N ARG P 75 -14.73 -79.67 -48.38
CA ARG P 75 -15.47 -80.44 -49.38
C ARG P 75 -16.75 -79.71 -49.74
N GLN P 76 -17.41 -79.15 -48.74
CA GLN P 76 -18.66 -78.44 -48.98
C GLN P 76 -18.42 -77.20 -49.82
N ALA P 77 -17.22 -76.65 -49.74
CA ALA P 77 -16.87 -75.49 -50.54
C ALA P 77 -16.27 -75.94 -51.87
N GLY P 78 -16.23 -77.24 -52.08
CA GLY P 78 -15.78 -77.81 -53.34
C GLY P 78 -14.30 -77.69 -53.59
N VAL P 79 -13.51 -78.03 -52.58
CA VAL P 79 -12.06 -77.96 -52.70
C VAL P 79 -11.57 -79.14 -53.50
N PHE P 80 -12.20 -80.29 -53.29
CA PHE P 80 -11.72 -81.53 -53.87
C PHE P 80 -12.42 -81.92 -55.16
N ARG P 81 -13.39 -81.11 -55.59
CA ARG P 81 -14.24 -81.49 -56.71
C ARG P 81 -13.49 -81.37 -58.02
N GLN P 82 -13.32 -82.50 -58.70
CA GLN P 82 -12.56 -82.56 -59.95
C GLN P 82 -13.44 -82.58 -61.20
N GLU P 83 -14.76 -82.55 -61.01
CA GLU P 83 -15.73 -82.83 -62.08
C GLU P 83 -15.43 -82.13 -63.40
N ALA P 84 -15.48 -80.80 -63.38
N PRO Q 1 21.16 -58.70 -47.23
CA PRO Q 1 22.53 -58.38 -47.60
C PRO Q 1 23.43 -58.25 -46.39
N LYS Q 2 24.62 -58.83 -46.44
CA LYS Q 2 25.57 -58.71 -45.36
C LYS Q 2 25.95 -57.24 -45.19
N LYS Q 3 25.82 -56.74 -43.97
CA LYS Q 3 26.12 -55.35 -43.66
C LYS Q 3 27.54 -54.98 -44.06
N VAL Q 4 27.70 -53.81 -44.68
CA VAL Q 4 29.01 -53.30 -45.05
C VAL Q 4 29.26 -51.98 -44.33
N LEU Q 5 30.44 -51.87 -43.73
CA LEU Q 5 30.81 -50.72 -42.92
C LEU Q 5 32.06 -50.07 -43.49
N THR Q 6 32.35 -48.85 -43.07
CA THR Q 6 33.56 -48.18 -43.51
C THR Q 6 34.25 -47.54 -42.32
N GLY Q 7 35.55 -47.75 -42.19
CA GLY Q 7 36.25 -47.20 -41.04
C GLY Q 7 37.75 -47.11 -41.12
N VAL Q 8 38.36 -46.78 -39.99
CA VAL Q 8 39.79 -46.53 -39.94
C VAL Q 8 40.49 -47.57 -39.08
N VAL Q 9 41.60 -48.12 -39.56
CA VAL Q 9 42.28 -49.10 -38.75
C VAL Q 9 43.09 -48.39 -37.69
N VAL Q 10 42.74 -48.57 -36.42
CA VAL Q 10 43.48 -47.97 -35.33
C VAL Q 10 44.48 -48.92 -34.68
N SER Q 11 44.39 -50.22 -34.99
CA SER Q 11 45.34 -51.18 -34.43
C SER Q 11 45.76 -52.30 -35.38
N ASP Q 12 47.05 -52.41 -35.65
CA ASP Q 12 47.60 -53.57 -36.35
C ASP Q 12 48.25 -54.54 -35.36
N LYS Q 13 48.13 -54.24 -34.08
CA LYS Q 13 48.91 -54.89 -33.03
C LYS Q 13 48.62 -56.39 -32.85
N MET Q 14 47.62 -56.91 -33.55
CA MET Q 14 47.25 -58.31 -33.40
C MET Q 14 47.64 -59.14 -34.62
N GLN Q 15 47.86 -60.44 -34.39
CA GLN Q 15 48.17 -61.34 -35.48
C GLN Q 15 46.94 -61.54 -36.37
N LYS Q 16 47.10 -61.23 -37.65
CA LYS Q 16 46.03 -61.42 -38.64
C LYS Q 16 44.72 -60.74 -38.27
N THR Q 17 44.79 -59.60 -37.59
CA THR Q 17 43.56 -58.91 -37.20
C THR Q 17 43.79 -57.41 -37.13
N VAL Q 18 42.78 -56.63 -37.53
CA VAL Q 18 42.86 -55.18 -37.41
C VAL Q 18 41.66 -54.67 -36.65
N THR Q 19 41.77 -53.47 -36.12
CA THR Q 19 40.67 -52.87 -35.39
C THR Q 19 40.12 -51.68 -36.18
N VAL Q 20 38.93 -51.83 -36.73
CA VAL Q 20 38.35 -50.79 -37.56
C VAL Q 20 37.39 -49.94 -36.74
N LEU Q 21 37.61 -48.64 -36.77
CA LEU Q 21 36.74 -47.70 -36.06
C LEU Q 21 35.74 -47.13 -37.02
N VAL Q 22 34.47 -47.32 -36.72
CA VAL Q 22 33.38 -46.91 -37.59
C VAL Q 22 32.54 -45.80 -36.96
N GLU Q 23 32.47 -44.64 -37.60
CA GLU Q 23 31.56 -43.63 -37.10
C GLU Q 23 30.20 -43.79 -37.77
N ARG Q 24 29.22 -43.05 -37.27
CA ARG Q 24 27.90 -43.01 -37.87
C ARG Q 24 27.17 -41.78 -37.39
N GLN Q 25 26.21 -41.30 -38.17
CA GLN Q 25 25.52 -40.07 -37.82
C GLN Q 25 24.03 -40.28 -37.82
N PHE Q 26 23.37 -39.84 -36.76
CA PHE Q 26 21.92 -39.90 -36.75
C PHE Q 26 21.33 -38.76 -35.95
N PRO Q 27 20.11 -38.36 -36.29
CA PRO Q 27 19.38 -37.41 -35.45
C PRO Q 27 19.01 -38.03 -34.10
N HIS Q 28 19.11 -37.23 -33.04
CA HIS Q 28 18.74 -37.65 -31.69
C HIS Q 28 17.23 -37.83 -31.64
N PRO Q 29 16.76 -38.94 -31.06
CA PRO Q 29 15.35 -39.31 -31.08
C PRO Q 29 14.42 -38.27 -30.46
N LEU Q 30 14.95 -37.43 -29.59
CA LEU Q 30 14.13 -36.42 -28.92
C LEU Q 30 14.53 -35.01 -29.33
N TYR Q 31 15.79 -34.66 -29.08
CA TYR Q 31 16.28 -33.31 -29.29
C TYR Q 31 16.70 -33.03 -30.74
N GLY Q 32 16.83 -34.08 -31.54
CA GLY Q 32 16.93 -33.90 -32.99
C GLY Q 32 18.21 -33.35 -33.59
N LYS Q 33 19.14 -32.94 -32.76
CA LYS Q 33 20.46 -32.53 -33.24
C LYS Q 33 21.10 -33.71 -33.94
N VAL Q 34 21.91 -33.45 -34.95
CA VAL Q 34 22.62 -34.55 -35.60
C VAL Q 34 23.81 -34.94 -34.76
N ILE Q 35 23.82 -36.17 -34.27
CA ILE Q 35 24.88 -36.60 -33.39
C ILE Q 35 25.70 -37.70 -34.02
N LYS Q 36 26.96 -37.75 -33.61
CA LYS Q 36 27.94 -38.65 -34.18
C LYS Q 36 28.32 -39.69 -33.14
N ARG Q 37 28.17 -40.96 -33.48
CA ARG Q 37 28.50 -42.04 -32.56
C ARG Q 37 29.54 -42.92 -33.24
N SER Q 38 30.28 -43.73 -32.48
CA SER Q 38 31.31 -44.56 -33.09
C SER Q 38 31.47 -45.91 -32.40
N LYS Q 39 31.97 -46.90 -33.13
CA LYS Q 39 32.14 -48.26 -32.59
C LYS Q 39 33.29 -49.02 -33.24
N LYS Q 40 34.00 -49.82 -32.44
CA LYS Q 40 35.16 -50.56 -32.93
C LYS Q 40 34.83 -52.01 -33.25
N TYR Q 41 35.21 -52.43 -34.46
CA TYR Q 41 34.99 -53.78 -34.91
C TYR Q 41 36.32 -54.47 -35.12
N LEU Q 42 36.46 -55.70 -34.64
CA LEU Q 42 37.66 -56.45 -34.94
C LEU Q 42 37.46 -57.19 -36.25
N ALA Q 43 38.32 -56.90 -37.21
CA ALA Q 43 38.17 -57.46 -38.53
C ALA Q 43 39.33 -58.35 -38.93
N HIS Q 44 39.05 -59.28 -39.84
CA HIS Q 44 39.98 -60.34 -40.20
C HIS Q 44 40.87 -59.92 -41.34
N ASP Q 45 42.17 -59.84 -41.07
CA ASP Q 45 43.15 -59.52 -42.10
C ASP Q 45 44.17 -60.65 -42.18
N PRO Q 46 43.85 -61.69 -42.95
CA PRO Q 46 44.62 -62.94 -42.95
C PRO Q 46 46.01 -62.78 -43.56
N GLU Q 47 46.15 -61.83 -44.47
CA GLU Q 47 47.41 -61.63 -45.16
C GLU Q 47 48.26 -60.54 -44.51
N GLU Q 48 47.79 -60.01 -43.39
CA GLU Q 48 48.42 -58.86 -42.72
C GLU Q 48 48.60 -57.73 -43.73
N LYS Q 49 47.57 -57.57 -44.56
CA LYS Q 49 47.61 -56.67 -45.71
C LYS Q 49 47.37 -55.22 -45.33
N TYR Q 50 46.52 -54.99 -44.33
CA TYR Q 50 46.12 -53.64 -43.95
C TYR Q 50 46.91 -53.13 -42.75
N LYS Q 51 47.29 -51.87 -42.79
CA LYS Q 51 48.13 -51.28 -41.75
C LYS Q 51 47.47 -50.07 -41.09
N LEU Q 52 48.18 -49.44 -40.18
CA LEU Q 52 47.65 -48.31 -39.42
C LEU Q 52 47.35 -47.12 -40.33
N GLY Q 53 46.13 -46.63 -40.26
CA GLY Q 53 45.74 -45.46 -41.03
C GLY Q 53 44.89 -45.74 -42.26
N ASP Q 54 44.91 -46.98 -42.71
CA ASP Q 54 44.15 -47.35 -43.90
C ASP Q 54 42.65 -47.23 -43.65
N VAL Q 55 41.95 -46.57 -44.57
CA VAL Q 55 40.49 -46.52 -44.48
C VAL Q 55 39.91 -47.62 -45.32
N VAL Q 56 39.25 -48.57 -44.65
CA VAL Q 56 38.81 -49.81 -45.27
C VAL Q 56 37.32 -50.04 -45.16
N GLU Q 57 36.81 -50.86 -46.07
CA GLU Q 57 35.45 -51.35 -45.98
C GLU Q 57 35.46 -52.70 -45.28
N ILE Q 58 34.43 -52.95 -44.50
CA ILE Q 58 34.35 -54.11 -43.63
C ILE Q 58 33.05 -54.84 -43.90
N ILE Q 59 33.09 -56.17 -43.96
CA ILE Q 59 31.90 -56.91 -44.34
C ILE Q 59 31.55 -57.97 -43.28
N GLU Q 60 30.25 -58.09 -43.02
CA GLU Q 60 29.72 -59.09 -42.10
C GLU Q 60 30.10 -60.48 -42.57
N SER Q 61 30.51 -61.33 -41.64
CA SER Q 61 31.06 -62.62 -42.02
C SER Q 61 30.75 -63.72 -41.02
N ARG Q 62 30.86 -64.97 -41.47
CA ARG Q 62 30.85 -66.12 -40.59
C ARG Q 62 31.92 -65.93 -39.54
N PRO Q 63 31.59 -66.17 -38.26
CA PRO Q 63 32.48 -65.82 -37.15
C PRO Q 63 33.88 -66.41 -37.28
N ILE Q 64 34.89 -65.55 -37.17
CA ILE Q 64 36.28 -65.99 -37.14
C ILE Q 64 36.68 -66.41 -35.74
N SER Q 65 36.23 -65.65 -34.75
CA SER Q 65 36.49 -65.96 -33.34
C SER Q 65 35.50 -65.24 -32.45
N LYS Q 66 35.65 -65.39 -31.14
CA LYS Q 66 34.88 -64.59 -30.20
C LYS Q 66 35.20 -63.14 -30.47
N ARG Q 67 34.19 -62.29 -30.52
CA ARG Q 67 34.40 -60.86 -30.70
C ARG Q 67 35.12 -60.56 -32.02
N LYS Q 68 35.13 -61.51 -32.96
CA LYS Q 68 35.60 -61.18 -34.29
C LYS Q 68 34.62 -61.73 -35.33
N ARG Q 69 33.75 -60.86 -35.82
CA ARG Q 69 32.74 -61.25 -36.80
C ARG Q 69 32.90 -60.72 -38.21
N PHE Q 70 33.94 -59.93 -38.47
CA PHE Q 70 34.01 -59.22 -39.74
C PHE Q 70 35.29 -59.45 -40.53
N ARG Q 71 35.18 -59.31 -41.85
CA ARG Q 71 36.35 -59.41 -42.71
C ARG Q 71 36.58 -58.10 -43.45
N VAL Q 72 37.79 -57.87 -43.93
CA VAL Q 72 38.06 -56.61 -44.59
C VAL Q 72 37.82 -56.74 -46.08
N LEU Q 73 36.77 -56.06 -46.57
CA LEU Q 73 36.36 -56.18 -47.95
C LEU Q 73 37.40 -55.60 -48.88
N ARG Q 74 37.74 -54.33 -48.66
CA ARG Q 74 38.70 -53.66 -49.53
C ARG Q 74 39.28 -52.43 -48.88
N LEU Q 75 40.20 -51.80 -49.58
CA LEU Q 75 40.84 -50.59 -49.08
C LEU Q 75 40.28 -49.39 -49.80
N VAL Q 76 39.59 -48.54 -49.05
CA VAL Q 76 38.97 -47.36 -49.62
C VAL Q 76 40.04 -46.33 -49.94
N GLU Q 77 40.74 -45.87 -48.92
CA GLU Q 77 41.82 -44.93 -49.17
C GLU Q 77 43.04 -45.25 -48.32
N SER Q 78 44.21 -44.85 -48.82
CA SER Q 78 45.46 -45.21 -48.19
C SER Q 78 45.64 -44.45 -46.88
N GLY Q 79 46.75 -44.71 -46.20
CA GLY Q 79 46.92 -44.28 -44.83
C GLY Q 79 46.72 -42.80 -44.55
N ARG Q 80 45.80 -42.51 -43.64
CA ARG Q 80 45.65 -41.18 -43.10
C ARG Q 80 45.65 -41.25 -41.58
N MET Q 81 46.71 -40.72 -40.98
CA MET Q 81 46.96 -40.91 -39.55
C MET Q 81 46.31 -39.85 -38.68
N ASP Q 82 45.59 -38.94 -39.31
CA ASP Q 82 44.89 -37.90 -38.56
C ASP Q 82 43.83 -38.53 -37.67
N LEU Q 83 43.06 -39.45 -38.24
CA LEU Q 83 41.98 -40.12 -37.53
C LEU Q 83 42.53 -41.01 -36.42
N VAL Q 84 43.61 -41.70 -36.73
CA VAL Q 84 44.28 -42.53 -35.75
C VAL Q 84 44.73 -41.66 -34.59
N GLU Q 85 45.29 -40.49 -34.89
CA GLU Q 85 45.76 -39.57 -33.87
C GLU Q 85 44.62 -39.08 -33.00
N LYS Q 86 43.51 -38.74 -33.64
CA LYS Q 86 42.30 -38.31 -32.93
C LYS Q 86 41.91 -39.37 -31.91
N TYR Q 87 41.76 -40.60 -32.38
CA TYR Q 87 41.37 -41.70 -31.52
C TYR Q 87 42.38 -41.88 -30.37
N LEU Q 88 43.66 -41.81 -30.72
CA LEU Q 88 44.72 -42.03 -29.74
C LEU Q 88 44.68 -41.02 -28.62
N ILE Q 89 44.52 -39.75 -28.98
CA ILE Q 89 44.43 -38.70 -27.97
C ILE Q 89 43.19 -38.93 -27.12
N ARG Q 90 42.08 -39.24 -27.77
CA ARG Q 90 40.82 -39.49 -27.08
C ARG Q 90 40.99 -40.62 -26.08
N ARG Q 91 41.92 -41.53 -26.37
CA ARG Q 91 42.25 -42.59 -25.42
C ARG Q 91 43.15 -42.08 -24.28
N GLN Q 92 44.16 -41.31 -24.63
CA GLN Q 92 45.16 -40.88 -23.65
C GLN Q 92 44.57 -39.92 -22.62
N ASN Q 93 43.49 -39.25 -22.98
CA ASN Q 93 42.81 -38.34 -22.04
C ASN Q 93 42.33 -39.08 -20.78
N TYR Q 94 42.08 -40.37 -20.91
CA TYR Q 94 41.54 -41.17 -19.82
C TYR Q 94 42.44 -41.18 -18.60
N GLU Q 95 43.75 -41.18 -18.80
CA GLU Q 95 44.70 -41.25 -17.70
C GLU Q 95 44.58 -40.02 -16.82
N SER Q 96 44.08 -38.93 -17.39
CA SER Q 96 44.00 -37.66 -16.70
C SER Q 96 43.04 -37.72 -15.51
N LEU Q 97 41.95 -38.48 -15.66
CA LEU Q 97 40.98 -38.55 -14.57
C LEU Q 97 40.89 -39.92 -13.92
N SER Q 98 41.48 -40.04 -12.73
CA SER Q 98 41.25 -41.19 -11.87
C SER Q 98 41.00 -40.73 -10.43
N LYS Q 99 42.06 -40.19 -9.81
CA LYS Q 99 42.01 -39.78 -8.42
C LYS Q 99 43.21 -38.88 -8.07
N PRO R 1 36.39 28.22 -5.78
CA PRO R 1 36.42 28.06 -7.24
C PRO R 1 37.77 28.44 -7.85
N SER R 2 38.64 29.05 -7.06
CA SER R 2 39.97 29.47 -7.49
C SER R 2 39.93 30.39 -8.71
N ARG R 3 39.35 31.57 -8.53
CA ARG R 3 39.22 32.54 -9.62
C ARG R 3 40.39 33.53 -9.64
N LYS R 4 41.36 33.32 -8.76
CA LYS R 4 42.45 34.26 -8.60
C LYS R 4 43.41 34.23 -9.78
N ALA R 5 44.15 33.13 -9.91
CA ALA R 5 45.07 32.98 -11.04
C ALA R 5 45.27 31.52 -11.38
N LYS R 6 45.47 31.25 -12.67
CA LYS R 6 45.82 29.92 -13.15
C LYS R 6 47.32 29.87 -13.42
N VAL R 7 48.00 28.91 -12.82
CA VAL R 7 49.47 28.86 -12.84
C VAL R 7 50.04 28.71 -14.25
N LYS R 8 49.34 27.98 -15.12
CA LYS R 8 49.81 27.78 -16.50
C LYS R 8 49.77 29.09 -17.28
N ALA R 9 48.63 29.78 -17.22
CA ALA R 9 48.44 31.02 -17.95
C ALA R 9 49.28 32.16 -17.37
N THR R 10 49.75 31.96 -16.15
CA THR R 10 50.60 32.94 -15.48
C THR R 10 52.05 32.72 -15.87
N LEU R 11 52.28 31.76 -16.76
CA LEU R 11 53.64 31.41 -17.15
C LEU R 11 53.76 31.30 -18.66
N GLY R 12 55.00 31.30 -19.14
CA GLY R 12 55.27 31.23 -20.57
C GLY R 12 55.61 29.84 -21.06
N GLU R 13 56.48 29.77 -22.07
CA GLU R 13 56.95 28.49 -22.59
C GLU R 13 57.91 27.83 -21.60
N PHE R 14 57.62 26.60 -21.21
CA PHE R 14 58.48 25.87 -20.27
C PHE R 14 58.39 24.36 -20.39
N ASP R 15 59.42 23.67 -19.95
CA ASP R 15 59.46 22.21 -20.00
C ASP R 15 58.96 21.61 -18.70
N LEU R 16 57.98 20.72 -18.79
CA LEU R 16 57.39 20.08 -17.62
C LEU R 16 58.24 18.93 -17.09
N ARG R 17 58.96 18.26 -17.98
CA ARG R 17 59.67 17.06 -17.58
C ARG R 17 61.00 17.38 -16.92
N ASP R 18 61.40 18.64 -16.98
CA ASP R 18 62.69 19.07 -16.43
C ASP R 18 62.63 19.26 -14.92
N TYR R 19 63.43 18.48 -14.21
CA TYR R 19 63.38 18.43 -12.76
C TYR R 19 64.37 19.39 -12.12
N ARG R 20 65.25 19.98 -12.92
CA ARG R 20 66.33 20.80 -12.38
C ARG R 20 65.97 22.29 -12.32
N ASN R 21 64.79 22.65 -12.82
CA ASN R 21 64.42 24.05 -12.90
C ASN R 21 63.48 24.40 -11.76
N VAL R 22 64.01 25.08 -10.75
CA VAL R 22 63.25 25.35 -9.53
C VAL R 22 62.36 26.58 -9.69
N GLU R 23 62.89 27.62 -10.33
CA GLU R 23 62.21 28.91 -10.36
C GLU R 23 60.87 28.85 -11.10
N VAL R 24 60.61 27.73 -11.75
CA VAL R 24 59.30 27.48 -12.35
C VAL R 24 58.48 26.58 -11.43
N LEU R 25 58.99 25.38 -11.17
CA LEU R 25 58.30 24.38 -10.34
C LEU R 25 57.79 24.94 -9.01
N LYS R 26 58.60 25.78 -8.39
CA LYS R 26 58.25 26.42 -7.13
C LYS R 26 56.89 27.11 -7.24
N ARG R 27 56.59 27.66 -8.41
CA ARG R 27 55.32 28.34 -8.65
C ARG R 27 54.16 27.36 -8.63
N PHE R 28 54.45 26.08 -8.81
CA PHE R 28 53.42 25.05 -8.83
C PHE R 28 53.16 24.48 -7.44
N LEU R 29 53.97 24.90 -6.48
CA LEU R 29 53.80 24.44 -5.11
C LEU R 29 53.06 25.48 -4.30
N SER R 30 52.25 25.02 -3.35
CA SER R 30 51.39 25.90 -2.59
C SER R 30 52.17 26.71 -1.56
N GLU R 31 51.43 27.39 -0.70
CA GLU R 31 52.00 28.08 0.44
C GLU R 31 52.75 27.07 1.30
N THR R 32 52.10 25.94 1.55
CA THR R 32 52.75 24.77 2.15
C THR R 32 53.50 24.06 1.04
N GLY R 33 54.19 22.98 1.35
CA GLY R 33 54.98 22.26 0.36
C GLY R 33 54.17 21.44 -0.63
N LYS R 34 52.85 21.46 -0.48
CA LYS R 34 51.97 20.57 -1.23
C LYS R 34 51.89 20.89 -2.73
N ILE R 35 51.72 19.86 -3.54
CA ILE R 35 51.52 20.03 -4.97
C ILE R 35 50.12 20.56 -5.22
N LEU R 36 50.02 21.62 -6.02
CA LEU R 36 48.73 22.24 -6.29
C LEU R 36 47.81 21.35 -7.12
N PRO R 37 46.50 21.45 -6.89
CA PRO R 37 45.43 20.74 -7.62
C PRO R 37 45.22 21.25 -9.03
N ARG R 38 44.48 20.52 -9.84
CA ARG R 38 44.18 20.93 -11.21
C ARG R 38 43.48 22.29 -11.30
N ARG R 39 42.69 22.62 -10.28
CA ARG R 39 41.98 23.90 -10.28
C ARG R 39 42.97 25.04 -10.28
N ARG R 40 44.00 24.93 -9.45
CA ARG R 40 45.01 25.98 -9.31
C ARG R 40 46.05 25.98 -10.42
N THR R 41 46.58 24.81 -10.78
CA THR R 41 47.63 24.75 -11.78
C THR R 41 47.13 25.04 -13.18
N GLY R 42 45.86 24.74 -13.42
CA GLY R 42 45.28 24.95 -14.73
C GLY R 42 45.92 24.12 -15.82
N LEU R 43 46.51 23.00 -15.41
CA LEU R 43 47.08 22.06 -16.36
C LEU R 43 46.01 21.11 -16.89
N SER R 44 46.45 20.08 -17.61
CA SER R 44 45.56 19.02 -18.05
C SER R 44 45.94 17.74 -17.32
N ALA R 45 45.21 16.66 -17.59
CA ALA R 45 45.48 15.40 -16.91
C ALA R 45 46.90 14.92 -17.18
N LYS R 46 47.26 14.84 -18.46
CA LYS R 46 48.58 14.39 -18.87
C LYS R 46 49.68 15.27 -18.27
N GLU R 47 49.52 16.58 -18.46
CA GLU R 47 50.48 17.55 -17.97
C GLU R 47 50.70 17.40 -16.47
N GLN R 48 49.60 17.50 -15.71
CA GLN R 48 49.65 17.40 -14.26
C GLN R 48 50.29 16.09 -13.80
N ARG R 49 49.98 15.02 -14.51
CA ARG R 49 50.50 13.70 -14.18
C ARG R 49 52.02 13.63 -14.39
N ILE R 50 52.53 14.38 -15.35
CA ILE R 50 53.98 14.43 -15.57
C ILE R 50 54.67 15.35 -14.55
N LEU R 51 54.07 16.52 -14.36
CA LEU R 51 54.56 17.49 -13.38
C LEU R 51 54.67 16.88 -12.00
N ALA R 52 53.75 15.98 -11.67
CA ALA R 52 53.79 15.30 -10.39
C ALA R 52 55.12 14.58 -10.21
N LYS R 53 55.44 13.69 -11.13
CA LYS R 53 56.64 12.89 -11.02
C LYS R 53 57.90 13.74 -11.08
N THR R 54 57.87 14.80 -11.88
CA THR R 54 59.03 15.69 -11.93
C THR R 54 59.23 16.43 -10.61
N ILE R 55 58.14 16.91 -10.03
CA ILE R 55 58.21 17.60 -8.74
C ILE R 55 58.78 16.67 -7.70
N LYS R 56 58.29 15.45 -7.65
CA LYS R 56 58.79 14.47 -6.70
C LYS R 56 60.29 14.26 -6.90
N ARG R 57 60.70 14.15 -8.16
CA ARG R 57 62.13 14.03 -8.48
C ARG R 57 62.90 15.19 -7.89
N ALA R 58 62.39 16.41 -8.09
CA ALA R 58 63.06 17.60 -7.60
C ALA R 58 63.15 17.58 -6.07
N ARG R 59 62.12 17.05 -5.43
CA ARG R 59 62.10 16.91 -3.99
C ARG R 59 63.22 16.01 -3.52
N ILE R 60 63.38 14.86 -4.19
CA ILE R 60 64.41 13.92 -3.76
C ILE R 60 65.80 14.52 -3.91
N LEU R 61 66.00 15.31 -4.96
CA LEU R 61 67.29 15.96 -5.20
C LEU R 61 67.59 17.03 -4.16
N GLY R 62 66.57 17.49 -3.47
CA GLY R 62 66.75 18.50 -2.44
C GLY R 62 66.47 19.90 -2.93
N LEU R 63 65.96 20.01 -4.15
CA LEU R 63 65.65 21.29 -4.76
C LEU R 63 64.30 21.84 -4.30
N LEU R 64 63.37 20.94 -4.01
CA LEU R 64 62.02 21.34 -3.64
C LEU R 64 61.60 20.75 -2.31
N PRO R 65 60.83 21.50 -1.52
CA PRO R 65 60.44 21.04 -0.19
C PRO R 65 59.45 19.88 -0.22
N PHE R 66 59.53 19.02 0.78
CA PHE R 66 58.48 18.03 0.99
C PHE R 66 57.31 18.68 1.68
N THR R 67 57.61 19.52 2.65
CA THR R 67 56.60 20.24 3.40
C THR R 67 57.15 21.52 4.01
N GLU R 68 56.24 22.47 4.29
CA GLU R 68 56.62 23.73 4.90
C GLU R 68 55.66 24.08 6.03
N LYS R 69 56.01 25.09 6.81
CA LYS R 69 55.15 25.55 7.90
C LYS R 69 54.27 26.71 7.46
N LEU R 70 53.01 26.71 7.90
CA LEU R 70 52.05 27.73 7.49
C LEU R 70 52.22 29.03 8.26
N VAL R 71 52.45 30.12 7.54
CA VAL R 71 52.61 31.44 8.14
C VAL R 71 51.25 32.07 8.46
N ARG R 72 51.26 33.01 9.40
CA ARG R 72 50.05 33.72 9.86
C ARG R 72 49.03 32.81 10.55
N LYS R 73 47.78 32.89 10.10
CA LYS R 73 46.63 32.18 10.70
C LYS R 73 46.33 32.63 12.13
N PRO S 1 -25.95 18.32 72.12
CA PRO S 1 -26.46 19.51 71.45
C PRO S 1 -27.61 19.19 70.50
N ARG S 2 -28.44 18.20 70.86
CA ARG S 2 -29.55 17.81 69.99
C ARG S 2 -30.80 18.61 70.32
N SER S 3 -31.85 18.41 69.53
CA SER S 3 -33.14 19.05 69.77
C SER S 3 -34.27 18.34 69.06
N LEU S 4 -35.50 18.51 69.55
CA LEU S 4 -36.67 18.12 68.77
C LEU S 4 -37.58 19.33 68.60
N LYS S 5 -38.37 19.61 69.64
CA LYS S 5 -39.22 20.80 69.75
C LYS S 5 -40.11 20.65 70.99
N LYS S 6 -40.93 21.66 71.27
CA LYS S 6 -42.05 21.50 72.19
C LYS S 6 -43.06 20.51 71.61
N GLY S 7 -43.74 19.76 72.47
CA GLY S 7 -44.56 18.66 72.00
C GLY S 7 -43.76 17.46 71.51
N VAL S 8 -42.92 16.93 72.40
CA VAL S 8 -42.04 15.80 72.12
C VAL S 8 -42.77 14.60 71.50
N PHE S 9 -42.15 13.97 70.50
CA PHE S 9 -42.79 12.89 69.76
C PHE S 9 -42.56 11.50 70.34
N VAL S 10 -43.63 10.72 70.45
CA VAL S 10 -43.59 9.29 70.75
C VAL S 10 -44.61 8.57 69.89
N ASP S 11 -44.20 7.51 69.20
CA ASP S 11 -45.12 6.71 68.39
C ASP S 11 -46.22 6.12 69.27
N ASP S 12 -47.46 6.18 68.80
CA ASP S 12 -48.60 5.75 69.60
C ASP S 12 -48.87 4.25 69.50
N HIS S 13 -48.03 3.55 68.73
CA HIS S 13 -48.12 2.10 68.65
C HIS S 13 -47.88 1.46 70.00
N LEU S 14 -46.70 1.74 70.56
CA LEU S 14 -46.34 1.19 71.86
C LEU S 14 -46.72 2.12 73.00
N LEU S 15 -47.12 3.35 72.68
CA LEU S 15 -47.51 4.30 73.72
C LEU S 15 -48.73 3.77 74.46
N GLU S 16 -49.71 3.31 73.69
CA GLU S 16 -50.91 2.71 74.27
C GLU S 16 -50.56 1.37 74.87
N LYS S 17 -49.61 0.67 74.25
CA LYS S 17 -49.23 -0.67 74.68
C LYS S 17 -48.66 -0.66 76.09
N VAL S 18 -47.75 0.26 76.36
CA VAL S 18 -47.04 0.28 77.62
C VAL S 18 -47.96 0.68 78.76
N LEU S 19 -48.87 1.62 78.52
CA LEU S 19 -49.80 2.04 79.57
C LEU S 19 -50.81 0.92 79.80
N GLU S 20 -51.17 0.23 78.72
CA GLU S 20 -52.06 -0.93 78.81
C GLU S 20 -51.43 -2.01 79.67
N LEU S 21 -50.12 -2.16 79.57
CA LEU S 21 -49.40 -3.10 80.42
C LEU S 21 -49.42 -2.61 81.86
N ASN S 22 -49.01 -1.36 82.04
CA ASN S 22 -48.94 -0.72 83.36
C ASN S 22 -50.24 -0.84 84.15
N ALA S 23 -51.36 -0.81 83.44
CA ALA S 23 -52.66 -0.98 84.08
C ALA S 23 -52.73 -2.30 84.85
N LYS S 24 -52.50 -3.42 84.16
CA LYS S 24 -52.57 -4.72 84.81
C LYS S 24 -51.21 -5.31 85.23
N GLY S 25 -50.10 -4.64 84.90
CA GLY S 25 -48.81 -5.19 85.29
C GLY S 25 -47.57 -4.89 84.46
N GLU S 26 -46.62 -5.81 84.54
CA GLU S 26 -45.36 -5.75 83.81
C GLU S 26 -45.45 -6.61 82.53
N LYS S 27 -45.83 -7.88 82.72
CA LYS S 27 -45.78 -8.94 81.70
C LYS S 27 -44.33 -9.18 81.26
N ARG S 28 -44.13 -9.43 79.97
CA ARG S 28 -42.79 -9.76 79.48
C ARG S 28 -42.53 -9.20 78.08
N LEU S 29 -41.37 -8.58 77.95
CA LEU S 29 -40.88 -8.02 76.71
C LEU S 29 -41.87 -7.13 75.98
N ILE S 30 -41.76 -7.19 74.66
CA ILE S 30 -42.57 -6.44 73.71
C ILE S 30 -41.83 -6.71 72.39
N LYS S 31 -42.46 -6.45 71.26
CA LYS S 31 -41.71 -6.41 70.01
C LYS S 31 -42.11 -5.18 69.23
N THR S 32 -41.16 -4.29 69.01
CA THR S 32 -41.47 -3.01 68.36
C THR S 32 -40.55 -2.72 67.19
N TRP S 33 -41.16 -2.35 66.06
CA TRP S 33 -40.41 -1.96 64.88
C TRP S 33 -40.21 -0.45 64.83
N SER S 34 -40.76 0.25 65.82
CA SER S 34 -40.59 1.70 65.85
C SER S 34 -39.52 2.08 66.86
N ARG S 35 -38.36 2.47 66.35
CA ARG S 35 -37.25 2.92 67.17
C ARG S 35 -37.20 4.44 67.20
N ARG S 36 -38.08 5.07 66.43
CA ARG S 36 -38.08 6.52 66.29
C ARG S 36 -38.74 7.19 67.49
N SER S 37 -39.37 6.39 68.34
CA SER S 37 -40.13 6.91 69.47
C SER S 37 -39.24 7.19 70.67
N THR S 38 -39.49 8.30 71.35
CA THR S 38 -38.72 8.73 72.50
C THR S 38 -39.10 7.93 73.74
N ILE S 39 -38.13 7.73 74.64
CA ILE S 39 -38.39 7.02 75.89
C ILE S 39 -39.05 7.95 76.91
N VAL S 40 -40.19 7.51 77.43
CA VAL S 40 -40.95 8.29 78.39
C VAL S 40 -41.02 7.53 79.73
N PRO S 41 -41.09 8.27 80.85
CA PRO S 41 -41.00 7.71 82.20
C PRO S 41 -41.86 6.47 82.46
N GLU S 42 -43.02 6.37 81.82
CA GLU S 42 -43.91 5.24 82.06
C GLU S 42 -43.34 3.93 81.52
N MET S 43 -42.25 4.01 80.77
CA MET S 43 -41.63 2.82 80.22
C MET S 43 -40.55 2.24 81.13
N VAL S 44 -40.18 3.00 82.15
CA VAL S 44 -39.09 2.61 83.04
C VAL S 44 -39.38 1.28 83.73
N GLY S 45 -38.42 0.36 83.64
CA GLY S 45 -38.55 -0.92 84.30
C GLY S 45 -39.06 -2.01 83.38
N HIS S 46 -39.59 -1.61 82.23
CA HIS S 46 -40.07 -2.58 81.26
C HIS S 46 -38.94 -3.13 80.41
N THR S 47 -39.29 -3.92 79.40
CA THR S 47 -38.31 -4.52 78.50
C THR S 47 -38.84 -4.42 77.08
N ILE S 48 -38.02 -3.88 76.18
CA ILE S 48 -38.47 -3.66 74.81
C ILE S 48 -37.50 -4.24 73.81
N ALA S 49 -38.01 -5.16 72.98
CA ALA S 49 -37.20 -5.71 71.90
C ALA S 49 -37.29 -4.78 70.70
N VAL S 50 -36.15 -4.22 70.31
CA VAL S 50 -36.13 -3.24 69.24
C VAL S 50 -35.54 -3.87 67.98
N TYR S 51 -36.15 -3.56 66.84
CA TYR S 51 -35.65 -4.09 65.58
C TYR S 51 -34.41 -3.32 65.14
N ASN S 52 -33.31 -4.04 64.95
CA ASN S 52 -32.06 -3.41 64.55
C ASN S 52 -31.91 -3.43 63.03
N GLY S 53 -32.96 -3.88 62.36
CA GLY S 53 -32.94 -4.05 60.93
C GLY S 53 -32.85 -5.51 60.55
N LYS S 54 -32.43 -6.32 61.52
CA LYS S 54 -32.28 -7.76 61.33
C LYS S 54 -33.09 -8.53 62.37
N GLN S 55 -32.73 -8.33 63.64
CA GLN S 55 -33.41 -9.03 64.73
C GLN S 55 -33.96 -8.07 65.77
N HIS S 56 -34.61 -8.63 66.80
CA HIS S 56 -35.14 -7.83 67.90
C HIS S 56 -34.26 -7.97 69.13
N VAL S 57 -33.61 -6.88 69.51
CA VAL S 57 -32.71 -6.91 70.64
C VAL S 57 -33.43 -6.52 71.92
N PRO S 58 -33.25 -7.34 72.96
CA PRO S 58 -33.91 -7.18 74.26
C PRO S 58 -33.34 -6.03 75.07
N VAL S 59 -33.80 -4.82 74.78
CA VAL S 59 -33.32 -3.64 75.47
C VAL S 59 -34.06 -3.44 76.79
N TYR S 60 -33.31 -3.49 77.89
CA TYR S 60 -33.88 -3.23 79.19
C TYR S 60 -33.72 -1.75 79.51
N ILE S 61 -34.80 -1.12 79.95
CA ILE S 61 -34.79 0.33 80.11
C ILE S 61 -34.69 0.73 81.58
N THR S 62 -33.79 1.67 81.87
CA THR S 62 -33.57 2.15 83.23
C THR S 62 -33.91 3.64 83.36
N GLU S 63 -33.72 4.18 84.55
CA GLU S 63 -34.10 5.56 84.85
C GLU S 63 -33.31 6.60 84.07
N ASN S 64 -32.02 6.34 83.88
CA ASN S 64 -31.13 7.31 83.25
C ASN S 64 -31.16 7.23 81.74
N MET S 65 -32.00 6.34 81.20
CA MET S 65 -32.11 6.17 79.76
C MET S 65 -33.20 7.04 79.15
N VAL S 66 -33.91 7.77 79.99
CA VAL S 66 -35.07 8.54 79.56
C VAL S 66 -34.67 9.71 78.66
N GLY S 67 -35.42 9.89 77.58
CA GLY S 67 -35.19 10.99 76.67
C GLY S 67 -34.49 10.57 75.39
N HIS S 68 -33.78 9.45 75.45
CA HIS S 68 -33.15 8.88 74.28
C HIS S 68 -34.15 8.03 73.48
N LYS S 69 -33.91 7.89 72.18
CA LYS S 69 -34.69 6.99 71.34
C LYS S 69 -34.32 5.53 71.61
N LEU S 70 -35.21 4.61 71.24
CA LEU S 70 -34.92 3.18 71.42
C LEU S 70 -33.73 2.76 70.57
N GLY S 71 -33.69 3.28 69.35
CA GLY S 71 -32.68 2.88 68.37
C GLY S 71 -31.24 3.08 68.80
N GLU S 72 -31.01 4.03 69.70
CA GLU S 72 -29.67 4.29 70.20
C GLU S 72 -29.14 3.09 70.97
N PHE S 73 -30.07 2.31 71.52
CA PHE S 73 -29.70 1.13 72.29
C PHE S 73 -29.77 -0.12 71.43
N ALA S 74 -30.06 0.06 70.15
CA ALA S 74 -30.09 -1.04 69.20
C ALA S 74 -29.20 -0.75 68.00
N PRO S 75 -27.89 -1.06 68.10
CA PRO S 75 -26.94 -0.79 67.03
C PRO S 75 -27.25 -1.58 65.76
N THR S 76 -27.32 -0.91 64.62
CA THR S 76 -27.66 -1.55 63.36
C THR S 76 -26.50 -2.28 62.72
N ARG S 77 -25.35 -1.63 62.60
CA ARG S 77 -24.22 -2.20 61.89
C ARG S 77 -23.42 -3.16 62.76
N THR S 78 -22.87 -4.20 62.14
CA THR S 78 -22.02 -5.14 62.83
C THR S 78 -20.56 -4.90 62.45
N TYR S 79 -19.72 -4.57 63.43
CA TYR S 79 -18.33 -4.23 63.13
C TYR S 79 -17.29 -4.96 63.98
N ARG S 80 -16.36 -5.63 63.29
CA ARG S 80 -15.22 -6.31 63.90
C ARG S 80 -15.60 -7.17 65.12
N GLY S 81 -16.36 -8.22 64.88
N ARG T 1 3.52 -96.15 -7.03
CA ARG T 1 2.49 -95.12 -7.11
C ARG T 1 2.53 -94.41 -8.47
N ASN T 2 3.51 -94.75 -9.30
CA ASN T 2 3.78 -93.93 -10.46
C ASN T 2 3.64 -94.62 -11.82
N LEU T 3 3.95 -93.84 -12.84
CA LEU T 3 3.69 -94.14 -14.25
C LEU T 3 4.55 -95.28 -14.78
N SER T 4 4.10 -95.89 -15.87
CA SER T 4 4.81 -97.00 -16.49
C SER T 4 5.75 -96.54 -17.59
N ALA T 5 5.85 -95.23 -17.79
CA ALA T 5 6.84 -94.66 -18.71
C ALA T 5 8.26 -94.92 -18.21
N LEU T 6 8.36 -95.47 -17.00
CA LEU T 6 9.60 -96.04 -16.50
C LEU T 6 10.22 -96.97 -17.53
N LYS T 7 9.36 -97.65 -18.28
CA LYS T 7 9.79 -98.51 -19.38
C LYS T 7 10.81 -97.80 -20.26
N ARG T 8 10.51 -96.57 -20.65
CA ARG T 8 11.43 -95.79 -21.49
C ARG T 8 12.82 -95.78 -20.88
N HIS T 9 12.90 -95.45 -19.60
CA HIS T 9 14.16 -95.40 -18.89
C HIS T 9 14.91 -96.71 -19.10
N ARG T 10 14.23 -97.82 -18.83
CA ARG T 10 14.82 -99.13 -19.03
C ARG T 10 15.43 -99.19 -20.42
N GLN T 11 14.60 -98.99 -21.44
CA GLN T 11 15.05 -99.09 -22.82
C GLN T 11 16.28 -98.22 -23.04
N SER T 12 16.24 -97.00 -22.52
CA SER T 12 17.31 -96.06 -22.78
C SER T 12 18.64 -96.66 -22.35
N LEU T 13 18.64 -97.26 -21.17
CA LEU T 13 19.86 -97.87 -20.65
C LEU T 13 20.43 -98.87 -21.63
N LYS T 14 19.58 -99.76 -22.14
CA LYS T 14 20.02 -100.74 -23.13
C LYS T 14 20.69 -100.00 -24.27
N ARG T 15 19.96 -99.02 -24.82
CA ARG T 15 20.44 -98.28 -25.97
C ARG T 15 21.75 -97.59 -25.64
N ARG T 16 21.86 -97.10 -24.41
CA ARG T 16 23.10 -96.46 -23.98
C ARG T 16 24.24 -97.43 -24.18
N LEU T 17 24.09 -98.62 -23.60
CA LEU T 17 25.12 -99.64 -23.67
C LEU T 17 25.38 -100.01 -25.13
N ARG T 18 24.36 -99.89 -25.97
CA ARG T 18 24.49 -100.24 -27.36
C ARG T 18 25.34 -99.21 -28.09
N ASN T 19 25.13 -97.94 -27.76
CA ASN T 19 25.82 -96.86 -28.45
C ASN T 19 27.24 -96.79 -27.99
N LYS T 20 27.39 -96.58 -26.69
CA LYS T 20 28.68 -96.53 -26.02
C LYS T 20 29.57 -97.66 -26.49
N ALA T 21 28.97 -98.82 -26.73
CA ALA T 21 29.69 -99.94 -27.34
C ALA T 21 30.32 -99.53 -28.66
N LYS T 22 29.48 -99.33 -29.68
CA LYS T 22 29.96 -99.03 -31.04
C LYS T 22 30.99 -97.91 -31.05
N LYS T 23 30.65 -96.80 -30.40
CA LYS T 23 31.56 -95.65 -30.33
C LYS T 23 32.92 -96.09 -29.85
N SER T 24 32.93 -96.78 -28.71
CA SER T 24 34.17 -97.21 -28.09
C SER T 24 35.03 -98.00 -29.06
N ALA T 25 34.38 -98.76 -29.94
CA ALA T 25 35.11 -99.54 -30.93
C ALA T 25 35.81 -98.61 -31.89
N ILE T 26 35.01 -97.75 -32.50
CA ILE T 26 35.46 -96.84 -33.54
C ILE T 26 36.73 -96.16 -33.11
N LYS T 27 36.61 -95.37 -32.04
CA LYS T 27 37.70 -94.57 -31.53
C LYS T 27 38.95 -95.43 -31.45
N THR T 28 38.82 -96.60 -30.83
CA THR T 28 39.96 -97.49 -30.66
C THR T 28 40.63 -97.77 -32.00
N LEU T 29 39.87 -98.38 -32.91
CA LEU T 29 40.39 -98.69 -34.24
C LEU T 29 41.04 -97.48 -34.86
N SER T 30 40.39 -96.32 -34.73
CA SER T 30 40.90 -95.11 -35.35
C SER T 30 42.33 -94.89 -34.92
N LYS T 31 42.54 -94.87 -33.61
CA LYS T 31 43.87 -94.62 -33.07
C LYS T 31 44.86 -95.59 -33.70
N LYS T 32 44.45 -96.86 -33.74
CA LYS T 32 45.30 -97.92 -34.25
C LYS T 32 45.82 -97.53 -35.61
N ALA T 33 44.89 -97.14 -36.49
CA ALA T 33 45.24 -96.73 -37.85
C ALA T 33 46.34 -95.68 -37.80
N ILE T 34 46.07 -94.61 -37.06
CA ILE T 34 46.98 -93.50 -36.94
C ILE T 34 48.36 -93.99 -36.55
N GLN T 35 48.41 -94.89 -35.56
CA GLN T 35 49.68 -95.40 -35.08
C GLN T 35 50.48 -95.96 -36.24
N LEU T 36 49.86 -96.86 -36.99
CA LEU T 36 50.54 -97.54 -38.07
C LEU T 36 50.92 -96.54 -39.15
N ALA T 37 50.13 -95.48 -39.26
CA ALA T 37 50.41 -94.45 -40.25
C ALA T 37 51.61 -93.63 -39.80
N GLN T 38 51.73 -93.41 -38.50
CA GLN T 38 52.82 -92.59 -37.98
C GLN T 38 54.10 -93.41 -37.96
N GLU T 39 53.95 -94.72 -37.93
CA GLU T 39 55.09 -95.62 -37.90
C GLU T 39 55.43 -96.11 -39.29
N GLY T 40 54.71 -95.62 -40.29
CA GLY T 40 55.07 -95.86 -41.67
C GLY T 40 54.64 -97.19 -42.26
N LYS T 41 53.95 -98.01 -41.48
CA LYS T 41 53.40 -99.24 -42.04
C LYS T 41 52.16 -98.86 -42.82
N ALA T 42 52.19 -99.09 -44.12
CA ALA T 42 51.16 -98.53 -44.99
C ALA T 42 49.99 -99.47 -45.17
N GLU T 43 50.28 -100.62 -45.76
CA GLU T 43 49.28 -101.64 -46.05
C GLU T 43 48.43 -101.89 -44.81
N GLU T 44 49.09 -102.06 -43.68
CA GLU T 44 48.42 -102.28 -42.42
C GLU T 44 47.50 -101.11 -42.07
N ALA T 45 48.06 -99.90 -42.11
CA ALA T 45 47.33 -98.70 -41.71
C ALA T 45 46.06 -98.50 -42.51
N LEU T 46 46.16 -98.62 -43.84
CA LEU T 46 44.98 -98.50 -44.65
C LEU T 46 44.01 -99.63 -44.33
N LYS T 47 44.55 -100.84 -44.26
CA LYS T 47 43.75 -102.05 -43.99
C LYS T 47 42.85 -101.86 -42.78
N ILE T 48 43.36 -101.23 -41.73
CA ILE T 48 42.54 -100.97 -40.56
C ILE T 48 41.66 -99.74 -40.76
N MET T 49 42.14 -98.76 -41.52
CA MET T 49 41.37 -97.56 -41.79
C MET T 49 40.01 -97.90 -42.43
N ARG T 50 40.01 -98.84 -43.36
CA ARG T 50 38.77 -99.24 -44.02
C ARG T 50 37.75 -99.86 -43.05
N LYS T 51 38.25 -100.64 -42.09
CA LYS T 51 37.39 -101.23 -41.08
C LYS T 51 36.81 -100.13 -40.21
N ALA T 52 37.64 -99.15 -39.88
CA ALA T 52 37.18 -98.03 -39.06
C ALA T 52 36.08 -97.27 -39.76
N GLU T 53 36.34 -96.87 -41.00
CA GLU T 53 35.35 -96.23 -41.84
C GLU T 53 34.05 -97.02 -41.84
N SER T 54 34.18 -98.34 -42.00
CA SER T 54 33.03 -99.24 -41.99
C SER T 54 32.23 -99.14 -40.70
N LEU T 55 32.87 -99.36 -39.56
CA LEU T 55 32.19 -99.27 -38.27
C LEU T 55 31.53 -97.91 -38.09
N ILE T 56 32.13 -96.88 -38.68
CA ILE T 56 31.59 -95.54 -38.62
C ILE T 56 30.28 -95.42 -39.38
N ASP T 57 30.28 -95.77 -40.66
CA ASP T 57 29.06 -95.66 -41.45
C ASP T 57 27.98 -96.58 -40.89
N LYS T 58 28.38 -97.79 -40.51
CA LYS T 58 27.47 -98.75 -39.90
C LYS T 58 26.85 -98.18 -38.64
N ALA T 59 27.65 -97.45 -37.88
CA ALA T 59 27.14 -96.76 -36.72
C ALA T 59 26.11 -95.74 -37.17
N ALA T 60 26.41 -95.05 -38.27
CA ALA T 60 25.56 -93.98 -38.77
C ALA T 60 24.20 -94.50 -39.23
N LYS T 61 24.13 -95.77 -39.59
CA LYS T 61 22.87 -96.40 -39.96
C LYS T 61 21.83 -96.16 -38.87
N GLY T 62 22.20 -96.46 -37.62
CA GLY T 62 21.31 -96.29 -36.49
C GLY T 62 21.30 -94.88 -35.94
N SER T 63 20.95 -94.76 -34.67
CA SER T 63 20.86 -93.46 -34.02
C SER T 63 22.15 -93.06 -33.30
N THR T 64 23.21 -93.83 -33.47
CA THR T 64 24.42 -93.59 -32.68
C THR T 64 25.09 -92.30 -33.12
N LEU T 65 25.61 -92.28 -34.33
CA LEU T 65 26.22 -91.09 -34.89
C LEU T 65 25.22 -90.36 -35.77
N HIS T 66 24.81 -91.08 -36.80
CA HIS T 66 23.98 -90.56 -37.86
C HIS T 66 24.59 -89.30 -38.45
N LYS T 67 23.70 -88.42 -38.88
CA LYS T 67 24.05 -87.08 -39.31
C LYS T 67 25.25 -87.02 -40.22
N ASN T 68 26.00 -85.93 -40.02
CA ASN T 68 27.23 -85.67 -40.72
C ASN T 68 28.39 -86.07 -39.82
N ALA T 69 28.05 -86.54 -38.62
CA ALA T 69 29.04 -86.87 -37.63
C ALA T 69 29.97 -87.94 -38.17
N ALA T 70 29.36 -88.92 -38.83
CA ALA T 70 30.10 -90.00 -39.48
C ALA T 70 31.05 -89.42 -40.52
N ALA T 71 30.52 -88.50 -41.32
CA ALA T 71 31.29 -87.82 -42.35
C ALA T 71 32.47 -87.11 -41.73
N ARG T 72 32.24 -86.41 -40.63
CA ARG T 72 33.30 -85.70 -39.93
C ARG T 72 34.41 -86.65 -39.54
N ARG T 73 34.05 -87.71 -38.81
CA ARG T 73 35.04 -88.65 -38.30
C ARG T 73 35.86 -89.28 -39.41
N LYS T 74 35.16 -89.72 -40.46
CA LYS T 74 35.84 -90.27 -41.63
C LYS T 74 36.83 -89.26 -42.20
N SER T 75 36.36 -88.05 -42.44
CA SER T 75 37.20 -86.99 -42.99
C SER T 75 38.48 -86.82 -42.20
N ARG T 76 38.33 -86.47 -40.93
CA ARG T 76 39.49 -86.28 -40.07
C ARG T 76 40.43 -87.49 -40.07
N LEU T 77 39.85 -88.70 -40.07
CA LEU T 77 40.67 -89.90 -40.09
C LEU T 77 41.51 -89.94 -41.35
N MET T 78 40.85 -89.91 -42.50
CA MET T 78 41.53 -90.11 -43.78
C MET T 78 42.59 -89.03 -44.00
N ARG T 79 42.28 -87.81 -43.57
CA ARG T 79 43.24 -86.73 -43.64
C ARG T 79 44.47 -87.08 -42.80
N LYS T 80 44.25 -87.42 -41.54
CA LYS T 80 45.36 -87.71 -40.65
C LYS T 80 46.24 -88.84 -41.19
N VAL T 81 45.59 -89.86 -41.76
CA VAL T 81 46.33 -91.00 -42.29
C VAL T 81 47.17 -90.62 -43.49
N ARG T 82 46.56 -90.00 -44.51
CA ARG T 82 47.32 -89.68 -45.71
C ARG T 82 48.46 -88.73 -45.35
N GLN T 83 48.18 -87.78 -44.45
CA GLN T 83 49.20 -86.84 -43.99
C GLN T 83 50.37 -87.58 -43.32
N LEU T 84 50.04 -88.58 -42.52
CA LEU T 84 51.07 -89.31 -41.78
C LEU T 84 51.83 -90.30 -42.65
N LEU T 85 51.24 -90.69 -43.77
CA LEU T 85 51.95 -91.52 -44.71
C LEU T 85 52.74 -90.68 -45.70
N GLU T 86 52.45 -89.38 -45.73
CA GLU T 86 53.18 -88.50 -46.64
C GLU T 86 54.52 -88.08 -46.03
N ALA T 87 54.76 -88.46 -44.78
CA ALA T 87 56.06 -88.27 -44.17
C ALA T 87 56.91 -89.53 -44.34
N ALA T 88 56.33 -90.54 -44.98
CA ALA T 88 57.03 -91.80 -45.26
C ALA T 88 56.89 -92.18 -46.74
N GLY T 89 55.64 -92.38 -47.18
CA GLY T 89 55.36 -92.69 -48.57
C GLY T 89 54.90 -94.10 -48.87
N ALA T 90 54.69 -94.36 -50.16
CA ALA T 90 54.25 -95.66 -50.65
C ALA T 90 52.94 -96.16 -50.03
N PRO T 91 51.80 -95.55 -50.43
CA PRO T 91 50.48 -95.98 -49.97
C PRO T 91 50.07 -97.33 -50.58
N LEU T 92 50.60 -98.40 -49.98
CA LEU T 92 50.55 -99.74 -50.57
C LEU T 92 49.17 -100.25 -50.98
N ILE T 93 48.33 -100.58 -50.00
CA ILE T 93 47.17 -101.43 -50.27
C ILE T 93 46.16 -100.78 -51.20
N GLY T 94 46.28 -99.46 -51.40
CA GLY T 94 45.32 -98.74 -52.22
C GLY T 94 43.94 -98.85 -51.60
N GLY T 95 43.85 -98.45 -50.34
CA GLY T 95 42.62 -98.54 -49.58
C GLY T 95 41.75 -97.33 -49.85
N GLY T 96 41.02 -96.89 -48.83
CA GLY T 96 40.13 -95.76 -48.94
C GLY T 96 40.70 -94.54 -49.64
N LEU T 97 41.99 -94.30 -49.45
CA LEU T 97 42.65 -93.19 -50.13
C LEU T 97 42.59 -93.32 -51.65
N SER T 98 42.12 -92.26 -52.29
CA SER T 98 42.10 -92.20 -53.75
C SER T 98 43.50 -92.09 -54.29
N ALA T 99 43.67 -92.43 -55.57
CA ALA T 99 44.99 -92.42 -56.22
C ALA T 99 45.70 -91.10 -56.06
N GLY U 1 -11.38 32.37 60.62
CA GLY U 1 -11.66 32.95 59.32
C GLY U 1 -13.07 32.65 58.84
N LYS U 2 -13.19 32.30 57.57
CA LYS U 2 -14.51 32.06 56.98
C LYS U 2 -15.11 30.77 57.49
N GLY U 3 -14.35 30.04 58.29
CA GLY U 3 -14.85 28.81 58.86
C GLY U 3 -15.31 28.96 60.29
N ASP U 4 -15.25 30.18 60.81
CA ASP U 4 -15.66 30.42 62.18
C ASP U 4 -17.11 30.84 62.25
N ARG U 5 -17.94 29.99 62.85
CA ARG U 5 -19.36 30.27 63.04
C ARG U 5 -19.60 31.62 63.72
N ARG U 6 -18.69 31.99 64.62
CA ARG U 6 -18.90 33.12 65.51
C ARG U 6 -18.36 34.45 64.99
N THR U 7 -17.95 34.47 63.73
CA THR U 7 -17.42 35.70 63.14
C THR U 7 -18.35 36.25 62.07
N ARG U 8 -18.26 37.54 61.79
CA ARG U 8 -19.03 38.15 60.72
C ARG U 8 -18.83 37.40 59.42
N ARG U 9 -17.58 37.30 58.99
CA ARG U 9 -17.26 36.62 57.74
C ARG U 9 -17.72 35.19 57.77
N GLY U 10 -17.80 34.62 58.97
CA GLY U 10 -18.31 33.27 59.13
C GLY U 10 -19.75 33.15 58.70
N LYS U 11 -20.60 34.00 59.27
CA LYS U 11 -22.01 34.01 58.91
C LYS U 11 -22.16 34.33 57.42
N ILE U 12 -21.38 35.29 56.95
CA ILE U 12 -21.44 35.69 55.54
C ILE U 12 -21.17 34.49 54.64
N TRP U 13 -20.13 33.74 54.96
CA TRP U 13 -19.75 32.58 54.17
C TRP U 13 -20.83 31.49 54.24
N ARG U 14 -21.21 31.12 55.46
CA ARG U 14 -22.22 30.08 55.65
C ARG U 14 -23.60 30.58 55.24
N GLY U 15 -23.72 31.89 55.01
CA GLY U 15 -24.93 32.47 54.46
C GLY U 15 -26.07 32.68 55.44
N THR U 16 -25.77 32.65 56.73
CA THR U 16 -26.80 32.83 57.75
C THR U 16 -26.73 34.20 58.41
N TYR U 17 -27.66 34.43 59.33
CA TYR U 17 -27.64 35.60 60.18
C TYR U 17 -27.59 35.15 61.64
N GLY U 18 -27.50 36.09 62.56
CA GLY U 18 -27.42 35.73 63.97
C GLY U 18 -26.81 36.78 64.88
N LYS U 19 -26.42 36.35 66.07
CA LYS U 19 -25.90 37.25 67.09
C LYS U 19 -24.68 38.01 66.58
N TYR U 20 -23.86 37.35 65.78
CA TYR U 20 -22.64 37.96 65.30
C TYR U 20 -22.83 38.63 63.94
N ARG U 21 -24.00 38.44 63.33
CA ARG U 21 -24.33 39.14 62.10
C ARG U 21 -25.81 39.54 62.08
N PRO U 22 -26.13 40.68 62.70
CA PRO U 22 -27.52 41.17 62.78
C PRO U 22 -28.15 41.48 61.42
N ARG U 23 -29.47 41.51 61.39
CA ARG U 23 -30.23 41.89 60.19
C ARG U 23 -30.56 43.38 60.20
N LYS U 24 -30.01 44.10 61.18
CA LYS U 24 -30.42 45.46 61.52
C LYS U 24 -31.87 45.45 61.95
N LYS U 25 -32.66 46.37 61.41
C2 6MZ V 3 -9.36 -13.32 21.20
C4 6MZ V 3 -7.35 -14.24 20.77
C5 6MZ V 3 -6.72 -13.23 21.57
O1P 6MZ V 3 -1.05 -14.32 18.99
O2P 6MZ V 3 -0.56 -16.38 17.59
N9 6MZ V 3 -6.34 -15.06 20.28
N3 6MZ V 3 -8.70 -14.31 20.57
N1 6MZ V 3 -8.91 -12.31 21.99
C6 6MZ V 3 -7.56 -12.25 22.19
N6 6MZ V 3 -7.09 -11.20 23.00
C9 6MZ V 3 -5.67 -10.98 23.27
N7 6MZ V 3 -5.34 -13.45 21.58
C8 6MZ V 3 -5.14 -14.54 20.81
O5' 6MZ V 3 -2.81 -16.01 18.58
C5' 6MZ V 3 -3.33 -17.31 18.30
C4' 6MZ V 3 -4.83 -17.30 18.21
O4' 6MZ V 3 -5.38 -17.07 19.52
C1' 6MZ V 3 -6.53 -16.26 19.43
C2' 6MZ V 3 -6.78 -15.93 17.96
O2' 6MZ V 3 -7.77 -16.83 17.47
C3' 6MZ V 3 -5.43 -16.21 17.33
O3' 6MZ V 3 -5.54 -16.63 15.98
P 6MZ V 3 -1.25 -15.76 18.72
N1 70U W 5 -13.23 -10.40 23.90
C2 70U W 5 -12.30 -11.09 23.21
S2 70U W 5 -12.77 -12.48 22.13
N3 70U W 5 -11.02 -10.80 23.28
C4 70U W 5 -10.60 -9.83 24.01
O4 70U W 5 -9.23 -9.56 24.05
C5 70U W 5 -11.49 -9.09 24.73
C6 70U W 5 -12.88 -9.42 24.63
C5M 70U W 5 -11.01 -7.90 25.65
C8 70U W 5 -10.08 -6.90 24.94
O8 70U W 5 -9.01 -6.60 25.44
O9 70U W 5 -10.47 -6.31 23.69
C9 70U W 5 -10.20 -4.96 23.60
C1' 70U W 5 -14.68 -10.73 23.80
O2' 70U W 5 -15.93 -12.77 23.83
C2' 70U W 5 -15.04 -11.98 24.61
O3' 70U W 5 -16.78 -12.26 26.33
C3' 70U W 5 -15.78 -11.39 25.81
C4' 70U W 5 -16.38 -10.12 25.26
O4' 70U W 5 -15.40 -9.65 24.31
C5' 70U W 5 -16.64 -9.04 26.29
O5' 70U W 5 -15.73 -9.14 27.37
P 70U W 5 -14.89 -7.88 27.84
OP1 70U W 5 -14.49 -7.13 26.66
OP2 70U W 5 -15.66 -7.22 28.84
P 12A W 8 -7.88 -20.21 31.71
OP1 12A W 8 -7.97 -21.68 31.68
OP2 12A W 8 -8.38 -19.70 33.00
O5' 12A W 8 -6.36 -19.80 31.53
C5' 12A W 8 -5.46 -20.66 30.86
C4' 12A W 8 -4.15 -19.97 30.58
O4' 12A W 8 -4.38 -18.83 29.71
C3' 12A W 8 -3.45 -19.37 31.79
O3' 12A W 8 -2.70 -20.32 32.52
C2' 12A W 8 -2.61 -18.28 31.17
O2' 12A W 8 -1.45 -18.81 30.56
C1' 12A W 8 -3.54 -17.77 30.07
N9 12A W 8 -4.38 -16.64 30.54
C8 12A W 8 -5.68 -16.65 30.75
N7 12A W 8 -6.06 -15.46 31.16
C5 12A W 8 -4.98 -14.67 31.21
C6 12A W 8 -4.70 -13.30 31.53
N6 12A W 8 -5.75 -12.40 31.99
N1 12A W 8 -3.44 -12.84 31.48
C2 12A W 8 -2.45 -13.63 31.07
N3 12A W 8 -2.66 -14.89 30.75
C4 12A W 8 -3.91 -15.42 30.81
S2 12A W 8 -0.75 -12.93 30.99
C2M 12A W 8 -0.20 -12.41 32.68
CC 12A W 8 -5.63 -10.94 31.86
OO 12A W 8 -6.55 -10.23 32.29
N 12A W 8 -4.41 -10.36 31.24
CA 12A W 8 -4.14 -8.94 31.05
C 12A W 8 -3.73 -8.39 32.38
O 12A W 8 -2.77 -7.60 32.46
OXT 12A W 8 -4.34 -8.76 33.44
CB 12A W 8 -5.35 -8.19 30.43
OG1 12A W 8 -5.28 -8.27 29.05
CG2 12A W 8 -5.36 -6.72 30.86
N1 PSU W 10 -5.01 -15.70 38.00
C2 PSU W 10 -6.16 -15.08 37.90
N3 PSU W 10 -6.25 -13.81 38.24
C4 PSU W 10 -5.22 -13.13 38.69
C5 PSU W 10 -3.98 -13.76 38.80
C6 PSU W 10 -3.92 -15.09 38.44
O2 PSU W 10 -7.11 -15.66 37.50
O4 PSU W 10 -5.33 -11.99 38.99
C1' PSU W 10 -2.75 -13.01 39.31
C2' PSU W 10 -2.76 -13.02 40.85
O2' PSU W 10 -2.12 -11.85 41.32
C3' PSU W 10 -1.90 -14.25 41.14
C4' PSU W 10 -0.84 -14.17 40.05
O3' PSU W 10 -1.35 -14.26 42.45
O4' PSU W 10 -1.58 -13.67 38.89
C5' PSU W 10 -0.13 -15.46 39.70
O5' PSU W 10 -1.05 -16.46 39.27
P PSU W 10 -0.51 -17.87 38.73
OP1 PSU W 10 0.64 -18.32 39.59
OP2 PSU W 10 -1.70 -18.78 38.55
C11 PAR X . 7.91 -23.72 23.12
O11 PAR X . 7.56 -22.34 23.23
C21 PAR X . 7.36 -24.19 21.75
N21 PAR X . 7.60 -23.18 20.70
C31 PAR X . 5.84 -24.48 21.83
O31 PAR X . 5.42 -25.06 20.61
C41 PAR X . 5.54 -25.44 22.98
O41 PAR X . 4.12 -25.56 23.17
C51 PAR X . 6.16 -24.98 24.31
O51 PAR X . 7.55 -24.61 24.16
C61 PAR X . 5.95 -26.04 25.40
O61 PAR X . 6.11 -25.42 26.69
C12 PAR X . 9.78 -18.84 24.14
N12 PAR X . 10.63 -17.83 24.82
C22 PAR X . 8.69 -19.26 25.07
C32 PAR X . 7.77 -20.27 24.48
N32 PAR X . 6.71 -20.59 25.45
C42 PAR X . 8.48 -21.54 23.97
C52 PAR X . 9.79 -21.22 23.10
O52 PAR X . 10.66 -22.41 23.01
C62 PAR X . 10.64 -20.01 23.67
O62 PAR X . 11.54 -19.50 22.68
C13 PAR X . 11.29 -22.52 21.71
C23 PAR X . 12.67 -23.22 21.73
O23 PAR X . 13.66 -22.20 21.81
C33 PAR X . 12.81 -23.90 20.35
O33 PAR X . 13.70 -23.18 19.44
C43 PAR X . 11.31 -23.97 19.87
O43 PAR X . 10.49 -23.38 20.89
C53 PAR X . 10.82 -25.38 19.47
O53 PAR X . 9.44 -25.50 19.78
C14 PAR X . 13.34 -23.38 18.06
C24 PAR X . 14.42 -23.91 17.07
N24 PAR X . 15.55 -22.97 16.96
C34 PAR X . 13.84 -23.99 15.63
O34 PAR X . 12.70 -24.83 15.68
C44 PAR X . 13.28 -22.66 15.17
O44 PAR X . 14.33 -21.71 14.97
C54 PAR X . 12.30 -22.16 16.26
O54 PAR X . 12.90 -22.11 17.58
C64 PAR X . 11.79 -20.73 15.98
N64 PAR X . 12.81 -19.86 15.38
C11 PAR Y . 14.44 -13.97 -25.06
O11 PAR Y . 14.55 -15.26 -24.42
C21 PAR Y . 15.24 -12.97 -24.17
N21 PAR Y . 16.45 -13.59 -23.61
C31 PAR Y . 14.38 -12.42 -22.98
O31 PAR Y . 15.07 -11.35 -22.37
C41 PAR Y . 13.03 -11.92 -23.49
O41 PAR Y . 12.17 -11.56 -22.40
C51 PAR Y . 12.31 -12.98 -24.34
O51 PAR Y . 13.15 -13.48 -25.41
C61 PAR Y . 10.95 -12.44 -24.87
O61 PAR Y . 10.17 -13.56 -25.34
C12 PAR Y . 14.04 -19.28 -25.99
N12 PAR Y . 13.64 -20.26 -27.04
C22 PAR Y . 12.82 -18.43 -25.63
C32 PAR Y . 13.14 -17.23 -24.74
N32 PAR Y . 11.91 -16.45 -24.52
C42 PAR Y . 14.28 -16.37 -25.30
C52 PAR Y . 15.58 -17.23 -25.55
O52 PAR Y . 16.69 -16.43 -26.11
C62 PAR Y . 15.27 -18.45 -26.46
O62 PAR Y . 16.37 -19.36 -26.53
C13 PAR Y . 17.96 -16.79 -25.52
C23 PAR Y . 18.69 -15.63 -24.76
O23 PAR Y . 19.70 -15.11 -25.61
C33 PAR Y . 19.40 -16.29 -23.53
O33 PAR Y . 20.85 -16.18 -23.58
C43 PAR Y . 18.86 -17.77 -23.60
O43 PAR Y . 17.75 -17.78 -24.49
C53 PAR Y . 18.53 -18.40 -22.22
O53 PAR Y . 17.47 -17.70 -21.62
C14 PAR Y . 21.39 -15.55 -22.37
C24 PAR Y . 22.86 -15.86 -21.95
N24 PAR Y . 23.40 -17.03 -22.68
C34 PAR Y . 22.95 -16.26 -20.45
O34 PAR Y . 24.30 -16.09 -20.05
C44 PAR Y . 22.19 -15.30 -19.56
O44 PAR Y . 22.23 -15.73 -18.20
C54 PAR Y . 20.74 -15.23 -20.07
O54 PAR Y . 20.52 -15.97 -21.29
C64 PAR Y . 19.74 -15.78 -19.02
N64 PAR Y . 18.35 -15.66 -19.45
C11 PAR Z . -4.44 -69.57 -11.18
O11 PAR Z . -3.44 -68.95 -12.01
C21 PAR Z . -4.65 -70.98 -11.78
N21 PAR Z . -5.19 -70.91 -13.15
C31 PAR Z . -5.61 -71.81 -10.91
O31 PAR Z . -4.99 -72.08 -9.66
C41 PAR Z . -6.93 -71.06 -10.69
O41 PAR Z . -7.72 -71.05 -11.88
C51 PAR Z . -6.71 -69.59 -10.23
O51 PAR Z . -5.68 -68.92 -11.01
C61 PAR Z . -6.44 -69.51 -8.71
O61 PAR Z . -6.99 -68.27 -8.22
C12 PAR Z . -2.24 -64.85 -12.19
N12 PAR Z . -2.67 -64.43 -10.84
C22 PAR Z . -3.47 -65.25 -13.00
C32 PAR Z . -3.72 -66.75 -13.07
N32 PAR Z . -5.13 -67.00 -13.41
C42 PAR Z . -3.27 -67.54 -11.79
C52 PAR Z . -1.78 -67.22 -11.35
O52 PAR Z . -1.64 -67.04 -9.88
C62 PAR Z . -1.20 -65.97 -12.09
O62 PAR Z . -0.77 -66.30 -13.43
C13 PAR Z . -1.03 -68.19 -9.25
C23 PAR Z . -0.55 -67.96 -7.76
O23 PAR Z . 0.84 -68.27 -7.71
C33 PAR Z . -1.31 -68.98 -6.87
O33 PAR Z . -0.48 -69.58 -5.82
C43 PAR Z . -1.82 -69.99 -7.95
O43 PAR Z . -2.03 -69.25 -9.14
C53 PAR Z . -3.06 -70.82 -7.51
O53 PAR Z . -2.68 -71.74 -6.51
C14 PAR Z . -1.03 -69.28 -4.50
C24 PAR Z . -0.05 -68.96 -3.33
N24 PAR Z . 0.89 -70.07 -3.08
C34 PAR Z . -0.81 -68.78 -1.97
O34 PAR Z . -1.75 -67.73 -2.16
C44 PAR Z . -1.69 -69.97 -1.67
O44 PAR Z . -0.89 -71.13 -1.37
C54 PAR Z . -2.57 -70.25 -2.90
O54 PAR Z . -1.81 -70.45 -4.12
C64 PAR Z . -3.44 -71.53 -2.73
N64 PAR Z . -4.74 -71.24 -2.14
C11 PAR AA . 54.94 -3.05 -24.80
O11 PAR AA . 55.99 -2.21 -25.32
C21 PAR AA . 55.13 -3.10 -23.27
N21 PAR AA . 55.40 -1.75 -22.72
C31 PAR AA . 56.31 -4.05 -22.86
O31 PAR AA . 56.29 -4.22 -21.46
C41 PAR AA . 56.17 -5.41 -23.54
O41 PAR AA . 57.35 -6.20 -23.36
C51 PAR AA . 55.89 -5.28 -25.06
O51 PAR AA . 54.82 -4.36 -25.33
C61 PAR AA . 55.65 -6.66 -25.71
O61 PAR AA . 55.66 -6.50 -27.14
C12 PAR AA . 56.02 1.55 -27.41
N12 PAR AA . 55.13 2.56 -26.78
C22 PAR AA . 55.17 0.41 -27.96
C32 PAR AA . 55.49 -0.95 -27.35
N32 PAR AA . 54.53 -1.95 -27.86
C42 PAR AA . 55.55 -0.94 -25.79
C52 PAR AA . 56.47 0.23 -25.24
O52 PAR AA . 55.78 1.09 -24.27
C62 PAR AA . 57.09 1.09 -26.39
O62 PAR AA . 58.13 0.39 -27.11
C13 PAR AA . 56.62 1.40 -23.15
C23 PAR AA . 55.87 1.85 -21.86
O23 PAR AA . 55.86 3.28 -21.86
C33 PAR AA . 56.75 1.39 -20.67
O33 PAR AA . 57.46 2.49 -20.00
C43 PAR AA . 57.71 0.34 -21.35
O43 PAR AA . 57.28 0.19 -22.72
C53 PAR AA . 57.85 -1.01 -20.61
O53 PAR AA . 56.59 -1.66 -20.61
C14 PAR AA . 57.09 2.57 -18.59
C24 PAR AA . 57.84 3.58 -17.67
N24 PAR AA . 59.30 3.27 -17.62
C34 PAR AA . 57.35 3.46 -16.20
O34 PAR AA . 55.97 3.76 -16.18
C44 PAR AA . 57.41 2.03 -15.67
O44 PAR AA . 58.77 1.63 -15.42
C54 PAR AA . 56.75 1.09 -16.71
O54 PAR AA . 57.28 1.25 -18.05
C64 PAR AA . 56.94 -0.41 -16.35
N64 PAR AA . 56.85 -1.28 -17.51
C11 PAR BA . -18.25 -48.54 -27.77
O11 PAR BA . -19.12 -48.01 -28.78
C21 PAR BA . -17.98 -47.37 -26.78
N21 PAR BA . -17.25 -46.26 -27.42
C31 PAR BA . -17.17 -47.86 -25.55
O31 PAR BA . -17.96 -48.77 -24.79
C41 PAR BA . -15.88 -48.56 -26.01
O41 PAR BA . -14.92 -47.61 -26.47
C51 PAR BA . -16.13 -49.61 -27.13
O51 PAR BA . -17.01 -49.12 -28.17
C61 PAR BA . -16.58 -50.96 -26.55
O61 PAR BA . -16.84 -51.86 -27.63
C12 PAR BA . -19.68 -47.50 -32.89
N12 PAR BA . -18.94 -47.89 -34.11
C22 PAR BA . -18.94 -46.36 -32.19
C32 PAR BA . -19.01 -46.41 -30.66
N32 PAR BA . -18.33 -45.23 -30.08
C42 PAR BA . -18.48 -47.75 -30.05
C52 PAR BA . -18.67 -48.96 -31.04
O52 PAR BA . -17.45 -49.19 -31.86
C62 PAR BA . -19.88 -48.72 -31.99
O62 PAR BA . -21.10 -48.53 -31.23
C13 PAR BA . -17.28 -50.58 -32.17
C23 PAR BA . -16.42 -50.87 -33.45
O23 PAR BA . -17.32 -51.09 -34.53
C33 PAR BA . -15.68 -52.22 -33.18
O33 PAR BA . -16.16 -53.33 -34.00
C43 PAR BA . -15.92 -52.42 -31.62
O43 PAR BA . -16.52 -51.21 -31.12
C53 PAR BA . -14.68 -52.85 -30.82
O53 PAR BA . -14.99 -52.82 -29.44
C14 PAR BA . -15.18 -54.40 -34.07
C24 PAR BA . -15.17 -55.32 -35.32
N24 PAR BA . -16.47 -56.02 -35.48
C34 PAR BA . -14.11 -56.47 -35.17
O34 PAR BA . -12.84 -55.85 -35.04
C44 PAR BA . -14.27 -57.23 -33.85
O44 PAR BA . -15.44 -58.07 -33.89
C54 PAR BA . -14.39 -56.20 -32.70
O54 PAR BA . -15.42 -55.22 -32.92
C64 PAR BA . -14.74 -56.89 -31.35
N64 PAR BA . -13.63 -56.86 -30.41
C11 PAR CA . 61.38 -1.95 3.15
O11 PAR CA . 62.67 -2.56 3.22
C21 PAR CA . 61.64 -0.42 3.12
N21 PAR CA . 62.92 -0.09 3.80
C31 PAR CA . 60.48 0.38 3.80
O31 PAR CA . 60.46 1.69 3.27
C41 PAR CA . 59.13 -0.30 3.54
O41 PAR CA . 58.07 0.39 4.21
C51 PAR CA . 59.11 -1.77 4.00
O51 PAR CA . 60.44 -2.28 4.16
C61 PAR CA . 58.26 -2.64 3.05
O61 PAR CA . 58.23 -3.98 3.58
C12 PAR CA . 64.59 -5.52 5.67
N12 PAR CA . 63.81 -6.73 6.04
C22 PAR CA . 63.98 -4.30 6.35
C32 PAR CA . 63.61 -3.17 5.39
N32 PAR CA . 62.95 -2.09 6.16
C42 PAR CA . 62.76 -3.63 4.17
C52 PAR CA . 63.31 -4.95 3.51
O52 PAR CA . 62.33 -6.06 3.61
C62 PAR CA . 64.67 -5.40 4.13
O62 PAR CA . 65.73 -4.49 3.82
C13 PAR CA . 62.08 -6.63 2.30
C23 PAR CA . 61.37 -5.68 1.29
O23 PAR CA . 60.00 -6.09 1.19
C33 PAR CA . 62.04 -5.94 -0.10
O33 PAR CA . 61.11 -6.44 -1.12
C43 PAR CA . 63.18 -6.95 0.27
O43 PAR CA . 63.34 -6.91 1.68
C53 PAR CA . 64.51 -6.73 -0.48
O53 PAR CA . 65.59 -7.17 0.33
C14 PAR CA . 60.61 -5.35 -1.97
C24 PAR CA . 60.55 -5.57 -3.50
N24 PAR CA . 61.90 -5.82 -4.06
C34 PAR CA . 60.05 -4.27 -4.22
O34 PAR CA . 58.76 -3.98 -3.71
C44 PAR CA . 60.88 -3.04 -3.84
O44 PAR CA . 62.17 -3.08 -4.45
C54 PAR CA . 61.01 -3.00 -2.30
O54 PAR CA . 61.49 -4.24 -1.72
C64 PAR CA . 62.00 -1.89 -1.83
N64 PAR CA . 62.42 -2.06 -0.45
MG MG DA . -0.48 -113.64 -45.45
MG MG EA . -11.71 -85.51 -32.53
MG MG FA . 41.20 -24.08 -48.53
MG MG GA . 46.63 -6.74 -48.92
MG MG HA . 27.37 -1.13 -14.92
MG MG IA . 12.63 -60.01 -10.68
MG MG JA . 2.74 -65.04 -6.85
MG MG KA . 48.00 -14.24 -51.93
MG MG LA . 42.25 -1.77 23.44
MG MG MA . 30.08 -2.84 15.95
MG MG NA . 22.92 -2.35 15.62
MG MG OA . 35.13 -4.48 9.39
MG MG PA . -27.93 -55.24 -34.51
MG MG QA . 23.14 -55.74 -13.42
MG MG RA . 7.38 26.15 34.05
MG MG SA . 10.63 -21.32 -14.31
MG MG TA . 13.27 -25.45 -24.15
MG MG UA . 8.38 -13.60 -19.50
MG MG VA . 7.15 -30.85 -9.18
MG MG WA . 47.61 -14.02 4.77
MG MG XA . -48.41 -40.83 -9.18
MG MG YA . 44.40 -17.06 -0.91
MG MG ZA . 56.42 -3.36 23.69
MG MG AB . 53.55 -17.52 10.24
MG MG BB . 5.97 -11.81 2.34
MG MG CB . 2.89 -20.02 -12.27
MG MG DB . -26.58 -50.44 -14.32
MG MG EB . -24.24 -57.47 3.53
MG MG FB . -3.28 -50.47 -17.21
MG MG GB . -0.49 -21.54 -8.28
MG MG HB . 1.38 -61.95 -19.93
MG MG IB . 5.02 -32.00 -18.93
MG MG JB . -15.79 -47.35 -6.65
MG MG KB . 30.09 -22.94 -45.15
MG MG LB . 22.84 -40.02 -49.68
MG MG MB . 19.89 -14.83 -6.95
MG MG NB . 39.87 -19.18 -24.75
MG MG OB . 8.48 -50.92 -20.32
MG MG PB . 39.70 -27.69 -31.70
MG MG QB . 32.13 -13.13 -12.57
MG MG RB . 30.99 -24.19 4.69
MG MG SB . 1.40 -47.43 -45.97
MG MG TB . 32.49 5.16 -26.49
MG MG UB . 30.31 -45.91 -28.36
MG MG VB . 18.60 -58.64 -33.15
MG MG WB . 37.09 -4.66 -5.19
MG MG XB . 34.07 -29.96 -38.74
MG MG YB . -18.48 -34.13 7.41
MG MG ZB . -20.82 -65.20 -14.76
MG MG AC . 9.13 3.05 -24.49
MG MG BC . 5.14 1.11 -11.50
MG MG CC . -9.49 10.44 -10.82
MG MG DC . -5.04 -12.62 5.74
MG MG EC . 19.06 -4.16 19.85
MG MG FC . 18.59 -11.92 -0.42
MG MG GC . -10.76 24.46 0.32
MG MG HC . -8.24 8.65 -7.09
MG MG IC . -17.89 27.10 11.57
MG MG JC . -5.09 2.07 -17.74
MG MG KC . 33.77 -36.82 4.72
MG MG LC . 38.67 -25.69 -16.15
MG MG MC . -5.56 -70.26 -19.05
MG MG NC . 3.37 -82.13 -10.11
MG MG OC . -0.11 -105.09 -23.53
MG MG PC . -12.36 -73.49 -19.17
MG MG QC . -10.54 -89.03 -15.29
MG MG RC . -17.72 -28.61 4.71
MG MG SC . -22.67 -22.57 -4.25
MG MG TC . 12.18 -30.52 0.59
MG MG UC . -26.94 -21.59 17.50
MG MG VC . 45.45 -37.25 5.58
MG MG WC . 27.86 -103.82 -47.77
MG MG XC . 0.50 -11.55 16.89
MG MG YC . 20.66 -25.04 2.58
MG MG ZC . 27.35 -93.75 -58.39
MG MG AD . 64.06 -1.33 18.52
MG MG BD . 47.82 0.13 22.04
MG MG CD . 65.90 12.69 28.57
MG MG DD . 35.18 -97.21 -17.38
MG MG ED . -17.31 -90.45 -32.50
MG MG FD . -43.58 -65.43 -20.18
MG MG GD . -4.78 -64.82 7.79
MG MG HD . -20.48 -87.97 -48.64
MG MG ID . -11.24 -56.15 -37.82
MG MG JD . 42.00 -85.13 -20.51
MG MG KD . -31.05 -83.05 -21.22
MG MG LD . 4.29 -74.55 -22.72
MG MG MD . 22.04 -87.84 -30.45
MG MG ND . 15.86 -102.70 -38.00
MG MG OD . 0.35 -29.59 -21.69
MG MG PD . 10.06 -5.88 -0.14
MG MG QD . -0.66 22.19 5.82
MG MG RD . -19.95 0.67 21.90
MG MG SD . -16.53 -3.09 25.60
MG MG TD . 53.64 -0.37 -12.03
MG MG UD . -54.94 -58.20 -15.05
MG MG VD . -38.57 14.49 48.13
MG MG WD . 11.25 -11.60 28.01
MG MG XD . 51.84 6.46 41.05
MG MG YD . 14.99 3.87 26.92
MG MG ZD . -38.33 -0.98 31.34
MG MG AE . -14.54 37.36 38.29
MG MG BE . -16.32 -101.73 -52.44
MG MG CE . -11.27 33.15 64.89
MG MG DE . -23.65 7.05 47.05
MG MG EE . 33.79 -11.26 12.05
MG MG FE . 5.48 -85.58 -18.88
MG MG GE . 40.09 -73.16 -33.48
MG MG HE . -27.76 54.97 21.86
MG MG IE . -24.09 28.72 47.21
MG MG JE . 0.79 -122.43 -27.68
MG MG KE . 3.32 32.70 63.84
MG MG LE . 35.60 -10.56 23.66
MG MG ME . 17.37 -78.02 -10.90
MG MG NE . 18.41 5.25 -17.72
MG MG OE . -4.19 17.24 52.36
MG MG PE . -18.66 -1.78 30.63
MG MG QE . -7.20 -41.05 -27.07
MG MG RE . 16.10 -116.22 -35.94
MG MG SE . -32.50 25.00 47.41
MG MG TE . 41.40 -82.08 -7.38
MG MG UE . 23.03 -2.73 3.88
MG MG VE . -10.05 26.92 13.60
MG MG WE . 19.48 -45.68 -51.99
MG MG XE . -16.84 20.82 23.76
MG MG YE . -7.73 31.23 70.16
MG MG ZE . 14.78 -61.87 -35.97
MG MG AF . -7.47 -20.22 19.38
MG MG BF . 9.58 21.36 42.62
MG MG CF . 15.15 -76.65 -19.28
MG MG DF . -8.55 -31.31 -44.03
MG MG EF . 25.20 -23.35 -7.03
MG MG FF . 25.10 -6.11 16.52
MG MG GF . 23.18 -1.25 23.07
MG MG HF . -13.05 -69.85 -11.79
MG MG IF . -15.52 -87.99 -11.67
MG MG JF . -28.32 -21.23 20.14
MG MG KF . -25.05 -26.98 9.67
MG MG LF . 29.77 -58.73 -17.20
MG MG MF . 40.41 -98.64 -25.57
MG MG NF . -28.18 -79.11 -38.42
MG MG OF . 19.23 -119.59 -30.69
MG MG PF . 20.84 -115.01 -18.44
MG MG QF . 10.43 -105.70 -15.56
MG MG RF . -40.91 53.38 31.56
MG MG SF . -40.32 53.63 39.01
MG MG TF . 57.10 5.43 42.06
MG MG UF . 16.31 -81.49 -8.19
MG MG VF . 8.05 9.84 8.60
MG MG WF . 1.73 13.48 -3.34
MG MG XF . -1.28 12.30 3.85
MG MG YF . 6.44 14.73 54.64
MG MG ZF . -23.66 2.83 20.77
MG MG AG . 4.79 -97.53 -23.66
MG MG BG . 32.94 -19.59 -18.66
MG MG CG . -8.97 -39.08 -9.62
MG MG DG . -22.36 15.41 58.11
MG MG EG . 22.14 -47.40 13.77
MG MG FG . -32.57 -35.55 4.07
MG MG GG . 25.89 -7.88 -26.93
MG MG HG . 26.34 -19.26 -3.40
MG MG IG . -12.16 13.49 34.64
MG MG JG . -0.39 25.77 3.36
MG MG KG . 36.94 -5.90 30.62
MG MG LG . 35.25 -74.48 -5.41
MG MG MG . 13.41 -93.83 -7.89
MG MG NG . 6.45 15.68 18.97
MG MG OG . -19.76 1.41 44.39
MG MG PG . 34.01 -3.50 -14.61
MG MG QG . 1.94 21.92 67.63
MG MG RG . 42.26 -25.65 -5.52
MG MG SG . -36.10 60.36 22.52
MG MG TG . -15.91 18.43 37.53
MG MG UG . 41.11 16.50 29.69
MG MG VG . 10.93 -90.17 -30.81
MG MG WG . 26.59 -17.72 0.64
MG MG XG . 22.41 -83.52 -29.74
MG MG YG . 20.56 -2.27 31.64
MG MG ZG . -43.38 -11.19 28.99
MG MG AH . -2.39 -36.18 -9.02
MG MG BH . -25.25 -3.88 34.61
MG MG CH . 38.22 -2.48 -15.32
MG MG DH . -3.52 -114.13 -23.80
MG MG EH . 29.24 -28.35 -54.07
MG MG FH . -35.41 43.19 68.74
MG MG GH . -3.19 -55.05 -37.13
MG MG HH . 38.07 -76.26 -37.72
MG MG IH . 7.16 -48.49 -23.93
MG MG JH . 37.47 0.59 -13.65
MG MG KH . 25.72 -34.21 -59.21
MG MG LH . 37.83 -4.77 -35.14
MG MG MH . 5.34 8.89 2.31
MG MG NH . -2.40 23.27 -8.19
MG MG OH . -44.16 48.80 35.19
MG MG PH . 40.25 -68.27 -35.21
MG MG QH . 42.91 10.77 -2.03
MG MG RH . -4.32 30.55 24.69
MG MG SH . 52.99 -71.17 -33.33
MG MG TH . -7.08 -146.60 -17.71
MG MG UH . -7.04 -112.63 -28.49
MG MG VH . -13.28 -84.59 -27.24
MG MG WH . -12.53 23.62 23.91
MG MG XH . 22.90 -54.94 -27.37
MG MG YH . 14.84 -68.28 -40.68
MG MG ZH . 52.32 -19.64 16.67
MG MG AI . 56.96 -17.46 13.17
MG MG BI . -4.23 -112.12 -29.79
MG MG CI . -8.69 -111.72 -31.76
MG MG DI . 0.36 -116.38 -30.77
MG MG EI . 28.24 -22.52 -5.48
MG MG FI . 0.10 -55.70 -9.96
MG MG GI . 1.92 -53.89 -8.40
MG MG HI . 36.49 -4.74 -16.52
MG MG II . 33.24 -5.49 -18.04
MG MG JI . -12.96 -89.79 -31.78
MG MG KI . -3.57 12.22 -2.95
MG MG LI . 1.58 -63.66 -22.37
MG MG MI . 1.80 -43.26 -26.82
MG MG NI . -1.07 -48.06 -29.17
MG MG OI . 31.55 1.07 18.81
MG MG PI . 36.84 -7.99 -26.68
MG MG QI . 39.39 -14.18 -27.42
MG MG RI . 42.43 -15.50 -27.45
MG MG SI . -10.87 -41.29 -9.05
MG MG TI . 16.65 -112.18 -40.66
MG MG UI . 17.45 -109.54 -42.90
MG MG VI . 17.29 -107.68 -46.41
MG MG WI . 33.51 -55.92 -21.72
MG MG XI . 36.26 -57.68 -22.21
MG MG YI . 35.99 -56.36 -18.73
MG MG ZI . 10.06 4.77 -15.52
MG MG AJ . 26.86 -25.67 -7.44
MG MG BJ . -49.92 -26.39 5.60
MG MG CJ . 16.17 -92.23 -40.50
MG MG DJ . 13.48 -92.18 -40.89
MG MG EJ . 8.28 -89.98 -49.73
MG MG FJ . 36.73 -67.89 -23.57
MG MG GJ . 37.11 -73.30 -54.21
MG MG HJ . 6.94 -74.07 -4.11
MG MG IJ . -21.05 7.47 59.39
MG MG JJ . 64.13 13.49 17.45
MG MG KJ . -3.62 -52.06 -10.14
MG MG LJ . 15.03 6.44 25.05
MG MG MJ . 6.30 1.96 2.87
MG MG NJ . -0.69 -54.76 -46.52
MG MG OJ . -7.80 50.60 59.50
MG MG PJ . 52.70 2.36 29.39
MG MG QJ . 50.24 5.75 29.74
MG MG RJ . -5.64 -37.24 -0.33
MG MG SJ . 57.80 11.87 24.51
MG MG TJ . 30.56 -4.22 -5.29
MG MG UJ . 26.43 -87.40 -29.22
MG MG VJ . 12.01 -39.88 -42.27
MG MG WJ . 62.59 14.69 44.73
MG MG XJ . 24.58 -52.77 -24.94
MG MG YJ . -7.47 -146.03 -35.14
MG MG ZJ . 26.23 -51.87 -16.07
MG MG AK . -8.24 -31.46 -19.50
MG MG BK . 20.35 -43.13 18.36
MG MG CK . -8.69 6.51 43.50
MG MG DK . 3.74 -4.46 2.31
MG MG EK . 7.93 -96.64 -54.61
MG MG FK . 29.21 -0.47 40.70
MG MG GK . 28.85 -7.67 -20.36
MG MG HK . -9.50 -130.27 -23.27
MG MG IK . 15.23 -83.21 -15.37
MG MG JK . 28.93 10.52 7.49
MG MG KK . 12.72 -1.28 22.54
MG MG LK . 47.00 -5.50 -36.78
MG MG MK . -14.31 -35.89 -32.48
MG MG NK . 27.96 6.47 3.92
MG MG OK . 23.77 -49.36 -22.59
MG MG PK . 21.87 6.82 16.73
MG MG QK . 24.89 -13.98 12.84
MG MG RK . 36.39 -4.91 -12.10
MG MG SK . -14.28 -68.85 -14.11
MG MG TK . -20.13 -55.72 0.63
MG MG UK . 37.75 -24.72 15.80
MG MG VK . 35.55 -23.81 14.37
K K WK . 13.52 -75.56 -45.45
K K XK . 7.99 1.02 -17.69
K K YK . 36.77 -24.20 -6.93
K K ZK . 11.57 -50.07 -19.36
K K AL . 29.00 -17.35 -6.27
K K BL . -5.84 -44.41 -27.83
K K CL . 2.14 25.44 -0.53
K K DL . 44.68 15.78 -31.10
K K EL . -6.67 -12.20 -3.09
K K FL . -24.37 -30.17 9.38
K K GL . -56.62 -55.70 -10.94
K K HL . 15.88 -12.67 7.91
K K IL . 31.92 -93.97 -56.73
K K JL . -17.06 -89.93 -49.88
K K KL . 0.44 -35.74 -10.43
K K LL . -15.79 35.53 16.29
K K ML . 47.58 11.71 40.73
K K NL . 45.45 -47.45 -18.42
K K OL . -4.84 15.23 66.35
K K PL . 19.11 -70.88 -45.36
K K QL . -8.69 34.84 52.27
K K RL . 9.79 -35.21 -31.17
K K SL . -45.90 -64.02 -21.43
K K TL . 13.38 -65.59 -32.35
K K UL . 25.80 -110.42 -32.97
K K VL . 53.05 -16.44 1.29
K K WL . 19.61 -86.60 -43.66
K K XL . 20.02 -1.00 -7.02
K K YL . 44.30 -108.93 -14.42
K K ZL . 3.39 30.74 49.36
K K AM . -19.41 -15.87 16.86
K K BM . 51.44 -11.64 1.69
K K CM . 8.57 -45.33 -21.40
K K DM . 9.34 -42.91 -47.22
K K EM . 16.80 -112.70 -14.30
K K FM . -18.00 -0.04 19.61
K K GM . 6.46 -9.33 -26.04
K K HM . -19.16 -31.69 25.88
K K IM . 37.41 3.89 -10.69
K K JM . -3.50 -75.36 -7.71
K K KM . 27.50 -19.97 17.57
K K LM . 6.16 -80.30 -54.98
K K MM . 19.46 3.35 -9.40
K K NM . -3.41 -91.00 -38.10
MG MG OM . -11.51 29.60 78.36
MG MG PM . -29.83 -5.37 2.61
ZN ZN QM . -45.66 -30.55 -15.15
MG MG RM . -18.99 -34.78 -32.93
MG MG SM . -10.05 -5.80 -38.79
K K TM . -3.33 -1.36 -21.57
MG MG UM . 77.53 8.07 0.65
MG MG VM . 15.44 35.87 47.38
K K WM . 18.19 14.81 31.90
MG MG XM . -5.47 -28.38 -39.62
MG MG YM . -8.99 -24.48 -47.61
MG MG ZM . 21.45 -33.27 -11.28
MG MG AN . -10.42 -55.66 23.53
ZN ZN BN . -37.29 12.01 30.64
MG MG CN . 5.79 -75.00 -31.42
MG MG DN . -7.16 -81.80 -55.94
MG MG EN . -22.43 -71.18 -48.17
MG MG FN . -10.18 -65.80 -46.30
MG MG GN . 48.88 -57.17 -37.99
MG MG HN . 35.51 -42.46 -40.42
MG MG IN . -11.61 -2.10 58.33
MG MG JN . -9.09 -6.48 60.51
MG MG KN . -39.39 22.31 72.89
MG MG LN . 5.17 -95.84 -20.07
MG MG MN . 4.28 -14.26 30.64
MG MG NN . -8.60 -17.40 34.00
#